data_8YW0
#
_entry.id   8YW0
#
_cell.length_a   1.00
_cell.length_b   1.00
_cell.length_c   1.00
_cell.angle_alpha   90.00
_cell.angle_beta   90.00
_cell.angle_gamma   90.00
#
_symmetry.space_group_name_H-M   'P 1'
#
loop_
_entity.id
_entity.type
_entity.pdbx_description
1 polymer 'Spike glycoprotein E1'
2 polymer 'Spike glycoprotein E2'
3 polymer 'Spike glycoprotein E3'
4 polymer 'capsid protein, partial'
5 polymer 'Very low-density lipoprotein receptor'
6 branched beta-D-mannopyranose-(1-4)-2-acetamido-2-deoxy-beta-D-glucopyranose-(1-4)-2-acetamido-2-deoxy-beta-D-glucopyranose
7 non-polymer 'CALCIUM ION'
#
loop_
_entity_poly.entity_id
_entity_poly.type
_entity_poly.pdbx_seq_one_letter_code
_entity_poly.pdbx_strand_id
1 'polypeptide(L)'
;YEHSTVMPNVVGFPYKAHIERPGYSPLTLQMQVVETSLEPTLNLEYITCEYKTVVPSPYVKCCGASECSTKEKPDYQCKV
YTGVYPFMWGGAYCFCDSENTQLSEAYVDRSDVCRHDHASAYKAHTASLKAKVRVMYGNVNQTVDVYVNGDHAVTIGGTQ
FIFGPLSSAWTPFDNKIVVYKDEVFNQDFPPYGSGQPGRFGDIQSRTVESNDLYANTALKLARPSPGMVHVPYTQTPSGF
KYWLKEKGTALNTKAPFGCQIKTNPVRAMNCAVGNIPVSMNLPDSAFTRIVEAPTIIDLTCTVATCTHSSDFGGVLTLTY
KTDKNGDCSVHSHSNVATLQEATAKVKTAGKVTLHFSTASASPSFVVSLCSARATCSASCEPPKDHIVPYAASHSNVVFP
DMSGTALSWVQKISGGLGAFAIGAILVLVVVTCIGLRR
;
A,F,G,H
2 'polypeptide(L)'
;HFNVYKATRPYIAYCADCGAGHSCHSPVAIEAVRSEATDGMLKIQFSAQIGIDKSDNHDYTKIRYADGHAIENAVRSSLK
VATSGDCFVHGTMGHFILAKCPPGEFLQVSIQDTRNAVRACRIQYHHDPQPVGREKFTIRPHYGKEIPCTTYQQTTAKTV
EEIDMHMPPDTPDRTLLSQQSGNVKITVGGKKVKYNCTCGTGNVGTTNSDMTINTCLIEQCHVSVTDHKKWQFNSPFVPR
ADEPARKGKVHIPFPLDNITCRVPMAREPTVIHGKREVTLHLHPDHPTLFSYRTLGEDPQYHEEWVTAAVERTIPVPVDG
MEYHWGNNDPVRLWSQLTTEGKPHGWPHQIVQYYYGLYPAATVSAVVGMSLLALISIFASCYMLVAARSKCLTPYALTPG
AAVPWTLGILCCAPRAHA
;
B,I,J,K
3 'polypeptide(L)' MCVLANATFPCFQPPCVPCCYENNAEATLRMLEDNVDRPGYYDLLQAALTCR C,L,M,N
4 'polypeptide(L)'
;KRERMCMKIENDCIFEVKHEGKVTGYACLVGDKVMKPAHVKGVIDNADLAKLAFKKSSKYDLECAQIPVHMRSDASKYTH
EKPEGHYNWHHGAVQYSGGRFTIPTGAGKPGDSGRPIFDNKGRVVAIVLGGANEGSRTALSVVTWNKDMVTRVTPEGSEE
W
;
D,O,P,Q
5 'polypeptide(L)' PTCGAHEFQCSTSSCIPISWVCDDDADCSDQSDESLEQCG E,R,T
#
loop_
_chem_comp.id
_chem_comp.type
_chem_comp.name
_chem_comp.formula
BMA D-saccharide, beta linking beta-D-mannopyranose 'C6 H12 O6'
CA non-polymer 'CALCIUM ION' 'Ca 2'
NAG D-saccharide, beta linking 2-acetamido-2-deoxy-beta-D-glucopyranose 'C8 H15 N O6'
#
# COMPACT_ATOMS: atom_id res chain seq x y z
N TYR A 1 -50.60 5.63 -27.85
CA TYR A 1 -50.54 6.47 -26.66
C TYR A 1 -49.15 6.46 -26.05
N GLU A 2 -48.40 7.53 -26.30
CA GLU A 2 -47.03 7.63 -25.82
C GLU A 2 -46.98 7.67 -24.30
N HIS A 3 -45.90 7.13 -23.74
CA HIS A 3 -45.70 7.11 -22.30
C HIS A 3 -44.20 7.07 -22.02
N SER A 4 -43.83 7.49 -20.80
CA SER A 4 -42.44 7.50 -20.40
C SER A 4 -42.34 7.15 -18.92
N THR A 5 -41.21 6.53 -18.55
CA THR A 5 -40.97 6.15 -17.17
C THR A 5 -39.48 5.87 -17.00
N VAL A 6 -39.08 5.65 -15.75
CA VAL A 6 -37.71 5.32 -15.41
C VAL A 6 -37.72 4.05 -14.57
N MET A 7 -36.79 3.14 -14.87
CA MET A 7 -36.72 1.88 -14.13
C MET A 7 -35.33 1.70 -13.54
N PRO A 8 -35.23 1.14 -12.34
CA PRO A 8 -33.92 0.91 -11.74
C PRO A 8 -33.11 -0.10 -12.53
N ASN A 9 -31.80 0.10 -12.54
CA ASN A 9 -30.89 -0.79 -13.25
C ASN A 9 -30.37 -1.86 -12.28
N VAL A 10 -31.32 -2.60 -11.72
CA VAL A 10 -31.03 -3.69 -10.80
C VAL A 10 -31.57 -4.97 -11.41
N VAL A 11 -30.72 -5.98 -11.54
CA VAL A 11 -31.11 -7.23 -12.19
C VAL A 11 -32.11 -7.97 -11.32
N GLY A 12 -33.22 -8.38 -11.92
CA GLY A 12 -34.24 -9.15 -11.22
C GLY A 12 -35.29 -8.33 -10.50
N PHE A 13 -35.21 -7.01 -10.53
CA PHE A 13 -36.16 -6.17 -9.81
C PHE A 13 -37.51 -6.17 -10.53
N PRO A 14 -38.59 -6.55 -9.86
CA PRO A 14 -39.90 -6.59 -10.53
C PRO A 14 -40.52 -5.21 -10.72
N TYR A 15 -40.02 -4.44 -11.68
CA TYR A 15 -40.59 -3.11 -11.93
C TYR A 15 -41.96 -3.23 -12.59
N LYS A 16 -42.90 -2.40 -12.14
CA LYS A 16 -44.26 -2.39 -12.68
C LYS A 16 -44.63 -0.95 -13.02
N ALA A 17 -45.14 -0.74 -14.23
CA ALA A 17 -45.53 0.57 -14.71
C ALA A 17 -47.04 0.63 -14.88
N HIS A 18 -47.63 1.79 -14.56
CA HIS A 18 -49.07 1.99 -14.60
C HIS A 18 -49.39 3.00 -15.70
N ILE A 19 -50.32 2.64 -16.58
CA ILE A 19 -50.78 3.51 -17.66
C ILE A 19 -52.26 3.77 -17.43
N GLU A 20 -52.64 5.05 -17.38
CA GLU A 20 -54.01 5.46 -17.10
C GLU A 20 -54.51 6.32 -18.25
N ARG A 21 -55.05 5.67 -19.27
CA ARG A 21 -55.71 6.32 -20.40
C ARG A 21 -57.10 6.77 -19.96
N PRO A 22 -57.53 8.00 -20.27
CA PRO A 22 -58.81 8.45 -19.73
C PRO A 22 -60.04 7.87 -20.41
N GLY A 23 -59.89 7.22 -21.55
CA GLY A 23 -60.99 6.54 -22.20
C GLY A 23 -61.01 5.04 -22.01
N TYR A 24 -60.12 4.47 -21.21
CA TYR A 24 -60.00 3.03 -21.07
C TYR A 24 -59.62 2.67 -19.64
N SER A 25 -59.79 1.40 -19.32
CA SER A 25 -59.41 0.90 -18.01
C SER A 25 -57.89 0.92 -17.86
N PRO A 26 -57.39 1.12 -16.64
CA PRO A 26 -55.93 1.19 -16.44
C PRO A 26 -55.25 -0.12 -16.79
N LEU A 27 -54.00 -0.02 -17.23
CA LEU A 27 -53.19 -1.16 -17.60
C LEU A 27 -51.88 -1.15 -16.81
N THR A 28 -51.34 -2.33 -16.56
CA THR A 28 -50.10 -2.48 -15.79
C THR A 28 -49.14 -3.35 -16.58
N LEU A 29 -47.91 -2.87 -16.74
CA LEU A 29 -46.84 -3.61 -17.40
C LEU A 29 -45.82 -4.07 -16.38
N GLN A 30 -45.09 -5.13 -16.73
CA GLN A 30 -43.99 -5.62 -15.92
C GLN A 30 -42.74 -5.67 -16.79
N MET A 31 -41.67 -5.04 -16.32
CA MET A 31 -40.38 -5.08 -17.00
C MET A 31 -39.32 -5.57 -16.03
N GLN A 32 -38.46 -6.46 -16.50
CA GLN A 32 -37.42 -7.05 -15.67
C GLN A 32 -36.13 -7.11 -16.47
N VAL A 33 -35.03 -6.72 -15.83
CA VAL A 33 -33.71 -6.70 -16.46
C VAL A 33 -33.07 -8.06 -16.18
N VAL A 34 -32.82 -8.83 -17.24
CA VAL A 34 -32.28 -10.17 -17.05
C VAL A 34 -30.76 -10.15 -17.10
N GLU A 35 -30.18 -9.34 -17.99
CA GLU A 35 -28.75 -9.38 -18.23
C GLU A 35 -28.30 -8.06 -18.87
N THR A 36 -27.14 -7.57 -18.45
CA THR A 36 -26.55 -6.36 -19.00
C THR A 36 -25.10 -6.64 -19.41
N SER A 37 -24.50 -5.67 -20.09
CA SER A 37 -23.12 -5.84 -20.56
C SER A 37 -22.54 -4.46 -20.85
N LEU A 38 -21.54 -4.05 -20.08
CA LEU A 38 -20.84 -2.79 -20.30
C LEU A 38 -19.65 -3.05 -21.21
N GLU A 39 -19.70 -2.52 -22.42
CA GLU A 39 -18.71 -2.84 -23.45
C GLU A 39 -17.81 -1.64 -23.73
N PRO A 40 -16.55 -1.65 -23.29
CA PRO A 40 -15.64 -0.56 -23.63
C PRO A 40 -15.06 -0.73 -25.02
N THR A 41 -14.50 0.37 -25.53
CA THR A 41 -13.85 0.40 -26.84
C THR A 41 -12.34 0.37 -26.64
N LEU A 42 -11.67 -0.55 -27.32
CA LEU A 42 -10.27 -0.86 -27.06
C LEU A 42 -9.40 -0.53 -28.26
N ASN A 43 -8.21 -0.01 -27.98
CA ASN A 43 -7.18 0.23 -28.99
C ASN A 43 -5.92 -0.52 -28.56
N LEU A 44 -5.43 -1.40 -29.43
CA LEU A 44 -4.24 -2.19 -29.11
C LEU A 44 -2.99 -1.33 -29.17
N GLU A 45 -2.10 -1.49 -28.20
CA GLU A 45 -0.86 -0.72 -28.15
C GLU A 45 0.35 -1.58 -28.53
N TYR A 46 0.57 -2.68 -27.82
CA TYR A 46 1.63 -3.62 -28.16
C TYR A 46 1.36 -4.95 -27.49
N ILE A 47 2.16 -5.96 -27.83
CA ILE A 47 2.01 -7.32 -27.35
C ILE A 47 3.32 -7.77 -26.74
N THR A 48 3.25 -8.33 -25.54
CA THR A 48 4.43 -8.79 -24.82
C THR A 48 4.35 -10.30 -24.60
N CYS A 49 5.49 -10.98 -24.76
CA CYS A 49 5.57 -12.40 -24.49
C CYS A 49 7.01 -12.75 -24.14
N GLU A 50 7.20 -13.95 -23.61
CA GLU A 50 8.53 -14.41 -23.21
C GLU A 50 9.46 -14.43 -24.41
N TYR A 51 10.72 -14.07 -24.18
CA TYR A 51 11.70 -14.01 -25.25
C TYR A 51 12.51 -15.31 -25.30
N LYS A 52 13.40 -15.37 -26.29
CA LYS A 52 14.24 -16.54 -26.50
C LYS A 52 15.56 -16.08 -27.11
N THR A 53 16.67 -16.46 -26.49
CA THR A 53 17.99 -16.03 -26.93
C THR A 53 18.54 -16.99 -27.96
N VAL A 54 18.94 -16.46 -29.11
CA VAL A 54 19.54 -17.24 -30.18
C VAL A 54 21.04 -17.00 -30.15
N VAL A 55 21.81 -18.08 -30.00
CA VAL A 55 23.27 -18.01 -29.95
C VAL A 55 23.85 -18.97 -30.97
N PRO A 56 24.29 -18.48 -32.12
CA PRO A 56 24.89 -19.35 -33.13
C PRO A 56 26.23 -19.90 -32.66
N SER A 57 26.69 -20.92 -33.36
CA SER A 57 27.97 -21.53 -33.02
C SER A 57 29.11 -20.54 -33.27
N PRO A 58 30.15 -20.58 -32.46
CA PRO A 58 31.30 -19.69 -32.69
C PRO A 58 32.06 -20.09 -33.94
N TYR A 59 32.72 -19.10 -34.55
CA TYR A 59 33.55 -19.31 -35.73
C TYR A 59 34.99 -19.04 -35.33
N VAL A 60 35.72 -20.12 -35.03
CA VAL A 60 37.10 -20.02 -34.59
C VAL A 60 37.99 -19.93 -35.83
N LYS A 61 38.27 -18.70 -36.27
CA LYS A 61 39.18 -18.47 -37.37
C LYS A 61 40.58 -18.33 -36.81
N CYS A 62 41.48 -19.22 -37.24
CA CYS A 62 42.80 -19.34 -36.64
C CYS A 62 43.88 -19.37 -37.71
N CYS A 63 45.09 -18.96 -37.33
CA CYS A 63 46.13 -18.56 -38.27
C CYS A 63 45.62 -17.42 -39.17
N GLY A 64 44.90 -16.49 -38.54
CA GLY A 64 44.33 -15.35 -39.22
C GLY A 64 43.62 -14.42 -38.24
N ALA A 65 42.62 -13.70 -38.73
CA ALA A 65 41.85 -12.80 -37.88
C ALA A 65 40.48 -12.58 -38.50
N SER A 66 39.55 -12.12 -37.67
CA SER A 66 38.18 -11.88 -38.10
C SER A 66 37.73 -10.51 -37.61
N GLU A 67 36.77 -9.93 -38.34
CA GLU A 67 36.22 -8.63 -38.01
C GLU A 67 34.71 -8.74 -37.82
N CYS A 68 34.22 -8.09 -36.76
CA CYS A 68 32.79 -8.10 -36.49
C CYS A 68 32.04 -7.28 -37.53
N SER A 69 30.85 -7.75 -37.89
CA SER A 69 30.00 -7.10 -38.87
C SER A 69 28.66 -6.79 -38.23
N THR A 70 28.19 -5.56 -38.42
CA THR A 70 26.93 -5.13 -37.83
C THR A 70 25.76 -5.72 -38.62
N LYS A 71 24.65 -5.94 -37.91
CA LYS A 71 23.42 -6.44 -38.52
C LYS A 71 22.23 -5.76 -37.87
N GLU A 72 21.11 -5.78 -38.57
CA GLU A 72 19.86 -5.18 -38.07
C GLU A 72 19.02 -6.27 -37.44
N LYS A 73 19.42 -6.66 -36.23
CA LYS A 73 18.70 -7.64 -35.43
C LYS A 73 18.41 -7.07 -34.06
N PRO A 74 17.31 -7.48 -33.42
CA PRO A 74 16.95 -6.90 -32.12
C PRO A 74 17.98 -7.26 -31.06
N ASP A 75 18.54 -6.22 -30.43
CA ASP A 75 19.48 -6.37 -29.32
C ASP A 75 20.68 -7.22 -29.72
N TYR A 76 21.19 -6.99 -30.92
CA TYR A 76 22.32 -7.74 -31.44
C TYR A 76 23.60 -7.42 -30.67
N GLN A 77 24.44 -8.45 -30.49
CA GLN A 77 25.70 -8.31 -29.78
C GLN A 77 26.73 -9.21 -30.42
N CYS A 78 27.90 -8.65 -30.75
CA CYS A 78 28.96 -9.42 -31.40
C CYS A 78 30.31 -8.88 -30.96
N LYS A 79 31.26 -9.79 -30.78
CA LYS A 79 32.62 -9.41 -30.38
C LYS A 79 33.60 -10.42 -30.95
N VAL A 80 34.87 -10.01 -31.01
CA VAL A 80 35.95 -10.85 -31.50
C VAL A 80 37.03 -10.92 -30.43
N TYR A 81 37.52 -12.12 -30.15
CA TYR A 81 38.49 -12.35 -29.09
C TYR A 81 39.79 -12.85 -29.70
N THR A 82 40.90 -12.58 -29.02
CA THR A 82 42.22 -12.91 -29.51
C THR A 82 42.98 -13.77 -28.51
N GLY A 83 43.70 -14.76 -29.02
CA GLY A 83 44.54 -15.61 -28.19
C GLY A 83 43.91 -16.90 -27.72
N VAL A 84 42.79 -17.31 -28.31
CA VAL A 84 42.12 -18.53 -27.90
C VAL A 84 42.89 -19.73 -28.41
N TYR A 85 42.89 -20.81 -27.63
CA TYR A 85 43.53 -22.07 -28.00
C TYR A 85 42.53 -23.19 -27.70
N PRO A 86 41.53 -23.38 -28.57
CA PRO A 86 40.45 -24.31 -28.27
C PRO A 86 40.92 -25.76 -28.26
N PHE A 87 40.12 -26.59 -27.60
CA PHE A 87 40.36 -28.03 -27.51
C PHE A 87 39.10 -28.78 -27.89
N MET A 88 39.27 -29.96 -28.48
CA MET A 88 38.18 -30.86 -28.81
C MET A 88 38.50 -32.24 -28.26
N TRP A 89 37.58 -33.19 -28.46
CA TRP A 89 37.71 -34.49 -27.82
C TRP A 89 38.96 -35.23 -28.31
N GLY A 90 39.24 -35.17 -29.62
CA GLY A 90 40.39 -35.86 -30.15
C GLY A 90 41.70 -35.13 -29.99
N GLY A 91 41.65 -33.86 -29.61
CA GLY A 91 42.86 -33.06 -29.47
C GLY A 91 42.53 -31.59 -29.66
N ALA A 92 43.57 -30.82 -29.96
CA ALA A 92 43.44 -29.38 -30.17
C ALA A 92 43.86 -29.06 -31.60
N TYR A 93 42.96 -28.44 -32.35
CA TYR A 93 43.27 -28.00 -33.70
C TYR A 93 43.68 -26.53 -33.65
N CYS A 94 43.80 -25.88 -34.81
CA CYS A 94 44.40 -24.55 -34.90
C CYS A 94 45.86 -24.55 -34.41
N PHE A 95 46.68 -25.20 -35.24
CA PHE A 95 48.12 -25.26 -35.08
C PHE A 95 48.76 -24.00 -34.53
N CYS A 96 48.38 -22.84 -35.06
CA CYS A 96 48.96 -21.59 -34.60
C CYS A 96 48.76 -21.43 -33.10
N ASP A 97 49.86 -21.15 -32.39
CA ASP A 97 49.85 -21.25 -30.94
C ASP A 97 49.02 -20.14 -30.30
N SER A 98 49.17 -18.91 -30.77
CA SER A 98 48.51 -17.78 -30.13
C SER A 98 47.75 -16.92 -31.13
N GLU A 99 47.99 -17.15 -32.43
CA GLU A 99 47.37 -16.33 -33.48
C GLU A 99 46.05 -16.96 -33.95
N ASN A 100 45.11 -17.07 -33.01
CA ASN A 100 43.78 -17.56 -33.29
C ASN A 100 42.75 -16.58 -32.74
N THR A 101 41.58 -16.56 -33.37
CA THR A 101 40.49 -15.69 -32.97
C THR A 101 39.18 -16.46 -32.96
N GLN A 102 38.28 -16.04 -32.08
CA GLN A 102 36.94 -16.60 -31.99
C GLN A 102 35.93 -15.45 -32.06
N LEU A 103 34.88 -15.63 -32.84
CA LEU A 103 33.84 -14.62 -33.01
C LEU A 103 32.57 -15.10 -32.36
N SER A 104 32.08 -14.34 -31.38
CA SER A 104 30.86 -14.66 -30.65
C SER A 104 29.70 -13.85 -31.22
N GLU A 105 28.51 -14.46 -31.25
CA GLU A 105 27.34 -13.81 -31.80
C GLU A 105 26.12 -14.22 -30.99
N ALA A 106 25.19 -13.28 -30.80
CA ALA A 106 23.95 -13.56 -30.08
C ALA A 106 22.98 -12.42 -30.32
N TYR A 107 21.69 -12.74 -30.21
CA TYR A 107 20.64 -11.73 -30.30
C TYR A 107 19.38 -12.31 -29.69
N VAL A 108 18.32 -11.51 -29.65
CA VAL A 108 17.06 -11.88 -29.02
C VAL A 108 16.01 -12.06 -30.12
N ASP A 109 15.02 -12.90 -29.83
CA ASP A 109 13.94 -13.13 -30.79
C ASP A 109 12.69 -13.55 -30.03
N ARG A 110 11.55 -13.34 -30.67
CA ARG A 110 10.27 -13.71 -30.08
C ARG A 110 10.16 -15.23 -29.98
N SER A 111 9.53 -15.70 -28.90
CA SER A 111 9.51 -17.13 -28.61
C SER A 111 8.64 -17.88 -29.61
N ASP A 112 8.71 -19.21 -29.53
CA ASP A 112 7.96 -20.07 -30.46
C ASP A 112 6.46 -20.05 -30.19
N VAL A 113 6.07 -19.96 -28.92
CA VAL A 113 4.68 -20.09 -28.54
C VAL A 113 4.07 -18.72 -28.17
N CYS A 114 4.68 -17.63 -28.66
CA CYS A 114 4.15 -16.30 -28.36
C CYS A 114 2.73 -16.10 -28.85
N ARG A 115 2.31 -16.82 -29.87
CA ARG A 115 0.95 -16.74 -30.39
C ARG A 115 -0.06 -17.64 -29.68
N HIS A 116 0.32 -18.31 -28.59
CA HIS A 116 -0.66 -18.92 -27.70
C HIS A 116 -0.64 -18.38 -26.29
N ASP A 117 0.45 -17.74 -25.85
CA ASP A 117 0.56 -17.23 -24.49
C ASP A 117 1.21 -15.85 -24.54
N HIS A 118 0.38 -14.80 -24.59
CA HIS A 118 0.89 -13.44 -24.60
C HIS A 118 -0.07 -12.55 -23.82
N ALA A 119 0.44 -11.39 -23.41
CA ALA A 119 -0.35 -10.38 -22.72
C ALA A 119 -0.55 -9.18 -23.61
N SER A 120 -1.74 -8.59 -23.54
CA SER A 120 -2.13 -7.48 -24.40
C SER A 120 -2.22 -6.19 -23.58
N ALA A 121 -1.80 -5.09 -24.20
CA ALA A 121 -1.89 -3.77 -23.59
C ALA A 121 -2.88 -2.94 -24.39
N TYR A 122 -3.92 -2.44 -23.72
CA TYR A 122 -5.03 -1.76 -24.38
C TYR A 122 -5.22 -0.36 -23.81
N LYS A 123 -5.98 0.44 -24.56
CA LYS A 123 -6.51 1.71 -24.09
C LYS A 123 -8.03 1.64 -24.19
N ALA A 124 -8.72 1.93 -23.08
CA ALA A 124 -10.16 1.76 -22.99
C ALA A 124 -10.84 3.10 -22.76
N HIS A 125 -11.90 3.36 -23.52
CA HIS A 125 -12.66 4.59 -23.36
C HIS A 125 -14.03 4.42 -24.01
N THR A 126 -14.99 5.22 -23.53
CA THR A 126 -16.32 5.34 -24.12
C THR A 126 -17.03 3.99 -24.17
N ALA A 127 -17.38 3.51 -22.98
CA ALA A 127 -18.09 2.25 -22.87
C ALA A 127 -19.49 2.35 -23.48
N SER A 128 -19.98 1.22 -23.98
CA SER A 128 -21.31 1.13 -24.57
C SER A 128 -22.10 0.05 -23.84
N LEU A 129 -23.31 0.39 -23.39
CA LEU A 129 -24.12 -0.51 -22.58
C LEU A 129 -25.09 -1.29 -23.46
N LYS A 130 -25.26 -2.57 -23.15
CA LYS A 130 -26.17 -3.46 -23.85
C LYS A 130 -26.91 -4.30 -22.81
N ALA A 131 -28.20 -4.52 -23.03
CA ALA A 131 -29.04 -5.20 -22.04
C ALA A 131 -30.00 -6.15 -22.72
N LYS A 132 -30.61 -7.02 -21.90
CA LYS A 132 -31.63 -7.96 -22.33
C LYS A 132 -32.78 -7.87 -21.34
N VAL A 133 -33.95 -7.45 -21.80
CA VAL A 133 -35.07 -7.10 -20.94
C VAL A 133 -36.25 -8.00 -21.24
N ARG A 134 -36.95 -8.42 -20.18
CA ARG A 134 -38.17 -9.20 -20.29
C ARG A 134 -39.37 -8.33 -19.92
N VAL A 135 -40.38 -8.33 -20.79
CA VAL A 135 -41.58 -7.52 -20.60
C VAL A 135 -42.80 -8.42 -20.71
N MET A 136 -43.76 -8.22 -19.81
CA MET A 136 -45.03 -8.94 -19.89
C MET A 136 -46.17 -8.01 -19.52
N TYR A 137 -47.26 -8.09 -20.28
CA TYR A 137 -48.48 -7.34 -20.01
C TYR A 137 -49.63 -8.04 -20.70
N GLY A 138 -50.77 -8.09 -20.03
CA GLY A 138 -51.90 -8.82 -20.55
C GLY A 138 -51.60 -10.30 -20.70
N ASN A 139 -51.45 -10.75 -21.94
CA ASN A 139 -51.09 -12.15 -22.22
C ASN A 139 -49.79 -12.25 -23.01
N VAL A 140 -49.01 -11.19 -23.10
CA VAL A 140 -47.82 -11.17 -23.95
C VAL A 140 -46.59 -11.31 -23.08
N ASN A 141 -45.90 -12.45 -23.23
CA ASN A 141 -44.60 -12.69 -22.62
C ASN A 141 -43.52 -12.13 -23.56
N GLN A 142 -42.28 -12.63 -23.43
CA GLN A 142 -41.15 -12.51 -24.36
C GLN A 142 -40.02 -11.64 -23.80
N THR A 143 -38.79 -11.98 -24.18
CA THR A 143 -37.60 -11.23 -23.82
C THR A 143 -37.00 -10.67 -25.11
N VAL A 144 -36.35 -9.50 -25.01
CA VAL A 144 -35.70 -8.88 -26.15
C VAL A 144 -34.32 -8.41 -25.73
N ASP A 145 -33.46 -8.20 -26.72
CA ASP A 145 -32.15 -7.60 -26.51
C ASP A 145 -32.14 -6.20 -27.10
N VAL A 146 -31.63 -5.24 -26.32
CA VAL A 146 -31.71 -3.82 -26.67
C VAL A 146 -30.38 -3.17 -26.35
N TYR A 147 -29.89 -2.35 -27.28
CA TYR A 147 -28.80 -1.43 -26.95
C TYR A 147 -29.35 -0.30 -26.08
N VAL A 148 -28.71 -0.04 -24.94
CA VAL A 148 -29.21 0.96 -24.00
C VAL A 148 -28.63 2.29 -24.45
N ASN A 149 -29.31 2.89 -25.43
CA ASN A 149 -29.08 4.26 -25.84
C ASN A 149 -30.30 4.70 -26.64
N GLY A 150 -30.51 6.01 -26.72
CA GLY A 150 -31.75 6.53 -27.24
C GLY A 150 -31.94 6.39 -28.73
N ASP A 151 -31.27 5.42 -29.36
CA ASP A 151 -31.35 5.28 -30.81
C ASP A 151 -31.54 3.81 -31.23
N HIS A 152 -32.32 3.05 -30.46
CA HIS A 152 -32.68 1.70 -30.87
C HIS A 152 -34.10 1.42 -30.42
N ALA A 153 -34.99 1.19 -31.38
CA ALA A 153 -36.40 0.92 -31.14
C ALA A 153 -36.70 -0.54 -31.47
N VAL A 154 -37.32 -1.25 -30.53
CA VAL A 154 -37.69 -2.65 -30.71
C VAL A 154 -39.19 -2.78 -30.48
N THR A 155 -39.85 -3.55 -31.34
CA THR A 155 -41.29 -3.74 -31.29
C THR A 155 -41.60 -5.11 -30.69
N ILE A 156 -42.45 -5.12 -29.66
CA ILE A 156 -42.83 -6.33 -28.95
C ILE A 156 -44.34 -6.41 -28.97
N GLY A 157 -44.89 -7.17 -29.91
CA GLY A 157 -46.33 -7.34 -30.00
C GLY A 157 -47.07 -6.06 -30.33
N GLY A 158 -46.57 -5.28 -31.28
CA GLY A 158 -47.24 -4.07 -31.70
C GLY A 158 -46.90 -2.83 -30.90
N THR A 159 -46.06 -2.95 -29.88
CA THR A 159 -45.67 -1.82 -29.04
C THR A 159 -44.21 -1.49 -29.27
N GLN A 160 -43.93 -0.21 -29.54
CA GLN A 160 -42.57 0.24 -29.78
C GLN A 160 -41.92 0.66 -28.47
N PHE A 161 -40.71 0.15 -28.21
CA PHE A 161 -39.98 0.42 -26.99
C PHE A 161 -38.65 1.07 -27.34
N ILE A 162 -38.32 2.15 -26.65
CA ILE A 162 -37.02 2.82 -26.80
C ILE A 162 -36.44 3.01 -25.41
N PHE A 163 -35.29 2.40 -25.15
CA PHE A 163 -34.62 2.48 -23.87
C PHE A 163 -33.57 3.58 -23.94
N GLY A 164 -33.73 4.60 -23.10
CA GLY A 164 -32.89 5.77 -23.15
C GLY A 164 -31.50 5.54 -22.60
N PRO A 165 -30.64 6.55 -22.72
CA PRO A 165 -29.27 6.41 -22.21
C PRO A 165 -29.25 6.32 -20.70
N LEU A 166 -28.21 5.63 -20.19
CA LEU A 166 -28.08 5.44 -18.75
C LEU A 166 -27.90 6.78 -18.05
N SER A 167 -28.43 6.86 -16.82
CA SER A 167 -28.34 8.09 -16.05
C SER A 167 -26.89 8.42 -15.70
N SER A 168 -26.10 7.43 -15.33
CA SER A 168 -24.72 7.61 -14.91
C SER A 168 -23.77 7.21 -16.02
N ALA A 169 -22.53 7.68 -15.91
CA ALA A 169 -21.48 7.40 -16.88
C ALA A 169 -20.24 6.85 -16.18
N TRP A 170 -20.44 5.87 -15.30
CA TRP A 170 -19.37 5.29 -14.52
C TRP A 170 -18.92 3.98 -15.15
N THR A 171 -17.61 3.82 -15.32
CA THR A 171 -17.04 2.60 -15.87
C THR A 171 -15.94 2.09 -14.93
N PRO A 172 -15.85 0.77 -14.73
CA PRO A 172 -14.83 0.23 -13.83
C PRO A 172 -13.44 0.16 -14.45
N PHE A 173 -13.29 0.44 -15.74
CA PHE A 173 -12.01 0.33 -16.41
C PHE A 173 -11.30 1.68 -16.41
N ASP A 174 -10.02 1.67 -16.03
CA ASP A 174 -9.21 2.87 -16.09
C ASP A 174 -8.82 3.16 -17.54
N ASN A 175 -7.98 4.16 -17.75
CA ASN A 175 -7.58 4.54 -19.11
C ASN A 175 -6.75 3.44 -19.76
N LYS A 176 -5.87 2.79 -19.00
CA LYS A 176 -4.96 1.79 -19.52
C LYS A 176 -5.27 0.43 -18.91
N ILE A 177 -5.23 -0.61 -19.74
CA ILE A 177 -5.64 -1.96 -19.34
C ILE A 177 -4.63 -2.96 -19.89
N VAL A 178 -4.32 -3.97 -19.09
CA VAL A 178 -3.54 -5.13 -19.53
C VAL A 178 -4.43 -6.36 -19.40
N VAL A 179 -4.59 -7.09 -20.49
CA VAL A 179 -5.49 -8.24 -20.55
C VAL A 179 -4.66 -9.51 -20.70
N TYR A 180 -4.95 -10.51 -19.86
CA TYR A 180 -4.25 -11.80 -19.92
C TYR A 180 -5.28 -12.90 -19.74
N LYS A 181 -5.49 -13.69 -20.80
CA LYS A 181 -6.45 -14.80 -20.79
C LYS A 181 -7.84 -14.31 -20.42
N ASP A 182 -8.22 -14.46 -19.14
CA ASP A 182 -9.52 -14.04 -18.66
C ASP A 182 -9.42 -13.11 -17.45
N GLU A 183 -8.33 -12.37 -17.33
CA GLU A 183 -8.11 -11.44 -16.23
C GLU A 183 -7.81 -10.06 -16.77
N VAL A 184 -8.36 -9.04 -16.14
CA VAL A 184 -8.17 -7.65 -16.53
C VAL A 184 -7.47 -6.93 -15.39
N PHE A 185 -6.41 -6.19 -15.71
CA PHE A 185 -5.63 -5.48 -14.71
C PHE A 185 -5.59 -3.99 -15.03
N ASN A 186 -5.82 -3.17 -14.02
CA ASN A 186 -5.68 -1.72 -14.14
C ASN A 186 -4.22 -1.37 -13.91
N GLN A 187 -3.46 -1.32 -15.00
CA GLN A 187 -2.01 -1.20 -14.93
C GLN A 187 -1.55 -0.07 -15.85
N ASP A 188 -0.42 0.54 -15.48
CA ASP A 188 0.19 1.61 -16.27
C ASP A 188 1.47 1.05 -16.88
N PHE A 189 1.39 0.64 -18.14
CA PHE A 189 2.49 0.00 -18.83
C PHE A 189 3.41 1.03 -19.48
N PRO A 190 4.68 0.70 -19.65
CA PRO A 190 5.63 1.65 -20.25
C PRO A 190 5.30 1.88 -21.72
N PRO A 191 5.69 3.04 -22.26
CA PRO A 191 5.40 3.33 -23.67
C PRO A 191 6.21 2.44 -24.61
N TYR A 192 5.69 2.27 -25.82
CA TYR A 192 6.39 1.52 -26.84
C TYR A 192 7.75 2.16 -27.12
N GLY A 193 8.78 1.32 -27.24
CA GLY A 193 10.11 1.81 -27.50
C GLY A 193 10.87 2.30 -26.27
N SER A 194 10.29 2.18 -25.08
CA SER A 194 10.95 2.62 -23.86
C SER A 194 10.76 1.59 -22.75
N GLY A 195 10.92 0.31 -23.09
CA GLY A 195 10.82 -0.74 -22.10
C GLY A 195 12.12 -0.92 -21.34
N GLN A 196 11.98 -1.30 -20.07
CA GLN A 196 13.15 -1.49 -19.22
C GLN A 196 13.37 -2.97 -18.92
N PRO A 197 14.62 -3.42 -18.90
CA PRO A 197 14.88 -4.85 -18.71
C PRO A 197 14.43 -5.33 -17.34
N GLY A 198 13.96 -6.58 -17.29
CA GLY A 198 13.60 -7.22 -16.05
C GLY A 198 12.19 -6.97 -15.56
N ARG A 199 11.45 -6.07 -16.20
CA ARG A 199 10.09 -5.73 -15.80
C ARG A 199 9.14 -6.01 -16.95
N PHE A 200 7.87 -5.66 -16.76
CA PHE A 200 6.89 -5.87 -17.81
C PHE A 200 7.21 -5.03 -19.04
N GLY A 201 7.18 -5.66 -20.20
CA GLY A 201 7.46 -4.97 -21.44
C GLY A 201 8.91 -4.82 -21.81
N ASP A 202 9.76 -5.78 -21.43
CA ASP A 202 11.16 -5.71 -21.83
C ASP A 202 11.31 -5.91 -23.34
N ILE A 203 10.44 -6.72 -23.93
CA ILE A 203 10.35 -6.86 -25.38
C ILE A 203 8.90 -6.58 -25.78
N GLN A 204 8.73 -5.85 -26.88
CA GLN A 204 7.42 -5.41 -27.32
C GLN A 204 7.27 -5.61 -28.81
N SER A 205 6.07 -5.99 -29.24
CA SER A 205 5.73 -6.13 -30.65
C SER A 205 4.41 -5.44 -30.90
N ARG A 206 4.32 -4.75 -32.03
CA ARG A 206 3.12 -3.96 -32.32
C ARG A 206 1.89 -4.85 -32.53
N THR A 207 2.09 -6.06 -33.04
CA THR A 207 1.01 -7.02 -33.23
C THR A 207 1.64 -8.41 -33.23
N VAL A 208 0.81 -9.42 -33.00
CA VAL A 208 1.32 -10.77 -32.82
C VAL A 208 2.03 -11.27 -34.08
N GLU A 209 1.55 -10.87 -35.25
CA GLU A 209 2.19 -11.29 -36.49
C GLU A 209 3.14 -10.24 -37.07
N SER A 210 3.34 -9.11 -36.39
CA SER A 210 4.19 -8.06 -36.93
C SER A 210 5.64 -8.48 -36.94
N ASN A 211 6.38 -8.04 -37.96
CA ASN A 211 7.78 -8.41 -38.12
C ASN A 211 8.69 -7.62 -37.20
N ASP A 212 8.37 -6.36 -36.93
CA ASP A 212 9.24 -5.52 -36.11
C ASP A 212 9.25 -5.98 -34.67
N LEU A 213 10.34 -5.68 -33.97
CA LEU A 213 10.51 -6.07 -32.59
C LEU A 213 11.50 -5.13 -31.91
N TYR A 214 11.15 -4.69 -30.71
CA TYR A 214 12.04 -3.86 -29.88
C TYR A 214 12.33 -4.64 -28.60
N ALA A 215 13.60 -5.00 -28.41
CA ALA A 215 14.01 -5.80 -27.28
C ALA A 215 15.15 -5.11 -26.54
N ASN A 216 15.03 -5.03 -25.22
CA ASN A 216 16.05 -4.41 -24.36
C ASN A 216 16.18 -5.28 -23.12
N THR A 217 17.12 -6.25 -23.17
CA THR A 217 17.32 -7.18 -22.06
C THR A 217 18.75 -7.16 -21.56
N ALA A 218 19.56 -6.20 -21.99
CA ALA A 218 20.93 -6.03 -21.51
C ALA A 218 21.77 -7.28 -21.75
N LEU A 219 21.71 -7.82 -22.96
CA LEU A 219 22.53 -8.96 -23.31
C LEU A 219 23.99 -8.54 -23.43
N LYS A 220 24.88 -9.25 -22.74
CA LYS A 220 26.28 -8.89 -22.69
C LYS A 220 27.13 -10.15 -22.80
N LEU A 221 28.17 -10.09 -23.62
CA LEU A 221 29.05 -11.22 -23.85
C LEU A 221 30.26 -11.15 -22.92
N ALA A 222 30.94 -12.29 -22.79
CA ALA A 222 32.12 -12.41 -21.95
C ALA A 222 33.17 -13.26 -22.64
N ARG A 223 34.42 -13.09 -22.23
CA ARG A 223 35.52 -13.81 -22.85
C ARG A 223 35.46 -15.28 -22.48
N PRO A 224 35.61 -16.19 -23.44
CA PRO A 224 35.55 -17.62 -23.12
C PRO A 224 36.72 -18.06 -22.26
N SER A 225 36.46 -19.04 -21.40
CA SER A 225 37.50 -19.59 -20.56
C SER A 225 38.52 -20.33 -21.42
N PRO A 226 39.78 -20.35 -21.00
CA PRO A 226 40.81 -20.98 -21.84
C PRO A 226 40.55 -22.46 -22.07
N GLY A 227 40.82 -22.89 -23.29
CA GLY A 227 40.74 -24.31 -23.64
C GLY A 227 39.34 -24.90 -23.70
N MET A 228 38.34 -24.07 -23.99
CA MET A 228 36.99 -24.57 -24.23
C MET A 228 36.31 -23.70 -25.29
N VAL A 229 35.23 -24.23 -25.85
CA VAL A 229 34.47 -23.57 -26.91
C VAL A 229 33.02 -23.53 -26.45
N HIS A 230 32.61 -22.41 -25.84
CA HIS A 230 31.27 -22.38 -25.24
C HIS A 230 30.49 -21.10 -25.44
N VAL A 231 31.12 -19.98 -25.79
CA VAL A 231 30.43 -18.70 -26.02
C VAL A 231 29.64 -18.33 -24.77
N PRO A 232 30.29 -17.86 -23.71
CA PRO A 232 29.56 -17.46 -22.50
C PRO A 232 28.81 -16.16 -22.73
N TYR A 233 27.76 -15.97 -21.93
CA TYR A 233 27.00 -14.73 -21.97
C TYR A 233 26.22 -14.59 -20.67
N THR A 234 25.74 -13.37 -20.43
CA THR A 234 24.89 -13.08 -19.28
C THR A 234 23.74 -12.21 -19.75
N GLN A 235 22.58 -12.37 -19.10
CA GLN A 235 21.37 -11.70 -19.55
C GLN A 235 20.38 -11.62 -18.40
N THR A 236 19.72 -10.48 -18.28
CA THR A 236 18.71 -10.29 -17.26
C THR A 236 17.51 -11.19 -17.55
N PRO A 237 16.97 -11.89 -16.56
CA PRO A 237 15.85 -12.81 -16.81
C PRO A 237 14.65 -12.09 -17.43
N SER A 238 13.73 -12.90 -17.95
CA SER A 238 12.59 -12.37 -18.69
C SER A 238 11.67 -11.57 -17.78
N GLY A 239 11.17 -10.44 -18.30
CA GLY A 239 10.24 -9.63 -17.56
C GLY A 239 8.81 -10.15 -17.55
N PHE A 240 8.41 -10.86 -18.60
CA PHE A 240 7.06 -11.42 -18.62
C PHE A 240 6.87 -12.49 -17.56
N LYS A 241 7.87 -13.36 -17.39
CA LYS A 241 7.79 -14.37 -16.34
C LYS A 241 7.73 -13.72 -14.96
N TYR A 242 8.48 -12.64 -14.76
CA TYR A 242 8.40 -11.91 -13.51
C TYR A 242 7.00 -11.34 -13.28
N TRP A 243 6.41 -10.74 -14.30
CA TRP A 243 5.09 -10.13 -14.17
C TRP A 243 4.05 -11.18 -13.82
N LEU A 244 4.24 -12.40 -14.30
CA LEU A 244 3.29 -13.48 -14.03
C LEU A 244 3.26 -13.80 -12.54
N LYS A 245 4.38 -13.65 -11.85
CA LYS A 245 4.49 -14.04 -10.45
C LYS A 245 4.16 -12.92 -9.49
N GLU A 246 4.26 -11.65 -9.89
CA GLU A 246 3.97 -10.55 -9.00
C GLU A 246 3.12 -9.47 -9.66
N LYS A 247 2.11 -9.88 -10.43
CA LYS A 247 1.18 -8.90 -10.98
C LYS A 247 0.33 -8.28 -9.89
N GLY A 248 -0.22 -9.10 -9.00
CA GLY A 248 -0.94 -8.62 -7.84
C GLY A 248 -2.40 -8.34 -8.11
N THR A 249 -3.29 -8.99 -7.35
CA THR A 249 -4.73 -8.82 -7.47
C THR A 249 -5.21 -8.97 -8.91
N ALA A 250 -6.34 -8.37 -9.22
CA ALA A 250 -6.93 -8.35 -10.55
C ALA A 250 -8.05 -7.31 -10.53
N LEU A 251 -8.85 -7.28 -11.58
CA LEU A 251 -10.10 -6.52 -11.56
C LEU A 251 -11.32 -7.40 -11.33
N ASN A 252 -11.18 -8.72 -11.51
CA ASN A 252 -12.30 -9.63 -11.28
C ASN A 252 -12.68 -9.66 -9.80
N THR A 253 -11.69 -9.57 -8.91
CA THR A 253 -11.93 -9.58 -7.47
C THR A 253 -11.77 -8.19 -6.87
N LYS A 254 -11.84 -7.14 -7.68
CA LYS A 254 -11.64 -5.78 -7.22
C LYS A 254 -12.71 -4.81 -7.67
N ALA A 255 -13.53 -5.16 -8.65
CA ALA A 255 -14.46 -4.21 -9.25
C ALA A 255 -15.56 -3.84 -8.25
N PRO A 256 -16.00 -2.58 -8.27
CA PRO A 256 -17.10 -2.17 -7.39
C PRO A 256 -18.45 -2.60 -7.95
N PHE A 257 -19.48 -2.39 -7.14
CA PHE A 257 -20.88 -2.66 -7.47
C PHE A 257 -21.15 -4.13 -7.79
N GLY A 258 -20.21 -5.02 -7.49
CA GLY A 258 -20.44 -6.44 -7.60
C GLY A 258 -20.72 -6.94 -9.00
N CYS A 259 -19.93 -6.51 -9.96
CA CYS A 259 -20.12 -6.92 -11.35
C CYS A 259 -18.90 -7.66 -11.90
N GLN A 260 -19.18 -8.83 -12.46
CA GLN A 260 -18.14 -9.75 -12.90
C GLN A 260 -17.50 -9.26 -14.20
N ILE A 261 -16.18 -9.33 -14.26
CA ILE A 261 -15.44 -8.96 -15.45
C ILE A 261 -15.15 -10.22 -16.26
N LYS A 262 -15.44 -10.16 -17.56
CA LYS A 262 -15.15 -11.27 -18.47
C LYS A 262 -14.33 -10.74 -19.63
N THR A 263 -13.82 -11.66 -20.44
CA THR A 263 -12.88 -11.34 -21.49
C THR A 263 -13.32 -12.00 -22.79
N ASN A 264 -12.88 -11.42 -23.91
CA ASN A 264 -13.14 -11.89 -25.27
C ASN A 264 -14.64 -11.89 -25.55
N PRO A 265 -15.26 -10.71 -25.74
CA PRO A 265 -14.64 -9.38 -25.63
C PRO A 265 -14.64 -8.88 -24.19
N VAL A 266 -13.81 -7.88 -23.90
CA VAL A 266 -13.76 -7.32 -22.55
C VAL A 266 -15.10 -6.66 -22.23
N ARG A 267 -15.70 -7.04 -21.11
CA ARG A 267 -17.00 -6.51 -20.74
C ARG A 267 -17.23 -6.71 -19.25
N ALA A 268 -18.15 -5.92 -18.71
CA ALA A 268 -18.56 -6.00 -17.31
C ALA A 268 -20.05 -6.24 -17.27
N MET A 269 -20.47 -7.33 -16.61
CA MET A 269 -21.83 -7.84 -16.72
C MET A 269 -22.58 -7.72 -15.40
N ASN A 270 -23.87 -7.41 -15.51
CA ASN A 270 -24.80 -7.39 -14.38
C ASN A 270 -24.31 -6.42 -13.30
N CYS A 271 -24.12 -5.18 -13.70
CA CYS A 271 -23.34 -4.24 -12.89
C CYS A 271 -24.27 -3.08 -12.54
N ALA A 272 -24.87 -3.16 -11.35
CA ALA A 272 -26.03 -2.35 -10.99
C ALA A 272 -25.60 -0.93 -10.65
N VAL A 273 -26.02 0.03 -11.46
CA VAL A 273 -25.79 1.45 -11.19
C VAL A 273 -26.71 2.26 -12.09
N GLY A 274 -27.30 3.31 -11.54
CA GLY A 274 -28.05 4.27 -12.33
C GLY A 274 -29.47 3.83 -12.65
N ASN A 275 -30.10 4.62 -13.50
CA ASN A 275 -31.49 4.41 -13.92
C ASN A 275 -31.55 4.35 -15.44
N ILE A 276 -32.57 3.65 -15.95
CA ILE A 276 -32.76 3.45 -17.37
C ILE A 276 -34.10 4.07 -17.76
N PRO A 277 -34.12 5.24 -18.39
CA PRO A 277 -35.39 5.79 -18.88
C PRO A 277 -35.96 4.92 -20.00
N VAL A 278 -37.28 4.85 -20.06
CA VAL A 278 -37.98 4.01 -21.03
C VAL A 278 -39.03 4.87 -21.73
N SER A 279 -39.07 4.78 -23.05
CA SER A 279 -40.08 5.46 -23.87
C SER A 279 -40.91 4.41 -24.58
N MET A 280 -42.23 4.58 -24.57
CA MET A 280 -43.15 3.56 -25.03
C MET A 280 -44.16 4.16 -26.01
N ASN A 281 -44.75 3.29 -26.83
CA ASN A 281 -45.81 3.68 -27.75
C ASN A 281 -46.72 2.48 -27.96
N LEU A 282 -47.93 2.54 -27.39
CA LEU A 282 -48.82 1.39 -27.37
C LEU A 282 -49.98 1.58 -28.33
N PRO A 283 -50.46 0.50 -28.94
CA PRO A 283 -51.66 0.59 -29.79
C PRO A 283 -52.93 0.51 -28.95
N ASP A 284 -54.06 0.64 -29.65
CA ASP A 284 -55.36 0.63 -28.98
C ASP A 284 -55.83 -0.78 -28.63
N SER A 285 -55.22 -1.82 -29.20
CA SER A 285 -55.67 -3.18 -28.94
C SER A 285 -55.29 -3.66 -27.55
N ALA A 286 -54.30 -3.04 -26.91
CA ALA A 286 -53.87 -3.50 -25.60
C ALA A 286 -54.85 -3.11 -24.50
N PHE A 287 -55.50 -1.95 -24.63
CA PHE A 287 -56.38 -1.45 -23.59
C PHE A 287 -57.76 -2.12 -23.69
N THR A 288 -58.58 -1.89 -22.67
CA THR A 288 -59.94 -2.37 -22.61
C THR A 288 -60.90 -1.21 -22.37
N ARG A 289 -62.04 -1.24 -23.05
CA ARG A 289 -63.03 -0.19 -22.88
C ARG A 289 -63.55 -0.16 -21.45
N ILE A 290 -63.86 1.04 -20.96
CA ILE A 290 -64.28 1.20 -19.58
C ILE A 290 -65.63 0.54 -19.31
N VAL A 291 -66.47 0.39 -20.33
CA VAL A 291 -67.75 -0.26 -20.14
C VAL A 291 -67.55 -1.74 -19.85
N GLU A 292 -66.54 -2.37 -20.46
CA GLU A 292 -66.30 -3.79 -20.26
C GLU A 292 -65.70 -4.08 -18.90
N ALA A 293 -64.90 -3.17 -18.36
CA ALA A 293 -64.31 -3.40 -17.05
C ALA A 293 -65.38 -3.27 -15.96
N PRO A 294 -65.33 -4.11 -14.92
CA PRO A 294 -66.32 -4.02 -13.86
C PRO A 294 -66.18 -2.72 -13.07
N THR A 295 -67.29 -2.26 -12.51
CA THR A 295 -67.34 -1.05 -11.70
C THR A 295 -67.10 -1.42 -10.25
N ILE A 296 -66.16 -0.74 -9.61
CA ILE A 296 -65.79 -1.02 -8.22
C ILE A 296 -66.10 0.22 -7.38
N ILE A 297 -66.87 0.01 -6.31
CA ILE A 297 -67.21 1.08 -5.39
C ILE A 297 -66.99 0.61 -3.96
N ASP A 298 -66.80 1.57 -3.06
CA ASP A 298 -66.62 1.30 -1.62
C ASP A 298 -65.44 0.36 -1.38
N LEU A 299 -64.25 0.84 -1.73
CA LEU A 299 -63.03 0.06 -1.59
C LEU A 299 -62.37 0.40 -0.25
N THR A 300 -62.17 -0.62 0.58
CA THR A 300 -61.52 -0.47 1.87
C THR A 300 -60.33 -1.42 1.94
N CYS A 301 -59.27 -1.00 2.64
CA CYS A 301 -58.03 -1.75 2.72
C CYS A 301 -57.70 -2.07 4.17
N THR A 302 -57.32 -3.32 4.43
CA THR A 302 -56.92 -3.76 5.75
C THR A 302 -55.68 -4.65 5.64
N VAL A 303 -54.89 -4.69 6.70
CA VAL A 303 -53.65 -5.45 6.74
C VAL A 303 -53.77 -6.51 7.83
N ALA A 304 -53.43 -7.76 7.48
CA ALA A 304 -53.47 -8.84 8.46
C ALA A 304 -52.18 -8.88 9.27
N THR A 305 -51.05 -9.12 8.61
CA THR A 305 -49.74 -9.17 9.25
C THR A 305 -48.74 -8.41 8.41
N CYS A 306 -47.69 -7.91 9.06
CA CYS A 306 -46.65 -7.17 8.38
C CYS A 306 -45.31 -7.39 9.08
N THR A 307 -44.33 -7.82 8.30
CA THR A 307 -42.95 -7.92 8.76
C THR A 307 -42.05 -7.40 7.65
N HIS A 308 -41.35 -6.30 7.91
CA HIS A 308 -40.55 -5.64 6.87
C HIS A 308 -39.28 -6.45 6.62
N SER A 309 -39.46 -7.55 5.89
CA SER A 309 -38.37 -8.43 5.49
C SER A 309 -38.07 -8.26 4.01
N SER A 310 -36.96 -8.87 3.58
CA SER A 310 -36.53 -8.74 2.19
C SER A 310 -37.56 -9.35 1.24
N ASP A 311 -38.07 -10.53 1.58
CA ASP A 311 -39.08 -11.16 0.75
C ASP A 311 -40.44 -10.51 1.00
N PHE A 312 -41.46 -10.99 0.30
CA PHE A 312 -42.81 -10.45 0.44
C PHE A 312 -43.39 -10.90 1.77
N GLY A 313 -43.23 -10.07 2.80
CA GLY A 313 -43.68 -10.41 4.13
C GLY A 313 -44.87 -9.60 4.61
N GLY A 314 -45.82 -9.35 3.71
CA GLY A 314 -47.01 -8.63 4.08
C GLY A 314 -48.25 -9.17 3.38
N VAL A 315 -49.36 -9.23 4.09
CA VAL A 315 -50.63 -9.73 3.54
C VAL A 315 -51.65 -8.61 3.64
N LEU A 316 -52.33 -8.33 2.53
CA LEU A 316 -53.27 -7.23 2.42
C LEU A 316 -54.62 -7.76 1.96
N THR A 317 -55.69 -7.16 2.47
CA THR A 317 -57.06 -7.58 2.17
C THR A 317 -57.87 -6.38 1.70
N LEU A 318 -58.57 -6.55 0.58
CA LEU A 318 -59.41 -5.50 0.02
C LEU A 318 -60.87 -5.95 0.01
N THR A 319 -61.75 -5.08 0.49
CA THR A 319 -63.19 -5.30 0.44
C THR A 319 -63.83 -4.27 -0.47
N TYR A 320 -64.80 -4.71 -1.25
CA TYR A 320 -65.39 -3.86 -2.29
C TYR A 320 -66.80 -4.33 -2.57
N LYS A 321 -67.42 -3.72 -3.58
CA LYS A 321 -68.74 -4.12 -4.06
C LYS A 321 -68.78 -3.91 -5.57
N THR A 322 -69.03 -4.99 -6.31
CA THR A 322 -69.01 -4.94 -7.77
C THR A 322 -70.33 -5.44 -8.33
N ASP A 323 -70.53 -5.21 -9.62
CA ASP A 323 -71.73 -5.65 -10.31
C ASP A 323 -71.49 -6.92 -11.13
N LYS A 324 -70.33 -7.02 -11.78
CA LYS A 324 -69.97 -8.20 -12.54
C LYS A 324 -68.54 -8.59 -12.18
N ASN A 325 -68.14 -9.79 -12.59
CA ASN A 325 -66.82 -10.32 -12.31
C ASN A 325 -65.95 -10.28 -13.56
N GLY A 326 -64.68 -9.91 -13.37
CA GLY A 326 -63.73 -9.79 -14.46
C GLY A 326 -62.29 -9.69 -13.98
N ASP A 327 -61.50 -8.85 -14.63
CA ASP A 327 -60.10 -8.65 -14.26
C ASP A 327 -59.81 -7.16 -14.08
N CYS A 328 -59.17 -6.82 -12.97
CA CYS A 328 -58.67 -5.48 -12.70
C CYS A 328 -57.15 -5.46 -12.78
N SER A 329 -56.61 -4.24 -12.77
CA SER A 329 -55.18 -4.01 -12.67
C SER A 329 -54.88 -3.44 -11.29
N VAL A 330 -53.94 -4.06 -10.58
CA VAL A 330 -53.62 -3.70 -9.21
C VAL A 330 -52.26 -3.01 -9.19
N HIS A 331 -52.20 -1.84 -8.57
CA HIS A 331 -50.97 -1.05 -8.54
C HIS A 331 -50.87 -0.31 -7.22
N SER A 332 -49.64 -0.03 -6.80
CA SER A 332 -49.36 0.79 -5.63
C SER A 332 -48.66 2.05 -6.08
N HIS A 333 -49.16 3.20 -5.65
CA HIS A 333 -48.71 4.48 -6.16
C HIS A 333 -47.52 5.05 -5.38
N SER A 334 -47.02 4.32 -4.39
CA SER A 334 -45.84 4.75 -3.65
C SER A 334 -44.80 3.64 -3.69
N ASN A 335 -43.52 4.04 -3.70
CA ASN A 335 -42.43 3.09 -3.75
C ASN A 335 -42.10 2.48 -2.40
N VAL A 336 -42.75 2.95 -1.32
CA VAL A 336 -42.50 2.37 0.00
C VAL A 336 -42.98 0.94 0.06
N ALA A 337 -43.95 0.56 -0.76
CA ALA A 337 -44.47 -0.79 -0.81
C ALA A 337 -44.52 -1.27 -2.25
N THR A 338 -44.14 -2.52 -2.47
CA THR A 338 -44.15 -3.13 -3.79
C THR A 338 -45.06 -4.34 -3.79
N LEU A 339 -46.04 -4.36 -4.69
CA LEU A 339 -46.99 -5.46 -4.77
C LEU A 339 -46.37 -6.62 -5.54
N GLN A 340 -46.84 -7.84 -5.25
CA GLN A 340 -46.32 -9.01 -5.93
C GLN A 340 -47.05 -9.26 -7.24
N GLU A 341 -48.36 -9.04 -7.28
CA GLU A 341 -49.17 -9.30 -8.45
C GLU A 341 -49.56 -8.00 -9.13
N ALA A 342 -49.70 -8.06 -10.46
CA ALA A 342 -50.15 -6.91 -11.24
C ALA A 342 -51.62 -6.99 -11.65
N THR A 343 -52.21 -8.18 -11.65
CA THR A 343 -53.62 -8.36 -11.95
C THR A 343 -54.26 -9.25 -10.88
N ALA A 344 -55.54 -9.02 -10.62
CA ALA A 344 -56.26 -9.78 -9.61
C ALA A 344 -57.61 -10.20 -10.17
N LYS A 345 -58.13 -11.29 -9.62
CA LYS A 345 -59.43 -11.83 -10.01
C LYS A 345 -60.50 -11.20 -9.11
N VAL A 346 -61.38 -10.41 -9.72
CA VAL A 346 -62.45 -9.74 -8.99
C VAL A 346 -63.71 -10.58 -9.10
N LYS A 347 -64.43 -10.70 -7.98
CA LYS A 347 -65.61 -11.55 -7.90
C LYS A 347 -66.68 -10.86 -7.08
N THR A 348 -67.91 -11.37 -7.20
CA THR A 348 -69.04 -10.79 -6.49
C THR A 348 -68.99 -11.02 -4.98
N ALA A 349 -68.11 -11.91 -4.50
CA ALA A 349 -67.98 -12.11 -3.07
C ALA A 349 -67.49 -10.84 -2.38
N GLY A 350 -66.52 -10.14 -2.98
CA GLY A 350 -66.09 -8.87 -2.44
C GLY A 350 -64.84 -8.91 -1.59
N LYS A 351 -64.03 -9.95 -1.70
CA LYS A 351 -62.77 -10.02 -0.95
C LYS A 351 -61.67 -10.54 -1.85
N VAL A 352 -60.56 -9.80 -1.93
CA VAL A 352 -59.36 -10.22 -2.62
C VAL A 352 -58.17 -9.99 -1.69
N THR A 353 -57.09 -10.71 -1.96
CA THR A 353 -55.90 -10.63 -1.13
C THR A 353 -54.69 -10.31 -2.00
N LEU A 354 -53.71 -9.63 -1.41
CA LEU A 354 -52.50 -9.23 -2.12
C LEU A 354 -51.31 -9.41 -1.21
N HIS A 355 -50.12 -9.42 -1.81
CA HIS A 355 -48.87 -9.56 -1.08
C HIS A 355 -47.98 -8.37 -1.41
N PHE A 356 -47.36 -7.80 -0.38
CA PHE A 356 -46.50 -6.65 -0.54
C PHE A 356 -45.30 -6.78 0.40
N SER A 357 -44.21 -6.12 0.04
CA SER A 357 -43.00 -6.09 0.84
C SER A 357 -42.61 -4.65 1.13
N THR A 358 -42.20 -4.38 2.37
CA THR A 358 -41.85 -3.04 2.80
C THR A 358 -40.53 -3.08 3.56
N ALA A 359 -39.93 -1.90 3.73
CA ALA A 359 -38.69 -1.77 4.48
C ALA A 359 -38.78 -0.69 5.55
N SER A 360 -39.98 -0.21 5.84
CA SER A 360 -40.20 0.83 6.84
C SER A 360 -41.06 0.29 7.97
N ALA A 361 -40.87 0.87 9.16
CA ALA A 361 -41.61 0.41 10.33
C ALA A 361 -43.12 0.62 10.17
N SER A 362 -43.51 1.78 9.65
CA SER A 362 -44.93 2.13 9.51
C SER A 362 -45.18 2.63 8.09
N PRO A 363 -45.47 1.73 7.14
CA PRO A 363 -45.72 2.16 5.77
C PRO A 363 -47.12 2.73 5.60
N SER A 364 -47.26 3.56 4.56
CA SER A 364 -48.55 4.15 4.21
C SER A 364 -48.56 4.45 2.73
N PHE A 365 -49.55 3.90 2.02
CA PHE A 365 -49.60 4.00 0.57
C PHE A 365 -51.04 3.89 0.10
N VAL A 366 -51.26 4.24 -1.17
CA VAL A 366 -52.58 4.18 -1.79
C VAL A 366 -52.57 3.13 -2.88
N VAL A 367 -53.55 2.24 -2.86
CA VAL A 367 -53.65 1.12 -3.79
C VAL A 367 -54.94 1.25 -4.57
N SER A 368 -54.89 0.92 -5.86
CA SER A 368 -56.02 1.05 -6.77
C SER A 368 -56.35 -0.28 -7.41
N LEU A 369 -57.65 -0.60 -7.45
CA LEU A 369 -58.17 -1.80 -8.09
C LEU A 369 -59.11 -1.34 -9.21
N CYS A 370 -58.75 -1.61 -10.46
CA CYS A 370 -59.31 -0.87 -11.60
C CYS A 370 -59.28 0.63 -11.32
N SER A 371 -60.45 1.23 -11.09
CA SER A 371 -60.55 2.68 -10.96
C SER A 371 -60.76 3.15 -9.53
N ALA A 372 -61.00 2.25 -8.58
CA ALA A 372 -61.22 2.65 -7.20
C ALA A 372 -59.88 2.98 -6.53
N ARG A 373 -59.96 3.63 -5.38
CA ARG A 373 -58.79 3.99 -4.59
C ARG A 373 -59.03 3.64 -3.13
N ALA A 374 -57.93 3.38 -2.42
CA ALA A 374 -58.01 3.08 -0.99
C ALA A 374 -56.66 3.37 -0.37
N THR A 375 -56.66 3.66 0.93
CA THR A 375 -55.46 4.00 1.67
C THR A 375 -55.22 2.93 2.73
N CYS A 376 -53.98 2.45 2.81
CA CYS A 376 -53.60 1.39 3.73
C CYS A 376 -52.56 1.91 4.72
N SER A 377 -52.73 1.54 5.98
CA SER A 377 -51.74 1.80 7.02
C SER A 377 -51.52 0.52 7.81
N ALA A 378 -50.28 0.30 8.25
CA ALA A 378 -49.95 -0.95 8.90
C ALA A 378 -48.86 -0.72 9.95
N SER A 379 -48.79 -1.64 10.91
CA SER A 379 -47.73 -1.69 11.90
C SER A 379 -46.94 -2.97 11.68
N CYS A 380 -45.65 -2.83 11.38
CA CYS A 380 -44.80 -3.95 11.00
C CYS A 380 -43.70 -4.16 12.03
N GLU A 381 -43.49 -5.42 12.41
CA GLU A 381 -42.46 -5.86 13.34
C GLU A 381 -41.24 -6.36 12.60
N PRO A 382 -40.04 -6.18 13.17
CA PRO A 382 -38.81 -6.60 12.47
C PRO A 382 -38.73 -8.11 12.38
N PRO A 383 -38.01 -8.62 11.37
CA PRO A 383 -37.86 -10.07 11.23
C PRO A 383 -36.77 -10.59 12.17
N LYS A 384 -36.65 -11.92 12.22
CA LYS A 384 -35.73 -12.58 13.14
C LYS A 384 -34.50 -13.16 12.47
N ASP A 385 -34.58 -13.53 11.19
CA ASP A 385 -33.43 -14.08 10.51
C ASP A 385 -32.40 -12.98 10.20
N HIS A 386 -31.15 -13.23 10.58
CA HIS A 386 -30.13 -12.20 10.44
C HIS A 386 -29.68 -12.03 8.99
N ILE A 387 -29.49 -13.12 8.26
CA ILE A 387 -28.91 -13.07 6.92
C ILE A 387 -29.68 -14.00 6.00
N VAL A 388 -29.95 -13.52 4.78
CA VAL A 388 -30.68 -14.29 3.78
C VAL A 388 -29.86 -14.34 2.49
N PRO A 389 -30.01 -15.37 1.67
CA PRO A 389 -29.22 -15.48 0.44
C PRO A 389 -29.84 -14.87 -0.81
N TYR A 390 -30.87 -14.05 -0.69
CA TYR A 390 -31.51 -13.43 -1.85
C TYR A 390 -31.59 -11.92 -1.66
N ALA A 391 -31.64 -11.21 -2.79
CA ALA A 391 -31.63 -9.76 -2.77
C ALA A 391 -32.97 -9.22 -2.25
N ALA A 392 -32.96 -7.96 -1.86
CA ALA A 392 -34.16 -7.32 -1.35
C ALA A 392 -35.14 -7.05 -2.49
N SER A 393 -36.43 -7.18 -2.19
CA SER A 393 -37.49 -6.97 -3.17
C SER A 393 -38.23 -5.65 -2.95
N HIS A 394 -37.74 -4.79 -2.08
CA HIS A 394 -38.34 -3.49 -1.81
C HIS A 394 -37.43 -2.39 -2.32
N SER A 395 -37.89 -1.15 -2.20
CA SER A 395 -37.15 0.02 -2.65
C SER A 395 -36.24 0.60 -1.58
N ASN A 396 -36.21 0.00 -0.39
CA ASN A 396 -35.33 0.42 0.70
C ASN A 396 -35.62 1.86 1.12
N VAL A 397 -36.86 2.09 1.57
CA VAL A 397 -37.29 3.36 2.13
C VAL A 397 -37.64 3.13 3.59
N VAL A 398 -37.00 3.90 4.48
CA VAL A 398 -37.07 3.64 5.90
C VAL A 398 -37.94 4.64 6.65
N PHE A 399 -38.08 5.86 6.17
CA PHE A 399 -38.80 6.90 6.89
C PHE A 399 -40.26 6.50 7.12
N PRO A 400 -40.76 6.52 8.34
CA PRO A 400 -42.14 6.11 8.61
C PRO A 400 -43.13 7.21 8.21
N ASP A 401 -44.41 6.85 8.22
CA ASP A 401 -45.47 7.78 7.91
C ASP A 401 -45.63 8.80 9.04
N MET A 402 -46.19 9.96 8.67
CA MET A 402 -46.43 11.01 9.65
C MET A 402 -47.45 10.59 10.70
N SER A 403 -48.28 9.59 10.41
CA SER A 403 -49.25 9.08 11.36
C SER A 403 -48.72 7.92 12.19
N GLY A 404 -47.43 7.59 12.05
CA GLY A 404 -46.85 6.51 12.83
C GLY A 404 -46.73 6.86 14.30
N THR A 405 -46.42 5.84 15.09
CA THR A 405 -46.40 6.01 16.55
C THR A 405 -45.37 7.05 16.97
N ALA A 406 -44.14 6.93 16.45
CA ALA A 406 -43.09 7.88 16.82
C ALA A 406 -43.45 9.29 16.38
N LEU A 407 -43.93 9.44 15.14
CA LEU A 407 -44.32 10.76 14.66
C LEU A 407 -45.53 11.28 15.41
N SER A 408 -46.45 10.39 15.84
CA SER A 408 -47.57 10.83 16.64
C SER A 408 -47.11 11.37 17.99
N TRP A 409 -46.15 10.69 18.63
CA TRP A 409 -45.61 11.19 19.89
C TRP A 409 -44.93 12.54 19.69
N VAL A 410 -44.14 12.68 18.61
CA VAL A 410 -43.50 13.95 18.31
C VAL A 410 -44.53 15.04 18.12
N GLN A 411 -45.62 14.73 17.40
CA GLN A 411 -46.69 15.70 17.19
C GLN A 411 -47.32 16.12 18.50
N LYS A 412 -47.57 15.16 19.40
CA LYS A 412 -48.19 15.50 20.69
C LYS A 412 -47.30 16.43 21.51
N ILE A 413 -46.01 16.10 21.62
CA ILE A 413 -45.12 16.93 22.42
C ILE A 413 -44.98 18.32 21.79
N SER A 414 -44.84 18.38 20.46
CA SER A 414 -44.71 19.67 19.79
C SER A 414 -45.97 20.51 19.98
N GLY A 415 -47.14 19.87 19.91
CA GLY A 415 -48.38 20.60 20.14
C GLY A 415 -48.49 21.15 21.54
N GLY A 416 -48.10 20.35 22.54
CA GLY A 416 -48.11 20.85 23.90
C GLY A 416 -47.19 22.05 24.10
N LEU A 417 -45.96 21.95 23.58
CA LEU A 417 -45.02 23.06 23.71
C LEU A 417 -45.52 24.30 22.96
N GLY A 418 -46.11 24.10 21.78
CA GLY A 418 -46.64 25.22 21.03
C GLY A 418 -47.81 25.88 21.74
N ALA A 419 -48.67 25.10 22.38
CA ALA A 419 -49.76 25.66 23.16
C ALA A 419 -49.22 26.49 24.32
N PHE A 420 -48.19 25.98 25.00
CA PHE A 420 -47.60 26.75 26.10
C PHE A 420 -47.02 28.07 25.59
N ALA A 421 -46.31 28.02 24.46
CA ALA A 421 -45.72 29.25 23.90
C ALA A 421 -46.80 30.23 23.45
N ILE A 422 -47.89 29.72 22.88
CA ILE A 422 -48.97 30.58 22.44
C ILE A 422 -49.63 31.26 23.64
N GLY A 423 -49.84 30.52 24.72
CA GLY A 423 -50.36 31.14 25.93
C GLY A 423 -49.44 32.22 26.47
N ALA A 424 -48.12 31.96 26.44
CA ALA A 424 -47.15 32.98 26.83
C ALA A 424 -47.30 34.24 25.98
N ILE A 425 -47.40 34.05 24.66
CA ILE A 425 -47.53 35.20 23.76
C ILE A 425 -48.81 35.97 24.06
N LEU A 426 -49.91 35.26 24.29
CA LEU A 426 -51.18 35.93 24.57
C LEU A 426 -51.11 36.74 25.86
N VAL A 427 -50.53 36.17 26.92
CA VAL A 427 -50.43 36.90 28.17
C VAL A 427 -49.56 38.14 28.02
N LEU A 428 -48.42 37.99 27.34
CA LEU A 428 -47.54 39.14 27.14
C LEU A 428 -48.23 40.24 26.34
N VAL A 429 -48.94 39.85 25.27
CA VAL A 429 -49.62 40.84 24.44
C VAL A 429 -50.73 41.54 25.23
N VAL A 430 -51.48 40.80 26.04
CA VAL A 430 -52.53 41.42 26.84
C VAL A 430 -51.93 42.44 27.80
N VAL A 431 -50.85 42.07 28.49
CA VAL A 431 -50.22 42.98 29.43
C VAL A 431 -49.70 44.22 28.71
N THR A 432 -49.05 44.04 27.56
CA THR A 432 -48.52 45.17 26.82
C THR A 432 -49.62 46.09 26.33
N CYS A 433 -50.74 45.53 25.86
CA CYS A 433 -51.86 46.35 25.43
C CYS A 433 -52.45 47.14 26.59
N ILE A 434 -52.60 46.51 27.75
CA ILE A 434 -53.11 47.22 28.92
C ILE A 434 -52.16 48.36 29.29
N GLY A 435 -50.85 48.09 29.28
CA GLY A 435 -49.90 49.14 29.59
C GLY A 435 -49.92 50.29 28.60
N LEU A 436 -50.05 49.99 27.31
CA LEU A 436 -50.07 51.03 26.30
C LEU A 436 -51.35 51.85 26.36
N ARG A 437 -52.49 51.22 26.64
CA ARG A 437 -53.75 51.96 26.72
C ARG A 437 -53.82 52.90 27.91
N ARG A 438 -52.91 52.78 28.87
CA ARG A 438 -52.88 53.72 29.99
C ARG A 438 -52.35 55.08 29.53
N HIS B 1 8.76 -43.48 -47.51
CA HIS B 1 8.22 -42.30 -46.84
C HIS B 1 9.11 -41.08 -47.11
N PHE B 2 9.35 -40.29 -46.06
CA PHE B 2 10.17 -39.09 -46.19
C PHE B 2 11.51 -39.23 -45.49
N ASN B 3 11.51 -39.62 -44.21
CA ASN B 3 12.72 -39.98 -43.48
C ASN B 3 13.73 -38.83 -43.48
N VAL B 4 13.37 -37.76 -42.80
CA VAL B 4 14.20 -36.56 -42.71
C VAL B 4 15.56 -36.91 -42.13
N TYR B 5 15.56 -37.73 -41.09
CA TYR B 5 16.75 -38.03 -40.30
C TYR B 5 17.77 -38.88 -41.04
N LYS B 6 17.61 -39.14 -42.33
CA LYS B 6 18.61 -39.86 -43.11
C LYS B 6 19.90 -39.07 -43.28
N ALA B 7 19.82 -37.74 -43.33
CA ALA B 7 21.00 -36.89 -43.50
C ALA B 7 21.35 -36.15 -42.20
N THR B 8 21.08 -36.75 -41.05
CA THR B 8 21.39 -36.16 -39.76
C THR B 8 22.08 -37.18 -38.88
N ARG B 9 23.09 -36.74 -38.13
CA ARG B 9 23.88 -37.63 -37.32
C ARG B 9 24.01 -37.10 -35.90
N PRO B 10 24.24 -37.97 -34.93
CA PRO B 10 24.54 -37.51 -33.57
C PRO B 10 25.93 -36.88 -33.49
N TYR B 11 26.15 -36.13 -32.42
CA TYR B 11 27.40 -35.40 -32.23
C TYR B 11 27.84 -35.48 -30.78
N ILE B 12 29.08 -35.08 -30.54
CA ILE B 12 29.68 -35.08 -29.21
C ILE B 12 29.85 -33.64 -28.78
N ALA B 13 29.29 -33.30 -27.62
CA ALA B 13 29.37 -31.95 -27.07
C ALA B 13 30.08 -32.00 -25.72
N TYR B 14 30.12 -30.85 -25.04
CA TYR B 14 30.78 -30.71 -23.76
C TYR B 14 29.74 -30.65 -22.66
N CYS B 15 29.93 -31.44 -21.60
CA CYS B 15 28.99 -31.55 -20.50
C CYS B 15 29.63 -31.00 -19.23
N ALA B 16 28.83 -30.31 -18.42
CA ALA B 16 29.35 -29.71 -17.19
C ALA B 16 29.90 -30.76 -16.25
N ASP B 17 29.04 -31.66 -15.76
CA ASP B 17 29.48 -32.81 -14.99
C ASP B 17 28.70 -34.03 -15.42
N CYS B 18 29.41 -35.14 -15.64
CA CYS B 18 28.82 -36.38 -16.14
C CYS B 18 28.41 -37.31 -15.01
N GLY B 19 27.62 -36.82 -14.06
CA GLY B 19 27.06 -37.66 -13.02
C GLY B 19 27.97 -37.92 -11.84
N ALA B 20 29.22 -37.43 -11.88
CA ALA B 20 30.17 -37.68 -10.80
C ALA B 20 30.91 -36.44 -10.35
N GLY B 21 30.67 -35.29 -10.96
CA GLY B 21 31.36 -34.06 -10.60
C GLY B 21 32.59 -33.76 -11.43
N HIS B 22 32.80 -34.46 -12.54
CA HIS B 22 33.92 -34.22 -13.44
C HIS B 22 33.39 -33.86 -14.82
N SER B 23 34.17 -33.11 -15.57
CA SER B 23 33.79 -32.62 -16.89
C SER B 23 34.50 -33.41 -17.96
N CYS B 24 33.73 -33.97 -18.89
CA CYS B 24 34.31 -34.66 -20.04
C CYS B 24 33.27 -34.66 -21.16
N HIS B 25 33.76 -34.86 -22.38
CA HIS B 25 32.91 -34.86 -23.57
C HIS B 25 32.07 -36.12 -23.59
N SER B 26 30.76 -35.98 -23.50
CA SER B 26 29.86 -37.12 -23.48
C SER B 26 28.87 -37.05 -24.62
N PRO B 27 28.47 -38.19 -25.19
CA PRO B 27 27.54 -38.20 -26.31
C PRO B 27 26.07 -38.07 -25.93
N VAL B 28 25.76 -37.70 -24.69
CA VAL B 28 24.37 -37.57 -24.26
C VAL B 28 24.22 -36.18 -23.65
N ALA B 29 24.90 -35.19 -24.23
CA ALA B 29 24.84 -33.83 -23.72
C ALA B 29 23.43 -33.28 -23.82
N ILE B 30 23.05 -32.47 -22.84
CA ILE B 30 21.71 -31.88 -22.78
C ILE B 30 21.76 -30.46 -23.29
N GLU B 31 20.90 -30.13 -24.24
CA GLU B 31 20.67 -28.77 -24.66
C GLU B 31 19.50 -28.19 -23.88
N ALA B 32 18.93 -27.08 -24.35
CA ALA B 32 17.90 -26.38 -23.61
C ALA B 32 16.69 -27.27 -23.36
N VAL B 33 16.02 -27.02 -22.24
CA VAL B 33 14.83 -27.76 -21.83
C VAL B 33 13.63 -26.81 -21.89
N ARG B 34 12.58 -27.24 -22.57
CA ARG B 34 11.38 -26.43 -22.73
C ARG B 34 10.29 -26.93 -21.80
N SER B 35 9.68 -26.01 -21.05
CA SER B 35 8.62 -26.36 -20.11
C SER B 35 7.46 -25.37 -20.23
N GLU B 36 7.05 -25.09 -21.46
CA GLU B 36 5.97 -24.13 -21.73
C GLU B 36 4.61 -24.81 -21.86
N ALA B 37 4.42 -25.96 -21.21
CA ALA B 37 3.14 -26.65 -21.19
C ALA B 37 2.51 -26.49 -19.82
N THR B 38 1.20 -26.23 -19.80
CA THR B 38 0.52 -25.91 -18.55
C THR B 38 0.52 -27.09 -17.58
N ASP B 39 0.29 -28.31 -18.08
CA ASP B 39 0.19 -29.45 -17.18
C ASP B 39 1.53 -29.90 -16.62
N GLY B 40 2.65 -29.46 -17.21
CA GLY B 40 3.95 -29.76 -16.64
C GLY B 40 4.72 -30.88 -17.32
N MET B 41 4.77 -30.87 -18.65
CA MET B 41 5.52 -31.85 -19.42
C MET B 41 6.72 -31.16 -20.07
N LEU B 42 7.92 -31.68 -19.80
CA LEU B 42 9.15 -31.11 -20.30
C LEU B 42 9.48 -31.67 -21.68
N LYS B 43 10.41 -31.01 -22.37
CA LYS B 43 10.96 -31.51 -23.62
C LYS B 43 12.48 -31.42 -23.56
N ILE B 44 13.12 -32.42 -22.97
CA ILE B 44 14.57 -32.48 -22.95
C ILE B 44 15.07 -32.70 -24.38
N GLN B 45 16.26 -32.18 -24.67
CA GLN B 45 16.84 -32.30 -26.01
C GLN B 45 18.22 -32.95 -25.89
N PHE B 46 18.36 -34.14 -26.46
CA PHE B 46 19.63 -34.84 -26.47
C PHE B 46 20.61 -34.19 -27.44
N SER B 47 21.79 -34.80 -27.52
CA SER B 47 22.70 -34.63 -28.64
C SER B 47 22.86 -35.92 -29.44
N ALA B 48 22.26 -37.01 -28.99
CA ALA B 48 22.25 -38.29 -29.69
C ALA B 48 20.80 -38.69 -29.93
N GLN B 49 20.38 -38.61 -31.19
CA GLN B 49 18.99 -38.85 -31.53
C GLN B 49 18.60 -40.31 -31.29
N ILE B 50 17.39 -40.50 -30.76
CA ILE B 50 16.94 -41.79 -30.28
C ILE B 50 15.67 -42.19 -31.03
N GLY B 51 15.54 -43.48 -31.31
CA GLY B 51 14.42 -44.01 -32.07
C GLY B 51 14.76 -44.40 -33.49
N ILE B 52 16.01 -44.24 -33.91
CA ILE B 52 16.45 -44.57 -35.27
C ILE B 52 17.78 -45.31 -35.18
N ASP B 53 17.87 -46.44 -35.88
CA ASP B 53 19.03 -47.30 -35.80
C ASP B 53 20.20 -46.69 -36.58
N LYS B 54 21.34 -47.38 -36.54
CA LYS B 54 22.54 -46.88 -37.23
C LYS B 54 22.34 -46.78 -38.73
N SER B 55 21.62 -47.76 -39.31
CA SER B 55 21.47 -47.85 -40.76
C SER B 55 20.37 -46.94 -41.30
N ASP B 56 19.99 -45.89 -40.56
CA ASP B 56 18.99 -44.91 -40.94
C ASP B 56 17.59 -45.50 -41.06
N ASN B 57 17.35 -46.64 -40.43
CA ASN B 57 16.04 -47.28 -40.49
C ASN B 57 15.29 -47.06 -39.18
N HIS B 58 13.98 -46.78 -39.31
CA HIS B 58 13.16 -46.58 -38.14
C HIS B 58 13.07 -47.85 -37.30
N ASP B 59 13.11 -47.67 -35.98
CA ASP B 59 13.15 -48.80 -35.07
C ASP B 59 12.75 -48.38 -33.66
N TYR B 60 11.99 -49.23 -32.96
CA TYR B 60 11.52 -48.91 -31.62
C TYR B 60 12.44 -49.45 -30.53
N THR B 61 13.58 -50.04 -30.89
CA THR B 61 14.45 -50.70 -29.92
C THR B 61 15.84 -50.11 -29.86
N LYS B 62 16.33 -49.52 -30.94
CA LYS B 62 17.69 -49.00 -30.98
C LYS B 62 17.70 -47.48 -31.02
N ILE B 63 18.77 -46.89 -30.50
CA ILE B 63 18.99 -45.45 -30.55
C ILE B 63 20.38 -45.20 -31.10
N ARG B 64 20.55 -44.06 -31.77
CA ARG B 64 21.85 -43.71 -32.33
C ARG B 64 22.63 -42.83 -31.35
N TYR B 65 23.95 -42.92 -31.41
CA TYR B 65 24.82 -42.03 -30.66
C TYR B 65 26.21 -42.07 -31.29
N ALA B 66 26.87 -40.91 -31.27
CA ALA B 66 28.18 -40.75 -31.89
C ALA B 66 29.27 -41.28 -30.99
N ASP B 67 30.34 -41.81 -31.59
CA ASP B 67 31.47 -42.33 -30.84
C ASP B 67 32.70 -42.30 -31.74
N GLY B 68 33.56 -41.29 -31.57
CA GLY B 68 34.80 -41.20 -32.30
C GLY B 68 34.65 -41.20 -33.80
N HIS B 69 33.89 -40.24 -34.33
CA HIS B 69 33.49 -40.17 -35.73
C HIS B 69 33.14 -41.56 -36.28
N ALA B 70 32.31 -42.26 -35.52
CA ALA B 70 31.79 -43.57 -35.90
C ALA B 70 30.50 -43.80 -35.13
N ILE B 71 29.41 -44.01 -35.86
CA ILE B 71 28.08 -44.08 -35.26
C ILE B 71 27.83 -45.49 -34.78
N GLU B 72 27.43 -45.63 -33.52
CA GLU B 72 27.02 -46.90 -32.93
C GLU B 72 25.58 -46.81 -32.48
N ASN B 73 25.08 -47.88 -31.88
CA ASN B 73 23.69 -47.93 -31.43
C ASN B 73 23.58 -48.63 -30.08
N ALA B 74 22.58 -48.22 -29.31
CA ALA B 74 22.31 -48.77 -27.99
C ALA B 74 20.83 -49.07 -27.87
N VAL B 75 20.50 -50.00 -26.97
CA VAL B 75 19.12 -50.44 -26.81
C VAL B 75 18.28 -49.30 -26.25
N ARG B 76 17.02 -49.22 -26.69
CA ARG B 76 16.14 -48.15 -26.24
C ARG B 76 15.88 -48.23 -24.74
N SER B 77 15.83 -49.43 -24.19
CA SER B 77 15.69 -49.57 -22.74
C SER B 77 16.89 -48.96 -22.03
N SER B 78 16.77 -48.84 -20.71
CA SER B 78 17.75 -48.22 -19.82
C SER B 78 17.86 -46.72 -20.03
N LEU B 79 17.01 -46.12 -20.86
CA LEU B 79 16.95 -44.67 -20.98
C LEU B 79 16.24 -44.13 -19.75
N LYS B 80 17.00 -43.49 -18.86
CA LYS B 80 16.47 -43.01 -17.59
C LYS B 80 16.63 -41.50 -17.51
N VAL B 81 15.51 -40.80 -17.39
CA VAL B 81 15.50 -39.38 -17.06
C VAL B 81 15.04 -39.26 -15.61
N ALA B 82 15.73 -38.42 -14.85
CA ALA B 82 15.51 -38.41 -13.41
C ALA B 82 15.67 -37.00 -12.86
N THR B 83 15.08 -36.81 -11.69
CA THR B 83 15.20 -35.58 -10.89
C THR B 83 15.36 -36.04 -9.45
N SER B 84 15.10 -35.15 -8.50
CA SER B 84 15.10 -35.50 -7.08
C SER B 84 14.42 -36.83 -6.82
N GLY B 85 13.37 -37.14 -7.60
CA GLY B 85 12.75 -38.45 -7.55
C GLY B 85 13.10 -39.31 -8.75
N ASP B 86 12.09 -39.66 -9.56
CA ASP B 86 12.30 -40.43 -10.77
C ASP B 86 11.16 -40.14 -11.72
N CYS B 87 11.48 -39.95 -13.00
CA CYS B 87 10.52 -39.48 -13.99
C CYS B 87 9.92 -40.61 -14.79
N PHE B 88 8.88 -40.28 -15.55
CA PHE B 88 8.20 -41.20 -16.46
C PHE B 88 8.29 -40.64 -17.86
N VAL B 89 8.71 -41.47 -18.81
CA VAL B 89 8.92 -41.04 -20.19
C VAL B 89 7.65 -41.31 -20.98
N HIS B 90 7.11 -40.26 -21.60
CA HIS B 90 5.86 -40.36 -22.34
C HIS B 90 6.08 -40.61 -23.83
N GLY B 91 6.79 -39.69 -24.49
CA GLY B 91 7.03 -39.77 -25.91
C GLY B 91 8.52 -39.86 -26.23
N THR B 92 8.81 -40.05 -27.52
CA THR B 92 10.18 -40.20 -27.98
C THR B 92 10.27 -40.10 -29.50
N MET B 93 11.11 -39.19 -30.00
CA MET B 93 11.40 -39.12 -31.43
C MET B 93 12.61 -38.23 -31.68
N GLY B 94 13.56 -38.72 -32.46
CA GLY B 94 14.72 -37.92 -32.81
C GLY B 94 15.51 -37.51 -31.57
N HIS B 95 15.83 -36.22 -31.49
CA HIS B 95 16.57 -35.70 -30.34
C HIS B 95 15.72 -35.56 -29.09
N PHE B 96 14.42 -35.31 -29.24
CA PHE B 96 13.58 -34.79 -28.17
C PHE B 96 12.98 -35.92 -27.34
N ILE B 97 12.74 -35.62 -26.06
CA ILE B 97 12.12 -36.54 -25.13
C ILE B 97 10.99 -35.83 -24.42
N LEU B 98 9.91 -36.54 -24.13
CA LEU B 98 8.84 -36.03 -23.30
C LEU B 98 8.85 -36.76 -21.97
N ALA B 99 8.60 -36.03 -20.88
CA ALA B 99 8.68 -36.64 -19.57
C ALA B 99 7.83 -35.85 -18.58
N LYS B 100 7.50 -36.50 -17.48
CA LYS B 100 6.84 -35.88 -16.33
C LYS B 100 7.66 -36.20 -15.10
N CYS B 101 8.02 -35.18 -14.33
CA CYS B 101 8.98 -35.36 -13.26
C CYS B 101 8.45 -34.78 -11.95
N PRO B 102 8.89 -35.31 -10.82
CA PRO B 102 8.57 -34.70 -9.53
C PRO B 102 9.41 -33.45 -9.32
N PRO B 103 9.00 -32.57 -8.42
CA PRO B 103 9.77 -31.34 -8.19
C PRO B 103 11.18 -31.63 -7.71
N GLY B 104 12.12 -30.81 -8.17
CA GLY B 104 13.52 -31.01 -7.83
C GLY B 104 14.33 -29.82 -8.30
N GLU B 105 15.64 -29.92 -8.10
CA GLU B 105 16.55 -28.83 -8.41
C GLU B 105 17.56 -29.19 -9.50
N PHE B 106 17.34 -30.29 -10.22
CA PHE B 106 18.20 -30.69 -11.32
C PHE B 106 17.51 -31.81 -12.09
N LEU B 107 18.09 -32.17 -13.23
CA LEU B 107 17.65 -33.35 -13.96
C LEU B 107 18.83 -33.91 -14.74
N GLN B 108 18.83 -35.23 -14.92
CA GLN B 108 19.88 -35.91 -15.64
C GLN B 108 19.28 -36.94 -16.59
N VAL B 109 20.02 -37.25 -17.64
CA VAL B 109 19.66 -38.29 -18.61
C VAL B 109 20.84 -39.23 -18.76
N SER B 110 20.55 -40.52 -18.90
CA SER B 110 21.61 -41.50 -19.03
C SER B 110 21.06 -42.73 -19.74
N ILE B 111 21.95 -43.44 -20.44
CA ILE B 111 21.59 -44.69 -21.10
C ILE B 111 22.87 -45.47 -21.34
N GLN B 112 22.75 -46.80 -21.35
CA GLN B 112 23.92 -47.67 -21.39
C GLN B 112 24.66 -47.55 -22.72
N ASP B 113 25.97 -47.75 -22.64
CA ASP B 113 26.84 -47.73 -23.81
C ASP B 113 26.77 -49.07 -24.53
N THR B 114 27.64 -49.27 -25.52
CA THR B 114 27.75 -50.58 -26.14
C THR B 114 28.34 -51.60 -25.17
N ARG B 115 29.29 -51.17 -24.33
CA ARG B 115 29.93 -52.04 -23.35
C ARG B 115 29.23 -51.99 -22.00
N ASN B 116 27.97 -51.57 -21.96
CA ASN B 116 27.18 -51.53 -20.74
C ASN B 116 27.80 -50.61 -19.67
N ALA B 117 28.24 -49.44 -20.10
CA ALA B 117 28.75 -48.41 -19.20
C ALA B 117 27.87 -47.18 -19.32
N VAL B 118 27.38 -46.68 -18.19
CA VAL B 118 26.41 -45.59 -18.21
C VAL B 118 27.09 -44.31 -18.67
N ARG B 119 26.42 -43.58 -19.57
CA ARG B 119 26.84 -42.26 -20.01
C ARG B 119 25.78 -41.26 -19.59
N ALA B 120 26.16 -40.27 -18.79
CA ALA B 120 25.20 -39.36 -18.18
C ALA B 120 25.66 -37.93 -18.36
N CYS B 121 24.70 -37.01 -18.18
CA CYS B 121 24.96 -35.58 -18.21
C CYS B 121 23.82 -34.89 -17.49
N ARG B 122 24.13 -34.16 -16.43
CA ARG B 122 23.12 -33.49 -15.61
C ARG B 122 23.28 -31.98 -15.71
N ILE B 123 22.14 -31.28 -15.72
CA ILE B 123 22.10 -29.84 -15.85
C ILE B 123 21.27 -29.28 -14.70
N GLN B 124 21.62 -28.09 -14.24
CA GLN B 124 20.87 -27.45 -13.17
C GLN B 124 19.56 -26.91 -13.72
N TYR B 125 18.46 -27.26 -13.07
CA TYR B 125 17.13 -26.84 -13.55
C TYR B 125 16.18 -26.84 -12.36
N HIS B 126 15.49 -25.72 -12.14
CA HIS B 126 14.57 -25.57 -11.03
C HIS B 126 13.16 -25.88 -11.51
N HIS B 127 12.70 -27.10 -11.26
CA HIS B 127 11.39 -27.57 -11.70
C HIS B 127 10.41 -27.52 -10.53
N ASP B 128 9.27 -26.88 -10.76
CA ASP B 128 8.23 -26.78 -9.73
C ASP B 128 6.90 -26.53 -10.42
N PRO B 129 6.22 -27.58 -10.85
CA PRO B 129 4.97 -27.41 -11.59
C PRO B 129 3.82 -26.99 -10.69
N GLN B 130 2.84 -26.35 -11.30
CA GLN B 130 1.63 -25.95 -10.59
C GLN B 130 0.40 -26.22 -11.45
N PRO B 131 -0.55 -27.01 -10.96
CA PRO B 131 -1.73 -27.33 -11.77
C PRO B 131 -2.58 -26.11 -12.04
N VAL B 132 -3.24 -26.12 -13.19
CA VAL B 132 -4.13 -25.03 -13.57
C VAL B 132 -5.37 -25.05 -12.71
N GLY B 133 -5.74 -23.89 -12.17
CA GLY B 133 -6.88 -23.75 -11.29
C GLY B 133 -6.51 -22.93 -10.07
N ARG B 134 -7.28 -23.12 -9.00
CA ARG B 134 -7.07 -22.39 -7.76
C ARG B 134 -6.69 -23.31 -6.60
N GLU B 135 -6.46 -24.59 -6.87
CA GLU B 135 -6.03 -25.54 -5.85
C GLU B 135 -4.75 -26.21 -6.30
N LYS B 136 -3.83 -26.42 -5.36
CA LYS B 136 -2.54 -27.05 -5.66
C LYS B 136 -2.59 -28.54 -5.33
N PHE B 137 -3.45 -29.25 -6.04
CA PHE B 137 -3.57 -30.69 -5.87
C PHE B 137 -2.38 -31.40 -6.55
N THR B 138 -2.20 -32.67 -6.19
CA THR B 138 -1.08 -33.46 -6.69
C THR B 138 -1.49 -34.41 -7.81
N ILE B 139 -2.53 -35.20 -7.62
CA ILE B 139 -3.01 -36.13 -8.63
C ILE B 139 -4.50 -35.92 -8.84
N ARG B 140 -4.97 -36.28 -10.03
CA ARG B 140 -6.33 -36.00 -10.41
C ARG B 140 -7.32 -36.84 -9.60
N PRO B 141 -8.47 -36.27 -9.25
CA PRO B 141 -9.47 -37.03 -8.50
C PRO B 141 -10.45 -37.75 -9.42
N HIS B 142 -11.41 -38.48 -8.82
CA HIS B 142 -12.44 -39.17 -9.59
C HIS B 142 -13.75 -38.40 -9.62
N TYR B 143 -13.75 -37.14 -9.21
CA TYR B 143 -14.94 -36.30 -9.26
C TYR B 143 -14.52 -34.85 -9.21
N GLY B 144 -14.81 -34.10 -10.26
CA GLY B 144 -14.44 -32.70 -10.29
C GLY B 144 -14.83 -32.05 -11.59
N LYS B 145 -14.42 -30.80 -11.75
CA LYS B 145 -14.71 -30.02 -12.93
C LYS B 145 -13.73 -30.34 -14.06
N GLU B 146 -13.96 -29.74 -15.22
CA GLU B 146 -13.07 -29.84 -16.36
C GLU B 146 -12.61 -28.44 -16.73
N ILE B 147 -11.29 -28.22 -16.71
CA ILE B 147 -10.70 -26.91 -16.93
C ILE B 147 -9.77 -27.01 -18.13
N PRO B 148 -9.87 -26.12 -19.12
CA PRO B 148 -8.98 -26.22 -20.27
C PRO B 148 -7.53 -25.92 -19.90
N CYS B 149 -6.62 -26.53 -20.67
CA CYS B 149 -5.19 -26.30 -20.50
C CYS B 149 -4.51 -26.56 -21.83
N THR B 150 -3.18 -26.66 -21.80
CA THR B 150 -2.38 -26.97 -22.98
C THR B 150 -1.36 -28.04 -22.62
N THR B 151 -0.95 -28.82 -23.62
CA THR B 151 0.00 -29.90 -23.40
C THR B 151 0.64 -30.25 -24.74
N TYR B 152 1.72 -31.02 -24.65
CA TYR B 152 2.39 -31.53 -25.85
C TYR B 152 1.70 -32.80 -26.33
N GLN B 153 1.46 -32.88 -27.62
CA GLN B 153 0.87 -34.07 -28.21
C GLN B 153 1.95 -34.96 -28.81
N GLN B 154 1.59 -36.24 -29.00
CA GLN B 154 2.53 -37.23 -29.49
C GLN B 154 2.61 -37.32 -31.00
N THR B 155 1.73 -36.64 -31.72
CA THR B 155 1.76 -36.68 -33.18
C THR B 155 2.98 -35.96 -33.71
N THR B 156 3.54 -36.47 -34.81
CA THR B 156 4.73 -35.87 -35.40
C THR B 156 4.44 -35.35 -36.80
N ALA B 157 3.28 -34.70 -36.97
CA ALA B 157 2.89 -34.16 -38.26
C ALA B 157 3.57 -32.81 -38.48
N LYS B 158 3.11 -32.05 -39.46
CA LYS B 158 3.64 -30.71 -39.71
C LYS B 158 3.38 -29.82 -38.50
N THR B 159 4.42 -29.12 -38.06
CA THR B 159 4.36 -28.31 -36.85
C THR B 159 4.74 -26.85 -37.05
N VAL B 160 5.47 -26.52 -38.11
CA VAL B 160 5.97 -25.16 -38.34
C VAL B 160 6.85 -24.78 -37.16
N GLU B 161 7.97 -25.49 -37.00
CA GLU B 161 8.97 -25.19 -35.99
C GLU B 161 10.34 -25.47 -36.61
N GLU B 162 11.38 -24.94 -35.98
CA GLU B 162 12.67 -24.86 -36.66
C GLU B 162 13.81 -25.42 -35.81
N ILE B 163 14.75 -26.05 -36.50
CA ILE B 163 16.09 -26.29 -36.02
C ILE B 163 17.06 -25.95 -37.14
N ASP B 164 18.11 -25.19 -36.80
CA ASP B 164 19.16 -24.87 -37.74
C ASP B 164 20.22 -25.96 -37.73
N MET B 165 20.50 -26.52 -38.91
CA MET B 165 21.54 -27.53 -39.07
C MET B 165 22.64 -26.99 -39.98
N HIS B 166 23.88 -27.32 -39.64
CA HIS B 166 25.01 -26.85 -40.44
C HIS B 166 26.02 -27.97 -40.56
N MET B 167 26.86 -27.87 -41.59
CA MET B 167 27.79 -28.93 -41.91
C MET B 167 28.85 -29.06 -40.83
N PRO B 168 29.20 -30.28 -40.40
CA PRO B 168 30.14 -30.43 -39.30
C PRO B 168 31.52 -29.95 -39.67
N PRO B 169 32.30 -29.45 -38.71
CA PRO B 169 33.67 -29.04 -39.01
C PRO B 169 34.60 -30.24 -39.12
N ASP B 170 35.87 -29.94 -39.39
CA ASP B 170 36.89 -30.98 -39.49
C ASP B 170 37.34 -31.38 -38.09
N THR B 171 36.98 -32.59 -37.68
CA THR B 171 37.24 -33.04 -36.32
C THR B 171 38.73 -33.32 -36.12
N PRO B 172 39.38 -32.69 -35.15
CA PRO B 172 40.78 -33.03 -34.85
C PRO B 172 40.92 -34.46 -34.39
N ASP B 173 42.06 -35.06 -34.73
CA ASP B 173 42.38 -36.41 -34.29
C ASP B 173 43.87 -36.63 -34.43
N ARG B 174 44.47 -37.25 -33.41
CA ARG B 174 45.89 -37.53 -33.44
C ARG B 174 46.24 -39.00 -33.20
N THR B 175 45.27 -39.89 -33.03
CA THR B 175 45.58 -41.31 -32.88
C THR B 175 45.96 -41.95 -34.21
N LEU B 176 45.76 -41.25 -35.33
CA LEU B 176 46.07 -41.81 -36.64
C LEU B 176 47.56 -41.77 -36.97
N LEU B 177 48.31 -40.83 -36.40
CA LEU B 177 49.74 -40.74 -36.67
C LEU B 177 50.48 -41.85 -35.95
N SER B 178 51.17 -42.70 -36.71
CA SER B 178 51.99 -43.78 -36.16
C SER B 178 53.43 -43.54 -36.59
N GLN B 179 54.21 -42.92 -35.71
CA GLN B 179 55.62 -42.67 -35.99
C GLN B 179 56.41 -43.95 -35.80
N GLN B 180 56.98 -44.47 -36.89
CA GLN B 180 57.73 -45.71 -36.82
C GLN B 180 59.21 -45.46 -36.63
N SER B 181 59.85 -44.81 -37.62
CA SER B 181 61.26 -44.43 -37.53
C SER B 181 61.49 -43.30 -38.52
N GLY B 182 61.50 -42.06 -38.04
CA GLY B 182 61.70 -40.92 -38.91
C GLY B 182 60.63 -40.73 -39.96
N ASN B 183 59.48 -41.37 -39.80
CA ASN B 183 58.40 -41.28 -40.77
C ASN B 183 57.08 -41.62 -40.08
N VAL B 184 55.98 -41.23 -40.71
CA VAL B 184 54.65 -41.45 -40.16
C VAL B 184 53.75 -42.06 -41.24
N LYS B 185 52.72 -42.76 -40.79
CA LYS B 185 51.66 -43.25 -41.65
C LYS B 185 50.34 -42.60 -41.24
N ILE B 186 49.45 -42.41 -42.20
CA ILE B 186 48.14 -41.82 -41.95
C ILE B 186 47.10 -42.92 -42.11
N THR B 187 46.29 -43.11 -41.07
CA THR B 187 45.29 -44.16 -41.09
C THR B 187 44.05 -43.72 -41.87
N VAL B 188 43.46 -44.66 -42.60
CA VAL B 188 42.31 -44.41 -43.46
C VAL B 188 41.26 -45.48 -43.20
N GLY B 189 40.21 -45.52 -44.02
CA GLY B 189 39.11 -46.43 -43.81
C GLY B 189 37.76 -45.82 -44.13
N GLY B 190 37.78 -44.61 -44.69
CA GLY B 190 36.57 -43.95 -45.10
C GLY B 190 36.58 -42.48 -44.76
N LYS B 191 37.63 -42.04 -44.08
CA LYS B 191 37.78 -40.66 -43.65
C LYS B 191 38.86 -39.99 -44.49
N LYS B 192 38.45 -39.05 -45.35
CA LYS B 192 39.40 -38.26 -46.12
C LYS B 192 39.99 -37.20 -45.19
N VAL B 193 41.29 -37.29 -44.95
CA VAL B 193 41.92 -36.51 -43.90
C VAL B 193 42.64 -35.30 -44.48
N LYS B 194 42.75 -34.24 -43.68
CA LYS B 194 43.55 -33.07 -44.00
C LYS B 194 44.81 -33.09 -43.16
N TYR B 195 45.85 -32.40 -43.65
CA TYR B 195 47.13 -32.40 -42.95
C TYR B 195 47.86 -31.11 -43.28
N ASN B 196 48.76 -30.72 -42.37
CA ASN B 196 49.61 -29.55 -42.56
C ASN B 196 50.89 -29.74 -41.78
N CYS B 197 51.99 -29.99 -42.47
CA CYS B 197 53.28 -30.32 -41.84
C CYS B 197 54.32 -29.33 -42.37
N THR B 198 54.79 -28.44 -41.51
CA THR B 198 55.74 -27.42 -41.93
C THR B 198 57.18 -27.93 -41.86
N CYS B 199 57.50 -28.94 -42.66
CA CYS B 199 58.85 -29.43 -42.82
C CYS B 199 59.18 -29.45 -44.31
N GLY B 200 60.27 -28.76 -44.69
CA GLY B 200 60.61 -28.69 -46.09
C GLY B 200 59.62 -27.85 -46.86
N THR B 201 59.31 -28.29 -48.08
CA THR B 201 58.38 -27.58 -48.95
C THR B 201 56.94 -27.84 -48.56
N GLY B 202 56.00 -27.41 -49.40
CA GLY B 202 54.58 -27.54 -49.11
C GLY B 202 54.12 -28.96 -48.87
N ASN B 203 53.52 -29.19 -47.69
CA ASN B 203 52.95 -30.48 -47.32
C ASN B 203 51.52 -30.31 -46.84
N VAL B 204 50.71 -29.60 -47.61
CA VAL B 204 49.31 -29.36 -47.28
C VAL B 204 48.43 -30.00 -48.34
N GLY B 205 47.16 -30.19 -48.00
CA GLY B 205 46.19 -30.78 -48.91
C GLY B 205 45.39 -31.88 -48.24
N THR B 206 44.55 -32.52 -49.05
CA THR B 206 43.71 -33.62 -48.62
C THR B 206 44.16 -34.93 -49.25
N THR B 207 43.63 -36.02 -48.72
CA THR B 207 43.96 -37.35 -49.22
C THR B 207 42.93 -38.35 -48.71
N ASN B 208 42.92 -39.52 -49.34
CA ASN B 208 42.12 -40.65 -48.87
C ASN B 208 42.91 -41.94 -48.80
N SER B 209 44.23 -41.85 -48.70
CA SER B 209 45.09 -43.02 -48.65
C SER B 209 46.31 -42.73 -47.77
N ASP B 210 46.97 -43.80 -47.35
CA ASP B 210 48.14 -43.67 -46.48
C ASP B 210 49.27 -42.93 -47.19
N MET B 211 50.06 -42.20 -46.41
CA MET B 211 51.21 -41.47 -46.92
C MET B 211 52.36 -41.60 -45.94
N THR B 212 53.52 -41.11 -46.38
CA THR B 212 54.69 -40.94 -45.52
C THR B 212 55.30 -39.58 -45.77
N ILE B 213 55.70 -38.90 -44.69
CA ILE B 213 56.34 -37.61 -44.84
C ILE B 213 57.85 -37.80 -44.71
N ASN B 214 58.27 -38.77 -43.92
CA ASN B 214 59.63 -39.29 -43.92
C ASN B 214 60.61 -38.23 -43.41
N THR B 215 60.11 -37.06 -43.04
CA THR B 215 61.00 -35.97 -42.68
C THR B 215 61.00 -35.69 -41.18
N CYS B 216 59.82 -35.42 -40.61
CA CYS B 216 59.74 -34.98 -39.22
C CYS B 216 59.03 -36.04 -38.38
N LEU B 217 58.85 -35.76 -37.10
CA LEU B 217 58.10 -36.63 -36.20
C LEU B 217 56.63 -36.21 -36.19
N ILE B 218 55.87 -36.71 -35.22
CA ILE B 218 54.46 -36.38 -35.10
C ILE B 218 54.22 -34.98 -34.51
N GLU B 219 55.27 -34.20 -34.27
CA GLU B 219 55.11 -32.92 -33.58
C GLU B 219 54.37 -31.88 -34.43
N GLN B 220 54.46 -31.99 -35.75
CA GLN B 220 53.84 -31.01 -36.62
C GLN B 220 52.67 -31.53 -37.44
N CYS B 221 52.73 -32.76 -37.93
CA CYS B 221 51.61 -33.31 -38.69
C CYS B 221 50.41 -33.50 -37.78
N HIS B 222 49.23 -33.11 -38.24
CA HIS B 222 47.98 -33.40 -37.55
C HIS B 222 46.90 -33.74 -38.57
N VAL B 223 45.93 -34.53 -38.12
CA VAL B 223 44.87 -35.05 -38.97
C VAL B 223 43.55 -34.40 -38.60
N SER B 224 42.79 -33.99 -39.62
CA SER B 224 41.44 -33.42 -39.43
C SER B 224 40.51 -34.15 -40.39
N VAL B 225 39.64 -35.01 -39.83
CA VAL B 225 38.68 -35.73 -40.65
C VAL B 225 37.67 -34.73 -41.22
N THR B 226 37.44 -34.80 -42.52
CA THR B 226 36.64 -33.79 -43.21
C THR B 226 35.34 -34.37 -43.77
N ASP B 227 34.63 -35.18 -42.98
CA ASP B 227 33.36 -35.73 -43.42
C ASP B 227 32.38 -34.61 -43.78
N HIS B 228 31.86 -34.67 -45.01
CA HIS B 228 30.98 -33.60 -45.49
C HIS B 228 29.69 -34.12 -46.11
N LYS B 229 29.02 -35.13 -45.55
CA LYS B 229 27.85 -35.72 -46.18
C LYS B 229 26.61 -35.67 -45.31
N LYS B 230 26.73 -35.28 -44.04
CA LYS B 230 25.57 -35.29 -43.15
C LYS B 230 25.51 -34.05 -42.27
N TRP B 231 24.36 -33.38 -42.27
CA TRP B 231 24.13 -32.28 -41.34
C TRP B 231 24.17 -32.79 -39.91
N GLN B 232 24.65 -31.96 -38.98
CA GLN B 232 24.82 -32.40 -37.60
C GLN B 232 23.92 -31.64 -36.63
N PHE B 233 24.17 -30.34 -36.41
CA PHE B 233 23.36 -29.46 -35.57
C PHE B 233 24.07 -28.12 -35.50
N ASN B 234 23.35 -27.09 -35.06
CA ASN B 234 23.94 -25.79 -34.76
C ASN B 234 24.00 -25.62 -33.24
N SER B 235 25.09 -26.09 -32.65
CA SER B 235 25.24 -26.01 -31.20
C SER B 235 26.36 -25.05 -30.84
N PRO B 236 26.21 -24.31 -29.73
CA PRO B 236 27.28 -23.39 -29.32
C PRO B 236 28.55 -24.09 -28.88
N PHE B 237 28.51 -25.39 -28.62
CA PHE B 237 29.68 -26.12 -28.14
C PHE B 237 30.50 -26.73 -29.26
N VAL B 238 30.14 -26.52 -30.52
CA VAL B 238 30.90 -27.04 -31.66
C VAL B 238 31.15 -25.91 -32.65
N PRO B 239 32.38 -25.77 -33.16
CA PRO B 239 32.70 -24.63 -34.02
C PRO B 239 31.99 -24.66 -35.36
N ARG B 240 32.16 -23.60 -36.14
CA ARG B 240 31.57 -23.48 -37.47
C ARG B 240 32.62 -23.73 -38.54
N ALA B 241 32.16 -23.77 -39.79
CA ALA B 241 33.03 -24.07 -40.93
C ALA B 241 33.44 -22.84 -41.71
N ASP B 242 32.50 -21.95 -42.04
CA ASP B 242 32.78 -20.77 -42.84
C ASP B 242 32.07 -19.55 -42.24
N GLU B 243 32.56 -18.37 -42.61
CA GLU B 243 32.10 -17.10 -42.07
C GLU B 243 30.62 -16.85 -42.34
N PRO B 244 30.13 -16.97 -43.60
CA PRO B 244 28.71 -16.69 -43.84
C PRO B 244 27.79 -17.78 -43.30
N ALA B 245 28.37 -18.91 -42.89
CA ALA B 245 27.66 -20.10 -42.45
C ALA B 245 26.82 -20.70 -43.57
N ARG B 246 26.17 -21.83 -43.32
CA ARG B 246 25.39 -22.49 -44.35
C ARG B 246 23.92 -22.56 -43.98
N LYS B 247 23.64 -23.15 -42.80
CA LYS B 247 22.31 -23.19 -42.19
C LYS B 247 21.40 -24.20 -42.88
N GLY B 248 20.34 -24.60 -42.19
CA GLY B 248 19.36 -25.52 -42.74
C GLY B 248 18.11 -25.51 -41.89
N LYS B 249 17.12 -26.29 -42.32
CA LYS B 249 15.82 -26.22 -41.67
C LYS B 249 15.33 -27.65 -41.42
N VAL B 250 14.91 -27.91 -40.18
CA VAL B 250 14.35 -29.19 -39.79
C VAL B 250 13.22 -28.97 -38.79
N HIS B 251 12.09 -29.65 -38.99
CA HIS B 251 10.96 -29.55 -38.07
C HIS B 251 11.19 -30.33 -36.79
N ILE B 252 10.57 -29.93 -35.69
CA ILE B 252 10.66 -30.67 -34.43
C ILE B 252 9.37 -31.47 -34.26
N PRO B 253 9.39 -32.57 -33.55
CA PRO B 253 8.15 -33.30 -33.24
C PRO B 253 7.44 -32.67 -32.05
N PHE B 254 6.29 -33.25 -31.71
CA PHE B 254 5.51 -32.91 -30.52
C PHE B 254 5.11 -31.43 -30.46
N PRO B 255 4.15 -31.01 -31.26
CA PRO B 255 3.65 -29.63 -31.14
C PRO B 255 2.77 -29.47 -29.92
N LEU B 256 2.41 -28.21 -29.65
CA LEU B 256 1.57 -27.89 -28.50
C LEU B 256 0.10 -27.81 -28.94
N ASP B 257 -0.79 -28.25 -28.05
CA ASP B 257 -2.20 -28.37 -28.41
C ASP B 257 -3.06 -28.26 -27.16
N ASN B 258 -4.35 -28.00 -27.37
CA ASN B 258 -5.31 -27.79 -26.29
C ASN B 258 -5.87 -29.14 -25.82
N ILE B 259 -5.85 -29.37 -24.51
CA ILE B 259 -6.59 -30.48 -23.91
C ILE B 259 -7.29 -29.95 -22.65
N THR B 260 -7.94 -30.83 -21.90
CA THR B 260 -8.64 -30.45 -20.69
C THR B 260 -8.16 -31.30 -19.52
N CYS B 261 -8.09 -30.68 -18.33
CA CYS B 261 -7.73 -31.36 -17.10
C CYS B 261 -8.96 -31.54 -16.22
N ARG B 262 -8.77 -32.32 -15.15
CA ARG B 262 -9.78 -32.51 -14.13
C ARG B 262 -9.24 -31.97 -12.82
N VAL B 263 -10.03 -31.12 -12.15
CA VAL B 263 -9.60 -30.49 -10.91
C VAL B 263 -10.61 -30.77 -9.81
N PRO B 264 -10.16 -30.98 -8.58
CA PRO B 264 -11.10 -31.25 -7.48
C PRO B 264 -11.81 -29.99 -7.03
N MET B 265 -12.91 -30.19 -6.32
CA MET B 265 -13.69 -29.09 -5.74
C MET B 265 -13.67 -29.21 -4.23
N ALA B 266 -13.26 -28.13 -3.56
CA ALA B 266 -13.12 -28.16 -2.11
C ALA B 266 -14.49 -28.17 -1.44
N ARG B 267 -14.49 -28.58 -0.16
CA ARG B 267 -15.72 -28.69 0.59
C ARG B 267 -16.33 -27.33 0.84
N GLU B 268 -17.64 -27.32 1.08
CA GLU B 268 -18.33 -26.09 1.41
C GLU B 268 -18.00 -25.67 2.83
N PRO B 269 -17.59 -24.43 3.07
CA PRO B 269 -17.30 -23.99 4.43
C PRO B 269 -18.55 -23.87 5.28
N THR B 270 -18.36 -23.97 6.59
CA THR B 270 -19.45 -23.84 7.55
C THR B 270 -19.66 -22.38 7.89
N VAL B 271 -20.90 -21.91 7.78
CA VAL B 271 -21.26 -20.52 8.03
C VAL B 271 -21.94 -20.43 9.38
N ILE B 272 -21.69 -19.32 10.08
CA ILE B 272 -22.36 -19.00 11.33
C ILE B 272 -22.85 -17.55 11.23
N HIS B 273 -24.16 -17.37 11.29
CA HIS B 273 -24.73 -16.04 11.10
C HIS B 273 -24.52 -15.17 12.33
N GLY B 274 -24.52 -13.85 12.10
CA GLY B 274 -24.38 -12.88 13.16
C GLY B 274 -25.09 -11.58 12.83
N LYS B 275 -24.80 -10.52 13.58
CA LYS B 275 -25.39 -9.21 13.31
C LYS B 275 -24.53 -8.50 12.28
N ARG B 276 -24.92 -8.58 11.01
CA ARG B 276 -24.18 -8.00 9.89
C ARG B 276 -22.74 -8.52 9.87
N GLU B 277 -22.59 -9.82 10.15
CA GLU B 277 -21.29 -10.45 10.22
C GLU B 277 -21.45 -11.95 10.06
N VAL B 278 -20.48 -12.57 9.41
CA VAL B 278 -20.47 -14.00 9.17
C VAL B 278 -19.15 -14.58 9.68
N THR B 279 -19.23 -15.57 10.55
CA THR B 279 -18.07 -16.33 10.99
C THR B 279 -17.98 -17.59 10.14
N LEU B 280 -16.82 -17.84 9.56
CA LEU B 280 -16.67 -18.83 8.51
C LEU B 280 -15.58 -19.82 8.88
N HIS B 281 -15.91 -21.11 8.88
CA HIS B 281 -14.97 -22.17 9.18
C HIS B 281 -14.46 -22.77 7.88
N LEU B 282 -13.14 -22.90 7.76
CA LEU B 282 -12.51 -23.39 6.54
C LEU B 282 -11.75 -24.68 6.85
N HIS B 283 -11.99 -25.71 6.03
CA HIS B 283 -11.34 -27.01 6.19
C HIS B 283 -10.70 -27.43 4.86
N PRO B 284 -9.47 -27.04 4.60
CA PRO B 284 -8.81 -27.44 3.35
C PRO B 284 -7.98 -28.71 3.51
N ASP B 285 -7.84 -29.42 2.38
CA ASP B 285 -6.95 -30.57 2.31
C ASP B 285 -5.61 -30.22 1.68
N HIS B 286 -5.54 -29.10 0.97
CA HIS B 286 -4.36 -28.69 0.24
C HIS B 286 -4.51 -27.22 -0.09
N PRO B 287 -3.40 -26.50 -0.33
CA PRO B 287 -3.48 -25.04 -0.50
C PRO B 287 -4.53 -24.58 -1.50
N THR B 288 -5.53 -23.85 -1.01
CA THR B 288 -6.60 -23.30 -1.83
C THR B 288 -6.62 -21.79 -1.68
N LEU B 289 -7.17 -21.11 -2.70
CA LEU B 289 -7.26 -19.66 -2.70
C LEU B 289 -8.63 -19.24 -2.21
N PHE B 290 -8.67 -18.36 -1.21
CA PHE B 290 -9.90 -17.85 -0.65
C PHE B 290 -9.91 -16.33 -0.77
N SER B 291 -10.97 -15.78 -1.35
CA SER B 291 -11.08 -14.34 -1.57
C SER B 291 -12.54 -13.92 -1.46
N TYR B 292 -12.74 -12.68 -1.01
CA TYR B 292 -14.08 -12.12 -0.87
C TYR B 292 -14.02 -10.63 -1.13
N ARG B 293 -15.18 -10.05 -1.41
CA ARG B 293 -15.30 -8.62 -1.62
C ARG B 293 -16.72 -8.19 -1.33
N THR B 294 -16.87 -6.95 -0.87
CA THR B 294 -18.18 -6.39 -0.56
C THR B 294 -18.68 -5.61 -1.77
N LEU B 295 -19.87 -5.96 -2.25
CA LEU B 295 -20.39 -5.44 -3.52
C LEU B 295 -21.16 -4.14 -3.34
N GLY B 296 -20.56 -3.18 -2.62
CA GLY B 296 -21.11 -1.87 -2.47
C GLY B 296 -20.43 -0.84 -3.37
N GLU B 297 -20.53 0.42 -2.96
CA GLU B 297 -19.89 1.49 -3.73
C GLU B 297 -18.37 1.44 -3.57
N ASP B 298 -17.89 1.22 -2.35
CA ASP B 298 -16.46 1.10 -2.07
C ASP B 298 -16.20 -0.28 -1.50
N PRO B 299 -15.70 -1.22 -2.30
CA PRO B 299 -15.52 -2.59 -1.82
C PRO B 299 -14.36 -2.70 -0.84
N GLN B 300 -14.29 -3.86 -0.20
CA GLN B 300 -13.28 -4.16 0.82
C GLN B 300 -12.63 -5.50 0.44
N TYR B 301 -11.43 -5.41 -0.14
CA TYR B 301 -10.82 -6.53 -0.84
C TYR B 301 -10.20 -7.52 0.13
N HIS B 302 -9.94 -8.74 -0.37
CA HIS B 302 -9.10 -9.71 0.35
C HIS B 302 -8.85 -10.93 -0.53
N GLU B 303 -7.67 -11.52 -0.41
CA GLU B 303 -7.38 -12.81 -1.02
C GLU B 303 -6.21 -13.43 -0.28
N GLU B 304 -6.18 -14.76 -0.21
CA GLU B 304 -5.24 -15.44 0.65
C GLU B 304 -5.06 -16.87 0.17
N TRP B 305 -3.95 -17.48 0.59
CA TRP B 305 -3.63 -18.87 0.28
C TRP B 305 -3.79 -19.68 1.56
N VAL B 306 -5.00 -20.18 1.81
CA VAL B 306 -5.27 -20.96 3.01
C VAL B 306 -4.56 -22.30 2.92
N THR B 307 -3.87 -22.69 3.98
CA THR B 307 -3.11 -23.94 4.03
C THR B 307 -3.65 -24.93 5.03
N ALA B 308 -3.96 -24.49 6.26
CA ALA B 308 -4.50 -25.35 7.29
C ALA B 308 -5.87 -24.84 7.73
N ALA B 309 -6.49 -25.58 8.64
CA ALA B 309 -7.80 -25.19 9.15
C ALA B 309 -7.71 -23.84 9.86
N VAL B 310 -8.61 -22.93 9.51
CA VAL B 310 -8.61 -21.57 10.02
C VAL B 310 -10.04 -21.18 10.39
N GLU B 311 -10.19 -19.93 10.79
CA GLU B 311 -11.48 -19.36 11.19
C GLU B 311 -11.48 -17.88 10.84
N ARG B 312 -12.34 -17.47 9.93
CA ARG B 312 -12.35 -16.11 9.45
C ARG B 312 -13.73 -15.48 9.63
N THR B 313 -13.73 -14.20 9.97
CA THR B 313 -14.94 -13.40 10.09
C THR B 313 -15.00 -12.42 8.94
N ILE B 314 -16.15 -12.37 8.27
CA ILE B 314 -16.33 -11.56 7.07
C ILE B 314 -17.53 -10.63 7.25
N PRO B 315 -17.38 -9.34 6.95
CA PRO B 315 -18.50 -8.41 7.14
C PRO B 315 -19.51 -8.50 6.02
N VAL B 316 -20.79 -8.42 6.38
CA VAL B 316 -21.88 -8.51 5.42
C VAL B 316 -22.81 -7.31 5.62
N PRO B 317 -22.54 -6.16 4.99
CA PRO B 317 -23.46 -5.03 5.12
C PRO B 317 -24.78 -5.28 4.40
N VAL B 318 -25.67 -4.29 4.43
CA VAL B 318 -26.97 -4.45 3.77
C VAL B 318 -26.81 -4.58 2.26
N ASP B 319 -25.73 -4.04 1.70
CA ASP B 319 -25.49 -4.17 0.26
C ASP B 319 -25.25 -5.62 -0.15
N GLY B 320 -24.57 -6.39 0.69
CA GLY B 320 -24.27 -7.78 0.41
C GLY B 320 -22.84 -7.96 -0.06
N MET B 321 -22.43 -9.23 -0.11
CA MET B 321 -21.06 -9.54 -0.52
C MET B 321 -20.99 -10.98 -1.02
N GLU B 322 -19.84 -11.31 -1.61
CA GLU B 322 -19.60 -12.63 -2.15
C GLU B 322 -18.23 -13.13 -1.73
N TYR B 323 -18.06 -14.45 -1.69
CA TYR B 323 -16.78 -15.06 -1.43
C TYR B 323 -16.53 -16.19 -2.43
N HIS B 324 -15.26 -16.48 -2.68
CA HIS B 324 -14.85 -17.45 -3.69
C HIS B 324 -13.90 -18.44 -3.05
N TRP B 325 -14.38 -19.64 -2.78
CA TRP B 325 -13.63 -20.64 -2.02
C TRP B 325 -13.27 -21.80 -2.93
N GLY B 326 -11.98 -21.94 -3.22
CA GLY B 326 -11.55 -23.04 -4.06
C GLY B 326 -12.01 -22.87 -5.50
N ASN B 327 -12.44 -23.97 -6.11
CA ASN B 327 -12.97 -23.96 -7.46
C ASN B 327 -14.48 -23.79 -7.51
N ASN B 328 -15.14 -23.69 -6.37
CA ASN B 328 -16.58 -23.53 -6.36
C ASN B 328 -16.97 -22.17 -6.93
N ASP B 329 -18.23 -22.06 -7.33
CA ASP B 329 -18.75 -20.81 -7.83
C ASP B 329 -18.90 -19.81 -6.67
N PRO B 330 -18.78 -18.51 -6.94
CA PRO B 330 -18.97 -17.52 -5.88
C PRO B 330 -20.39 -17.58 -5.32
N VAL B 331 -20.49 -17.36 -4.01
CA VAL B 331 -21.76 -17.40 -3.29
C VAL B 331 -21.98 -16.03 -2.66
N ARG B 332 -23.20 -15.51 -2.82
CA ARG B 332 -23.52 -14.16 -2.36
C ARG B 332 -24.46 -14.24 -1.16
N LEU B 333 -24.22 -13.35 -0.19
CA LEU B 333 -25.03 -13.28 1.03
C LEU B 333 -25.42 -11.83 1.27
N TRP B 334 -26.67 -11.62 1.66
CA TRP B 334 -27.21 -10.30 1.91
C TRP B 334 -27.69 -10.20 3.35
N SER B 335 -27.40 -9.07 3.99
CA SER B 335 -27.86 -8.83 5.34
C SER B 335 -29.35 -8.50 5.33
N GLN B 336 -29.92 -8.29 6.51
CA GLN B 336 -31.33 -8.04 6.65
C GLN B 336 -31.57 -7.07 7.81
N LEU B 337 -32.64 -6.29 7.71
CA LEU B 337 -32.92 -5.24 8.68
C LEU B 337 -33.46 -5.86 9.96
N THR B 338 -32.54 -6.25 10.84
CA THR B 338 -32.87 -6.82 12.14
C THR B 338 -32.18 -6.04 13.24
N THR B 339 -32.78 -6.04 14.42
CA THR B 339 -32.25 -5.28 15.55
C THR B 339 -32.74 -5.92 16.84
N GLU B 340 -32.56 -5.20 17.95
CA GLU B 340 -32.94 -5.69 19.27
C GLU B 340 -33.94 -4.82 19.99
N GLY B 341 -34.29 -3.66 19.46
CA GLY B 341 -35.29 -2.81 20.07
C GLY B 341 -36.69 -3.31 19.82
N LYS B 342 -37.66 -2.53 20.30
CA LYS B 342 -39.08 -2.85 20.13
C LYS B 342 -39.82 -1.62 19.62
N PRO B 343 -40.33 -1.65 18.39
CA PRO B 343 -41.10 -0.51 17.89
C PRO B 343 -42.53 -0.55 18.38
N HIS B 344 -43.25 0.57 18.14
CA HIS B 344 -44.65 0.72 18.53
C HIS B 344 -44.85 0.50 20.03
N GLY B 345 -43.92 1.00 20.84
CA GLY B 345 -44.03 0.88 22.28
C GLY B 345 -43.81 2.20 22.99
N TRP B 346 -43.22 2.15 24.18
CA TRP B 346 -42.93 3.36 24.92
C TRP B 346 -41.84 4.16 24.21
N PRO B 347 -41.79 5.48 24.45
CA PRO B 347 -40.79 6.31 23.76
C PRO B 347 -39.35 5.87 23.98
N HIS B 348 -39.07 5.20 25.10
CA HIS B 348 -37.72 4.74 25.38
C HIS B 348 -37.39 3.42 24.68
N GLN B 349 -38.34 2.83 23.97
CA GLN B 349 -38.09 1.63 23.18
C GLN B 349 -37.97 1.92 21.70
N ILE B 350 -38.71 2.90 21.19
CA ILE B 350 -38.55 3.32 19.80
C ILE B 350 -37.14 3.85 19.58
N VAL B 351 -36.58 4.54 20.57
CA VAL B 351 -35.21 5.05 20.45
C VAL B 351 -34.23 3.89 20.33
N GLN B 352 -34.42 2.84 21.13
CA GLN B 352 -33.56 1.67 21.00
C GLN B 352 -33.71 1.01 19.65
N TYR B 353 -34.96 0.89 19.17
CA TYR B 353 -35.19 0.24 17.88
C TYR B 353 -34.51 1.01 16.74
N TYR B 354 -34.61 2.34 16.76
CA TYR B 354 -33.97 3.16 15.74
C TYR B 354 -32.52 3.47 16.04
N TYR B 355 -32.00 2.99 17.17
CA TYR B 355 -30.57 3.00 17.43
C TYR B 355 -29.89 1.72 16.98
N GLY B 356 -30.63 0.61 16.96
CA GLY B 356 -30.10 -0.60 16.34
C GLY B 356 -29.80 -0.40 14.87
N LEU B 357 -30.63 0.37 14.18
CA LEU B 357 -30.42 0.74 12.79
C LEU B 357 -29.86 2.16 12.75
N TYR B 358 -28.73 2.33 12.05
CA TYR B 358 -28.15 3.64 11.85
C TYR B 358 -27.79 4.27 13.20
N PRO B 359 -26.78 3.76 13.90
CA PRO B 359 -26.50 4.28 15.23
C PRO B 359 -25.61 5.50 15.25
N ALA B 360 -25.85 6.42 14.32
CA ALA B 360 -25.15 7.71 14.32
C ALA B 360 -26.07 8.90 14.11
N ALA B 361 -27.26 8.74 13.53
CA ALA B 361 -28.19 9.84 13.33
C ALA B 361 -29.28 9.90 14.38
N THR B 362 -29.62 8.76 15.00
CA THR B 362 -30.66 8.76 16.03
C THR B 362 -30.25 9.61 17.23
N VAL B 363 -29.00 9.47 17.67
CA VAL B 363 -28.52 10.24 18.81
C VAL B 363 -28.54 11.73 18.48
N SER B 364 -28.08 12.09 17.28
CA SER B 364 -28.06 13.49 16.88
C SER B 364 -29.47 14.07 16.82
N ALA B 365 -30.42 13.31 16.25
CA ALA B 365 -31.79 13.79 16.16
C ALA B 365 -32.40 13.96 17.55
N VAL B 366 -32.15 13.01 18.46
CA VAL B 366 -32.69 13.11 19.80
C VAL B 366 -32.12 14.33 20.53
N VAL B 367 -30.80 14.55 20.41
CA VAL B 367 -30.18 15.70 21.05
C VAL B 367 -30.74 16.99 20.49
N GLY B 368 -30.89 17.07 19.17
CA GLY B 368 -31.44 18.28 18.57
C GLY B 368 -32.86 18.57 19.03
N MET B 369 -33.71 17.55 19.06
CA MET B 369 -35.09 17.74 19.50
C MET B 369 -35.15 18.17 20.96
N SER B 370 -34.36 17.52 21.82
CA SER B 370 -34.35 17.89 23.23
C SER B 370 -33.86 19.31 23.43
N LEU B 371 -32.81 19.71 22.71
CA LEU B 371 -32.29 21.06 22.82
C LEU B 371 -33.33 22.09 22.36
N LEU B 372 -34.03 21.80 21.27
CA LEU B 372 -35.06 22.73 20.79
C LEU B 372 -36.18 22.86 21.81
N ALA B 373 -36.60 21.73 22.41
CA ALA B 373 -37.64 21.79 23.42
C ALA B 373 -37.21 22.61 24.62
N LEU B 374 -35.96 22.42 25.07
CA LEU B 374 -35.45 23.20 26.19
C LEU B 374 -35.42 24.68 25.86
N ILE B 375 -34.98 25.03 24.65
CA ILE B 375 -34.93 26.44 24.26
C ILE B 375 -36.33 27.04 24.28
N SER B 376 -37.31 26.32 23.72
CA SER B 376 -38.67 26.85 23.67
C SER B 376 -39.25 27.04 25.08
N ILE B 377 -39.05 26.05 25.96
CA ILE B 377 -39.64 26.15 27.29
C ILE B 377 -38.96 27.25 28.11
N PHE B 378 -37.63 27.40 27.95
CA PHE B 378 -36.94 28.48 28.65
C PHE B 378 -37.40 29.84 28.15
N ALA B 379 -37.56 29.99 26.84
CA ALA B 379 -38.05 31.26 26.30
C ALA B 379 -39.44 31.58 26.84
N SER B 380 -40.32 30.58 26.89
CA SER B 380 -41.67 30.83 27.40
C SER B 380 -41.66 31.21 28.87
N CYS B 381 -40.87 30.51 29.69
CA CYS B 381 -40.82 30.85 31.12
C CYS B 381 -40.27 32.25 31.32
N TYR B 382 -39.21 32.60 30.58
CA TYR B 382 -38.67 33.95 30.67
C TYR B 382 -39.69 35.00 30.26
N MET B 383 -40.48 34.71 29.22
CA MET B 383 -41.47 35.68 28.78
C MET B 383 -42.58 35.87 29.82
N LEU B 384 -43.02 34.77 30.48
CA LEU B 384 -43.95 34.93 31.59
C LEU B 384 -43.36 35.80 32.70
N VAL B 385 -42.09 35.56 33.05
CA VAL B 385 -41.47 36.33 34.12
C VAL B 385 -41.40 37.80 33.74
N ALA B 386 -41.01 38.09 32.50
CA ALA B 386 -40.91 39.47 32.04
C ALA B 386 -42.28 40.14 32.00
N ALA B 387 -43.31 39.41 31.58
CA ALA B 387 -44.66 39.98 31.55
C ALA B 387 -45.13 40.32 32.95
N ARG B 388 -44.90 39.43 33.92
CA ARG B 388 -45.30 39.71 35.29
C ARG B 388 -44.55 40.92 35.84
N SER B 389 -43.24 40.99 35.58
CA SER B 389 -42.45 42.12 36.06
C SER B 389 -42.93 43.43 35.46
N LYS B 390 -43.26 43.43 34.16
CA LYS B 390 -43.76 44.64 33.52
C LYS B 390 -45.11 45.04 34.08
N CYS B 391 -45.98 44.06 34.34
CA CYS B 391 -47.32 44.39 34.84
C CYS B 391 -47.29 44.90 36.27
N LEU B 392 -46.40 44.38 37.11
CA LEU B 392 -46.46 44.67 38.54
C LEU B 392 -45.62 45.87 38.95
N THR B 393 -44.64 46.26 38.14
CA THR B 393 -43.73 47.34 38.55
C THR B 393 -44.38 48.71 38.71
N PRO B 394 -45.49 49.08 38.03
CA PRO B 394 -46.10 50.37 38.35
C PRO B 394 -46.52 50.52 39.80
N TYR B 395 -46.97 49.45 40.45
CA TYR B 395 -47.42 49.55 41.84
C TYR B 395 -46.28 49.84 42.80
N ALA B 396 -45.03 49.61 42.40
CA ALA B 396 -43.89 49.85 43.27
C ALA B 396 -43.42 51.30 43.25
N LEU B 397 -43.85 52.10 42.28
CA LEU B 397 -43.42 53.48 42.15
C LEU B 397 -44.36 54.44 42.88
N THR B 398 -45.38 53.94 43.56
CA THR B 398 -46.30 54.76 44.33
C THR B 398 -46.46 54.20 45.73
N PRO B 399 -46.77 55.04 46.71
CA PRO B 399 -47.11 54.54 48.04
C PRO B 399 -48.52 53.95 48.08
N GLY B 400 -48.77 52.95 47.24
CA GLY B 400 -50.08 52.35 47.12
C GLY B 400 -50.14 50.94 47.69
N ALA B 401 -51.26 50.27 47.42
CA ALA B 401 -51.53 48.94 47.92
C ALA B 401 -51.12 47.89 46.90
N ALA B 402 -51.45 46.63 47.22
CA ALA B 402 -51.09 45.50 46.37
C ALA B 402 -52.28 44.94 45.58
N VAL B 403 -53.51 45.32 45.93
CA VAL B 403 -54.72 44.82 45.26
C VAL B 403 -54.74 43.30 45.36
N PRO B 404 -55.09 42.74 46.53
CA PRO B 404 -55.00 41.29 46.73
C PRO B 404 -55.60 40.44 45.63
N TRP B 405 -56.54 40.99 44.85
CA TRP B 405 -57.04 40.26 43.67
C TRP B 405 -55.90 39.95 42.72
N THR B 406 -55.02 40.92 42.47
CA THR B 406 -53.83 40.67 41.65
C THR B 406 -52.79 39.86 42.39
N LEU B 407 -52.73 39.99 43.72
CA LEU B 407 -51.78 39.20 44.50
C LEU B 407 -52.06 37.72 44.38
N GLY B 408 -53.34 37.33 44.41
CA GLY B 408 -53.67 35.91 44.28
C GLY B 408 -53.26 35.34 42.94
N ILE B 409 -53.55 36.06 41.86
CA ILE B 409 -53.22 35.56 40.52
C ILE B 409 -51.72 35.68 40.26
N LEU B 410 -51.15 36.84 40.53
CA LEU B 410 -49.73 37.10 40.32
C LEU B 410 -49.01 37.04 41.66
N CYS B 411 -48.22 35.99 41.87
CA CYS B 411 -47.44 35.88 43.09
C CYS B 411 -46.26 36.85 43.04
N CYS B 412 -46.05 37.58 44.13
CA CYS B 412 -44.98 38.56 44.23
C CYS B 412 -44.14 38.29 45.46
N ALA B 413 -43.00 38.98 45.53
CA ALA B 413 -42.10 38.82 46.68
C ALA B 413 -42.76 39.20 48.00
N PRO B 414 -43.48 40.34 48.12
CA PRO B 414 -44.20 40.59 49.38
C PRO B 414 -45.42 39.68 49.54
N ARG B 415 -45.29 38.66 50.39
CA ARG B 415 -46.41 37.75 50.60
C ARG B 415 -47.55 38.43 51.35
N ALA B 416 -47.23 39.10 52.46
CA ALA B 416 -48.22 39.84 53.23
C ALA B 416 -47.77 41.23 53.66
N HIS B 417 -46.47 41.51 53.67
CA HIS B 417 -45.95 42.82 54.09
C HIS B 417 -45.91 43.74 52.87
N ALA B 418 -46.87 44.66 52.80
CA ALA B 418 -46.99 45.61 51.70
C ALA B 418 -47.12 44.92 50.34
N MET C 1 10.05 -22.24 -57.57
CA MET C 1 10.59 -20.89 -57.57
C MET C 1 12.03 -20.88 -57.08
N CYS C 2 12.57 -22.07 -56.82
CA CYS C 2 13.91 -22.21 -56.29
C CYS C 2 14.94 -22.02 -57.40
N VAL C 3 16.20 -21.85 -56.99
CA VAL C 3 17.30 -21.56 -57.90
C VAL C 3 18.43 -22.55 -57.65
N LEU C 4 19.11 -22.95 -58.72
CA LEU C 4 20.31 -23.78 -58.65
C LEU C 4 21.33 -23.13 -59.59
N ALA C 5 22.23 -22.32 -59.03
CA ALA C 5 23.22 -21.59 -59.80
C ALA C 5 22.54 -20.72 -60.86
N ASN C 6 22.19 -21.31 -62.00
CA ASN C 6 21.49 -20.61 -63.08
C ASN C 6 20.40 -21.49 -63.66
N ALA C 7 19.64 -22.17 -62.79
CA ALA C 7 18.59 -23.08 -63.23
C ALA C 7 17.20 -22.45 -63.18
N THR C 8 16.81 -21.92 -62.02
CA THR C 8 15.50 -21.30 -61.82
C THR C 8 14.38 -22.28 -62.19
N PHE C 9 14.29 -23.35 -61.41
CA PHE C 9 13.30 -24.39 -61.59
C PHE C 9 12.25 -24.33 -60.47
N PRO C 10 11.04 -24.80 -60.73
CA PRO C 10 10.03 -24.84 -59.67
C PRO C 10 10.49 -25.74 -58.52
N CYS C 11 10.20 -25.29 -57.29
CA CYS C 11 10.66 -26.02 -56.11
C CYS C 11 9.99 -27.37 -55.97
N PHE C 12 8.82 -27.55 -56.59
CA PHE C 12 8.11 -28.82 -56.47
C PHE C 12 8.82 -29.94 -57.22
N GLN C 13 9.46 -29.63 -58.35
CA GLN C 13 10.08 -30.63 -59.21
C GLN C 13 11.55 -30.29 -59.41
N PRO C 14 12.42 -30.75 -58.51
CA PRO C 14 13.84 -30.52 -58.69
C PRO C 14 14.38 -31.34 -59.85
N PRO C 15 15.47 -30.90 -60.47
CA PRO C 15 16.03 -31.65 -61.62
C PRO C 15 16.76 -32.93 -61.24
N CYS C 16 16.95 -33.20 -59.95
CA CYS C 16 17.68 -34.37 -59.50
C CYS C 16 16.79 -35.58 -59.25
N VAL C 17 15.50 -35.48 -59.55
CA VAL C 17 14.57 -36.59 -59.32
C VAL C 17 14.97 -37.78 -60.17
N PRO C 18 15.04 -39.01 -59.63
CA PRO C 18 14.79 -39.34 -58.23
C PRO C 18 16.06 -39.59 -57.42
N CYS C 19 15.90 -39.80 -56.11
CA CYS C 19 17.01 -40.09 -55.20
C CYS C 19 18.12 -39.04 -55.31
N CYS C 20 17.76 -37.80 -54.97
CA CYS C 20 18.73 -36.72 -55.01
C CYS C 20 19.86 -36.96 -54.00
N TYR C 21 19.50 -37.42 -52.80
CA TYR C 21 20.52 -37.63 -51.76
C TYR C 21 21.38 -38.84 -52.07
N GLU C 22 20.77 -39.95 -52.50
CA GLU C 22 21.52 -41.18 -52.73
C GLU C 22 22.52 -41.03 -53.85
N ASN C 23 22.13 -40.36 -54.94
CA ASN C 23 23.04 -40.19 -56.08
C ASN C 23 24.24 -39.34 -55.71
N ASN C 24 24.02 -38.23 -55.00
CA ASN C 24 25.10 -37.34 -54.60
C ASN C 24 24.65 -36.61 -53.33
N ALA C 25 25.18 -37.05 -52.19
CA ALA C 25 24.77 -36.46 -50.91
C ALA C 25 25.25 -35.02 -50.81
N GLU C 26 26.54 -34.79 -51.05
CA GLU C 26 27.09 -33.45 -50.85
C GLU C 26 26.42 -32.42 -51.75
N ALA C 27 26.17 -32.79 -53.02
CA ALA C 27 25.49 -31.87 -53.93
C ALA C 27 24.07 -31.56 -53.44
N THR C 28 23.37 -32.57 -52.91
CA THR C 28 22.02 -32.34 -52.42
C THR C 28 22.01 -31.42 -51.21
N LEU C 29 22.91 -31.64 -50.26
CA LEU C 29 22.97 -30.77 -49.09
C LEU C 29 23.36 -29.34 -49.47
N ARG C 30 24.37 -29.19 -50.35
CA ARG C 30 24.74 -27.84 -50.76
C ARG C 30 23.65 -27.17 -51.60
N MET C 31 22.79 -27.95 -52.25
CA MET C 31 21.64 -27.38 -52.94
C MET C 31 20.60 -26.88 -51.95
N LEU C 32 20.38 -27.63 -50.86
CA LEU C 32 19.44 -27.22 -49.83
C LEU C 32 19.88 -25.96 -49.13
N GLU C 33 21.19 -25.79 -48.91
CA GLU C 33 21.67 -24.69 -48.10
C GLU C 33 21.54 -23.35 -48.83
N ASP C 34 21.30 -23.39 -50.13
CA ASP C 34 21.14 -22.18 -50.92
C ASP C 34 19.68 -21.73 -51.04
N ASN C 35 18.74 -22.48 -50.49
CA ASN C 35 17.31 -22.17 -50.62
C ASN C 35 16.63 -21.99 -49.27
N VAL C 36 17.40 -21.72 -48.21
CA VAL C 36 16.81 -21.60 -46.88
C VAL C 36 15.89 -20.39 -46.81
N ASP C 37 16.24 -19.31 -47.50
CA ASP C 37 15.44 -18.09 -47.45
C ASP C 37 14.24 -18.11 -48.39
N ARG C 38 14.18 -19.07 -49.32
CA ARG C 38 13.07 -19.11 -50.26
C ARG C 38 11.80 -19.56 -49.56
N PRO C 39 10.64 -19.01 -49.91
CA PRO C 39 9.39 -19.44 -49.27
C PRO C 39 9.01 -20.87 -49.56
N GLY C 40 9.53 -21.47 -50.63
CA GLY C 40 9.17 -22.82 -50.99
C GLY C 40 10.24 -23.84 -50.65
N TYR C 41 11.00 -23.58 -49.57
CA TYR C 41 12.07 -24.48 -49.18
C TYR C 41 11.53 -25.86 -48.81
N TYR C 42 10.45 -25.90 -48.04
CA TYR C 42 10.00 -27.17 -47.48
C TYR C 42 9.45 -28.10 -48.55
N ASP C 43 8.86 -27.56 -49.61
CA ASP C 43 8.42 -28.41 -50.72
C ASP C 43 9.62 -29.07 -51.39
N LEU C 44 10.71 -28.32 -51.58
CA LEU C 44 11.91 -28.89 -52.16
C LEU C 44 12.50 -29.97 -51.28
N LEU C 45 12.50 -29.75 -49.96
CA LEU C 45 12.98 -30.76 -49.02
C LEU C 45 12.13 -32.01 -49.10
N GLN C 46 10.81 -31.84 -49.23
CA GLN C 46 9.92 -32.98 -49.35
C GLN C 46 10.22 -33.83 -50.57
N ALA C 47 10.80 -33.23 -51.62
CA ALA C 47 11.14 -33.98 -52.82
C ALA C 47 12.61 -34.36 -52.91
N ALA C 48 13.48 -33.71 -52.14
CA ALA C 48 14.91 -34.00 -52.24
C ALA C 48 15.29 -35.31 -51.57
N LEU C 49 14.61 -35.68 -50.48
CA LEU C 49 14.95 -36.87 -49.72
C LEU C 49 13.81 -37.89 -49.76
N THR C 50 13.12 -37.97 -50.90
CA THR C 50 11.97 -38.86 -51.05
C THR C 50 12.15 -39.67 -52.33
N CYS C 51 12.51 -40.94 -52.19
CA CYS C 51 12.56 -41.85 -53.33
C CYS C 51 12.51 -43.27 -52.81
N ARG C 52 11.76 -44.12 -53.50
CA ARG C 52 11.55 -45.50 -53.06
C ARG C 52 12.36 -46.48 -53.90
N LYS D 1 -42.13 82.58 55.20
CA LYS D 1 -42.94 81.50 55.74
C LYS D 1 -42.96 80.31 54.80
N ARG D 2 -43.65 80.45 53.67
CA ARG D 2 -43.72 79.38 52.68
C ARG D 2 -42.34 79.05 52.12
N GLU D 3 -41.57 80.08 51.77
CA GLU D 3 -40.25 79.86 51.19
C GLU D 3 -39.31 79.19 52.19
N ARG D 4 -39.31 79.67 53.44
CA ARG D 4 -38.43 79.09 54.45
C ARG D 4 -38.82 77.66 54.77
N MET D 5 -40.13 77.38 54.86
CA MET D 5 -40.59 76.02 55.10
C MET D 5 -40.19 75.10 53.95
N CYS D 6 -40.34 75.57 52.71
CA CYS D 6 -39.96 74.77 51.56
C CYS D 6 -38.45 74.50 51.56
N MET D 7 -37.65 75.51 51.91
CA MET D 7 -36.20 75.32 51.96
C MET D 7 -35.82 74.32 53.05
N LYS D 8 -36.45 74.42 54.22
CA LYS D 8 -36.15 73.48 55.30
C LYS D 8 -36.52 72.07 54.92
N ILE D 9 -37.70 71.88 54.32
CA ILE D 9 -38.11 70.55 53.89
C ILE D 9 -37.16 70.03 52.82
N GLU D 10 -36.69 70.92 51.94
CA GLU D 10 -35.75 70.49 50.90
C GLU D 10 -34.44 70.01 51.50
N ASN D 11 -33.98 70.66 52.58
CA ASN D 11 -32.76 70.20 53.23
C ASN D 11 -32.94 68.80 53.82
N ASP D 12 -34.16 68.47 54.24
CA ASP D 12 -34.44 67.18 54.87
C ASP D 12 -34.90 66.11 53.89
N CYS D 13 -35.12 66.46 52.61
CA CYS D 13 -35.76 65.50 51.70
C CYS D 13 -35.08 65.40 50.34
N ILE D 14 -33.91 66.02 50.15
CA ILE D 14 -33.17 65.91 48.90
C ILE D 14 -31.70 65.68 49.19
N PHE D 15 -31.11 64.69 48.51
CA PHE D 15 -29.69 64.38 48.60
C PHE D 15 -29.09 64.40 47.20
N GLU D 16 -27.95 65.07 47.06
CA GLU D 16 -27.37 65.28 45.74
C GLU D 16 -26.71 64.00 45.22
N VAL D 17 -26.48 63.97 43.90
CA VAL D 17 -25.83 62.87 43.23
C VAL D 17 -24.64 63.43 42.45
N LYS D 18 -23.47 62.83 42.63
CA LYS D 18 -22.24 63.30 42.01
C LYS D 18 -21.59 62.17 41.23
N HIS D 19 -21.10 62.51 40.03
CA HIS D 19 -20.40 61.56 39.18
C HIS D 19 -19.24 62.29 38.51
N GLU D 20 -18.07 61.64 38.48
CA GLU D 20 -16.77 62.30 38.30
C GLU D 20 -16.57 63.45 39.30
N GLY D 21 -17.26 63.38 40.44
CA GLY D 21 -17.11 64.40 41.46
C GLY D 21 -17.93 65.65 41.26
N LYS D 22 -18.65 65.78 40.15
CA LYS D 22 -19.51 66.93 39.90
C LYS D 22 -20.97 66.51 40.03
N VAL D 23 -21.77 67.37 40.66
CA VAL D 23 -23.17 67.06 40.91
C VAL D 23 -23.93 67.00 39.58
N THR D 24 -24.78 65.98 39.44
CA THR D 24 -25.55 65.80 38.23
C THR D 24 -27.05 65.68 38.45
N GLY D 25 -27.50 65.33 39.65
CA GLY D 25 -28.92 65.19 39.89
C GLY D 25 -29.21 65.14 41.38
N TYR D 26 -30.49 64.96 41.69
CA TYR D 26 -30.95 64.93 43.07
C TYR D 26 -31.94 63.79 43.26
N ALA D 27 -31.94 63.23 44.47
CA ALA D 27 -32.90 62.20 44.86
C ALA D 27 -33.72 62.68 46.03
N CYS D 28 -35.02 62.39 46.00
CA CYS D 28 -35.95 62.95 46.97
C CYS D 28 -36.64 61.84 47.76
N LEU D 29 -36.99 62.15 49.00
CA LEU D 29 -37.72 61.24 49.89
C LEU D 29 -39.18 61.67 49.91
N VAL D 30 -40.02 60.94 49.19
CA VAL D 30 -41.46 61.22 49.13
C VAL D 30 -42.20 60.02 49.68
N GLY D 31 -43.12 60.27 50.60
CA GLY D 31 -43.87 59.19 51.22
C GLY D 31 -42.97 58.23 51.97
N ASP D 32 -42.79 57.04 51.41
CA ASP D 32 -41.95 56.01 52.00
C ASP D 32 -41.01 55.42 50.95
N LYS D 33 -40.80 56.14 49.84
CA LYS D 33 -40.03 55.62 48.73
C LYS D 33 -38.99 56.64 48.27
N VAL D 34 -37.75 56.18 48.11
CA VAL D 34 -36.71 56.99 47.50
C VAL D 34 -37.03 57.14 46.02
N MET D 35 -36.94 58.37 45.51
CA MET D 35 -37.22 58.64 44.11
C MET D 35 -36.08 59.44 43.51
N LYS D 36 -35.63 59.04 42.33
CA LYS D 36 -34.61 59.75 41.58
C LYS D 36 -34.75 59.41 40.11
N PRO D 37 -34.52 60.38 39.23
CA PRO D 37 -34.68 60.13 37.79
C PRO D 37 -33.74 59.03 37.31
N ALA D 38 -34.22 58.23 36.35
CA ALA D 38 -33.42 57.15 35.82
C ALA D 38 -32.34 57.65 34.87
N HIS D 39 -32.60 58.73 34.13
CA HIS D 39 -31.64 59.19 33.12
C HIS D 39 -30.36 59.73 33.74
N VAL D 40 -30.46 60.38 34.91
CA VAL D 40 -29.26 60.89 35.56
C VAL D 40 -28.44 59.72 36.10
N LYS D 41 -27.14 59.73 35.82
CA LYS D 41 -26.25 58.65 36.19
C LYS D 41 -25.25 59.13 37.24
N GLY D 42 -24.97 58.25 38.19
CA GLY D 42 -24.04 58.54 39.26
C GLY D 42 -24.41 57.76 40.50
N VAL D 43 -23.91 58.23 41.65
CA VAL D 43 -24.17 57.60 42.93
C VAL D 43 -24.59 58.69 43.92
N ILE D 44 -25.49 58.31 44.83
CA ILE D 44 -26.04 59.25 45.78
C ILE D 44 -25.04 59.47 46.92
N ASP D 45 -25.13 60.63 47.57
CA ASP D 45 -24.16 61.03 48.60
C ASP D 45 -24.59 60.50 49.97
N ASN D 46 -24.85 59.20 50.02
CA ASN D 46 -25.16 58.51 51.27
C ASN D 46 -25.09 57.00 51.08
N ALA D 47 -24.35 56.31 51.95
CA ALA D 47 -24.16 54.87 51.78
C ALA D 47 -25.46 54.10 51.99
N ASP D 48 -26.28 54.54 52.95
CA ASP D 48 -27.53 53.84 53.24
C ASP D 48 -28.45 53.85 52.02
N LEU D 49 -28.58 55.00 51.36
CA LEU D 49 -29.38 55.06 50.13
C LEU D 49 -28.65 54.42 48.96
N ALA D 50 -27.31 54.41 48.98
CA ALA D 50 -26.57 53.81 47.88
C ALA D 50 -26.68 52.29 47.87
N LYS D 51 -26.80 51.66 49.03
CA LYS D 51 -26.85 50.21 49.11
C LYS D 51 -28.24 49.64 48.84
N LEU D 52 -29.25 50.49 48.73
CA LEU D 52 -30.60 50.01 48.49
C LEU D 52 -30.75 49.47 47.07
N ALA D 53 -31.66 48.52 46.91
CA ALA D 53 -31.94 47.90 45.61
C ALA D 53 -33.01 48.73 44.91
N PHE D 54 -32.66 49.32 43.77
CA PHE D 54 -33.56 50.19 43.03
C PHE D 54 -34.23 49.41 41.90
N LYS D 55 -35.53 49.61 41.74
CA LYS D 55 -36.25 49.04 40.63
C LYS D 55 -36.33 50.04 39.48
N LYS D 56 -35.74 49.68 38.34
CA LYS D 56 -35.61 50.57 37.20
C LYS D 56 -36.79 50.41 36.26
N SER D 57 -37.27 51.52 35.71
CA SER D 57 -38.35 51.52 34.74
C SER D 57 -38.05 52.57 33.68
N SER D 58 -37.71 52.12 32.48
CA SER D 58 -37.35 53.04 31.41
C SER D 58 -38.56 53.77 30.84
N LYS D 59 -39.74 53.16 30.90
CA LYS D 59 -40.94 53.78 30.35
C LYS D 59 -41.28 55.07 31.09
N TYR D 60 -41.21 55.03 32.42
CA TYR D 60 -41.53 56.20 33.24
C TYR D 60 -40.32 57.05 33.58
N ASP D 61 -39.11 56.62 33.18
CA ASP D 61 -37.88 57.35 33.45
C ASP D 61 -37.73 57.64 34.94
N LEU D 62 -37.82 56.58 35.73
CA LEU D 62 -37.80 56.70 37.19
C LEU D 62 -37.37 55.38 37.81
N GLU D 63 -36.66 55.47 38.93
CA GLU D 63 -36.31 54.30 39.73
C GLU D 63 -36.58 54.60 41.20
N CYS D 64 -37.13 53.62 41.90
CA CYS D 64 -37.54 53.80 43.28
C CYS D 64 -36.91 52.73 44.17
N ALA D 65 -37.01 52.94 45.48
CA ALA D 65 -36.57 51.97 46.46
C ALA D 65 -37.26 52.29 47.78
N GLN D 66 -37.41 51.27 48.61
CA GLN D 66 -38.06 51.42 49.91
C GLN D 66 -37.07 52.02 50.89
N ILE D 67 -37.45 53.12 51.51
CA ILE D 67 -36.58 53.85 52.44
C ILE D 67 -36.37 53.01 53.70
N PRO D 68 -35.24 53.15 54.38
CA PRO D 68 -35.01 52.35 55.59
C PRO D 68 -35.91 52.81 56.73
N VAL D 69 -35.81 52.07 57.84
CA VAL D 69 -36.71 52.31 58.97
C VAL D 69 -36.38 53.62 59.67
N HIS D 70 -35.10 53.92 59.85
CA HIS D 70 -34.70 55.04 60.69
C HIS D 70 -34.83 56.39 60.00
N MET D 71 -35.16 56.43 58.70
CA MET D 71 -35.34 57.67 57.97
C MET D 71 -36.78 57.91 57.55
N ARG D 72 -37.73 57.18 58.12
CA ARG D 72 -39.13 57.35 57.74
C ARG D 72 -39.75 58.62 58.30
N SER D 73 -39.09 59.27 59.26
CA SER D 73 -39.59 60.49 59.85
C SER D 73 -39.04 61.74 59.17
N ASP D 74 -38.16 61.58 58.17
CA ASP D 74 -37.56 62.70 57.46
C ASP D 74 -38.03 62.74 56.01
N ALA D 75 -39.25 62.31 55.75
CA ALA D 75 -39.80 62.22 54.40
C ALA D 75 -41.01 63.12 54.27
N SER D 76 -41.11 63.80 53.13
CA SER D 76 -42.21 64.71 52.88
C SER D 76 -43.52 63.95 52.70
N LYS D 77 -44.62 64.70 52.68
CA LYS D 77 -45.95 64.13 52.47
C LYS D 77 -46.43 64.48 51.07
N TYR D 78 -47.24 63.60 50.49
CA TYR D 78 -47.61 63.68 49.10
C TYR D 78 -49.10 64.00 48.94
N THR D 79 -49.53 64.12 47.69
CA THR D 79 -50.92 64.33 47.35
C THR D 79 -51.12 63.98 45.88
N HIS D 80 -52.37 63.99 45.44
CA HIS D 80 -52.71 63.73 44.05
C HIS D 80 -53.55 64.83 43.42
N GLU D 81 -54.05 65.78 44.21
CA GLU D 81 -54.88 66.86 43.69
C GLU D 81 -54.00 67.92 43.06
N LYS D 82 -54.39 68.37 41.86
CA LYS D 82 -53.63 69.36 41.10
C LYS D 82 -54.57 70.46 40.62
N PRO D 83 -55.07 71.30 41.52
CA PRO D 83 -55.94 72.40 41.09
C PRO D 83 -55.16 73.46 40.33
N GLU D 84 -55.89 74.21 39.51
CA GLU D 84 -55.29 75.32 38.78
C GLU D 84 -54.78 76.38 39.74
N GLY D 85 -53.59 76.92 39.44
CA GLY D 85 -53.01 77.94 40.29
C GLY D 85 -51.49 78.02 40.22
N HIS D 86 -50.87 78.40 41.34
CA HIS D 86 -49.43 78.57 41.43
C HIS D 86 -48.84 77.58 42.41
N TYR D 87 -47.60 77.18 42.15
CA TYR D 87 -46.92 76.19 42.97
C TYR D 87 -45.49 76.63 43.21
N ASN D 88 -44.91 76.15 44.31
CA ASN D 88 -43.58 76.59 44.72
C ASN D 88 -42.50 75.69 44.12
N TRP D 89 -41.31 76.27 43.96
CA TRP D 89 -40.15 75.55 43.44
C TRP D 89 -38.90 76.16 44.04
N HIS D 90 -37.80 75.39 44.00
CA HIS D 90 -36.55 75.87 44.58
C HIS D 90 -36.02 77.13 43.91
N HIS D 91 -36.34 77.33 42.63
CA HIS D 91 -35.87 78.50 41.89
C HIS D 91 -36.98 79.50 41.60
N GLY D 92 -38.03 79.50 42.42
CA GLY D 92 -39.10 80.46 42.24
C GLY D 92 -40.49 79.85 42.38
N ALA D 93 -41.43 80.33 41.57
CA ALA D 93 -42.80 79.83 41.58
C ALA D 93 -43.16 79.36 40.17
N VAL D 94 -43.79 78.20 40.07
CA VAL D 94 -44.16 77.60 38.79
C VAL D 94 -45.66 77.79 38.59
N GLN D 95 -46.07 77.82 37.32
CA GLN D 95 -47.47 78.04 36.94
C GLN D 95 -48.03 76.76 36.34
N TYR D 96 -49.17 76.32 36.85
CA TYR D 96 -49.88 75.16 36.30
C TYR D 96 -51.05 75.70 35.50
N SER D 97 -51.05 75.45 34.19
CA SER D 97 -52.08 75.98 33.31
C SER D 97 -52.34 75.01 32.17
N GLY D 98 -53.57 74.49 32.12
CA GLY D 98 -53.98 73.64 31.01
C GLY D 98 -53.19 72.36 30.87
N GLY D 99 -52.90 71.68 31.98
CA GLY D 99 -52.14 70.45 31.93
C GLY D 99 -50.66 70.63 31.70
N ARG D 100 -50.14 71.85 31.81
CA ARG D 100 -48.73 72.13 31.58
C ARG D 100 -48.13 72.79 32.81
N PHE D 101 -46.92 72.38 33.17
CA PHE D 101 -46.11 73.08 34.17
C PHE D 101 -45.09 73.95 33.44
N THR D 102 -45.12 75.25 33.70
CA THR D 102 -44.29 76.19 32.98
C THR D 102 -43.48 77.05 33.94
N ILE D 103 -42.32 77.48 33.48
CA ILE D 103 -41.40 78.30 34.27
C ILE D 103 -41.52 79.74 33.80
N PRO D 104 -41.74 80.70 34.71
CA PRO D 104 -41.89 82.10 34.26
C PRO D 104 -40.66 82.65 33.56
N THR D 105 -39.45 82.25 33.96
CA THR D 105 -38.23 82.85 33.43
C THR D 105 -37.43 81.91 32.55
N GLY D 106 -37.71 80.61 32.59
CA GLY D 106 -36.83 79.65 31.94
C GLY D 106 -35.47 79.58 32.59
N ALA D 107 -35.43 79.57 33.92
CA ALA D 107 -34.17 79.56 34.67
C ALA D 107 -33.64 78.14 34.92
N GLY D 108 -34.35 77.11 34.47
CA GLY D 108 -33.86 75.77 34.64
C GLY D 108 -32.60 75.52 33.82
N LYS D 109 -31.68 74.76 34.39
CA LYS D 109 -30.40 74.45 33.78
C LYS D 109 -30.12 72.97 33.87
N PRO D 110 -29.28 72.43 32.97
CA PRO D 110 -28.94 71.01 33.06
C PRO D 110 -28.32 70.66 34.41
N GLY D 111 -28.63 69.46 34.89
CA GLY D 111 -28.18 69.02 36.20
C GLY D 111 -29.13 69.34 37.33
N ASP D 112 -30.30 69.91 37.03
CA ASP D 112 -31.28 70.29 38.04
C ASP D 112 -32.36 69.22 38.19
N SER D 113 -32.27 68.12 37.44
CA SER D 113 -33.29 67.09 37.46
C SER D 113 -33.43 66.47 38.85
N GLY D 114 -34.68 66.23 39.25
CA GLY D 114 -34.95 65.57 40.51
C GLY D 114 -35.49 66.47 41.62
N ARG D 115 -35.58 67.77 41.38
CA ARG D 115 -36.08 68.67 42.42
C ARG D 115 -37.60 68.62 42.46
N PRO D 116 -38.20 68.28 43.60
CA PRO D 116 -39.66 68.17 43.66
C PRO D 116 -40.36 69.52 43.52
N ILE D 117 -41.59 69.46 43.06
CA ILE D 117 -42.46 70.63 42.92
C ILE D 117 -43.46 70.60 44.07
N PHE D 118 -43.56 71.71 44.80
CA PHE D 118 -44.27 71.73 46.07
C PHE D 118 -45.64 72.38 45.92
N ASP D 119 -46.52 72.07 46.86
CA ASP D 119 -47.86 72.61 46.91
C ASP D 119 -47.91 73.76 47.91
N ASN D 120 -49.12 74.30 48.14
CA ASN D 120 -49.28 75.38 49.09
C ASN D 120 -48.97 74.95 50.51
N LYS D 121 -49.43 73.75 50.90
CA LYS D 121 -49.28 73.26 52.26
C LYS D 121 -48.04 72.40 52.44
N GLY D 122 -47.10 72.47 51.51
CA GLY D 122 -45.90 71.66 51.59
C GLY D 122 -46.02 70.26 51.03
N ARG D 123 -47.16 69.91 50.45
CA ARG D 123 -47.32 68.60 49.83
C ARG D 123 -46.57 68.55 48.51
N VAL D 124 -46.17 67.33 48.13
CA VAL D 124 -45.42 67.11 46.89
C VAL D 124 -46.41 66.78 45.79
N VAL D 125 -46.14 67.29 44.58
CA VAL D 125 -47.03 67.12 43.45
C VAL D 125 -46.36 66.37 42.30
N ALA D 126 -45.13 66.74 41.95
CA ALA D 126 -44.45 66.12 40.83
C ALA D 126 -42.93 66.18 41.06
N ILE D 127 -42.18 65.64 40.11
CA ILE D 127 -40.73 65.64 40.13
C ILE D 127 -40.23 66.12 38.78
N VAL D 128 -39.36 67.13 38.79
CA VAL D 128 -38.89 67.75 37.56
C VAL D 128 -37.90 66.83 36.87
N LEU D 129 -38.10 66.60 35.57
CA LEU D 129 -37.18 65.82 34.75
C LEU D 129 -36.49 66.65 33.67
N GLY D 130 -37.23 67.47 32.94
CA GLY D 130 -36.63 68.27 31.88
C GLY D 130 -37.58 69.37 31.45
N GLY D 131 -37.09 70.21 30.54
CA GLY D 131 -37.85 71.33 30.06
C GLY D 131 -37.74 71.49 28.56
N ALA D 132 -38.67 72.27 28.01
CA ALA D 132 -38.72 72.55 26.58
C ALA D 132 -38.77 74.06 26.37
N ASN D 133 -37.85 74.57 25.56
CA ASN D 133 -37.72 76.00 25.32
C ASN D 133 -38.85 76.45 24.39
N GLU D 134 -39.94 76.93 24.97
CA GLU D 134 -41.09 77.42 24.21
C GLU D 134 -41.16 78.94 24.37
N GLY D 135 -40.43 79.65 23.53
CA GLY D 135 -40.42 81.10 23.60
C GLY D 135 -39.74 81.58 24.87
N SER D 136 -40.41 82.49 25.57
CA SER D 136 -39.90 83.04 26.82
C SER D 136 -40.23 82.17 28.03
N ARG D 137 -40.95 81.08 27.83
CA ARG D 137 -41.30 80.16 28.91
C ARG D 137 -40.76 78.77 28.56
N THR D 138 -40.63 77.94 29.60
CA THR D 138 -40.19 76.56 29.43
C THR D 138 -41.17 75.63 30.13
N ALA D 139 -41.75 74.71 29.36
CA ALA D 139 -42.68 73.74 29.93
C ALA D 139 -41.88 72.63 30.62
N LEU D 140 -42.32 72.28 31.83
CA LEU D 140 -41.60 71.30 32.66
C LEU D 140 -42.10 69.90 32.35
N SER D 141 -41.19 69.01 31.95
CA SER D 141 -41.51 67.59 31.82
C SER D 141 -41.39 66.96 33.19
N VAL D 142 -42.54 66.63 33.80
CA VAL D 142 -42.59 66.20 35.19
C VAL D 142 -43.20 64.80 35.26
N VAL D 143 -43.11 64.22 36.45
CA VAL D 143 -43.69 62.91 36.75
C VAL D 143 -44.65 63.10 37.92
N THR D 144 -45.94 63.09 37.64
CA THR D 144 -46.96 63.35 38.63
C THR D 144 -47.65 62.06 39.03
N TRP D 145 -48.47 62.15 40.08
CA TRP D 145 -49.19 61.00 40.62
C TRP D 145 -50.66 61.11 40.29
N ASN D 146 -51.24 60.01 39.80
CA ASN D 146 -52.67 59.86 39.73
C ASN D 146 -53.14 59.34 41.10
N LYS D 147 -54.38 58.86 41.19
CA LYS D 147 -54.84 58.29 42.45
C LYS D 147 -53.99 57.10 42.87
N ASP D 148 -53.63 56.24 41.91
CA ASP D 148 -52.78 55.09 42.22
C ASP D 148 -51.68 54.83 41.20
N MET D 149 -51.66 55.53 40.07
CA MET D 149 -50.71 55.24 38.99
C MET D 149 -49.60 56.29 38.96
N VAL D 150 -48.67 56.08 38.03
CA VAL D 150 -47.62 57.03 37.72
C VAL D 150 -47.76 57.42 36.25
N THR D 151 -47.82 58.72 35.99
CA THR D 151 -47.92 59.22 34.63
C THR D 151 -46.77 60.18 34.37
N ARG D 152 -46.34 60.23 33.11
CA ARG D 152 -45.23 61.08 32.70
C ARG D 152 -45.73 62.06 31.64
N VAL D 153 -45.48 63.34 31.86
CA VAL D 153 -45.84 64.40 30.92
C VAL D 153 -44.56 64.89 30.26
N THR D 154 -44.54 64.89 28.93
CA THR D 154 -43.35 65.27 28.18
C THR D 154 -43.76 66.14 26.99
N PRO D 155 -43.59 67.46 27.11
CA PRO D 155 -43.86 68.33 25.96
C PRO D 155 -42.89 68.07 24.83
N GLU D 156 -43.36 68.27 23.61
CA GLU D 156 -42.52 68.04 22.43
C GLU D 156 -41.33 68.99 22.43
N GLY D 157 -40.17 68.45 22.10
CA GLY D 157 -38.94 69.23 22.10
C GLY D 157 -38.26 69.34 23.45
N SER D 158 -38.73 68.63 24.46
CA SER D 158 -38.12 68.69 25.77
C SER D 158 -36.73 68.06 25.76
N GLU D 159 -35.83 68.64 26.56
CA GLU D 159 -34.48 68.14 26.71
C GLU D 159 -34.26 67.68 28.15
N GLU D 160 -33.65 66.51 28.29
CA GLU D 160 -33.42 65.92 29.61
C GLU D 160 -32.27 66.67 30.28
N TRP D 161 -32.55 67.30 31.41
CA TRP D 161 -31.53 68.05 32.14
C TRP D 161 -30.59 67.09 32.87
N TYR E 1 -5.00 -38.61 77.17
CA TYR E 1 -4.65 -37.20 77.17
C TYR E 1 -4.86 -36.60 75.78
N GLU E 2 -5.97 -35.89 75.60
CA GLU E 2 -6.27 -35.28 74.32
C GLU E 2 -5.28 -34.16 74.01
N HIS E 3 -5.03 -33.94 72.73
CA HIS E 3 -4.16 -32.86 72.29
C HIS E 3 -4.58 -32.44 70.89
N SER E 4 -4.22 -31.22 70.52
CA SER E 4 -4.58 -30.68 69.22
C SER E 4 -3.48 -29.75 68.74
N THR E 5 -3.36 -29.65 67.42
CA THR E 5 -2.36 -28.80 66.79
C THR E 5 -2.73 -28.63 65.33
N VAL E 6 -2.04 -27.71 64.65
CA VAL E 6 -2.18 -27.50 63.22
C VAL E 6 -0.80 -27.60 62.59
N MET E 7 -0.72 -28.26 61.44
CA MET E 7 0.55 -28.45 60.77
C MET E 7 0.43 -28.10 59.30
N PRO E 8 1.48 -27.55 58.71
CA PRO E 8 1.40 -27.11 57.32
C PRO E 8 1.22 -28.26 56.36
N ASN E 9 0.53 -27.98 55.26
CA ASN E 9 0.30 -28.98 54.21
C ASN E 9 1.37 -28.86 53.13
N VAL E 10 2.62 -28.94 53.58
CA VAL E 10 3.79 -28.85 52.70
C VAL E 10 4.52 -30.18 52.75
N VAL E 11 4.75 -30.77 51.57
CA VAL E 11 5.39 -32.07 51.49
C VAL E 11 6.85 -31.96 51.92
N GLY E 12 7.26 -32.83 52.84
CA GLY E 12 8.63 -32.86 53.30
C GLY E 12 8.97 -31.91 54.41
N PHE E 13 8.03 -31.13 54.90
CA PHE E 13 8.30 -30.17 55.95
C PHE E 13 8.44 -30.89 57.29
N PRO E 14 9.58 -30.78 57.98
CA PRO E 14 9.80 -31.52 59.25
C PRO E 14 9.08 -30.92 60.44
N TYR E 15 7.76 -31.07 60.47
CA TYR E 15 6.97 -30.51 61.56
C TYR E 15 7.22 -31.28 62.85
N LYS E 16 7.37 -30.54 63.94
CA LYS E 16 7.58 -31.12 65.27
C LYS E 16 6.52 -30.58 66.21
N ALA E 17 5.87 -31.47 66.95
CA ALA E 17 4.81 -31.11 67.88
C ALA E 17 5.30 -31.36 69.31
N HIS E 18 5.05 -30.39 70.19
CA HIS E 18 5.47 -30.48 71.58
C HIS E 18 4.23 -30.70 72.44
N ILE E 19 4.25 -31.79 73.21
CA ILE E 19 3.15 -32.12 74.12
C ILE E 19 3.69 -32.09 75.54
N GLU E 20 2.97 -31.42 76.43
CA GLU E 20 3.46 -31.12 77.77
C GLU E 20 2.41 -31.55 78.80
N ARG E 21 2.71 -32.63 79.53
CA ARG E 21 1.85 -33.07 80.62
C ARG E 21 2.42 -32.55 81.93
N PRO E 22 1.61 -31.91 82.79
CA PRO E 22 2.18 -31.29 83.99
C PRO E 22 2.77 -32.29 84.97
N GLY E 23 2.44 -33.57 84.88
CA GLY E 23 2.99 -34.55 85.78
C GLY E 23 4.12 -35.39 85.23
N TYR E 24 4.48 -35.21 83.95
CA TYR E 24 5.50 -36.04 83.32
C TYR E 24 6.45 -35.15 82.54
N SER E 25 7.56 -35.75 82.10
CA SER E 25 8.53 -35.03 81.29
C SER E 25 7.94 -34.73 79.91
N PRO E 26 8.33 -33.62 79.29
CA PRO E 26 7.79 -33.28 77.97
C PRO E 26 8.18 -34.29 76.92
N LEU E 27 7.32 -34.41 75.91
CA LEU E 27 7.52 -35.30 74.78
C LEU E 27 7.38 -34.52 73.49
N THR E 28 8.18 -34.89 72.49
CA THR E 28 8.15 -34.23 71.18
C THR E 28 7.88 -35.26 70.10
N LEU E 29 6.93 -34.96 69.23
CA LEU E 29 6.56 -35.83 68.12
C LEU E 29 7.04 -35.21 66.81
N GLN E 30 7.23 -36.05 65.80
CA GLN E 30 7.62 -35.59 64.47
C GLN E 30 6.64 -36.14 63.45
N MET E 31 6.06 -35.26 62.65
CA MET E 31 5.14 -35.64 61.58
C MET E 31 5.64 -35.08 60.26
N GLN E 32 5.33 -35.78 59.17
CA GLN E 32 5.81 -35.39 57.85
C GLN E 32 4.86 -35.94 56.80
N VAL E 33 4.47 -35.09 55.85
CA VAL E 33 3.54 -35.46 54.79
C VAL E 33 4.37 -35.97 53.62
N VAL E 34 4.41 -37.30 53.46
CA VAL E 34 5.18 -37.89 52.37
C VAL E 34 4.50 -37.63 51.03
N GLU E 35 3.17 -37.76 50.98
CA GLU E 35 2.45 -37.67 49.71
C GLU E 35 0.98 -37.41 49.97
N THR E 36 0.37 -36.61 49.11
CA THR E 36 -1.06 -36.32 49.17
C THR E 36 -1.75 -36.80 47.90
N SER E 37 -3.06 -36.65 47.86
CA SER E 37 -3.85 -37.05 46.69
C SER E 37 -5.21 -36.36 46.79
N LEU E 38 -5.53 -35.53 45.80
CA LEU E 38 -6.80 -34.81 45.75
C LEU E 38 -7.62 -35.36 44.60
N GLU E 39 -8.61 -36.19 44.93
CA GLU E 39 -9.39 -36.91 43.92
C GLU E 39 -10.79 -36.33 43.81
N PRO E 40 -11.20 -35.85 42.64
CA PRO E 40 -12.57 -35.36 42.47
C PRO E 40 -13.54 -36.51 42.22
N THR E 41 -14.82 -36.15 42.16
CA THR E 41 -15.90 -37.09 41.86
C THR E 41 -16.42 -36.81 40.46
N LEU E 42 -16.56 -37.87 39.67
CA LEU E 42 -16.81 -37.75 38.24
C LEU E 42 -18.18 -38.30 37.86
N ASN E 43 -18.73 -37.76 36.78
CA ASN E 43 -19.96 -38.27 36.17
C ASN E 43 -19.78 -38.24 34.66
N LEU E 44 -19.70 -39.41 34.03
CA LEU E 44 -19.44 -39.48 32.60
C LEU E 44 -20.61 -38.91 31.82
N GLU E 45 -20.30 -38.09 30.81
CA GLU E 45 -21.32 -37.48 29.96
C GLU E 45 -21.45 -38.20 28.63
N TYR E 46 -20.38 -38.30 27.86
CA TYR E 46 -20.40 -39.02 26.60
C TYR E 46 -18.96 -39.32 26.17
N ILE E 47 -18.83 -40.06 25.07
CA ILE E 47 -17.54 -40.48 24.55
C ILE E 47 -17.45 -40.04 23.10
N THR E 48 -16.32 -39.44 22.72
CA THR E 48 -16.10 -38.96 21.37
C THR E 48 -14.91 -39.66 20.76
N CYS E 49 -15.00 -39.96 19.46
CA CYS E 49 -13.91 -40.59 18.73
C CYS E 49 -14.07 -40.28 17.26
N GLU E 50 -13.09 -40.71 16.47
CA GLU E 50 -13.17 -40.53 15.02
C GLU E 50 -14.30 -41.37 14.45
N TYR E 51 -14.88 -40.90 13.35
CA TYR E 51 -15.98 -41.60 12.71
C TYR E 51 -15.47 -42.36 11.48
N LYS E 52 -16.39 -43.05 10.82
CA LYS E 52 -16.10 -43.79 9.60
C LYS E 52 -17.35 -43.84 8.74
N THR E 53 -17.22 -43.34 7.50
CA THR E 53 -18.36 -43.25 6.60
C THR E 53 -18.51 -44.57 5.84
N VAL E 54 -19.72 -45.11 5.84
CA VAL E 54 -20.03 -46.37 5.16
C VAL E 54 -20.73 -46.05 3.85
N VAL E 55 -20.16 -46.50 2.74
CA VAL E 55 -20.74 -46.25 1.43
C VAL E 55 -21.04 -47.59 0.75
N PRO E 56 -22.26 -48.07 0.82
CA PRO E 56 -22.61 -49.31 0.10
C PRO E 56 -22.60 -49.10 -1.40
N SER E 57 -22.45 -50.22 -2.11
CA SER E 57 -22.40 -50.18 -3.57
C SER E 57 -23.73 -49.63 -4.11
N PRO E 58 -23.67 -48.79 -5.13
CA PRO E 58 -24.91 -48.23 -5.69
C PRO E 58 -25.75 -49.30 -6.36
N TYR E 59 -27.06 -49.09 -6.31
CA TYR E 59 -28.03 -49.96 -6.96
C TYR E 59 -28.59 -49.22 -8.17
N VAL E 60 -28.06 -49.52 -9.35
CA VAL E 60 -28.52 -48.91 -10.59
C VAL E 60 -29.59 -49.81 -11.20
N LYS E 61 -30.85 -49.41 -11.05
CA LYS E 61 -31.97 -50.11 -11.66
C LYS E 61 -32.31 -49.46 -12.98
N CYS E 62 -32.26 -50.23 -14.06
CA CYS E 62 -32.39 -49.71 -15.41
C CYS E 62 -33.53 -50.39 -16.14
N CYS E 63 -34.05 -49.72 -17.18
CA CYS E 63 -35.30 -50.09 -17.82
C CYS E 63 -36.42 -50.13 -16.78
N GLY E 64 -36.49 -49.05 -16.00
CA GLY E 64 -37.42 -48.98 -14.91
C GLY E 64 -37.12 -47.78 -14.04
N ALA E 65 -37.57 -47.83 -12.79
CA ALA E 65 -37.33 -46.76 -11.84
C ALA E 65 -37.27 -47.32 -10.43
N SER E 66 -36.61 -46.58 -9.54
CA SER E 66 -36.49 -46.95 -8.14
C SER E 66 -36.91 -45.78 -7.26
N GLU E 67 -37.31 -46.09 -6.04
CA GLU E 67 -37.79 -45.11 -5.08
C GLU E 67 -36.98 -45.20 -3.80
N CYS E 68 -36.66 -44.05 -3.23
CA CYS E 68 -35.86 -43.99 -2.01
C CYS E 68 -36.69 -44.40 -0.80
N SER E 69 -36.03 -45.00 0.18
CA SER E 69 -36.66 -45.42 1.42
C SER E 69 -35.88 -44.87 2.61
N THR E 70 -36.59 -44.36 3.60
CA THR E 70 -35.95 -43.83 4.79
C THR E 70 -35.61 -44.95 5.76
N LYS E 71 -34.62 -44.68 6.62
CA LYS E 71 -34.15 -45.66 7.59
C LYS E 71 -33.64 -44.93 8.83
N GLU E 72 -33.48 -45.69 9.92
CA GLU E 72 -33.04 -45.15 11.20
C GLU E 72 -31.55 -45.46 11.37
N LYS E 73 -30.72 -44.61 10.77
CA LYS E 73 -29.28 -44.66 10.95
C LYS E 73 -28.75 -43.25 11.19
N PRO E 74 -27.65 -43.12 11.92
CA PRO E 74 -27.13 -41.78 12.24
C PRO E 74 -26.69 -41.04 10.99
N ASP E 75 -27.29 -39.87 10.76
CA ASP E 75 -26.96 -39.00 9.63
C ASP E 75 -27.11 -39.74 8.30
N TYR E 76 -28.23 -40.44 8.16
CA TYR E 76 -28.49 -41.22 6.95
C TYR E 76 -28.86 -40.29 5.79
N GLN E 77 -28.40 -40.65 4.59
CA GLN E 77 -28.67 -39.88 3.39
C GLN E 77 -28.97 -40.84 2.25
N CYS E 78 -30.01 -40.55 1.48
CA CYS E 78 -30.40 -41.38 0.35
C CYS E 78 -31.05 -40.52 -0.72
N LYS E 79 -30.69 -40.78 -1.98
CA LYS E 79 -31.23 -40.05 -3.11
C LYS E 79 -31.25 -40.95 -4.33
N VAL E 80 -32.08 -40.58 -5.31
CA VAL E 80 -32.20 -41.32 -6.55
C VAL E 80 -31.94 -40.36 -7.71
N TYR E 81 -31.15 -40.81 -8.68
CA TYR E 81 -30.78 -40.02 -9.84
C TYR E 81 -31.34 -40.67 -11.09
N THR E 82 -31.83 -39.84 -12.02
CA THR E 82 -32.45 -40.31 -13.25
C THR E 82 -31.60 -39.94 -14.46
N GLY E 83 -31.69 -40.76 -15.49
CA GLY E 83 -31.01 -40.49 -16.75
C GLY E 83 -29.57 -40.92 -16.81
N VAL E 84 -29.10 -41.72 -15.86
CA VAL E 84 -27.70 -42.15 -15.85
C VAL E 84 -27.51 -43.29 -16.84
N TYR E 85 -26.35 -43.30 -17.50
CA TYR E 85 -25.98 -44.34 -18.47
C TYR E 85 -24.61 -44.86 -18.11
N PRO E 86 -24.53 -45.81 -17.18
CA PRO E 86 -23.23 -46.25 -16.67
C PRO E 86 -22.42 -47.01 -17.72
N PHE E 87 -21.15 -47.21 -17.40
CA PHE E 87 -20.22 -47.95 -18.24
C PHE E 87 -19.43 -48.91 -17.36
N MET E 88 -18.91 -49.97 -17.97
CA MET E 88 -18.03 -50.91 -17.29
C MET E 88 -16.88 -51.27 -18.22
N TRP E 89 -16.03 -52.19 -17.76
CA TRP E 89 -14.78 -52.45 -18.45
C TRP E 89 -15.01 -53.03 -19.84
N GLY E 90 -15.94 -53.98 -19.98
CA GLY E 90 -16.20 -54.60 -21.26
C GLY E 90 -17.22 -53.90 -22.12
N GLY E 91 -18.05 -53.05 -21.53
CA GLY E 91 -19.06 -52.35 -22.29
C GLY E 91 -20.10 -51.76 -21.35
N ALA E 92 -20.97 -50.94 -21.92
CA ALA E 92 -22.01 -50.24 -21.17
C ALA E 92 -23.26 -51.10 -21.21
N TYR E 93 -23.70 -51.57 -20.03
CA TYR E 93 -24.88 -52.40 -19.96
C TYR E 93 -26.10 -51.50 -19.75
N CYS E 94 -27.27 -52.10 -19.49
CA CYS E 94 -28.53 -51.37 -19.44
C CYS E 94 -28.81 -50.67 -20.77
N PHE E 95 -29.12 -51.50 -21.76
CA PHE E 95 -29.46 -51.10 -23.12
C PHE E 95 -30.37 -49.87 -23.17
N CYS E 96 -31.28 -49.76 -22.21
CA CYS E 96 -32.16 -48.59 -22.17
C CYS E 96 -31.34 -47.31 -22.14
N ASP E 97 -31.55 -46.46 -23.15
CA ASP E 97 -30.65 -45.34 -23.39
C ASP E 97 -30.74 -44.28 -22.29
N SER E 98 -31.95 -43.86 -21.93
CA SER E 98 -32.09 -42.75 -21.00
C SER E 98 -33.11 -42.96 -19.90
N GLU E 99 -33.83 -44.08 -19.88
CA GLU E 99 -34.77 -44.37 -18.81
C GLU E 99 -34.13 -45.33 -17.80
N ASN E 100 -33.23 -44.76 -17.00
CA ASN E 100 -32.48 -45.51 -16.01
C ASN E 100 -32.50 -44.75 -14.69
N THR E 101 -32.03 -45.41 -13.62
CA THR E 101 -32.04 -44.81 -12.30
C THR E 101 -30.91 -45.41 -11.46
N GLN E 102 -30.25 -44.55 -10.68
CA GLN E 102 -29.20 -44.97 -9.76
C GLN E 102 -29.56 -44.48 -8.36
N LEU E 103 -29.42 -45.36 -7.38
CA LEU E 103 -29.71 -45.05 -6.00
C LEU E 103 -28.41 -44.99 -5.21
N SER E 104 -28.15 -43.85 -4.57
CA SER E 104 -26.97 -43.64 -3.77
C SER E 104 -27.33 -43.67 -2.28
N GLU E 105 -26.53 -44.37 -1.50
CA GLU E 105 -26.79 -44.54 -0.08
C GLU E 105 -25.49 -44.39 0.70
N ALA E 106 -25.56 -43.71 1.83
CA ALA E 106 -24.38 -43.52 2.68
C ALA E 106 -24.83 -43.11 4.07
N TYR E 107 -24.03 -43.47 5.07
CA TYR E 107 -24.27 -43.07 6.45
C TYR E 107 -22.94 -43.17 7.20
N VAL E 108 -22.96 -42.73 8.46
CA VAL E 108 -21.77 -42.63 9.28
C VAL E 108 -21.92 -43.56 10.49
N ASP E 109 -20.81 -44.15 10.91
CA ASP E 109 -20.82 -45.10 12.01
C ASP E 109 -19.56 -44.94 12.84
N ARG E 110 -19.61 -45.44 14.07
CA ARG E 110 -18.48 -45.36 14.98
C ARG E 110 -17.30 -46.15 14.43
N SER E 111 -16.10 -45.63 14.68
CA SER E 111 -14.88 -46.21 14.11
C SER E 111 -14.62 -47.61 14.69
N ASP E 112 -13.66 -48.30 14.08
CA ASP E 112 -13.33 -49.66 14.52
C ASP E 112 -12.62 -49.65 15.87
N VAL E 113 -11.76 -48.66 16.11
CA VAL E 113 -10.92 -48.66 17.30
C VAL E 113 -11.34 -47.54 18.26
N CYS E 114 -12.61 -47.17 18.22
CA CYS E 114 -13.11 -46.19 19.18
C CYS E 114 -12.98 -46.66 20.61
N ARG E 115 -12.93 -47.97 20.83
CA ARG E 115 -12.72 -48.53 22.14
C ARG E 115 -11.28 -48.35 22.64
N HIS E 116 -10.33 -48.14 21.74
CA HIS E 116 -8.92 -48.05 22.10
C HIS E 116 -8.39 -46.63 22.12
N ASP E 117 -9.03 -45.70 21.41
CA ASP E 117 -8.56 -44.32 21.29
C ASP E 117 -9.78 -43.41 21.31
N HIS E 118 -10.12 -42.90 22.49
CA HIS E 118 -11.30 -42.06 22.64
C HIS E 118 -11.07 -41.07 23.78
N ALA E 119 -11.86 -40.00 23.76
CA ALA E 119 -11.80 -38.95 24.78
C ALA E 119 -13.12 -38.90 25.54
N SER E 120 -13.03 -38.68 26.85
CA SER E 120 -14.18 -38.71 27.74
C SER E 120 -14.51 -37.30 28.22
N ALA E 121 -15.80 -37.03 28.38
CA ALA E 121 -16.28 -35.76 28.93
C ALA E 121 -16.88 -36.01 30.31
N TYR E 122 -16.33 -35.35 31.33
CA TYR E 122 -16.73 -35.57 32.71
C TYR E 122 -17.28 -34.29 33.30
N LYS E 123 -17.86 -34.43 34.50
CA LYS E 123 -18.18 -33.31 35.37
C LYS E 123 -17.62 -33.61 36.75
N ALA E 124 -16.85 -32.67 37.29
CA ALA E 124 -16.11 -32.89 38.53
C ALA E 124 -16.60 -31.96 39.62
N HIS E 125 -16.84 -32.51 40.81
CA HIS E 125 -17.30 -31.72 41.94
C HIS E 125 -16.95 -32.45 43.23
N THR E 126 -17.02 -31.70 44.34
CA THR E 126 -16.81 -32.19 45.71
C THR E 126 -15.62 -33.15 45.81
N ALA E 127 -14.44 -32.61 45.54
CA ALA E 127 -13.22 -33.40 45.61
C ALA E 127 -12.95 -33.86 47.03
N SER E 128 -12.31 -35.03 47.14
CA SER E 128 -11.93 -35.62 48.41
C SER E 128 -10.43 -35.82 48.46
N LEU E 129 -9.83 -35.59 49.62
CA LEU E 129 -8.39 -35.58 49.75
C LEU E 129 -7.90 -36.79 50.54
N LYS E 130 -6.73 -37.29 50.15
CA LYS E 130 -6.09 -38.42 50.81
C LYS E 130 -4.62 -38.09 51.00
N ALA E 131 -3.99 -38.74 51.98
CA ALA E 131 -2.61 -38.42 52.30
C ALA E 131 -1.91 -39.63 52.87
N LYS E 132 -0.58 -39.54 52.94
CA LYS E 132 0.26 -40.55 53.56
C LYS E 132 1.25 -39.83 54.47
N VAL E 133 1.15 -40.09 55.78
CA VAL E 133 1.86 -39.32 56.79
C VAL E 133 2.78 -40.25 57.56
N ARG E 134 3.99 -39.76 57.87
CA ARG E 134 4.96 -40.48 58.67
C ARG E 134 5.01 -39.90 60.07
N VAL E 135 4.84 -40.74 61.07
CA VAL E 135 4.84 -40.33 62.47
C VAL E 135 5.96 -41.06 63.19
N MET E 136 6.89 -40.29 63.77
CA MET E 136 8.03 -40.86 64.47
C MET E 136 8.24 -40.13 65.78
N TYR E 137 8.48 -40.91 66.83
CA TYR E 137 8.75 -40.37 68.17
C TYR E 137 9.24 -41.52 69.05
N GLY E 138 9.90 -41.15 70.14
CA GLY E 138 10.41 -42.16 71.05
C GLY E 138 11.36 -43.11 70.33
N ASN E 139 10.89 -44.34 70.11
CA ASN E 139 11.62 -45.31 69.30
C ASN E 139 10.74 -45.99 68.26
N VAL E 140 9.65 -45.35 67.84
CA VAL E 140 8.77 -45.93 66.84
C VAL E 140 8.82 -45.11 65.55
N ASN E 141 9.17 -45.77 64.46
CA ASN E 141 9.09 -45.23 63.11
C ASN E 141 7.72 -45.56 62.56
N GLN E 142 7.55 -45.49 61.24
CA GLN E 142 6.45 -46.09 60.46
C GLN E 142 5.48 -45.05 59.90
N THR E 143 5.01 -45.28 58.68
CA THR E 143 4.10 -44.40 57.98
C THR E 143 2.73 -45.06 57.91
N VAL E 144 1.68 -44.24 57.73
CA VAL E 144 0.32 -44.74 57.63
C VAL E 144 -0.39 -44.03 56.47
N ASP E 145 -1.48 -44.65 56.02
CA ASP E 145 -2.32 -44.09 54.97
C ASP E 145 -3.65 -43.68 55.59
N VAL E 146 -3.99 -42.40 55.48
CA VAL E 146 -5.16 -41.84 56.17
C VAL E 146 -5.98 -41.03 55.18
N TYR E 147 -7.24 -40.79 55.54
CA TYR E 147 -8.07 -39.82 54.83
C TYR E 147 -8.03 -38.51 55.60
N VAL E 148 -7.81 -37.40 54.89
CA VAL E 148 -7.73 -36.08 55.54
C VAL E 148 -9.16 -35.56 55.62
N ASN E 149 -9.87 -36.00 56.65
CA ASN E 149 -11.13 -35.45 57.09
C ASN E 149 -11.41 -36.01 58.48
N GLY E 150 -12.14 -35.27 59.29
CA GLY E 150 -12.28 -35.65 60.69
C GLY E 150 -13.18 -36.84 60.90
N ASP E 151 -13.01 -37.90 60.09
CA ASP E 151 -13.85 -39.07 60.19
C ASP E 151 -13.05 -40.34 59.92
N HIS E 152 -11.78 -40.37 60.31
CA HIS E 152 -10.95 -41.56 60.17
C HIS E 152 -9.81 -41.48 61.16
N ALA E 153 -9.76 -42.43 62.09
CA ALA E 153 -8.74 -42.49 63.13
C ALA E 153 -7.82 -43.66 62.87
N VAL E 154 -6.51 -43.42 62.98
CA VAL E 154 -5.49 -44.43 62.77
C VAL E 154 -4.67 -44.55 64.05
N THR E 155 -4.29 -45.78 64.41
CA THR E 155 -3.53 -46.05 65.61
C THR E 155 -2.09 -46.36 65.24
N ILE E 156 -1.15 -45.63 65.84
CA ILE E 156 0.27 -45.80 65.60
C ILE E 156 0.94 -46.07 66.95
N GLY E 157 1.12 -47.35 67.27
CA GLY E 157 1.76 -47.69 68.53
C GLY E 157 0.98 -47.29 69.76
N GLY E 158 -0.34 -47.49 69.75
CA GLY E 158 -1.17 -47.17 70.88
C GLY E 158 -1.69 -45.75 70.94
N THR E 159 -1.37 -44.92 69.95
CA THR E 159 -1.79 -43.53 69.92
C THR E 159 -2.75 -43.31 68.76
N GLN E 160 -3.87 -42.66 69.03
CA GLN E 160 -4.87 -42.38 68.00
C GLN E 160 -4.58 -41.04 67.35
N PHE E 161 -4.61 -41.01 66.02
CA PHE E 161 -4.40 -39.79 65.24
C PHE E 161 -5.61 -39.55 64.35
N ILE E 162 -6.21 -38.38 64.47
CA ILE E 162 -7.34 -37.99 63.64
C ILE E 162 -6.97 -36.70 62.92
N PHE E 163 -6.88 -36.76 61.60
CA PHE E 163 -6.48 -35.63 60.78
C PHE E 163 -7.74 -34.92 60.29
N GLY E 164 -7.94 -33.68 60.71
CA GLY E 164 -9.15 -32.96 60.44
C GLY E 164 -9.25 -32.49 59.01
N PRO E 165 -10.38 -31.87 58.66
CA PRO E 165 -10.56 -31.40 57.28
C PRO E 165 -9.60 -30.26 56.95
N LEU E 166 -9.29 -30.14 55.66
CA LEU E 166 -8.37 -29.11 55.20
C LEU E 166 -8.93 -27.71 55.48
N SER E 167 -8.01 -26.78 55.74
CA SER E 167 -8.42 -25.40 56.00
C SER E 167 -9.07 -24.77 54.79
N SER E 168 -8.50 -25.01 53.60
CA SER E 168 -8.97 -24.39 52.36
C SER E 168 -9.80 -25.38 51.56
N ALA E 169 -10.63 -24.83 50.67
CA ALA E 169 -11.48 -25.65 49.80
C ALA E 169 -11.16 -25.35 48.35
N TRP E 170 -9.88 -25.28 48.01
CA TRP E 170 -9.43 -24.95 46.67
C TRP E 170 -9.15 -26.22 45.89
N THR E 171 -9.70 -26.29 44.68
CA THR E 171 -9.47 -27.42 43.79
C THR E 171 -9.11 -26.91 42.39
N PRO E 172 -8.18 -27.58 41.70
CA PRO E 172 -7.74 -27.11 40.39
C PRO E 172 -8.68 -27.46 39.24
N PHE E 173 -9.60 -28.40 39.43
CA PHE E 173 -10.50 -28.82 38.37
C PHE E 173 -11.73 -27.92 38.33
N ASP E 174 -12.11 -27.51 37.12
CA ASP E 174 -13.32 -26.73 36.94
C ASP E 174 -14.53 -27.66 37.00
N ASN E 175 -15.71 -27.12 36.67
CA ASN E 175 -16.92 -27.93 36.74
C ASN E 175 -16.94 -29.01 35.66
N LYS E 176 -16.42 -28.70 34.48
CA LYS E 176 -16.44 -29.62 33.34
C LYS E 176 -15.02 -30.01 32.96
N ILE E 177 -14.79 -31.30 32.77
CA ILE E 177 -13.46 -31.85 32.55
C ILE E 177 -13.50 -32.76 31.32
N VAL E 178 -12.46 -32.68 30.51
CA VAL E 178 -12.26 -33.56 29.37
C VAL E 178 -10.93 -34.29 29.56
N VAL E 179 -10.96 -35.61 29.48
CA VAL E 179 -9.81 -36.45 29.78
C VAL E 179 -9.44 -37.24 28.53
N TYR E 180 -8.16 -37.22 28.16
CA TYR E 180 -7.65 -37.98 27.03
C TYR E 180 -6.35 -38.65 27.44
N LYS E 181 -6.33 -39.98 27.48
CA LYS E 181 -5.15 -40.75 27.83
C LYS E 181 -4.58 -40.34 29.18
N ASP E 182 -3.57 -39.48 29.17
CA ASP E 182 -2.88 -39.06 30.39
C ASP E 182 -2.83 -37.54 30.47
N GLU E 183 -3.89 -36.88 30.03
CA GLU E 183 -3.96 -35.42 30.03
C GLU E 183 -5.37 -34.98 30.42
N VAL E 184 -5.45 -33.97 31.26
CA VAL E 184 -6.72 -33.43 31.73
C VAL E 184 -6.82 -31.99 31.24
N PHE E 185 -7.99 -31.63 30.72
CA PHE E 185 -8.20 -30.31 30.12
C PHE E 185 -9.41 -29.64 30.77
N ASN E 186 -9.29 -28.35 31.02
CA ASN E 186 -10.40 -27.54 31.53
C ASN E 186 -11.15 -27.00 30.32
N GLN E 187 -12.17 -27.73 29.89
CA GLN E 187 -12.88 -27.44 28.65
C GLN E 187 -14.37 -27.33 28.92
N ASP E 188 -15.05 -26.56 28.07
CA ASP E 188 -16.50 -26.39 28.14
C ASP E 188 -17.10 -27.07 26.90
N PHE E 189 -17.36 -28.37 27.03
CA PHE E 189 -17.87 -29.15 25.91
C PHE E 189 -19.36 -28.91 25.69
N PRO E 190 -19.84 -29.07 24.46
CA PRO E 190 -21.27 -28.93 24.22
C PRO E 190 -22.04 -30.06 24.86
N PRO E 191 -23.30 -29.82 25.24
CA PRO E 191 -24.09 -30.89 25.86
C PRO E 191 -24.47 -31.97 24.85
N TYR E 192 -24.84 -33.12 25.37
CA TYR E 192 -25.25 -34.24 24.53
C TYR E 192 -26.45 -33.84 23.67
N GLY E 193 -26.40 -34.22 22.41
CA GLY E 193 -27.46 -33.89 21.48
C GLY E 193 -27.36 -32.52 20.85
N SER E 194 -26.28 -31.78 21.08
CA SER E 194 -26.11 -30.45 20.52
C SER E 194 -24.69 -30.27 19.98
N GLY E 195 -24.17 -31.27 19.30
CA GLY E 195 -22.86 -31.17 18.71
C GLY E 195 -22.88 -30.38 17.41
N GLN E 196 -21.69 -29.96 16.98
CA GLN E 196 -21.56 -29.22 15.75
C GLN E 196 -20.49 -29.85 14.85
N PRO E 197 -20.68 -29.80 13.53
CA PRO E 197 -19.71 -30.46 12.63
C PRO E 197 -18.37 -29.75 12.62
N GLY E 198 -17.31 -30.54 12.56
CA GLY E 198 -15.97 -30.02 12.42
C GLY E 198 -15.25 -29.69 13.70
N ARG E 199 -15.94 -29.71 14.84
CA ARG E 199 -15.30 -29.38 16.12
C ARG E 199 -15.42 -30.55 17.09
N PHE E 200 -15.04 -30.33 18.34
CA PHE E 200 -15.11 -31.39 19.33
C PHE E 200 -16.54 -31.87 19.52
N GLY E 201 -16.70 -33.19 19.58
CA GLY E 201 -18.01 -33.78 19.76
C GLY E 201 -18.94 -33.69 18.58
N ASP E 202 -18.42 -33.87 17.36
CA ASP E 202 -19.30 -33.96 16.20
C ASP E 202 -20.16 -35.22 16.28
N ILE E 203 -19.58 -36.32 16.75
CA ILE E 203 -20.32 -37.54 17.06
C ILE E 203 -20.17 -37.80 18.56
N GLN E 204 -21.27 -38.22 19.20
CA GLN E 204 -21.28 -38.43 20.64
C GLN E 204 -21.94 -39.76 20.95
N SER E 205 -21.27 -40.57 21.77
CA SER E 205 -21.80 -41.83 22.25
C SER E 205 -21.94 -41.76 23.75
N ARG E 206 -23.10 -42.18 24.26
CA ARG E 206 -23.35 -42.07 25.69
C ARG E 206 -22.36 -42.88 26.52
N THR E 207 -21.89 -44.00 25.98
CA THR E 207 -20.88 -44.82 26.64
C THR E 207 -20.17 -45.62 25.56
N VAL E 208 -18.95 -46.07 25.89
CA VAL E 208 -18.12 -46.78 24.91
C VAL E 208 -18.82 -48.02 24.39
N GLU E 209 -19.64 -48.66 25.22
CA GLU E 209 -20.36 -49.88 24.83
C GLU E 209 -21.80 -49.62 24.44
N SER E 210 -22.30 -48.39 24.59
CA SER E 210 -23.69 -48.11 24.30
C SER E 210 -23.96 -48.16 22.80
N ASN E 211 -25.16 -48.61 22.44
CA ASN E 211 -25.52 -48.75 21.03
C ASN E 211 -25.85 -47.40 20.41
N ASP E 212 -26.53 -46.52 21.14
CA ASP E 212 -27.01 -45.26 20.58
C ASP E 212 -25.84 -44.37 20.15
N LEU E 213 -26.07 -43.62 19.08
CA LEU E 213 -25.05 -42.73 18.54
C LEU E 213 -25.73 -41.52 17.92
N TYR E 214 -25.16 -40.35 18.17
CA TYR E 214 -25.65 -39.09 17.61
C TYR E 214 -24.52 -38.48 16.78
N ALA E 215 -24.74 -38.36 15.47
CA ALA E 215 -23.73 -37.85 14.56
C ALA E 215 -24.29 -36.69 13.76
N ASN E 216 -23.48 -35.64 13.60
CA ASN E 216 -23.86 -34.47 12.80
C ASN E 216 -22.60 -33.97 12.10
N THR E 217 -22.38 -34.46 10.87
CA THR E 217 -21.19 -34.10 10.11
C THR E 217 -21.54 -33.50 8.75
N ALA E 218 -22.82 -33.18 8.52
CA ALA E 218 -23.25 -32.52 7.29
C ALA E 218 -22.86 -33.31 6.05
N LEU E 219 -23.22 -34.60 6.05
CA LEU E 219 -22.95 -35.44 4.91
C LEU E 219 -23.90 -35.11 3.76
N LYS E 220 -23.33 -34.92 2.57
CA LYS E 220 -24.12 -34.55 1.40
C LYS E 220 -23.65 -35.36 0.20
N LEU E 221 -24.60 -35.73 -0.65
CA LEU E 221 -24.33 -36.50 -1.85
C LEU E 221 -24.49 -35.63 -3.09
N ALA E 222 -23.79 -36.02 -4.16
CA ALA E 222 -23.81 -35.27 -5.40
C ALA E 222 -24.07 -36.21 -6.57
N ARG E 223 -24.60 -35.66 -7.64
CA ARG E 223 -24.94 -36.45 -8.82
C ARG E 223 -23.67 -37.04 -9.44
N PRO E 224 -23.65 -38.34 -9.73
CA PRO E 224 -22.46 -38.93 -10.35
C PRO E 224 -22.19 -38.37 -11.74
N SER E 225 -20.91 -38.32 -12.10
CA SER E 225 -20.53 -37.83 -13.41
C SER E 225 -21.01 -38.78 -14.50
N PRO E 226 -21.23 -38.29 -15.71
CA PRO E 226 -21.74 -39.15 -16.78
C PRO E 226 -20.78 -40.28 -17.09
N GLY E 227 -21.34 -41.46 -17.33
CA GLY E 227 -20.56 -42.62 -17.72
C GLY E 227 -19.63 -43.18 -16.66
N MET E 228 -20.01 -43.10 -15.39
CA MET E 228 -19.21 -43.68 -14.32
C MET E 228 -20.14 -44.13 -13.20
N VAL E 229 -19.59 -44.95 -12.31
CA VAL E 229 -20.31 -45.45 -11.13
C VAL E 229 -19.40 -45.25 -9.92
N HIS E 230 -19.58 -44.14 -9.21
CA HIS E 230 -18.69 -43.84 -8.09
C HIS E 230 -19.35 -43.29 -6.84
N VAL E 231 -20.59 -42.80 -6.90
CA VAL E 231 -21.31 -42.27 -5.74
C VAL E 231 -20.48 -41.18 -5.07
N PRO E 232 -20.41 -39.98 -5.64
CA PRO E 232 -19.64 -38.92 -5.00
C PRO E 232 -20.35 -38.37 -3.77
N TYR E 233 -19.56 -37.78 -2.87
CA TYR E 233 -20.11 -37.17 -1.67
C TYR E 233 -19.09 -36.21 -1.09
N THR E 234 -19.58 -35.32 -0.23
CA THR E 234 -18.73 -34.38 0.50
C THR E 234 -19.09 -34.44 1.97
N GLN E 235 -18.08 -34.22 2.83
CA GLN E 235 -18.29 -34.34 4.27
C GLN E 235 -17.26 -33.48 4.99
N THR E 236 -17.73 -32.75 5.99
CA THR E 236 -16.82 -31.97 6.83
C THR E 236 -15.90 -32.92 7.60
N PRO E 237 -14.58 -32.66 7.62
CA PRO E 237 -13.66 -33.61 8.26
C PRO E 237 -13.97 -33.82 9.73
N SER E 238 -13.33 -34.85 10.29
CA SER E 238 -13.60 -35.25 11.66
C SER E 238 -13.20 -34.14 12.63
N GLY E 239 -14.04 -33.93 13.65
CA GLY E 239 -13.72 -32.94 14.66
C GLY E 239 -12.74 -33.40 15.70
N PHE E 240 -12.65 -34.72 15.91
CA PHE E 240 -11.72 -35.24 16.91
C PHE E 240 -10.27 -35.00 16.50
N LYS E 241 -9.95 -35.19 15.22
CA LYS E 241 -8.59 -34.93 14.76
C LYS E 241 -8.21 -33.46 14.94
N TYR E 242 -9.14 -32.55 14.63
CA TYR E 242 -8.82 -31.13 14.78
C TYR E 242 -8.77 -30.73 16.25
N TRP E 243 -9.54 -31.39 17.11
CA TRP E 243 -9.37 -31.17 18.55
C TRP E 243 -7.99 -31.63 19.01
N LEU E 244 -7.53 -32.77 18.52
CA LEU E 244 -6.18 -33.22 18.84
C LEU E 244 -5.14 -32.21 18.36
N LYS E 245 -5.35 -31.65 17.17
CA LYS E 245 -4.38 -30.72 16.61
C LYS E 245 -4.38 -29.36 17.31
N GLU E 246 -5.53 -28.87 17.76
CA GLU E 246 -5.62 -27.52 18.29
C GLU E 246 -6.35 -27.50 19.63
N LYS E 247 -6.06 -28.47 20.49
CA LYS E 247 -6.67 -28.45 21.82
C LYS E 247 -6.11 -27.30 22.66
N GLY E 248 -4.80 -27.12 22.67
CA GLY E 248 -4.18 -26.00 23.33
C GLY E 248 -3.91 -26.23 24.81
N THR E 249 -2.64 -26.09 25.20
CA THR E 249 -2.19 -26.26 26.58
C THR E 249 -2.67 -27.57 27.19
N ALA E 250 -2.71 -27.61 28.52
CA ALA E 250 -3.20 -28.76 29.27
C ALA E 250 -3.43 -28.30 30.71
N LEU E 251 -3.64 -29.26 31.61
CA LEU E 251 -3.61 -28.98 33.03
C LEU E 251 -2.38 -29.54 33.73
N ASN E 252 -1.67 -30.47 33.10
CA ASN E 252 -0.45 -30.99 33.70
C ASN E 252 0.63 -29.91 33.80
N THR E 253 0.73 -29.06 32.78
CA THR E 253 1.75 -28.02 32.72
C THR E 253 1.18 -26.63 32.98
N LYS E 254 -0.02 -26.54 33.56
CA LYS E 254 -0.62 -25.26 33.87
C LYS E 254 -1.19 -25.16 35.27
N ALA E 255 -1.22 -26.25 36.03
CA ALA E 255 -1.89 -26.23 37.32
C ALA E 255 -1.14 -25.33 38.31
N PRO E 256 -1.85 -24.60 39.16
CA PRO E 256 -1.17 -23.77 40.17
C PRO E 256 -0.64 -24.62 41.31
N PHE E 257 0.16 -23.98 42.16
CA PHE E 257 0.71 -24.57 43.38
C PHE E 257 1.66 -25.72 43.11
N GLY E 258 2.03 -25.93 41.84
CA GLY E 258 3.05 -26.93 41.50
C GLY E 258 2.67 -28.36 41.81
N CYS E 259 1.46 -28.76 41.45
CA CYS E 259 1.00 -30.12 41.67
C CYS E 259 0.68 -30.83 40.36
N GLN E 260 1.17 -32.07 40.25
CA GLN E 260 1.10 -32.85 39.03
C GLN E 260 -0.27 -33.49 38.88
N ILE E 261 -0.87 -33.34 37.71
CA ILE E 261 -2.12 -34.01 37.39
C ILE E 261 -1.82 -35.40 36.88
N LYS E 262 -2.55 -36.40 37.37
CA LYS E 262 -2.42 -37.76 36.91
C LYS E 262 -3.80 -38.28 36.53
N THR E 263 -3.82 -39.39 35.81
CA THR E 263 -5.05 -39.93 35.25
C THR E 263 -5.17 -41.40 35.62
N ASN E 264 -6.42 -41.88 35.65
CA ASN E 264 -6.77 -43.27 35.93
C ASN E 264 -6.35 -43.68 37.34
N PRO E 265 -7.00 -43.15 38.39
CA PRO E 265 -8.06 -42.15 38.36
C PRO E 265 -7.51 -40.73 38.32
N VAL E 266 -8.33 -39.76 37.91
CA VAL E 266 -7.86 -38.38 37.85
C VAL E 266 -7.59 -37.88 39.27
N ARG E 267 -6.44 -37.24 39.47
CA ARG E 267 -6.06 -36.76 40.78
C ARG E 267 -4.91 -35.78 40.64
N ALA E 268 -4.75 -34.93 41.66
CA ALA E 268 -3.68 -33.94 41.72
C ALA E 268 -2.84 -34.24 42.97
N MET E 269 -1.60 -34.66 42.76
CA MET E 269 -0.76 -35.16 43.85
C MET E 269 0.25 -34.12 44.30
N ASN E 270 0.54 -34.12 45.61
CA ASN E 270 1.58 -33.30 46.23
C ASN E 270 1.36 -31.82 45.93
N CYS E 271 0.22 -31.31 46.39
CA CYS E 271 -0.28 -30.03 45.92
C CYS E 271 -0.50 -29.16 47.14
N ALA E 272 0.48 -28.31 47.43
CA ALA E 272 0.61 -27.65 48.74
C ALA E 272 -0.34 -26.47 48.85
N VAL E 273 -1.28 -26.54 49.79
CA VAL E 273 -2.16 -25.42 50.11
C VAL E 273 -2.82 -25.71 51.45
N GLY E 274 -2.99 -24.66 52.25
CA GLY E 274 -3.75 -24.76 53.48
C GLY E 274 -3.00 -25.43 54.62
N ASN E 275 -3.74 -25.66 55.70
CA ASN E 275 -3.22 -26.25 56.92
C ASN E 275 -4.05 -27.48 57.29
N ILE E 276 -3.42 -28.42 57.98
CA ILE E 276 -4.07 -29.67 58.36
C ILE E 276 -4.20 -29.75 59.88
N PRO E 277 -5.40 -29.55 60.43
CA PRO E 277 -5.59 -29.77 61.87
C PRO E 277 -5.37 -31.24 62.24
N VAL E 278 -4.81 -31.45 63.42
CA VAL E 278 -4.49 -32.79 63.91
C VAL E 278 -5.00 -32.93 65.34
N SER E 279 -5.66 -34.06 65.62
CA SER E 279 -6.14 -34.39 66.95
C SER E 279 -5.48 -35.69 67.38
N MET E 280 -5.14 -35.80 68.65
CA MET E 280 -4.38 -36.93 69.17
C MET E 280 -5.01 -37.43 70.47
N ASN E 281 -4.63 -38.64 70.85
CA ASN E 281 -5.05 -39.25 72.11
C ASN E 281 -3.99 -40.26 72.52
N LEU E 282 -3.12 -39.87 73.45
CA LEU E 282 -1.97 -40.67 73.81
C LEU E 282 -2.22 -41.50 75.06
N PRO E 283 -1.67 -42.70 75.15
CA PRO E 283 -1.80 -43.49 76.37
C PRO E 283 -0.80 -43.05 77.43
N ASP E 284 -0.97 -43.59 78.63
CA ASP E 284 -0.10 -43.24 79.74
C ASP E 284 1.28 -43.90 79.64
N SER E 285 1.45 -44.85 78.71
CA SER E 285 2.73 -45.53 78.57
C SER E 285 3.73 -44.75 77.73
N ALA E 286 3.25 -43.84 76.87
CA ALA E 286 4.18 -43.08 76.03
C ALA E 286 5.01 -42.10 76.85
N PHE E 287 4.43 -41.48 77.86
CA PHE E 287 5.14 -40.52 78.69
C PHE E 287 6.10 -41.22 79.63
N THR E 288 7.02 -40.45 80.20
CA THR E 288 7.97 -40.93 81.19
C THR E 288 7.81 -40.14 82.47
N ARG E 289 7.95 -40.82 83.61
CA ARG E 289 7.77 -40.17 84.90
C ARG E 289 8.85 -39.12 85.13
N ILE E 290 8.49 -38.06 85.85
CA ILE E 290 9.42 -36.97 86.10
C ILE E 290 10.61 -37.42 86.94
N VAL E 291 10.45 -38.51 87.70
CA VAL E 291 11.57 -39.01 88.50
C VAL E 291 12.71 -39.49 87.62
N GLU E 292 12.40 -40.21 86.54
CA GLU E 292 13.45 -40.78 85.70
C GLU E 292 14.17 -39.74 84.86
N ALA E 293 13.45 -38.72 84.39
CA ALA E 293 14.09 -37.70 83.56
C ALA E 293 15.06 -36.87 84.39
N PRO E 294 16.18 -36.46 83.79
CA PRO E 294 17.16 -35.65 84.53
C PRO E 294 16.63 -34.26 84.84
N THR E 295 17.23 -33.64 85.86
CA THR E 295 16.87 -32.30 86.27
C THR E 295 17.82 -31.30 85.63
N ILE E 296 17.26 -30.28 84.98
CA ILE E 296 18.04 -29.27 84.27
C ILE E 296 17.73 -27.92 84.91
N ILE E 297 18.79 -27.24 85.36
CA ILE E 297 18.67 -25.91 85.97
C ILE E 297 19.74 -25.01 85.37
N ASP E 298 19.47 -23.70 85.45
CA ASP E 298 20.39 -22.66 84.97
C ASP E 298 20.71 -22.84 83.48
N LEU E 299 19.67 -22.69 82.66
CA LEU E 299 19.81 -22.81 81.22
C LEU E 299 20.06 -21.44 80.60
N THR E 300 21.14 -21.31 79.85
CA THR E 300 21.49 -20.08 79.13
C THR E 300 21.73 -20.40 77.66
N CYS E 301 21.31 -19.48 76.79
CA CYS E 301 21.40 -19.67 75.35
C CYS E 301 22.35 -18.65 74.73
N THR E 302 23.27 -19.14 73.91
CA THR E 302 24.16 -18.29 73.11
C THR E 302 24.22 -18.85 71.70
N VAL E 303 24.29 -17.95 70.73
CA VAL E 303 24.32 -18.32 69.31
C VAL E 303 25.74 -18.11 68.80
N ALA E 304 26.25 -19.11 68.08
CA ALA E 304 27.59 -18.99 67.50
C ALA E 304 27.54 -18.23 66.17
N THR E 305 26.82 -18.76 65.19
CA THR E 305 26.68 -18.11 63.89
C THR E 305 25.23 -18.21 63.45
N CYS E 306 24.81 -17.27 62.62
CA CYS E 306 23.47 -17.28 62.04
C CYS E 306 23.54 -16.88 60.58
N THR E 307 22.70 -17.53 59.77
CA THR E 307 22.60 -17.21 58.34
C THR E 307 21.24 -17.68 57.85
N HIS E 308 20.36 -16.73 57.52
CA HIS E 308 18.99 -17.07 57.14
C HIS E 308 18.98 -17.63 55.72
N SER E 309 19.28 -18.92 55.63
CA SER E 309 19.29 -19.67 54.39
C SER E 309 18.28 -20.79 54.45
N SER E 310 17.98 -21.37 53.28
CA SER E 310 17.03 -22.47 53.22
C SER E 310 17.53 -23.68 53.99
N ASP E 311 18.82 -23.98 53.90
CA ASP E 311 19.41 -25.07 54.65
C ASP E 311 19.48 -24.69 56.14
N PHE E 312 19.74 -25.68 56.98
CA PHE E 312 19.85 -25.46 58.43
C PHE E 312 21.16 -24.73 58.69
N GLY E 313 21.12 -23.41 58.64
CA GLY E 313 22.32 -22.60 58.73
C GLY E 313 22.44 -21.79 60.00
N GLY E 314 22.07 -22.38 61.12
CA GLY E 314 22.26 -21.74 62.42
C GLY E 314 22.86 -22.71 63.41
N VAL E 315 23.64 -22.17 64.33
CA VAL E 315 24.27 -22.96 65.38
C VAL E 315 23.93 -22.33 66.72
N LEU E 316 23.49 -23.16 67.66
CA LEU E 316 23.07 -22.72 68.99
C LEU E 316 23.77 -23.57 70.04
N THR E 317 24.23 -22.93 71.11
CA THR E 317 24.91 -23.62 72.19
C THR E 317 24.16 -23.39 73.48
N LEU E 318 23.93 -24.47 74.24
CA LEU E 318 23.21 -24.41 75.49
C LEU E 318 24.14 -24.81 76.63
N THR E 319 24.16 -24.01 77.69
CA THR E 319 24.90 -24.31 78.91
C THR E 319 23.92 -24.51 80.05
N TYR E 320 24.11 -25.59 80.79
CA TYR E 320 23.16 -25.98 81.83
C TYR E 320 23.93 -26.57 83.01
N LYS E 321 23.19 -27.17 83.93
CA LYS E 321 23.76 -27.85 85.09
C LYS E 321 22.84 -29.00 85.46
N THR E 322 23.37 -30.22 85.39
CA THR E 322 22.55 -31.42 85.57
C THR E 322 23.19 -32.33 86.60
N ASP E 323 22.35 -33.19 87.18
CA ASP E 323 22.80 -34.15 88.19
C ASP E 323 23.16 -35.50 87.59
N LYS E 324 22.45 -35.93 86.55
CA LYS E 324 22.73 -37.19 85.88
C LYS E 324 22.46 -37.04 84.39
N ASN E 325 23.05 -37.94 83.61
CA ASN E 325 22.98 -37.86 82.16
C ASN E 325 21.85 -38.74 81.62
N GLY E 326 21.18 -38.22 80.59
CA GLY E 326 20.04 -38.90 80.01
C GLY E 326 19.59 -38.24 78.72
N ASP E 327 18.28 -38.09 78.53
CA ASP E 327 17.71 -37.50 77.33
C ASP E 327 16.67 -36.46 77.69
N CYS E 328 16.60 -35.41 76.89
CA CYS E 328 15.55 -34.41 76.95
C CYS E 328 14.91 -34.24 75.59
N SER E 329 13.84 -33.44 75.55
CA SER E 329 13.12 -33.15 74.33
C SER E 329 13.15 -31.66 74.07
N VAL E 330 13.97 -31.23 73.13
CA VAL E 330 14.13 -29.82 72.82
C VAL E 330 12.98 -29.36 71.94
N HIS E 331 12.75 -28.04 71.93
CA HIS E 331 11.69 -27.46 71.12
C HIS E 331 11.93 -25.96 71.00
N SER E 332 11.36 -25.36 69.96
CA SER E 332 11.39 -23.92 69.75
C SER E 332 9.95 -23.43 69.73
N HIS E 333 9.58 -22.65 70.74
CA HIS E 333 8.19 -22.27 70.96
C HIS E 333 7.71 -21.18 70.00
N SER E 334 8.46 -20.90 68.94
CA SER E 334 8.03 -19.97 67.91
C SER E 334 8.34 -20.58 66.54
N ASN E 335 7.58 -20.16 65.54
CA ASN E 335 7.79 -20.62 64.18
C ASN E 335 8.89 -19.85 63.46
N VAL E 336 9.49 -18.85 64.12
CA VAL E 336 10.56 -18.07 63.49
C VAL E 336 11.79 -18.95 63.27
N ALA E 337 12.05 -19.88 64.18
CA ALA E 337 13.19 -20.78 64.09
C ALA E 337 12.70 -22.22 64.24
N THR E 338 13.14 -23.08 63.33
CA THR E 338 12.78 -24.49 63.34
C THR E 338 14.02 -25.31 63.68
N LEU E 339 13.96 -26.09 64.75
CA LEU E 339 15.10 -26.91 65.13
C LEU E 339 15.26 -28.08 64.18
N GLN E 340 16.37 -28.81 64.34
CA GLN E 340 16.66 -29.97 63.51
C GLN E 340 16.27 -31.28 64.18
N GLU E 341 16.60 -31.46 65.45
CA GLU E 341 16.34 -32.69 66.16
C GLU E 341 15.33 -32.46 67.28
N ALA E 342 14.57 -33.51 67.60
CA ALA E 342 13.59 -33.45 68.66
C ALA E 342 14.08 -34.10 69.96
N THR E 343 15.31 -34.58 70.00
CA THR E 343 15.88 -35.18 71.20
C THR E 343 17.36 -34.85 71.26
N ALA E 344 17.82 -34.48 72.46
CA ALA E 344 19.20 -34.06 72.65
C ALA E 344 19.86 -34.94 73.69
N LYS E 345 21.18 -35.02 73.62
CA LYS E 345 21.98 -35.83 74.53
C LYS E 345 22.52 -34.94 75.65
N VAL E 346 21.99 -35.12 76.85
CA VAL E 346 22.37 -34.32 78.01
C VAL E 346 23.46 -35.05 78.78
N LYS E 347 24.55 -34.34 79.07
CA LYS E 347 25.68 -34.89 79.80
C LYS E 347 26.07 -33.95 80.93
N THR E 348 26.86 -34.47 81.85
CA THR E 348 27.30 -33.68 83.00
C THR E 348 28.35 -32.63 82.63
N ALA E 349 28.88 -32.66 81.41
CA ALA E 349 29.87 -31.68 81.00
C ALA E 349 29.30 -30.26 81.03
N GLY E 350 28.04 -30.12 80.63
CA GLY E 350 27.38 -28.83 80.66
C GLY E 350 27.30 -28.09 79.34
N LYS E 351 27.63 -28.73 78.22
CA LYS E 351 27.52 -28.10 76.92
C LYS E 351 26.82 -29.03 75.96
N VAL E 352 25.76 -28.52 75.31
CA VAL E 352 25.06 -29.22 74.24
C VAL E 352 24.73 -28.20 73.16
N THR E 353 24.74 -28.66 71.91
CA THR E 353 24.56 -27.79 70.76
C THR E 353 23.41 -28.27 69.90
N LEU E 354 22.74 -27.32 69.24
CA LEU E 354 21.62 -27.62 68.35
C LEU E 354 21.75 -26.78 67.08
N HIS E 355 20.99 -27.18 66.06
CA HIS E 355 20.97 -26.48 64.78
C HIS E 355 19.55 -26.02 64.48
N PHE E 356 19.42 -24.80 63.98
CA PHE E 356 18.13 -24.23 63.65
C PHE E 356 18.23 -23.47 62.34
N SER E 357 17.09 -23.28 61.70
CA SER E 357 16.99 -22.51 60.47
C SER E 357 15.94 -21.42 60.63
N THR E 358 16.22 -20.26 60.05
CA THR E 358 15.32 -19.11 60.16
C THR E 358 15.41 -18.29 58.88
N ALA E 359 14.49 -17.33 58.76
CA ALA E 359 14.45 -16.47 57.58
C ALA E 359 14.27 -15.00 57.96
N SER E 360 14.64 -14.62 59.18
CA SER E 360 14.49 -13.26 59.66
C SER E 360 15.86 -12.67 59.96
N ALA E 361 15.97 -11.35 59.82
CA ALA E 361 17.24 -10.68 60.06
C ALA E 361 17.68 -10.82 61.52
N SER E 362 16.74 -10.70 62.44
CA SER E 362 17.03 -10.78 63.87
C SER E 362 15.93 -11.61 64.56
N PRO E 363 16.13 -12.91 64.73
CA PRO E 363 15.11 -13.74 65.35
C PRO E 363 15.24 -13.74 66.87
N SER E 364 14.09 -13.98 67.52
CA SER E 364 14.04 -14.04 68.98
C SER E 364 13.02 -15.10 69.37
N PHE E 365 13.49 -16.16 70.01
CA PHE E 365 12.62 -17.28 70.36
C PHE E 365 13.10 -17.88 71.67
N VAL E 366 12.24 -18.70 72.27
CA VAL E 366 12.52 -19.36 73.54
C VAL E 366 12.66 -20.86 73.30
N VAL E 367 13.73 -21.44 73.83
CA VAL E 367 14.03 -22.86 73.65
C VAL E 367 14.01 -23.54 75.01
N SER E 368 13.47 -24.75 75.05
CA SER E 368 13.30 -25.50 76.29
C SER E 368 13.98 -26.85 76.19
N LEU E 369 14.79 -27.18 77.19
CA LEU E 369 15.43 -28.48 77.31
C LEU E 369 14.87 -29.16 78.56
N CYS E 370 14.23 -30.32 78.37
CA CYS E 370 13.44 -30.93 79.43
C CYS E 370 12.47 -29.92 80.03
N SER E 371 12.72 -29.50 81.26
CA SER E 371 11.84 -28.57 81.97
C SER E 371 12.32 -27.12 81.96
N ALA E 372 13.59 -26.88 81.64
CA ALA E 372 14.16 -25.55 81.73
C ALA E 372 13.70 -24.69 80.54
N ARG E 373 14.04 -23.41 80.59
CA ARG E 373 13.72 -22.47 79.53
C ARG E 373 14.84 -21.45 79.41
N ALA E 374 14.92 -20.85 78.22
CA ALA E 374 15.87 -19.78 77.97
C ALA E 374 15.49 -19.09 76.66
N THR E 375 15.84 -17.81 76.56
CA THR E 375 15.52 -17.00 75.40
C THR E 375 16.78 -16.79 74.57
N CYS E 376 16.63 -16.86 73.25
CA CYS E 376 17.75 -16.79 72.32
C CYS E 376 17.61 -15.56 71.44
N SER E 377 18.70 -14.81 71.29
CA SER E 377 18.75 -13.68 70.38
C SER E 377 19.99 -13.80 69.51
N ALA E 378 19.84 -13.45 68.23
CA ALA E 378 20.91 -13.68 67.27
C ALA E 378 20.89 -12.58 66.21
N SER E 379 22.03 -12.46 65.52
CA SER E 379 22.20 -11.55 64.40
C SER E 379 22.64 -12.35 63.19
N CYS E 380 21.88 -12.26 62.10
CA CYS E 380 22.06 -13.12 60.94
C CYS E 380 22.38 -12.31 59.70
N GLU E 381 23.27 -12.84 58.87
CA GLU E 381 23.72 -12.26 57.60
C GLU E 381 23.19 -13.05 56.43
N PRO E 382 22.95 -12.40 55.29
CA PRO E 382 22.31 -13.07 54.15
C PRO E 382 23.20 -14.17 53.58
N PRO E 383 22.62 -15.16 52.92
CA PRO E 383 23.42 -16.17 52.23
C PRO E 383 23.95 -15.65 50.91
N LYS E 384 25.01 -16.31 50.43
CA LYS E 384 25.76 -15.84 49.28
C LYS E 384 25.32 -16.48 47.97
N ASP E 385 24.79 -17.69 48.00
CA ASP E 385 24.39 -18.39 46.79
C ASP E 385 23.01 -17.93 46.34
N HIS E 386 22.84 -17.82 45.02
CA HIS E 386 21.61 -17.24 44.48
C HIS E 386 20.49 -18.26 44.36
N ILE E 387 20.80 -19.49 43.97
CA ILE E 387 19.78 -20.51 43.70
C ILE E 387 20.23 -21.84 44.30
N VAL E 388 19.29 -22.54 44.94
CA VAL E 388 19.55 -23.85 45.53
C VAL E 388 18.51 -24.83 45.00
N PRO E 389 18.83 -26.12 44.92
CA PRO E 389 17.88 -27.10 44.38
C PRO E 389 16.96 -27.77 45.39
N TYR E 390 16.87 -27.28 46.62
CA TYR E 390 16.00 -27.87 47.63
C TYR E 390 15.05 -26.81 48.18
N ALA E 391 13.91 -27.27 48.67
CA ALA E 391 12.86 -26.38 49.13
C ALA E 391 13.26 -25.73 50.45
N ALA E 392 12.51 -24.69 50.82
CA ALA E 392 12.77 -23.97 52.06
C ALA E 392 12.44 -24.84 53.27
N SER E 393 13.24 -24.70 54.32
CA SER E 393 13.06 -25.48 55.54
C SER E 393 12.65 -24.62 56.72
N HIS E 394 12.20 -23.39 56.49
CA HIS E 394 11.73 -22.51 57.54
C HIS E 394 10.27 -22.11 57.27
N SER E 395 9.70 -21.37 58.21
CA SER E 395 8.31 -20.94 58.10
C SER E 395 8.15 -19.67 57.30
N ASN E 396 9.26 -19.09 56.82
CA ASN E 396 9.24 -17.90 55.95
C ASN E 396 8.56 -16.71 56.65
N VAL E 397 9.14 -16.33 57.78
CA VAL E 397 8.73 -15.14 58.51
C VAL E 397 9.89 -14.15 58.49
N VAL E 398 9.60 -12.89 58.20
CA VAL E 398 10.64 -11.91 57.94
C VAL E 398 10.66 -10.77 58.95
N PHE E 399 9.54 -10.41 59.57
CA PHE E 399 9.48 -9.24 60.44
C PHE E 399 10.44 -9.42 61.61
N PRO E 400 11.35 -8.48 61.85
CA PRO E 400 12.39 -8.68 62.86
C PRO E 400 11.87 -8.45 64.27
N ASP E 401 12.71 -8.81 65.24
CA ASP E 401 12.37 -8.61 66.64
C ASP E 401 12.42 -7.12 67.00
N MET E 402 11.66 -6.76 68.03
CA MET E 402 11.59 -5.37 68.47
C MET E 402 12.91 -4.86 69.05
N SER E 403 13.82 -5.76 69.44
CA SER E 403 15.11 -5.38 69.97
C SER E 403 16.22 -5.42 68.91
N GLY E 404 15.86 -5.64 67.64
CA GLY E 404 16.84 -5.64 66.58
C GLY E 404 17.38 -4.25 66.33
N THR E 405 18.43 -4.19 65.51
CA THR E 405 19.13 -2.93 65.28
C THR E 405 18.23 -1.91 64.59
N ALA E 406 17.51 -2.33 63.55
CA ALA E 406 16.66 -1.39 62.83
C ALA E 406 15.55 -0.83 63.72
N LEU E 407 14.88 -1.71 64.46
CA LEU E 407 13.81 -1.24 65.34
C LEU E 407 14.37 -0.47 66.53
N SER E 408 15.60 -0.78 66.95
CA SER E 408 16.23 0.05 67.98
C SER E 408 16.46 1.47 67.48
N TRP E 409 16.96 1.61 66.24
CA TRP E 409 17.13 2.95 65.68
C TRP E 409 15.80 3.67 65.56
N VAL E 410 14.77 2.97 65.09
CA VAL E 410 13.45 3.59 64.97
C VAL E 410 12.94 4.04 66.34
N GLN E 411 13.10 3.18 67.35
CA GLN E 411 12.64 3.52 68.69
C GLN E 411 13.38 4.74 69.23
N LYS E 412 14.69 4.80 69.03
CA LYS E 412 15.46 5.94 69.55
C LYS E 412 15.05 7.24 68.87
N ILE E 413 14.88 7.21 67.54
CA ILE E 413 14.48 8.41 66.82
C ILE E 413 13.09 8.86 67.25
N SER E 414 12.16 7.91 67.36
CA SER E 414 10.80 8.26 67.79
C SER E 414 10.80 8.81 69.21
N GLY E 415 11.63 8.25 70.09
CA GLY E 415 11.71 8.75 71.44
C GLY E 415 12.24 10.17 71.51
N GLY E 416 13.27 10.47 70.71
CA GLY E 416 13.77 11.83 70.65
C GLY E 416 12.71 12.82 70.18
N LEU E 417 12.02 12.46 69.09
CA LEU E 417 10.97 13.36 68.58
C LEU E 417 9.85 13.52 69.59
N GLY E 418 9.46 12.44 70.27
CA GLY E 418 8.42 12.53 71.28
C GLY E 418 8.83 13.37 72.47
N ALA E 419 10.10 13.28 72.87
CA ALA E 419 10.59 14.14 73.94
C ALA E 419 10.54 15.61 73.53
N PHE E 420 10.92 15.91 72.29
CA PHE E 420 10.79 17.28 71.80
C PHE E 420 9.34 17.76 71.87
N ALA E 421 8.42 16.94 71.37
CA ALA E 421 7.01 17.34 71.34
C ALA E 421 6.44 17.52 72.74
N ILE E 422 6.84 16.64 73.68
CA ILE E 422 6.35 16.73 75.05
C ILE E 422 6.89 17.97 75.74
N GLY E 423 8.19 18.26 75.57
CA GLY E 423 8.74 19.48 76.14
C GLY E 423 8.05 20.72 75.61
N ALA E 424 7.75 20.73 74.31
CA ALA E 424 7.03 21.85 73.71
C ALA E 424 5.63 22.00 74.29
N ILE E 425 4.91 20.88 74.41
CA ILE E 425 3.58 20.89 75.03
C ILE E 425 3.68 21.46 76.44
N LEU E 426 4.69 21.04 77.20
CA LEU E 426 4.84 21.55 78.56
C LEU E 426 5.06 23.05 78.57
N VAL E 427 5.89 23.55 77.66
CA VAL E 427 6.15 24.99 77.61
C VAL E 427 4.87 25.75 77.30
N LEU E 428 4.10 25.29 76.30
CA LEU E 428 2.87 26.00 75.95
C LEU E 428 1.87 25.95 77.10
N VAL E 429 1.74 24.80 77.77
CA VAL E 429 0.78 24.68 78.86
C VAL E 429 1.20 25.56 80.03
N VAL E 430 2.51 25.64 80.31
CA VAL E 430 2.97 26.52 81.39
C VAL E 430 2.65 27.97 81.06
N VAL E 431 2.87 28.38 79.81
CA VAL E 431 2.57 29.76 79.45
C VAL E 431 1.08 30.05 79.61
N THR E 432 0.22 29.14 79.13
CA THR E 432 -1.21 29.35 79.25
C THR E 432 -1.66 29.38 80.71
N CYS E 433 -1.09 28.49 81.53
CA CYS E 433 -1.47 28.45 82.94
C CYS E 433 -1.01 29.69 83.68
N ILE E 434 0.16 30.23 83.32
CA ILE E 434 0.61 31.48 83.92
C ILE E 434 -0.31 32.62 83.51
N GLY E 435 -0.74 32.62 82.25
CA GLY E 435 -1.72 33.61 81.82
C GLY E 435 -3.02 33.52 82.58
N LEU E 436 -3.48 32.30 82.86
CA LEU E 436 -4.75 32.12 83.55
C LEU E 436 -4.64 32.45 85.04
N ARG E 437 -3.51 32.14 85.66
CA ARG E 437 -3.33 32.40 87.09
C ARG E 437 -3.48 33.88 87.42
N ARG E 438 -3.17 34.77 86.49
CA ARG E 438 -3.33 36.20 86.72
C ARG E 438 -4.78 36.62 86.50
N TYR F 1 69.50 21.43 -1.18
CA TYR F 1 68.41 22.36 -0.94
C TYR F 1 67.22 21.64 -0.30
N GLU F 2 67.13 21.72 1.02
CA GLU F 2 66.07 21.04 1.74
C GLU F 2 64.71 21.66 1.47
N HIS F 3 63.68 20.83 1.57
CA HIS F 3 62.30 21.29 1.40
C HIS F 3 61.38 20.37 2.19
N SER F 4 60.27 20.94 2.67
CA SER F 4 59.30 20.19 3.46
C SER F 4 57.92 20.38 2.86
N THR F 5 57.11 19.32 2.90
CA THR F 5 55.79 19.34 2.31
C THR F 5 54.91 18.32 3.03
N VAL F 6 53.61 18.59 3.05
CA VAL F 6 52.61 17.67 3.58
C VAL F 6 51.67 17.29 2.43
N MET F 7 51.42 15.99 2.29
CA MET F 7 50.62 15.50 1.19
C MET F 7 49.50 14.61 1.71
N PRO F 8 48.33 14.66 1.10
CA PRO F 8 47.22 13.83 1.56
C PRO F 8 47.49 12.35 1.39
N ASN F 9 46.97 11.56 2.31
CA ASN F 9 47.11 10.10 2.26
C ASN F 9 45.88 9.48 1.59
N VAL F 10 45.66 9.89 0.34
CA VAL F 10 44.56 9.39 -0.46
C VAL F 10 45.15 8.73 -1.70
N VAL F 11 44.73 7.48 -1.97
CA VAL F 11 45.28 6.74 -3.08
C VAL F 11 44.72 7.30 -4.39
N GLY F 12 45.61 7.60 -5.33
CA GLY F 12 45.21 8.11 -6.62
C GLY F 12 45.15 9.61 -6.74
N PHE F 13 45.35 10.34 -5.65
CA PHE F 13 45.32 11.80 -5.70
C PHE F 13 46.60 12.31 -6.35
N PRO F 14 46.52 13.11 -7.41
CA PRO F 14 47.73 13.60 -8.10
C PRO F 14 48.29 14.87 -7.46
N TYR F 15 49.03 14.68 -6.36
CA TYR F 15 49.61 15.81 -5.65
C TYR F 15 50.77 16.40 -6.44
N LYS F 16 50.83 17.73 -6.49
CA LYS F 16 51.88 18.44 -7.20
C LYS F 16 52.55 19.41 -6.24
N ALA F 17 53.87 19.32 -6.12
CA ALA F 17 54.65 20.13 -5.19
C ALA F 17 55.45 21.17 -5.96
N HIS F 18 55.46 22.39 -5.44
CA HIS F 18 56.15 23.52 -6.04
C HIS F 18 57.35 23.91 -5.19
N ILE F 19 58.51 24.02 -5.83
CA ILE F 19 59.75 24.41 -5.16
C ILE F 19 60.29 25.64 -5.86
N GLU F 20 60.55 26.70 -5.08
CA GLU F 20 60.93 28.00 -5.61
C GLU F 20 62.32 28.37 -5.10
N ARG F 21 63.35 27.96 -5.84
CA ARG F 21 64.70 28.36 -5.51
C ARG F 21 64.91 29.82 -5.91
N PRO F 22 65.43 30.67 -5.01
CA PRO F 22 65.59 32.09 -5.35
C PRO F 22 66.50 32.34 -6.54
N GLY F 23 67.55 31.53 -6.70
CA GLY F 23 68.50 31.72 -7.77
C GLY F 23 68.24 30.96 -9.05
N TYR F 24 67.20 30.16 -9.12
CA TYR F 24 66.91 29.33 -10.29
C TYR F 24 65.43 29.45 -10.65
N SER F 25 65.07 28.80 -11.75
CA SER F 25 63.68 28.78 -12.18
C SER F 25 62.87 27.84 -11.31
N PRO F 26 61.58 28.11 -11.11
CA PRO F 26 60.76 27.23 -10.27
C PRO F 26 60.64 25.84 -10.85
N LEU F 27 60.49 24.86 -9.97
CA LEU F 27 60.37 23.46 -10.34
C LEU F 27 59.09 22.88 -9.73
N THR F 28 58.48 21.96 -10.46
CA THR F 28 57.25 21.31 -10.02
C THR F 28 57.45 19.81 -9.94
N LEU F 29 57.02 19.22 -8.82
CA LEU F 29 57.14 17.79 -8.57
C LEU F 29 55.76 17.16 -8.58
N GLN F 30 55.71 15.89 -8.95
CA GLN F 30 54.48 15.11 -8.91
C GLN F 30 54.71 13.85 -8.09
N MET F 31 53.87 13.64 -7.07
CA MET F 31 53.95 12.47 -6.21
C MET F 31 52.56 11.89 -6.04
N GLN F 32 52.46 10.56 -6.13
CA GLN F 32 51.18 9.87 -6.02
C GLN F 32 51.37 8.59 -5.23
N VAL F 33 50.45 8.35 -4.30
CA VAL F 33 50.48 7.18 -3.43
C VAL F 33 49.72 6.07 -4.13
N VAL F 34 50.46 5.06 -4.60
CA VAL F 34 49.84 3.97 -5.36
C VAL F 34 49.21 2.95 -4.42
N GLU F 35 49.90 2.58 -3.36
CA GLU F 35 49.44 1.51 -2.49
C GLU F 35 49.98 1.73 -1.07
N THR F 36 49.16 1.37 -0.08
CA THR F 36 49.54 1.43 1.32
C THR F 36 49.12 0.14 2.01
N SER F 37 49.71 -0.13 3.17
CA SER F 37 49.42 -1.35 3.91
C SER F 37 49.72 -1.12 5.39
N LEU F 38 48.67 -1.14 6.22
CA LEU F 38 48.81 -1.00 7.66
C LEU F 38 49.10 -2.37 8.27
N GLU F 39 50.30 -2.55 8.79
CA GLU F 39 50.75 -3.85 9.28
C GLU F 39 50.83 -3.85 10.80
N PRO F 40 49.95 -4.56 11.50
CA PRO F 40 50.04 -4.62 12.96
C PRO F 40 51.00 -5.72 13.41
N THR F 41 51.25 -5.73 14.71
CA THR F 41 52.10 -6.74 15.35
C THR F 41 51.21 -7.70 16.13
N LEU F 42 51.49 -9.00 16.00
CA LEU F 42 50.60 -10.03 16.53
C LEU F 42 51.34 -10.95 17.47
N ASN F 43 50.68 -11.32 18.57
CA ASN F 43 51.16 -12.33 19.50
C ASN F 43 50.15 -13.46 19.56
N LEU F 44 50.62 -14.69 19.47
CA LEU F 44 49.73 -15.85 19.43
C LEU F 44 49.29 -16.23 20.83
N GLU F 45 47.98 -16.41 21.02
CA GLU F 45 47.41 -16.82 22.29
C GLU F 45 47.11 -18.32 22.32
N TYR F 46 46.27 -18.80 21.41
CA TYR F 46 45.94 -20.21 21.30
C TYR F 46 45.18 -20.41 19.98
N ILE F 47 44.79 -21.67 19.74
CA ILE F 47 44.03 -22.04 18.56
C ILE F 47 42.84 -22.89 18.99
N THR F 48 41.91 -23.14 18.07
CA THR F 48 40.71 -23.90 18.36
C THR F 48 40.30 -24.72 17.15
N CYS F 49 39.79 -25.92 17.40
CA CYS F 49 39.27 -26.79 16.34
C CYS F 49 38.28 -27.76 16.95
N GLU F 50 37.66 -28.57 16.10
CA GLU F 50 36.72 -29.58 16.57
C GLU F 50 37.44 -30.63 17.41
N TYR F 51 36.74 -31.15 18.41
CA TYR F 51 37.26 -32.22 19.24
C TYR F 51 36.78 -33.57 18.71
N LYS F 52 37.43 -34.63 19.19
CA LYS F 52 37.10 -35.99 18.79
C LYS F 52 37.08 -36.86 20.04
N THR F 53 35.92 -37.38 20.39
CA THR F 53 35.75 -38.20 21.58
C THR F 53 36.32 -39.59 21.32
N VAL F 54 37.14 -40.07 22.25
CA VAL F 54 37.76 -41.39 22.15
C VAL F 54 37.07 -42.30 23.16
N VAL F 55 36.47 -43.38 22.68
CA VAL F 55 35.77 -44.33 23.55
C VAL F 55 36.37 -45.72 23.36
N PRO F 56 37.32 -46.13 24.19
CA PRO F 56 37.89 -47.47 24.06
C PRO F 56 36.86 -48.54 24.40
N SER F 57 37.15 -49.75 23.97
CA SER F 57 36.24 -50.87 24.19
C SER F 57 36.10 -51.15 25.67
N PRO F 58 34.89 -51.33 26.19
CA PRO F 58 34.72 -51.58 27.62
C PRO F 58 35.30 -52.91 28.03
N TYR F 59 35.71 -52.99 29.29
CA TYR F 59 36.32 -54.18 29.87
C TYR F 59 35.36 -54.79 30.88
N VAL F 60 34.63 -55.81 30.45
CA VAL F 60 33.64 -56.47 31.31
C VAL F 60 34.38 -57.54 32.12
N LYS F 61 34.73 -57.20 33.35
CA LYS F 61 35.35 -58.14 34.26
C LYS F 61 34.26 -58.82 35.09
N CYS F 62 34.13 -60.12 34.93
CA CYS F 62 33.07 -60.88 35.56
C CYS F 62 33.63 -62.00 36.43
N CYS F 63 32.84 -62.42 37.41
CA CYS F 63 33.31 -63.27 38.51
C CYS F 63 34.47 -62.59 39.24
N GLY F 64 34.25 -61.32 39.55
CA GLY F 64 35.28 -60.51 40.20
C GLY F 64 34.84 -59.07 40.29
N ALA F 65 35.83 -58.18 40.37
CA ALA F 65 35.56 -56.74 40.45
C ALA F 65 36.75 -55.98 39.93
N SER F 66 36.49 -54.75 39.48
CA SER F 66 37.52 -53.87 38.93
C SER F 66 37.49 -52.52 39.64
N GLU F 67 38.65 -51.90 39.73
CA GLU F 67 38.81 -50.61 40.39
C GLU F 67 39.20 -49.54 39.37
N CYS F 68 38.51 -48.41 39.43
CA CYS F 68 38.79 -47.30 38.53
C CYS F 68 40.12 -46.64 38.88
N SER F 69 40.79 -46.11 37.86
CA SER F 69 42.06 -45.41 38.02
C SER F 69 42.01 -44.09 37.26
N THR F 70 42.76 -43.10 37.76
CA THR F 70 42.80 -41.79 37.15
C THR F 70 44.09 -41.60 36.35
N LYS F 71 43.96 -40.94 35.20
CA LYS F 71 45.10 -40.66 34.33
C LYS F 71 45.10 -39.18 33.97
N GLU F 72 46.16 -38.77 33.30
CA GLU F 72 46.36 -37.37 32.92
C GLU F 72 45.97 -37.19 31.45
N LYS F 73 44.66 -37.16 31.22
CA LYS F 73 44.13 -36.93 29.89
C LYS F 73 43.07 -35.83 29.95
N PRO F 74 42.93 -35.06 28.87
CA PRO F 74 41.95 -33.97 28.87
C PRO F 74 40.53 -34.47 29.00
N ASP F 75 39.81 -33.91 29.98
CA ASP F 75 38.39 -34.23 30.22
C ASP F 75 38.19 -35.73 30.41
N TYR F 76 39.09 -36.36 31.16
CA TYR F 76 39.02 -37.79 31.37
C TYR F 76 37.86 -38.16 32.27
N GLN F 77 37.28 -39.34 32.02
CA GLN F 77 36.17 -39.85 32.80
C GLN F 77 36.31 -41.36 32.93
N CYS F 78 35.96 -41.89 34.10
CA CYS F 78 36.06 -43.32 34.35
C CYS F 78 35.09 -43.70 35.45
N LYS F 79 34.39 -44.82 35.27
CA LYS F 79 33.43 -45.30 36.25
C LYS F 79 33.40 -46.82 36.23
N VAL F 80 32.92 -47.40 37.33
CA VAL F 80 32.80 -48.84 37.46
C VAL F 80 31.36 -49.16 37.86
N TYR F 81 30.71 -50.02 37.08
CA TYR F 81 29.33 -50.41 37.31
C TYR F 81 29.27 -51.85 37.79
N THR F 82 28.26 -52.16 38.60
CA THR F 82 28.10 -53.49 39.18
C THR F 82 26.73 -54.05 38.84
N GLY F 83 26.69 -55.32 38.46
CA GLY F 83 25.45 -55.99 38.16
C GLY F 83 25.09 -56.10 36.70
N VAL F 84 26.05 -56.28 35.81
CA VAL F 84 25.78 -56.35 34.38
C VAL F 84 25.76 -57.81 33.93
N TYR F 85 24.88 -58.11 32.98
CA TYR F 85 24.78 -59.43 32.37
C TYR F 85 24.81 -59.25 30.86
N PRO F 86 26.00 -59.13 30.27
CA PRO F 86 26.09 -58.84 28.84
C PRO F 86 25.61 -60.00 27.98
N PHE F 87 25.07 -59.66 26.82
CA PHE F 87 24.66 -60.62 25.81
C PHE F 87 25.47 -60.39 24.54
N MET F 88 25.73 -61.48 23.81
CA MET F 88 26.39 -61.41 22.52
C MET F 88 25.59 -62.23 21.50
N TRP F 89 26.10 -62.31 20.28
CA TRP F 89 25.36 -62.96 19.21
C TRP F 89 25.17 -64.45 19.48
N GLY F 90 26.20 -65.11 19.99
CA GLY F 90 26.14 -66.53 20.25
C GLY F 90 25.55 -66.93 21.57
N GLY F 91 25.08 -65.97 22.36
CA GLY F 91 24.52 -66.26 23.66
C GLY F 91 25.00 -65.23 24.67
N ALA F 92 25.14 -65.68 25.91
CA ALA F 92 25.60 -64.84 27.00
C ALA F 92 26.79 -65.51 27.68
N TYR F 93 27.88 -64.78 27.82
CA TYR F 93 29.04 -65.28 28.53
C TYR F 93 29.05 -64.68 29.94
N CYS F 94 30.11 -64.95 30.70
CA CYS F 94 30.16 -64.63 32.13
C CYS F 94 29.02 -65.34 32.89
N PHE F 95 29.21 -66.66 32.99
CA PHE F 95 28.35 -67.59 33.71
C PHE F 95 27.87 -67.00 35.04
N CYS F 96 28.75 -66.28 35.75
CA CYS F 96 28.37 -65.67 37.01
C CYS F 96 27.14 -64.79 36.82
N ASP F 97 26.14 -64.97 37.68
CA ASP F 97 24.83 -64.39 37.42
C ASP F 97 24.81 -62.88 37.62
N SER F 98 25.36 -62.39 38.73
CA SER F 98 25.20 -60.99 39.09
C SER F 98 26.48 -60.28 39.48
N GLU F 99 27.52 -60.99 39.89
CA GLU F 99 28.77 -60.35 40.33
C GLU F 99 29.72 -60.15 39.15
N ASN F 100 29.27 -59.32 38.21
CA ASN F 100 30.05 -58.89 37.07
C ASN F 100 30.11 -57.38 37.03
N THR F 101 31.22 -56.85 36.53
CA THR F 101 31.44 -55.41 36.49
C THR F 101 31.88 -54.98 35.09
N GLN F 102 31.55 -53.74 34.74
CA GLN F 102 31.95 -53.14 33.47
C GLN F 102 32.67 -51.84 33.76
N LEU F 103 33.81 -51.62 33.11
CA LEU F 103 34.60 -50.42 33.31
C LEU F 103 34.48 -49.54 32.07
N SER F 104 33.89 -48.36 32.23
CA SER F 104 33.69 -47.41 31.15
C SER F 104 34.79 -46.37 31.16
N GLU F 105 35.32 -46.06 29.99
CA GLU F 105 36.40 -45.09 29.84
C GLU F 105 36.10 -44.19 28.65
N ALA F 106 36.47 -42.91 28.77
CA ALA F 106 36.27 -41.97 27.68
C ALA F 106 37.07 -40.70 27.99
N TYR F 107 37.44 -40.00 26.92
CA TYR F 107 38.08 -38.69 27.00
C TYR F 107 38.03 -38.05 25.62
N VAL F 108 38.54 -36.83 25.51
CA VAL F 108 38.52 -36.09 24.25
C VAL F 108 39.94 -35.86 23.80
N ASP F 109 40.08 -35.47 22.53
CA ASP F 109 41.39 -35.22 21.95
C ASP F 109 41.21 -34.32 20.74
N ARG F 110 42.31 -33.70 20.32
CA ARG F 110 42.29 -32.82 19.16
C ARG F 110 42.08 -33.63 17.89
N SER F 111 41.23 -33.11 16.99
CA SER F 111 40.82 -33.87 15.82
C SER F 111 41.99 -34.10 14.87
N ASP F 112 41.74 -34.94 13.86
CA ASP F 112 42.77 -35.31 12.90
C ASP F 112 43.09 -34.21 11.91
N VAL F 113 42.12 -33.32 11.62
CA VAL F 113 42.29 -32.31 10.59
C VAL F 113 42.49 -30.93 11.20
N CYS F 114 42.80 -30.86 12.49
CA CYS F 114 43.00 -29.58 13.15
C CYS F 114 44.15 -28.79 12.55
N ARG F 115 45.13 -29.46 11.94
CA ARG F 115 46.25 -28.76 11.34
C ARG F 115 45.86 -28.07 10.03
N HIS F 116 44.75 -28.46 9.42
CA HIS F 116 44.29 -27.86 8.18
C HIS F 116 43.14 -26.89 8.35
N ASP F 117 42.42 -26.94 9.47
CA ASP F 117 41.22 -26.11 9.69
C ASP F 117 41.17 -25.73 11.16
N HIS F 118 41.64 -24.53 11.48
CA HIS F 118 41.60 -24.04 12.85
C HIS F 118 41.48 -22.52 12.82
N ALA F 119 41.02 -21.96 13.94
CA ALA F 119 40.91 -20.52 14.12
C ALA F 119 41.89 -20.08 15.20
N SER F 120 42.64 -19.01 14.92
CA SER F 120 43.67 -18.53 15.81
C SER F 120 43.16 -17.33 16.60
N ALA F 121 43.80 -17.08 17.75
CA ALA F 121 43.50 -15.93 18.59
C ALA F 121 44.77 -15.11 18.77
N TYR F 122 44.68 -13.82 18.49
CA TYR F 122 45.84 -12.94 18.49
C TYR F 122 45.58 -11.70 19.34
N LYS F 123 46.67 -11.08 19.79
CA LYS F 123 46.64 -9.75 20.38
C LYS F 123 47.42 -8.82 19.48
N ALA F 124 46.78 -7.72 19.08
CA ALA F 124 47.35 -6.80 18.09
C ALA F 124 47.63 -5.45 18.73
N HIS F 125 48.81 -4.90 18.45
CA HIS F 125 49.19 -3.60 18.98
C HIS F 125 50.32 -3.03 18.15
N THR F 126 50.46 -1.70 18.21
CA THR F 126 51.56 -0.97 17.58
C THR F 126 51.66 -1.26 16.08
N ALA F 127 50.65 -0.80 15.36
CA ALA F 127 50.62 -0.99 13.91
C ALA F 127 51.75 -0.20 13.25
N SER F 128 52.28 -0.76 12.16
CA SER F 128 53.31 -0.13 11.36
C SER F 128 52.80 0.02 9.93
N LEU F 129 53.03 1.20 9.34
CA LEU F 129 52.49 1.52 8.03
C LEU F 129 53.58 1.42 6.97
N LYS F 130 53.21 0.92 5.79
CA LYS F 130 54.11 0.77 4.66
C LYS F 130 53.38 1.26 3.42
N ALA F 131 54.12 1.92 2.53
CA ALA F 131 53.50 2.54 1.35
C ALA F 131 54.41 2.41 0.15
N LYS F 132 53.80 2.49 -1.03
CA LYS F 132 54.50 2.49 -2.31
C LYS F 132 54.08 3.73 -3.07
N VAL F 133 55.03 4.56 -3.46
CA VAL F 133 54.77 5.88 -4.01
C VAL F 133 55.43 6.02 -5.36
N ARG F 134 54.84 6.85 -6.23
CA ARG F 134 55.37 7.16 -7.55
C ARG F 134 55.71 8.64 -7.60
N VAL F 135 56.93 8.96 -8.04
CA VAL F 135 57.40 10.33 -8.17
C VAL F 135 57.88 10.54 -9.59
N MET F 136 57.49 11.66 -10.21
CA MET F 136 57.90 11.98 -11.55
C MET F 136 58.13 13.49 -11.69
N TYR F 137 59.22 13.85 -12.35
CA TYR F 137 59.57 15.23 -12.62
C TYR F 137 60.68 15.25 -13.66
N GLY F 138 60.67 16.26 -14.51
CA GLY F 138 61.67 16.35 -15.55
C GLY F 138 61.65 15.16 -16.48
N ASN F 139 62.65 14.28 -16.35
CA ASN F 139 62.75 13.11 -17.21
C ASN F 139 62.82 11.80 -16.43
N VAL F 140 62.41 11.80 -15.16
CA VAL F 140 62.42 10.60 -14.34
C VAL F 140 60.98 10.20 -14.02
N ASN F 141 60.73 8.89 -13.98
CA ASN F 141 59.41 8.36 -13.69
C ASN F 141 59.62 7.01 -12.99
N GLN F 142 59.55 7.01 -11.67
CA GLN F 142 59.89 5.83 -10.88
C GLN F 142 58.86 5.60 -9.80
N THR F 143 58.78 4.33 -9.37
CA THR F 143 57.93 3.93 -8.25
C THR F 143 58.81 3.23 -7.21
N VAL F 144 58.67 3.63 -5.95
CA VAL F 144 59.47 3.08 -4.88
C VAL F 144 58.57 2.72 -3.70
N ASP F 145 59.07 1.84 -2.86
CA ASP F 145 58.39 1.42 -1.64
C ASP F 145 59.18 1.88 -0.42
N VAL F 146 58.50 2.57 0.49
CA VAL F 146 59.15 3.20 1.64
C VAL F 146 58.36 2.88 2.89
N TYR F 147 59.05 2.89 4.03
CA TYR F 147 58.38 2.85 5.32
C TYR F 147 58.00 4.27 5.72
N VAL F 148 56.75 4.46 6.10
CA VAL F 148 56.23 5.81 6.41
C VAL F 148 56.59 6.07 7.87
N ASN F 149 57.82 6.54 8.07
CA ASN F 149 58.33 6.97 9.36
C ASN F 149 59.62 7.75 9.11
N GLY F 150 59.82 8.82 9.89
CA GLY F 150 60.88 9.75 9.59
C GLY F 150 62.29 9.26 9.88
N ASP F 151 62.61 8.04 9.45
CA ASP F 151 63.97 7.54 9.60
C ASP F 151 64.44 6.70 8.41
N HIS F 152 63.68 6.65 7.32
CA HIS F 152 64.05 5.86 6.14
C HIS F 152 64.30 6.80 4.98
N ALA F 153 65.45 6.66 4.33
CA ALA F 153 65.85 7.50 3.22
C ALA F 153 66.03 6.65 1.97
N VAL F 154 65.41 7.08 0.87
CA VAL F 154 65.52 6.40 -0.41
C VAL F 154 66.02 7.40 -1.45
N THR F 155 66.93 6.94 -2.32
CA THR F 155 67.49 7.79 -3.35
C THR F 155 66.79 7.53 -4.68
N ILE F 156 66.27 8.59 -5.28
CA ILE F 156 65.57 8.53 -6.57
C ILE F 156 66.20 9.56 -7.48
N GLY F 157 67.15 9.13 -8.31
CA GLY F 157 67.84 10.05 -9.20
C GLY F 157 68.62 11.13 -8.47
N GLY F 158 69.33 10.75 -7.41
CA GLY F 158 70.13 11.69 -6.65
C GLY F 158 69.37 12.50 -5.62
N THR F 159 68.09 12.21 -5.41
CA THR F 159 67.26 12.95 -4.46
C THR F 159 66.95 12.08 -3.26
N GLN F 160 67.17 12.63 -2.07
CA GLN F 160 66.87 11.92 -0.82
C GLN F 160 65.46 12.23 -0.38
N PHE F 161 64.66 11.19 -0.19
CA PHE F 161 63.27 11.31 0.25
C PHE F 161 63.11 10.65 1.61
N ILE F 162 62.54 11.38 2.56
CA ILE F 162 62.20 10.86 3.88
C ILE F 162 60.75 11.18 4.15
N PHE F 163 59.94 10.14 4.34
CA PHE F 163 58.50 10.31 4.57
C PHE F 163 58.25 10.29 6.08
N GLY F 164 57.66 11.37 6.59
CA GLY F 164 57.45 11.51 8.01
C GLY F 164 56.35 10.61 8.53
N PRO F 165 56.23 10.52 9.85
CA PRO F 165 55.19 9.67 10.44
C PRO F 165 53.79 10.19 10.12
N LEU F 166 52.83 9.27 10.12
CA LEU F 166 51.45 9.63 9.80
C LEU F 166 50.90 10.60 10.84
N SER F 167 49.99 11.45 10.38
CA SER F 167 49.42 12.47 11.26
C SER F 167 48.61 11.85 12.40
N SER F 168 47.79 10.86 12.10
CA SER F 168 46.92 10.23 13.08
C SER F 168 47.36 8.78 13.32
N ALA F 169 47.08 8.28 14.52
CA ALA F 169 47.43 6.93 14.92
C ALA F 169 46.21 6.03 15.00
N TRP F 170 45.26 6.20 14.08
CA TRP F 170 44.03 5.42 14.06
C TRP F 170 44.27 4.08 13.37
N THR F 171 43.85 3.00 14.02
CA THR F 171 43.95 1.66 13.48
C THR F 171 42.60 0.96 13.60
N PRO F 172 42.21 0.18 12.58
CA PRO F 172 40.91 -0.50 12.64
C PRO F 172 40.92 -1.76 13.49
N PHE F 173 42.09 -2.31 13.82
CA PHE F 173 42.15 -3.54 14.59
C PHE F 173 41.98 -3.26 16.07
N ASP F 174 41.11 -4.02 16.72
CA ASP F 174 40.89 -3.91 18.15
C ASP F 174 42.07 -4.57 18.86
N ASN F 175 42.02 -4.63 20.20
CA ASN F 175 43.11 -5.23 20.95
C ASN F 175 43.16 -6.74 20.80
N LYS F 176 42.01 -7.40 20.75
CA LYS F 176 41.94 -8.85 20.63
C LYS F 176 41.31 -9.22 19.29
N ILE F 177 41.99 -10.09 18.55
CA ILE F 177 41.62 -10.42 17.18
C ILE F 177 41.54 -11.94 17.02
N VAL F 178 40.49 -12.40 16.33
CA VAL F 178 40.33 -13.80 15.97
C VAL F 178 40.45 -13.91 14.46
N VAL F 179 41.41 -14.70 13.99
CA VAL F 179 41.70 -14.84 12.57
C VAL F 179 41.29 -16.24 12.11
N TYR F 180 40.54 -16.30 11.01
CA TYR F 180 40.07 -17.56 10.46
C TYR F 180 40.20 -17.52 8.95
N LYS F 181 41.13 -18.32 8.41
CA LYS F 181 41.36 -18.41 6.96
C LYS F 181 41.71 -17.04 6.37
N ASP F 182 40.71 -16.36 5.82
CA ASP F 182 40.92 -15.06 5.19
C ASP F 182 39.95 -14.01 5.73
N GLU F 183 39.63 -14.09 7.02
CA GLU F 183 38.74 -13.13 7.66
C GLU F 183 39.29 -12.74 9.01
N VAL F 184 38.98 -11.53 9.45
CA VAL F 184 39.41 -11.00 10.74
C VAL F 184 38.19 -10.55 11.51
N PHE F 185 38.13 -10.90 12.79
CA PHE F 185 37.00 -10.59 13.64
C PHE F 185 37.44 -9.79 14.85
N ASN F 186 36.65 -8.79 15.22
CA ASN F 186 36.88 -8.03 16.44
C ASN F 186 36.09 -8.71 17.55
N GLN F 187 36.74 -9.67 18.21
CA GLN F 187 36.06 -10.55 19.15
C GLN F 187 36.86 -10.61 20.45
N ASP F 188 36.13 -10.79 21.56
CA ASP F 188 36.74 -10.89 22.89
C ASP F 188 36.67 -12.35 23.32
N PHE F 189 37.74 -13.09 23.03
CA PHE F 189 37.78 -14.51 23.34
C PHE F 189 38.10 -14.74 24.82
N PRO F 190 37.65 -15.86 25.38
CA PRO F 190 37.96 -16.14 26.78
C PRO F 190 39.44 -16.42 26.96
N PRO F 191 39.98 -16.18 28.15
CA PRO F 191 41.41 -16.44 28.38
C PRO F 191 41.72 -17.92 28.35
N TYR F 192 42.98 -18.23 28.04
CA TYR F 192 43.42 -19.62 28.02
C TYR F 192 43.24 -20.25 29.39
N GLY F 193 42.68 -21.46 29.41
CA GLY F 193 42.43 -22.16 30.65
C GLY F 193 41.11 -21.83 31.31
N SER F 194 40.25 -21.06 30.67
CA SER F 194 38.94 -20.70 31.23
C SER F 194 37.86 -20.82 30.17
N GLY F 195 37.93 -21.87 29.36
CA GLY F 195 36.92 -22.06 28.34
C GLY F 195 35.61 -22.60 28.90
N GLN F 196 34.52 -22.28 28.22
CA GLN F 196 33.22 -22.76 28.63
C GLN F 196 32.66 -23.73 27.60
N PRO F 197 32.01 -24.81 28.04
CA PRO F 197 31.50 -25.80 27.08
C PRO F 197 30.39 -25.24 26.21
N GLY F 198 30.42 -25.60 24.94
CA GLY F 198 29.38 -25.24 23.99
C GLY F 198 29.59 -23.93 23.26
N ARG F 199 30.60 -23.15 23.63
CA ARG F 199 30.87 -21.86 23.00
C ARG F 199 32.28 -21.88 22.42
N PHE F 200 32.72 -20.72 21.93
CA PHE F 200 34.02 -20.64 21.30
C PHE F 200 35.12 -21.00 22.27
N GLY F 201 36.09 -21.77 21.79
CA GLY F 201 37.21 -22.17 22.61
C GLY F 201 36.89 -23.11 23.75
N ASP F 202 36.03 -24.11 23.52
CA ASP F 202 35.82 -25.13 24.53
C ASP F 202 37.06 -25.98 24.72
N ILE F 203 37.86 -26.14 23.67
CA ILE F 203 39.19 -26.76 23.76
C ILE F 203 40.19 -25.76 23.21
N GLN F 204 41.34 -25.67 23.88
CA GLN F 204 42.35 -24.68 23.52
C GLN F 204 43.73 -25.33 23.59
N SER F 205 44.58 -24.97 22.63
CA SER F 205 45.95 -25.47 22.57
C SER F 205 46.90 -24.31 22.34
N ARG F 206 48.08 -24.38 22.95
CA ARG F 206 49.01 -23.26 22.88
C ARG F 206 49.45 -22.99 21.45
N THR F 207 49.72 -24.04 20.69
CA THR F 207 50.07 -23.89 19.28
C THR F 207 49.65 -25.17 18.54
N VAL F 208 49.74 -25.12 17.21
CA VAL F 208 49.23 -26.21 16.39
C VAL F 208 50.00 -27.50 16.67
N GLU F 209 51.27 -27.39 17.02
CA GLU F 209 52.09 -28.57 17.30
C GLU F 209 52.35 -28.77 18.79
N SER F 210 51.65 -28.04 19.66
CA SER F 210 51.87 -28.17 21.09
C SER F 210 51.37 -29.51 21.60
N ASN F 211 52.02 -30.02 22.64
CA ASN F 211 51.61 -31.30 23.23
C ASN F 211 50.44 -31.13 24.19
N ASP F 212 50.44 -30.05 24.97
CA ASP F 212 49.41 -29.86 25.98
C ASP F 212 48.05 -29.56 25.35
N LEU F 213 47.00 -29.72 26.15
CA LEU F 213 45.64 -29.47 25.72
C LEU F 213 44.76 -29.26 26.94
N TYR F 214 43.90 -28.24 26.87
CA TYR F 214 42.90 -27.98 27.89
C TYR F 214 41.53 -28.15 27.26
N ALA F 215 40.70 -29.01 27.86
CA ALA F 215 39.39 -29.33 27.30
C ALA F 215 38.36 -29.34 28.41
N ASN F 216 37.21 -28.72 28.15
CA ASN F 216 36.09 -28.67 29.09
C ASN F 216 34.80 -28.76 28.28
N THR F 217 34.29 -29.98 28.11
CA THR F 217 33.08 -30.20 27.32
C THR F 217 31.99 -30.93 28.10
N ALA F 218 32.16 -31.11 29.41
CA ALA F 218 31.15 -31.72 30.27
C ALA F 218 30.80 -33.13 29.80
N LEU F 219 31.83 -33.96 29.65
CA LEU F 219 31.65 -35.35 29.25
C LEU F 219 31.19 -36.15 30.47
N LYS F 220 30.01 -36.76 30.38
CA LYS F 220 29.43 -37.48 31.50
C LYS F 220 28.98 -38.86 31.04
N LEU F 221 29.37 -39.89 31.79
CA LEU F 221 29.03 -41.27 31.47
C LEU F 221 27.71 -41.66 32.14
N ALA F 222 27.13 -42.75 31.67
CA ALA F 222 25.87 -43.25 32.18
C ALA F 222 25.92 -44.76 32.33
N ARG F 223 24.92 -45.30 33.01
CA ARG F 223 24.88 -46.74 33.25
C ARG F 223 24.38 -47.46 32.01
N PRO F 224 25.08 -48.50 31.56
CA PRO F 224 24.61 -49.24 30.38
C PRO F 224 23.29 -49.96 30.64
N SER F 225 22.50 -50.10 29.59
CA SER F 225 21.22 -50.77 29.71
C SER F 225 21.43 -52.25 30.01
N PRO F 226 20.45 -52.91 30.62
CA PRO F 226 20.61 -54.34 30.92
C PRO F 226 20.78 -55.17 29.66
N GLY F 227 21.68 -56.14 29.74
CA GLY F 227 21.94 -57.03 28.61
C GLY F 227 22.50 -56.34 27.39
N MET F 228 23.42 -55.39 27.58
CA MET F 228 23.99 -54.66 26.46
C MET F 228 25.45 -54.34 26.76
N VAL F 229 26.23 -54.13 25.69
CA VAL F 229 27.61 -53.67 25.79
C VAL F 229 27.74 -52.48 24.84
N HIS F 230 27.50 -51.27 25.36
CA HIS F 230 27.54 -50.10 24.49
C HIS F 230 28.15 -48.84 25.10
N VAL F 231 28.51 -48.85 26.38
CA VAL F 231 29.18 -47.73 27.08
C VAL F 231 28.62 -46.38 26.66
N PRO F 232 27.41 -46.02 27.11
CA PRO F 232 26.81 -44.76 26.67
C PRO F 232 27.45 -43.56 27.36
N TYR F 233 27.17 -42.39 26.79
CA TYR F 233 27.67 -41.13 27.34
C TYR F 233 26.85 -39.98 26.76
N THR F 234 27.04 -38.80 27.33
CA THR F 234 26.46 -37.57 26.81
C THR F 234 27.53 -36.49 26.80
N GLN F 235 27.38 -35.54 25.88
CA GLN F 235 28.39 -34.51 25.69
C GLN F 235 27.80 -33.35 24.92
N THR F 236 28.10 -32.12 25.35
CA THR F 236 27.62 -30.95 24.65
C THR F 236 28.28 -30.83 23.28
N PRO F 237 27.59 -30.30 22.28
CA PRO F 237 28.17 -30.23 20.93
C PRO F 237 29.42 -29.38 20.90
N SER F 238 30.12 -29.46 19.77
CA SER F 238 31.37 -28.71 19.61
C SER F 238 31.11 -27.23 19.59
N GLY F 239 31.96 -26.48 20.30
CA GLY F 239 31.82 -25.03 20.31
C GLY F 239 32.32 -24.37 19.05
N PHE F 240 33.31 -24.97 18.38
CA PHE F 240 33.84 -24.39 17.16
C PHE F 240 32.78 -24.38 16.05
N LYS F 241 32.00 -25.46 15.92
CA LYS F 241 30.98 -25.50 14.89
C LYS F 241 29.89 -24.47 15.14
N TYR F 242 29.46 -24.32 16.39
CA TYR F 242 28.44 -23.32 16.68
C TYR F 242 28.99 -21.91 16.53
N TRP F 243 30.29 -21.71 16.79
CA TRP F 243 30.90 -20.43 16.47
C TRP F 243 30.87 -20.18 14.97
N LEU F 244 31.15 -21.21 14.18
CA LEU F 244 31.06 -21.07 12.73
C LEU F 244 29.66 -20.69 12.29
N LYS F 245 28.65 -21.26 12.94
CA LYS F 245 27.27 -20.97 12.56
C LYS F 245 26.80 -19.59 13.00
N GLU F 246 27.23 -19.13 14.18
CA GLU F 246 26.64 -17.93 14.78
C GLU F 246 27.68 -16.85 15.09
N LYS F 247 28.80 -16.85 14.36
CA LYS F 247 29.86 -15.87 14.64
C LYS F 247 29.39 -14.46 14.37
N GLY F 248 28.73 -14.24 13.23
CA GLY F 248 28.16 -12.94 12.93
C GLY F 248 29.17 -11.91 12.48
N THR F 249 28.79 -11.11 11.49
CA THR F 249 29.58 -9.99 11.00
C THR F 249 30.99 -10.40 10.58
N ALA F 250 31.86 -9.41 10.39
CA ALA F 250 33.26 -9.60 10.07
C ALA F 250 33.94 -8.24 10.18
N LEU F 251 35.21 -8.17 9.79
CA LEU F 251 35.87 -6.88 9.62
C LEU F 251 36.09 -6.51 8.17
N ASN F 252 36.03 -7.47 7.25
CA ASN F 252 36.15 -7.17 5.83
C ASN F 252 34.98 -6.32 5.35
N THR F 253 33.79 -6.55 5.91
CA THR F 253 32.58 -5.83 5.52
C THR F 253 32.15 -4.79 6.55
N LYS F 254 33.04 -4.41 7.47
CA LYS F 254 32.69 -3.46 8.50
C LYS F 254 33.76 -2.42 8.79
N ALA F 255 34.93 -2.50 8.17
CA ALA F 255 36.00 -1.57 8.48
C ALA F 255 35.63 -0.16 8.02
N PRO F 256 36.04 0.87 8.76
CA PRO F 256 35.78 2.24 8.34
C PRO F 256 36.80 2.70 7.30
N PHE F 257 36.50 3.85 6.70
CA PHE F 257 37.37 4.51 5.72
C PHE F 257 37.61 3.67 4.48
N GLY F 258 36.77 2.65 4.26
CA GLY F 258 36.77 1.91 3.01
C GLY F 258 38.06 1.20 2.65
N CYS F 259 38.64 0.48 3.61
CA CYS F 259 39.89 -0.22 3.39
C CYS F 259 39.74 -1.72 3.62
N GLN F 260 40.28 -2.49 2.67
CA GLN F 260 40.12 -3.94 2.63
C GLN F 260 41.02 -4.59 3.68
N ILE F 261 40.49 -5.60 4.34
CA ILE F 261 41.27 -6.42 5.27
C ILE F 261 41.77 -7.65 4.52
N LYS F 262 43.02 -8.02 4.75
CA LYS F 262 43.61 -9.20 4.13
C LYS F 262 44.39 -9.98 5.18
N THR F 263 44.59 -11.25 4.91
CA THR F 263 45.20 -12.17 5.87
C THR F 263 46.46 -12.79 5.29
N ASN F 264 47.35 -13.24 6.19
CA ASN F 264 48.60 -13.91 5.87
C ASN F 264 49.49 -13.02 5.00
N PRO F 265 50.09 -11.96 5.56
CA PRO F 265 49.94 -11.50 6.94
C PRO F 265 48.72 -10.62 7.13
N VAL F 266 48.27 -10.44 8.37
CA VAL F 266 47.12 -9.61 8.64
C VAL F 266 47.48 -8.16 8.38
N ARG F 267 46.68 -7.48 7.55
CA ARG F 267 46.97 -6.10 7.17
C ARG F 267 45.71 -5.46 6.60
N ALA F 268 45.73 -4.14 6.55
CA ALA F 268 44.67 -3.35 5.92
C ALA F 268 45.31 -2.42 4.90
N MET F 269 44.84 -2.48 3.66
CA MET F 269 45.48 -1.80 2.55
C MET F 269 44.60 -0.68 1.99
N ASN F 270 45.27 0.37 1.49
CA ASN F 270 44.63 1.50 0.81
C ASN F 270 43.55 2.12 1.69
N CYS F 271 43.98 2.58 2.87
CA CYS F 271 43.05 2.92 3.93
C CYS F 271 43.28 4.39 4.25
N ALA F 272 42.42 5.25 3.70
CA ALA F 272 42.69 6.68 3.60
C ALA F 272 42.41 7.37 4.93
N VAL F 273 43.46 7.88 5.56
CA VAL F 273 43.32 8.71 6.75
C VAL F 273 44.62 9.48 6.95
N GLY F 274 44.51 10.72 7.42
CA GLY F 274 45.67 11.48 7.83
C GLY F 274 46.45 12.09 6.67
N ASN F 275 47.58 12.70 7.04
CA ASN F 275 48.49 13.34 6.10
C ASN F 275 49.88 12.78 6.30
N ILE F 276 50.69 12.80 5.25
CA ILE F 276 52.03 12.25 5.24
C ILE F 276 53.02 13.39 4.99
N PRO F 277 53.78 13.82 5.99
CA PRO F 277 54.85 14.81 5.74
C PRO F 277 55.96 14.22 4.91
N VAL F 278 56.56 15.06 4.07
CA VAL F 278 57.62 14.66 3.15
C VAL F 278 58.81 15.59 3.32
N SER F 279 60.01 15.01 3.45
CA SER F 279 61.25 15.77 3.50
C SER F 279 62.07 15.46 2.25
N MET F 280 62.61 16.50 1.62
CA MET F 280 63.26 16.35 0.32
C MET F 280 64.62 17.03 0.34
N ASN F 281 65.58 16.40 -0.33
CA ASN F 281 66.93 16.95 -0.50
C ASN F 281 67.31 16.84 -1.97
N LEU F 282 67.51 17.97 -2.62
CA LEU F 282 67.69 17.99 -4.06
C LEU F 282 69.12 18.40 -4.44
N PRO F 283 69.62 17.89 -5.56
CA PRO F 283 70.88 18.39 -6.11
C PRO F 283 70.62 19.61 -7.00
N ASP F 284 71.72 20.23 -7.43
CA ASP F 284 71.62 21.42 -8.27
C ASP F 284 71.21 21.10 -9.70
N SER F 285 71.53 19.90 -10.19
CA SER F 285 71.24 19.55 -11.58
C SER F 285 69.74 19.48 -11.85
N ALA F 286 68.91 19.29 -10.83
CA ALA F 286 67.48 19.23 -11.04
C ALA F 286 66.91 20.56 -11.51
N PHE F 287 67.40 21.67 -10.96
CA PHE F 287 66.94 22.99 -11.35
C PHE F 287 67.61 23.45 -12.64
N THR F 288 67.15 24.57 -13.15
CA THR F 288 67.73 25.21 -14.32
C THR F 288 67.97 26.69 -14.03
N ARG F 289 69.05 27.22 -14.59
CA ARG F 289 69.41 28.60 -14.32
C ARG F 289 68.40 29.55 -14.95
N ILE F 290 68.22 30.72 -14.33
CA ILE F 290 67.15 31.63 -14.74
C ILE F 290 67.40 32.21 -16.12
N VAL F 291 68.66 32.26 -16.56
CA VAL F 291 68.97 32.98 -17.79
C VAL F 291 68.42 32.25 -19.01
N GLU F 292 68.55 30.91 -19.07
CA GLU F 292 68.08 30.20 -20.24
C GLU F 292 66.57 29.95 -20.19
N ALA F 293 65.95 30.11 -19.03
CA ALA F 293 64.50 30.01 -18.96
C ALA F 293 63.87 31.21 -19.66
N PRO F 294 62.76 31.02 -20.37
CA PRO F 294 62.12 32.15 -21.04
C PRO F 294 61.61 33.18 -20.06
N THR F 295 61.66 34.44 -20.48
CA THR F 295 61.16 35.56 -19.68
C THR F 295 59.71 35.84 -20.06
N ILE F 296 58.81 35.74 -19.10
CA ILE F 296 57.38 35.87 -19.34
C ILE F 296 56.92 37.20 -18.75
N ILE F 297 56.29 38.03 -19.58
CA ILE F 297 55.78 39.33 -19.17
C ILE F 297 54.35 39.46 -19.67
N ASP F 298 53.54 40.23 -18.94
CA ASP F 298 52.17 40.54 -19.31
C ASP F 298 51.34 39.26 -19.52
N LEU F 299 51.21 38.50 -18.44
CA LEU F 299 50.48 37.24 -18.47
C LEU F 299 49.07 37.44 -17.94
N THR F 300 48.08 37.16 -18.77
CA THR F 300 46.67 37.28 -18.39
C THR F 300 46.00 35.93 -18.48
N CYS F 301 44.94 35.75 -17.69
CA CYS F 301 44.26 34.47 -17.56
C CYS F 301 42.78 34.62 -17.84
N THR F 302 42.25 33.73 -18.66
CA THR F 302 40.82 33.68 -18.96
C THR F 302 40.37 32.23 -18.96
N VAL F 303 39.08 32.03 -18.67
CA VAL F 303 38.48 30.70 -18.59
C VAL F 303 37.44 30.58 -19.68
N ALA F 304 37.48 29.48 -20.42
CA ALA F 304 36.47 29.24 -21.46
C ALA F 304 35.18 28.70 -20.84
N THR F 305 35.25 27.54 -20.23
CA THR F 305 34.10 26.92 -19.57
C THR F 305 34.52 26.39 -18.21
N CYS F 306 33.55 26.31 -17.30
CA CYS F 306 33.78 25.73 -15.98
C CYS F 306 32.56 24.92 -15.58
N THR F 307 32.83 23.76 -14.97
CA THR F 307 31.77 22.89 -14.45
C THR F 307 32.38 22.08 -13.31
N HIS F 308 31.97 22.37 -12.08
CA HIS F 308 32.59 21.76 -10.91
C HIS F 308 32.12 20.31 -10.81
N SER F 309 32.80 19.46 -11.54
CA SER F 309 32.55 18.03 -11.55
C SER F 309 33.75 17.28 -10.99
N SER F 310 33.56 15.97 -10.78
CA SER F 310 34.63 15.15 -10.21
C SER F 310 35.84 15.11 -11.13
N ASP F 311 35.62 14.98 -12.43
CA ASP F 311 36.72 14.98 -13.38
C ASP F 311 37.23 16.40 -13.61
N PHE F 312 38.22 16.52 -14.49
CA PHE F 312 38.77 17.83 -14.82
C PHE F 312 37.84 18.57 -15.76
N GLY F 313 36.94 19.38 -15.20
CA GLY F 313 35.91 20.04 -15.97
C GLY F 313 36.11 21.53 -16.14
N GLY F 314 37.35 21.95 -16.40
CA GLY F 314 37.63 23.35 -16.61
C GLY F 314 38.74 23.59 -17.61
N VAL F 315 38.49 24.47 -18.58
CA VAL F 315 39.45 24.79 -19.62
C VAL F 315 39.97 26.20 -19.37
N LEU F 316 41.29 26.34 -19.31
CA LEU F 316 41.93 27.60 -18.97
C LEU F 316 42.90 27.99 -20.09
N THR F 317 42.89 29.27 -20.45
CA THR F 317 43.72 29.79 -21.53
C THR F 317 44.54 30.97 -21.00
N LEU F 318 45.84 30.95 -21.31
CA LEU F 318 46.77 31.99 -20.87
C LEU F 318 47.30 32.74 -22.09
N THR F 319 47.35 34.06 -21.99
CA THR F 319 47.98 34.90 -22.99
C THR F 319 49.22 35.56 -22.40
N TYR F 320 50.31 35.52 -23.15
CA TYR F 320 51.60 35.96 -22.64
C TYR F 320 52.44 36.49 -23.78
N LYS F 321 53.59 37.07 -23.41
CA LYS F 321 54.59 37.54 -24.36
C LYS F 321 55.96 37.05 -23.91
N THR F 322 56.68 36.40 -24.82
CA THR F 322 57.96 35.79 -24.49
C THR F 322 58.97 36.11 -25.58
N ASP F 323 60.24 35.81 -25.28
CA ASP F 323 61.34 36.01 -26.22
C ASP F 323 61.83 34.72 -26.84
N LYS F 324 61.77 33.60 -26.11
CA LYS F 324 62.27 32.32 -26.59
C LYS F 324 61.21 31.25 -26.37
N ASN F 325 61.50 30.06 -26.89
CA ASN F 325 60.65 28.89 -26.68
C ASN F 325 61.29 27.98 -25.65
N GLY F 326 60.52 27.56 -24.66
CA GLY F 326 61.05 26.74 -23.60
C GLY F 326 59.96 26.01 -22.85
N ASP F 327 60.28 25.63 -21.61
CA ASP F 327 59.36 24.92 -20.74
C ASP F 327 59.21 25.69 -19.43
N CYS F 328 57.96 25.90 -19.01
CA CYS F 328 57.67 26.53 -17.74
C CYS F 328 56.97 25.55 -16.80
N SER F 329 57.21 25.75 -15.51
CA SER F 329 56.57 24.96 -14.46
C SER F 329 55.30 25.68 -14.04
N VAL F 330 54.15 25.11 -14.41
CA VAL F 330 52.86 25.73 -14.15
C VAL F 330 52.29 25.16 -12.85
N HIS F 331 51.85 26.04 -11.96
CA HIS F 331 51.29 25.65 -10.68
C HIS F 331 50.13 26.57 -10.32
N SER F 332 49.26 26.06 -9.47
CA SER F 332 48.20 26.85 -8.86
C SER F 332 48.48 27.00 -7.37
N HIS F 333 48.29 28.20 -6.84
CA HIS F 333 48.69 28.52 -5.48
C HIS F 333 47.55 28.39 -4.48
N SER F 334 46.46 27.70 -4.86
CA SER F 334 45.37 27.43 -3.94
C SER F 334 44.87 26.02 -4.17
N ASN F 335 44.26 25.44 -3.14
CA ASN F 335 43.69 24.10 -3.24
C ASN F 335 42.26 24.10 -3.73
N VAL F 336 41.70 25.27 -4.05
CA VAL F 336 40.35 25.34 -4.60
C VAL F 336 40.32 24.74 -6.01
N ALA F 337 41.42 24.83 -6.75
CA ALA F 337 41.52 24.28 -8.09
C ALA F 337 42.83 23.52 -8.24
N THR F 338 42.75 22.34 -8.83
CA THR F 338 43.91 21.47 -9.03
C THR F 338 44.19 21.38 -10.53
N LEU F 339 45.40 21.70 -10.92
CA LEU F 339 45.80 21.58 -12.32
C LEU F 339 46.03 20.13 -12.70
N GLN F 340 46.10 19.87 -14.01
CA GLN F 340 46.30 18.52 -14.49
C GLN F 340 47.75 18.24 -14.89
N GLU F 341 48.42 19.21 -15.49
CA GLU F 341 49.79 19.04 -15.95
C GLU F 341 50.72 19.97 -15.17
N ALA F 342 51.98 19.53 -15.06
CA ALA F 342 52.99 20.27 -14.30
C ALA F 342 53.86 21.16 -15.17
N THR F 343 54.19 20.73 -16.40
CA THR F 343 55.01 21.53 -17.30
C THR F 343 54.22 21.82 -18.57
N ALA F 344 54.29 23.08 -19.01
CA ALA F 344 53.61 23.51 -20.21
C ALA F 344 54.63 23.93 -21.25
N LYS F 345 54.19 24.00 -22.50
CA LYS F 345 55.07 24.31 -23.62
C LYS F 345 54.76 25.72 -24.09
N VAL F 346 55.70 26.64 -23.89
CA VAL F 346 55.52 28.04 -24.26
C VAL F 346 56.18 28.30 -25.61
N LYS F 347 55.44 28.94 -26.50
CA LYS F 347 55.91 29.26 -27.84
C LYS F 347 55.77 30.76 -28.10
N THR F 348 56.36 31.21 -29.19
CA THR F 348 56.29 32.61 -29.58
C THR F 348 54.90 33.02 -30.05
N ALA F 349 54.01 32.07 -30.30
CA ALA F 349 52.64 32.42 -30.70
C ALA F 349 51.94 33.20 -29.60
N GLY F 350 52.09 32.77 -28.35
CA GLY F 350 51.53 33.50 -27.22
C GLY F 350 50.23 32.98 -26.69
N LYS F 351 50.04 31.67 -26.62
CA LYS F 351 48.82 31.11 -26.05
C LYS F 351 49.06 29.66 -25.65
N VAL F 352 48.72 29.34 -24.39
CA VAL F 352 48.76 27.97 -23.89
C VAL F 352 47.42 27.67 -23.24
N THR F 353 47.12 26.37 -23.14
CA THR F 353 45.86 25.92 -22.56
C THR F 353 46.13 24.92 -21.44
N LEU F 354 45.29 24.97 -20.42
CA LEU F 354 45.44 24.10 -19.26
C LEU F 354 44.08 23.55 -18.85
N HIS F 355 44.09 22.42 -18.17
CA HIS F 355 42.89 21.79 -17.65
C HIS F 355 42.96 21.79 -16.12
N PHE F 356 41.88 22.24 -15.49
CA PHE F 356 41.82 22.31 -14.03
C PHE F 356 40.48 21.78 -13.55
N SER F 357 40.47 21.26 -12.32
CA SER F 357 39.27 20.77 -11.68
C SER F 357 38.99 21.56 -10.41
N THR F 358 37.73 21.90 -10.19
CA THR F 358 37.33 22.69 -9.04
C THR F 358 36.02 22.16 -8.49
N ALA F 359 35.73 22.51 -7.24
CA ALA F 359 34.52 22.07 -6.56
C ALA F 359 33.69 23.22 -6.01
N SER F 360 34.10 24.46 -6.24
CA SER F 360 33.39 25.63 -5.76
C SER F 360 32.59 26.28 -6.88
N ALA F 361 31.51 26.96 -6.49
CA ALA F 361 30.66 27.62 -7.48
C ALA F 361 31.41 28.71 -8.22
N SER F 362 32.24 29.48 -7.51
CA SER F 362 32.99 30.58 -8.10
C SER F 362 34.42 30.54 -7.56
N PRO F 363 35.35 29.94 -8.28
CA PRO F 363 36.73 29.85 -7.80
C PRO F 363 37.54 31.10 -8.12
N SER F 364 38.66 31.22 -7.43
CA SER F 364 39.61 32.31 -7.67
C SER F 364 40.96 31.88 -7.14
N PHE F 365 41.95 31.79 -8.02
CA PHE F 365 43.27 31.27 -7.65
C PHE F 365 44.33 31.99 -8.46
N VAL F 366 45.56 31.92 -7.97
CA VAL F 366 46.70 32.56 -8.60
C VAL F 366 47.54 31.48 -9.28
N VAL F 367 47.65 31.56 -10.60
CA VAL F 367 48.40 30.60 -11.40
C VAL F 367 49.70 31.25 -11.84
N SER F 368 50.79 30.48 -11.80
CA SER F 368 52.12 30.97 -12.12
C SER F 368 52.71 30.13 -13.25
N LEU F 369 53.26 30.81 -14.26
CA LEU F 369 53.93 30.17 -15.38
C LEU F 369 55.33 30.73 -15.47
N CYS F 370 56.34 29.86 -15.38
CA CYS F 370 57.71 30.28 -15.14
C CYS F 370 57.77 31.25 -13.97
N SER F 371 57.95 32.53 -14.25
CA SER F 371 58.10 33.54 -13.20
C SER F 371 56.90 34.46 -13.07
N ALA F 372 55.99 34.49 -14.04
CA ALA F 372 54.87 35.42 -14.03
C ALA F 372 53.75 34.92 -13.11
N ARG F 373 52.83 35.81 -12.79
CA ARG F 373 51.67 35.47 -11.97
C ARG F 373 50.44 36.15 -12.54
N ALA F 374 49.28 35.56 -12.25
CA ALA F 374 48.00 36.14 -12.65
C ALA F 374 46.90 35.54 -11.79
N THR F 375 45.74 36.19 -11.81
CA THR F 375 44.58 35.75 -11.04
C THR F 375 43.47 35.40 -12.02
N CYS F 376 42.84 34.24 -11.81
CA CYS F 376 41.74 33.78 -12.65
C CYS F 376 40.46 33.72 -11.84
N SER F 377 39.35 34.11 -12.46
CA SER F 377 38.04 34.00 -11.86
C SER F 377 37.10 33.37 -12.87
N ALA F 378 36.09 32.64 -12.39
CA ALA F 378 35.23 31.88 -13.27
C ALA F 378 33.85 31.75 -12.65
N SER F 379 32.88 31.42 -13.51
CA SER F 379 31.52 31.09 -13.09
C SER F 379 31.24 29.67 -13.56
N CYS F 380 30.97 28.78 -12.61
CA CYS F 380 30.82 27.35 -12.89
C CYS F 380 29.39 26.91 -12.60
N GLU F 381 28.84 26.10 -13.50
CA GLU F 381 27.50 25.55 -13.38
C GLU F 381 27.56 24.11 -12.87
N PRO F 382 26.54 23.66 -12.14
CA PRO F 382 26.60 22.31 -11.57
C PRO F 382 26.49 21.25 -12.64
N PRO F 383 27.03 20.06 -12.41
CA PRO F 383 26.89 18.98 -13.39
C PRO F 383 25.56 18.25 -13.23
N LYS F 384 25.18 17.56 -14.29
CA LYS F 384 23.87 16.90 -14.34
C LYS F 384 23.93 15.43 -13.92
N ASP F 385 25.08 14.77 -14.07
CA ASP F 385 25.19 13.36 -13.72
C ASP F 385 25.17 13.19 -12.21
N HIS F 386 24.27 12.33 -11.72
CA HIS F 386 24.08 12.19 -10.29
C HIS F 386 25.19 11.36 -9.64
N ILE F 387 25.66 10.32 -10.31
CA ILE F 387 26.59 9.37 -9.72
C ILE F 387 27.63 8.98 -10.76
N VAL F 388 28.89 8.93 -10.35
CA VAL F 388 29.99 8.55 -11.23
C VAL F 388 30.84 7.48 -10.55
N PRO F 389 31.52 6.61 -11.30
CA PRO F 389 32.33 5.54 -10.71
C PRO F 389 33.78 5.90 -10.44
N TYR F 390 34.17 7.17 -10.53
CA TYR F 390 35.56 7.57 -10.26
C TYR F 390 35.58 8.58 -9.13
N ALA F 391 36.63 8.50 -8.31
CA ALA F 391 36.76 9.37 -7.16
C ALA F 391 37.05 10.81 -7.59
N ALA F 392 36.72 11.74 -6.70
CA ALA F 392 36.91 13.15 -6.98
C ALA F 392 38.39 13.49 -7.12
N SER F 393 38.69 14.46 -7.99
CA SER F 393 40.05 14.90 -8.22
C SER F 393 40.34 16.27 -7.66
N HIS F 394 39.38 16.91 -6.99
CA HIS F 394 39.57 18.20 -6.36
C HIS F 394 39.80 18.00 -4.86
N SER F 395 40.04 19.11 -4.16
CA SER F 395 40.27 19.07 -2.73
C SER F 395 39.00 19.28 -1.91
N ASN F 396 37.84 19.38 -2.58
CA ASN F 396 36.54 19.51 -1.92
C ASN F 396 36.47 20.77 -1.06
N VAL F 397 36.62 21.91 -1.73
CA VAL F 397 36.47 23.22 -1.11
C VAL F 397 35.26 23.88 -1.75
N VAL F 398 34.33 24.34 -0.92
CA VAL F 398 33.04 24.81 -1.40
C VAL F 398 32.85 26.32 -1.26
N PHE F 399 33.47 26.96 -0.27
CA PHE F 399 33.22 28.36 0.00
C PHE F 399 33.64 29.22 -1.20
N PRO F 400 32.75 30.04 -1.74
CA PRO F 400 33.08 30.82 -2.94
C PRO F 400 33.97 32.02 -2.61
N ASP F 401 34.49 32.63 -3.66
CA ASP F 401 35.31 33.82 -3.53
C ASP F 401 34.44 35.02 -3.15
N MET F 402 35.09 36.03 -2.55
CA MET F 402 34.37 37.24 -2.16
C MET F 402 33.84 38.01 -3.36
N SER F 403 34.37 37.75 -4.56
CA SER F 403 33.92 38.41 -5.77
C SER F 403 32.78 37.66 -6.47
N GLY F 404 32.28 36.59 -5.86
CA GLY F 404 31.19 35.84 -6.45
C GLY F 404 29.89 36.64 -6.42
N THR F 405 28.90 36.13 -7.14
CA THR F 405 27.64 36.85 -7.29
C THR F 405 26.91 36.97 -5.96
N ALA F 406 26.79 35.86 -5.22
CA ALA F 406 26.10 35.89 -3.94
C ALA F 406 26.79 36.81 -2.95
N LEU F 407 28.12 36.71 -2.87
CA LEU F 407 28.85 37.57 -1.94
C LEU F 407 28.86 39.01 -2.42
N SER F 408 28.81 39.24 -3.73
CA SER F 408 28.65 40.61 -4.22
C SER F 408 27.32 41.21 -3.80
N TRP F 409 26.24 40.45 -3.90
CA TRP F 409 24.94 40.93 -3.45
C TRP F 409 24.96 41.21 -1.94
N VAL F 410 25.58 40.31 -1.18
CA VAL F 410 25.69 40.52 0.27
C VAL F 410 26.48 41.80 0.56
N GLN F 411 27.58 42.01 -0.17
CA GLN F 411 28.38 43.22 0.02
C GLN F 411 27.58 44.47 -0.30
N LYS F 412 26.80 44.45 -1.38
CA LYS F 412 26.01 45.63 -1.74
C LYS F 412 24.96 45.94 -0.68
N ILE F 413 24.25 44.91 -0.21
CA ILE F 413 23.24 45.13 0.82
C ILE F 413 23.87 45.66 2.11
N SER F 414 24.98 45.05 2.52
CA SER F 414 25.66 45.49 3.73
C SER F 414 26.18 46.92 3.59
N GLY F 415 26.67 47.27 2.39
CA GLY F 415 27.12 48.64 2.18
C GLY F 415 25.99 49.64 2.26
N GLY F 416 24.83 49.31 1.70
CA GLY F 416 23.68 50.19 1.82
C GLY F 416 23.26 50.40 3.26
N LEU F 417 23.17 49.29 4.03
CA LEU F 417 22.79 49.40 5.43
C LEU F 417 23.83 50.18 6.23
N GLY F 418 25.11 49.97 5.94
CA GLY F 418 26.16 50.71 6.63
C GLY F 418 26.12 52.19 6.31
N ALA F 419 25.83 52.54 5.06
CA ALA F 419 25.69 53.96 4.70
C ALA F 419 24.52 54.59 5.45
N PHE F 420 23.39 53.88 5.53
CA PHE F 420 22.26 54.41 6.29
C PHE F 420 22.62 54.61 7.76
N ALA F 421 23.30 53.63 8.36
CA ALA F 421 23.68 53.74 9.77
C ALA F 421 24.66 54.88 9.98
N ILE F 422 25.62 55.06 9.06
CA ILE F 422 26.60 56.13 9.18
C ILE F 422 25.91 57.49 9.09
N GLY F 423 24.97 57.63 8.17
CA GLY F 423 24.20 58.87 8.09
C GLY F 423 23.44 59.16 9.37
N ALA F 424 22.81 58.13 9.94
CA ALA F 424 22.09 58.30 11.20
C ALA F 424 23.04 58.76 12.31
N ILE F 425 24.20 58.11 12.43
CA ILE F 425 25.16 58.46 13.47
C ILE F 425 25.64 59.90 13.28
N LEU F 426 25.93 60.29 12.05
CA LEU F 426 26.41 61.64 11.80
C LEU F 426 25.35 62.68 12.18
N VAL F 427 24.09 62.43 11.80
CA VAL F 427 23.02 63.36 12.15
C VAL F 427 22.88 63.48 13.65
N LEU F 428 22.90 62.35 14.35
CA LEU F 428 22.75 62.39 15.82
C LEU F 428 23.93 63.12 16.46
N VAL F 429 25.14 62.90 15.96
CA VAL F 429 26.31 63.57 16.53
C VAL F 429 26.22 65.08 16.31
N VAL F 430 25.80 65.50 15.12
CA VAL F 430 25.67 66.93 14.86
C VAL F 430 24.63 67.55 15.79
N VAL F 431 23.49 66.86 15.96
CA VAL F 431 22.45 67.39 16.85
C VAL F 431 22.97 67.49 18.29
N THR F 432 23.67 66.46 18.76
CA THR F 432 24.19 66.51 20.12
C THR F 432 25.21 67.62 20.30
N CYS F 433 26.09 67.82 19.31
CA CYS F 433 27.06 68.90 19.40
C CYS F 433 26.37 70.26 19.43
N ILE F 434 25.35 70.44 18.60
CA ILE F 434 24.61 71.71 18.60
C ILE F 434 23.96 71.93 19.95
N GLY F 435 23.35 70.89 20.53
CA GLY F 435 22.75 71.02 21.84
C GLY F 435 23.75 71.35 22.92
N LEU F 436 24.93 70.72 22.87
CA LEU F 436 25.95 70.96 23.87
C LEU F 436 26.52 72.37 23.78
N ARG F 437 26.71 72.88 22.56
CA ARG F 437 27.29 74.21 22.41
C ARG F 437 26.40 75.31 22.97
N ARG F 438 25.10 75.06 23.09
CA ARG F 438 24.20 76.04 23.70
C ARG F 438 24.42 76.13 25.21
N TYR G 1 21.63 14.24 -22.41
CA TYR G 1 21.24 15.61 -22.07
C TYR G 1 19.78 15.86 -22.43
N GLU G 2 18.91 15.82 -21.42
CA GLU G 2 17.49 16.00 -21.63
C GLU G 2 17.20 17.41 -22.12
N HIS G 3 16.20 17.52 -23.00
CA HIS G 3 15.79 18.82 -23.53
C HIS G 3 14.32 18.76 -23.87
N SER G 4 13.71 19.94 -24.01
CA SER G 4 12.30 20.04 -24.36
C SER G 4 12.08 21.29 -25.19
N THR G 5 11.05 21.25 -26.03
CA THR G 5 10.74 22.37 -26.92
C THR G 5 9.30 22.22 -27.38
N VAL G 6 8.81 23.26 -28.07
CA VAL G 6 7.45 23.28 -28.61
C VAL G 6 7.55 23.77 -30.05
N MET G 7 6.96 23.00 -30.98
CA MET G 7 7.09 23.32 -32.38
C MET G 7 5.71 23.37 -33.05
N PRO G 8 5.51 24.27 -34.00
CA PRO G 8 4.18 24.44 -34.59
C PRO G 8 3.78 23.27 -35.45
N ASN G 9 2.47 23.04 -35.52
CA ASN G 9 1.91 21.97 -36.35
C ASN G 9 1.49 22.51 -37.71
N VAL G 10 2.47 22.98 -38.47
CA VAL G 10 2.27 23.50 -39.81
C VAL G 10 3.16 22.71 -40.76
N VAL G 11 2.56 22.18 -41.82
CA VAL G 11 3.29 21.33 -42.75
C VAL G 11 4.29 22.17 -43.54
N GLY G 12 5.54 21.72 -43.57
CA GLY G 12 6.57 22.37 -44.34
C GLY G 12 7.30 23.51 -43.66
N PHE G 13 6.94 23.83 -42.41
CA PHE G 13 7.58 24.94 -41.72
C PHE G 13 8.92 24.49 -41.15
N PRO G 14 10.04 25.10 -41.56
CA PRO G 14 11.38 24.67 -41.10
C PRO G 14 11.71 25.11 -39.68
N TYR G 15 11.19 24.37 -38.71
CA TYR G 15 11.47 24.69 -37.32
C TYR G 15 12.92 24.38 -36.97
N LYS G 16 13.54 25.25 -36.18
CA LYS G 16 14.92 25.07 -35.75
C LYS G 16 15.00 25.22 -34.23
N ALA G 17 15.63 24.23 -33.59
CA ALA G 17 15.79 24.22 -32.14
C ALA G 17 17.25 24.41 -31.78
N HIS G 18 17.49 25.17 -30.71
CA HIS G 18 18.85 25.52 -30.27
C HIS G 18 19.11 24.81 -28.94
N ILE G 19 20.21 24.07 -28.87
CA ILE G 19 20.62 23.36 -27.66
C ILE G 19 21.98 23.92 -27.25
N GLU G 20 22.07 24.38 -26.00
CA GLU G 20 23.25 25.07 -25.50
C GLU G 20 23.72 24.38 -24.22
N ARG G 21 24.57 23.37 -24.39
CA ARG G 21 25.19 22.70 -23.25
C ARG G 21 26.28 23.59 -22.66
N PRO G 22 26.37 23.71 -21.33
CA PRO G 22 27.39 24.59 -20.74
C PRO G 22 28.82 24.17 -21.04
N GLY G 23 29.06 22.89 -21.30
CA GLY G 23 30.40 22.41 -21.58
C GLY G 23 30.75 22.20 -23.03
N TYR G 24 29.80 22.38 -23.95
CA TYR G 24 30.01 22.09 -25.36
C TYR G 24 29.53 23.26 -26.22
N SER G 25 29.95 23.23 -27.48
CA SER G 25 29.50 24.23 -28.43
C SER G 25 28.02 24.04 -28.74
N PRO G 26 27.30 25.12 -29.04
CA PRO G 26 25.86 25.00 -29.31
C PRO G 26 25.58 24.16 -30.54
N LEU G 27 24.39 23.56 -30.55
CA LEU G 27 23.93 22.71 -31.65
C LEU G 27 22.56 23.20 -32.10
N THR G 28 22.26 23.02 -33.39
CA THR G 28 21.00 23.44 -33.96
C THR G 28 20.35 22.26 -34.66
N LEU G 29 19.09 21.98 -34.32
CA LEU G 29 18.31 20.91 -34.90
C LEU G 29 17.32 21.47 -35.92
N GLN G 30 16.92 20.63 -36.87
CA GLN G 30 15.90 20.99 -37.84
C GLN G 30 14.87 19.87 -37.92
N MET G 31 13.64 20.19 -37.54
CA MET G 31 12.53 19.23 -37.60
C MET G 31 11.42 19.80 -38.46
N GLN G 32 10.87 18.95 -39.34
CA GLN G 32 9.88 19.37 -40.31
C GLN G 32 8.77 18.33 -40.37
N VAL G 33 7.53 18.80 -40.33
CA VAL G 33 6.36 17.93 -40.37
C VAL G 33 5.98 17.72 -41.83
N VAL G 34 6.33 16.55 -42.37
CA VAL G 34 6.05 16.26 -43.77
C VAL G 34 4.57 15.99 -43.99
N GLU G 35 3.94 15.25 -43.07
CA GLU G 35 2.57 14.79 -43.28
C GLU G 35 1.95 14.40 -41.94
N THR G 36 0.68 14.72 -41.77
CA THR G 36 -0.09 14.34 -40.59
C THR G 36 -1.29 13.50 -41.02
N SER G 37 -2.02 13.00 -40.03
CA SER G 37 -3.21 12.19 -40.28
C SER G 37 -4.00 12.08 -38.99
N LEU G 38 -5.29 12.42 -39.05
CA LEU G 38 -6.17 12.37 -37.89
C LEU G 38 -7.09 11.16 -38.03
N GLU G 39 -6.99 10.21 -37.11
CA GLU G 39 -7.74 8.96 -37.17
C GLU G 39 -8.84 8.95 -36.13
N PRO G 40 -10.11 9.04 -36.51
CA PRO G 40 -11.19 8.87 -35.55
C PRO G 40 -11.47 7.40 -35.29
N THR G 41 -12.28 7.14 -34.26
CA THR G 41 -12.71 5.79 -33.91
C THR G 41 -14.18 5.64 -34.25
N LEU G 42 -14.52 4.60 -34.99
CA LEU G 42 -15.83 4.45 -35.60
C LEU G 42 -16.55 3.23 -35.04
N ASN G 43 -17.88 3.34 -34.93
CA ASN G 43 -18.75 2.23 -34.60
C ASN G 43 -19.83 2.13 -35.68
N LEU G 44 -19.91 0.98 -36.36
CA LEU G 44 -20.90 0.82 -37.41
C LEU G 44 -22.30 0.67 -36.81
N GLU G 45 -23.26 1.39 -37.37
CA GLU G 45 -24.64 1.33 -36.88
C GLU G 45 -25.50 0.43 -37.77
N TYR G 46 -25.58 0.74 -39.06
CA TYR G 46 -26.30 -0.10 -40.01
C TYR G 46 -25.85 0.24 -41.42
N ILE G 47 -26.38 -0.51 -42.39
CA ILE G 47 -26.01 -0.40 -43.79
C ILE G 47 -27.28 -0.23 -44.60
N THR G 48 -27.30 0.78 -45.48
CA THR G 48 -28.47 1.06 -46.30
C THR G 48 -28.12 0.94 -47.77
N CYS G 49 -28.98 0.22 -48.51
CA CYS G 49 -28.84 0.10 -49.95
C CYS G 49 -30.23 0.07 -50.56
N GLU G 50 -30.28 0.24 -51.88
CA GLU G 50 -31.57 0.22 -52.58
C GLU G 50 -32.25 -1.13 -52.40
N TYR G 51 -33.56 -1.11 -52.25
CA TYR G 51 -34.33 -2.34 -52.09
C TYR G 51 -34.74 -2.89 -53.44
N LYS G 52 -35.40 -4.05 -53.42
CA LYS G 52 -35.95 -4.67 -54.62
C LYS G 52 -37.21 -5.42 -54.23
N THR G 53 -38.30 -5.17 -54.96
CA THR G 53 -39.60 -5.74 -54.61
C THR G 53 -39.77 -7.09 -55.30
N VAL G 54 -40.03 -8.12 -54.51
CA VAL G 54 -40.25 -9.47 -55.00
C VAL G 54 -41.76 -9.73 -55.02
N VAL G 55 -42.29 -10.03 -56.19
CA VAL G 55 -43.71 -10.33 -56.35
C VAL G 55 -43.85 -11.67 -57.08
N PRO G 56 -44.39 -12.68 -56.42
CA PRO G 56 -44.55 -13.99 -57.08
C PRO G 56 -45.81 -14.01 -57.93
N SER G 57 -45.95 -15.10 -58.69
CA SER G 57 -47.10 -15.27 -59.56
C SER G 57 -48.36 -15.44 -58.73
N PRO G 58 -49.49 -14.89 -59.18
CA PRO G 58 -50.75 -15.07 -58.44
C PRO G 58 -51.25 -16.50 -58.56
N TYR G 59 -52.02 -16.91 -57.56
CA TYR G 59 -52.62 -18.25 -57.53
C TYR G 59 -54.13 -18.09 -57.70
N VAL G 60 -54.61 -18.35 -58.91
CA VAL G 60 -56.03 -18.23 -59.23
C VAL G 60 -56.68 -19.59 -58.98
N LYS G 61 -57.56 -19.65 -57.98
CA LYS G 61 -58.23 -20.89 -57.62
C LYS G 61 -59.61 -20.93 -58.28
N CYS G 62 -59.78 -21.81 -59.26
CA CYS G 62 -61.05 -21.95 -59.94
C CYS G 62 -62.00 -22.75 -59.07
N CYS G 63 -63.21 -22.22 -58.87
CA CYS G 63 -64.28 -22.90 -58.15
C CYS G 63 -63.85 -23.26 -56.73
N GLY G 64 -63.55 -22.23 -55.95
CA GLY G 64 -63.15 -22.44 -54.58
C GLY G 64 -62.78 -21.14 -53.90
N ALA G 65 -61.98 -21.24 -52.85
CA ALA G 65 -61.52 -20.10 -52.09
C ALA G 65 -60.20 -20.44 -51.42
N SER G 66 -59.46 -19.40 -51.02
CA SER G 66 -58.17 -19.55 -50.37
C SER G 66 -58.09 -18.65 -49.16
N GLU G 67 -57.15 -18.96 -48.26
CA GLU G 67 -56.98 -18.22 -47.02
C GLU G 67 -55.56 -17.66 -46.95
N CYS G 68 -55.46 -16.42 -46.48
CA CYS G 68 -54.16 -15.79 -46.30
C CYS G 68 -53.40 -16.43 -45.13
N SER G 69 -52.09 -16.53 -45.29
CA SER G 69 -51.21 -17.10 -44.28
C SER G 69 -50.10 -16.12 -43.96
N THR G 70 -49.93 -15.81 -42.68
CA THR G 70 -48.89 -14.88 -42.26
C THR G 70 -47.51 -15.51 -42.38
N LYS G 71 -46.51 -14.67 -42.62
CA LYS G 71 -45.13 -15.11 -42.74
C LYS G 71 -44.21 -14.08 -42.09
N GLU G 72 -43.00 -14.52 -41.76
CA GLU G 72 -41.98 -13.66 -41.18
C GLU G 72 -41.05 -13.20 -42.30
N LYS G 73 -41.50 -12.21 -43.05
CA LYS G 73 -40.72 -11.60 -44.12
C LYS G 73 -40.75 -10.09 -43.97
N PRO G 74 -39.69 -9.41 -44.39
CA PRO G 74 -39.62 -7.95 -44.24
C PRO G 74 -40.68 -7.27 -45.08
N ASP G 75 -41.60 -6.57 -44.40
CA ASP G 75 -42.69 -5.83 -45.05
C ASP G 75 -43.53 -6.74 -45.94
N TYR G 76 -44.00 -7.84 -45.35
CA TYR G 76 -44.82 -8.79 -46.09
C TYR G 76 -46.25 -8.29 -46.20
N GLN G 77 -46.81 -8.40 -47.41
CA GLN G 77 -48.18 -7.97 -47.66
C GLN G 77 -48.88 -9.00 -48.53
N CYS G 78 -49.97 -9.57 -48.02
CA CYS G 78 -50.73 -10.57 -48.75
C CYS G 78 -52.20 -10.31 -48.56
N LYS G 79 -52.97 -10.41 -49.64
CA LYS G 79 -54.40 -10.17 -49.61
C LYS G 79 -55.08 -11.13 -50.56
N VAL G 80 -56.37 -11.37 -50.32
CA VAL G 80 -57.15 -12.33 -51.10
C VAL G 80 -58.36 -11.62 -51.69
N TYR G 81 -58.61 -11.86 -52.97
CA TYR G 81 -59.69 -11.22 -53.70
C TYR G 81 -60.68 -12.26 -54.19
N THR G 82 -61.95 -11.87 -54.31
CA THR G 82 -63.02 -12.76 -54.71
C THR G 82 -63.77 -12.20 -55.90
N GLY G 83 -64.42 -13.09 -56.65
CA GLY G 83 -65.22 -12.69 -57.78
C GLY G 83 -64.46 -12.40 -59.05
N VAL G 84 -63.21 -12.83 -59.14
CA VAL G 84 -62.38 -12.53 -60.30
C VAL G 84 -62.67 -13.53 -61.41
N TYR G 85 -62.60 -13.06 -62.66
CA TYR G 85 -62.84 -13.89 -63.84
C TYR G 85 -61.70 -13.65 -64.82
N PRO G 86 -60.54 -14.27 -64.61
CA PRO G 86 -59.36 -13.98 -65.43
C PRO G 86 -59.50 -14.51 -66.85
N PHE G 87 -58.64 -14.00 -67.72
CA PHE G 87 -58.58 -14.42 -69.11
C PHE G 87 -57.15 -14.83 -69.44
N MET G 88 -56.99 -15.48 -70.60
CA MET G 88 -55.68 -15.81 -71.14
C MET G 88 -55.74 -15.68 -72.65
N TRP G 89 -54.62 -16.00 -73.32
CA TRP G 89 -54.50 -15.69 -74.74
C TRP G 89 -55.47 -16.50 -75.58
N GLY G 90 -55.67 -17.77 -75.25
CA GLY G 90 -56.53 -18.62 -76.04
C GLY G 90 -57.97 -18.69 -75.60
N GLY G 91 -58.27 -18.22 -74.39
CA GLY G 91 -59.63 -18.27 -73.88
C GLY G 91 -59.66 -17.83 -72.44
N ALA G 92 -60.71 -18.27 -71.75
CA ALA G 92 -60.90 -17.97 -70.34
C ALA G 92 -61.11 -19.27 -69.58
N TYR G 93 -60.32 -19.49 -68.54
CA TYR G 93 -60.51 -20.65 -67.69
C TYR G 93 -61.20 -20.22 -66.40
N CYS G 94 -61.27 -21.13 -65.43
CA CYS G 94 -62.15 -20.99 -64.25
C CYS G 94 -63.60 -20.92 -64.72
N PHE G 95 -64.06 -22.07 -65.23
CA PHE G 95 -65.41 -22.21 -65.76
C PHE G 95 -66.49 -21.63 -64.86
N CYS G 96 -66.30 -21.72 -63.54
CA CYS G 96 -67.25 -21.12 -62.62
C CYS G 96 -67.33 -19.63 -62.86
N ASP G 97 -68.57 -19.12 -62.97
CA ASP G 97 -68.77 -17.75 -63.42
C ASP G 97 -68.25 -16.73 -62.41
N SER G 98 -68.53 -16.93 -61.12
CA SER G 98 -68.19 -15.96 -60.10
C SER G 98 -67.55 -16.54 -58.86
N GLU G 99 -67.49 -17.86 -58.71
CA GLU G 99 -66.93 -18.46 -57.51
C GLU G 99 -65.43 -18.75 -57.66
N ASN G 100 -64.67 -17.73 -58.05
CA ASN G 100 -63.23 -17.84 -58.19
C ASN G 100 -62.54 -16.96 -57.16
N THR G 101 -61.21 -17.11 -57.08
CA THR G 101 -60.43 -16.42 -56.07
C THR G 101 -58.98 -16.28 -56.54
N GLN G 102 -58.43 -15.09 -56.29
CA GLN G 102 -57.03 -14.81 -56.60
C GLN G 102 -56.31 -14.38 -55.33
N LEU G 103 -55.11 -14.91 -55.12
CA LEU G 103 -54.31 -14.58 -53.95
C LEU G 103 -53.09 -13.78 -54.39
N SER G 104 -53.01 -12.53 -53.96
CA SER G 104 -51.91 -11.64 -54.30
C SER G 104 -50.88 -11.64 -53.19
N GLU G 105 -49.60 -11.55 -53.57
CA GLU G 105 -48.50 -11.65 -52.62
C GLU G 105 -47.36 -10.76 -53.08
N ALA G 106 -46.67 -10.14 -52.12
CA ALA G 106 -45.51 -9.30 -52.43
C ALA G 106 -44.77 -9.01 -51.13
N TYR G 107 -43.47 -8.79 -51.25
CA TYR G 107 -42.65 -8.41 -50.10
C TYR G 107 -41.36 -7.78 -50.62
N VAL G 108 -40.53 -7.31 -49.69
CA VAL G 108 -39.34 -6.53 -49.99
C VAL G 108 -38.11 -7.32 -49.57
N ASP G 109 -37.04 -7.20 -50.36
CA ASP G 109 -35.79 -7.85 -50.03
C ASP G 109 -34.63 -6.99 -50.53
N ARG G 110 -33.47 -7.19 -49.90
CA ARG G 110 -32.28 -6.42 -50.24
C ARG G 110 -31.84 -6.73 -51.67
N SER G 111 -31.32 -5.72 -52.36
CA SER G 111 -31.01 -5.84 -53.77
C SER G 111 -29.86 -6.83 -54.00
N ASP G 112 -29.61 -7.12 -55.28
CA ASP G 112 -28.56 -8.07 -55.64
C ASP G 112 -27.18 -7.46 -55.48
N VAL G 113 -27.04 -6.16 -55.69
CA VAL G 113 -25.75 -5.50 -55.74
C VAL G 113 -25.50 -4.67 -54.47
N CYS G 114 -26.16 -5.02 -53.37
CA CYS G 114 -26.01 -4.27 -52.13
C CYS G 114 -24.58 -4.33 -51.58
N ARG G 115 -23.84 -5.40 -51.86
CA ARG G 115 -22.48 -5.51 -51.37
C ARG G 115 -21.49 -4.71 -52.19
N HIS G 116 -21.94 -3.98 -53.20
CA HIS G 116 -21.07 -3.12 -53.99
C HIS G 116 -21.40 -1.65 -53.86
N ASP G 117 -22.67 -1.28 -53.78
CA ASP G 117 -23.12 0.11 -53.66
C ASP G 117 -23.97 0.22 -52.39
N HIS G 118 -23.35 0.65 -51.29
CA HIS G 118 -24.08 0.87 -50.06
C HIS G 118 -23.43 2.01 -49.28
N ALA G 119 -24.23 2.64 -48.42
CA ALA G 119 -23.78 3.75 -47.60
C ALA G 119 -23.84 3.35 -46.14
N SER G 120 -22.74 3.60 -45.43
CA SER G 120 -22.62 3.23 -44.03
C SER G 120 -23.10 4.36 -43.12
N ALA G 121 -23.36 4.03 -41.87
CA ALA G 121 -23.74 5.01 -40.85
C ALA G 121 -22.91 4.76 -39.61
N TYR G 122 -22.00 5.68 -39.31
CA TYR G 122 -21.03 5.50 -38.23
C TYR G 122 -21.30 6.46 -37.08
N LYS G 123 -20.61 6.22 -35.98
CA LYS G 123 -20.50 7.18 -34.88
C LYS G 123 -19.01 7.38 -34.58
N ALA G 124 -18.57 8.64 -34.61
CA ALA G 124 -17.15 8.96 -34.54
C ALA G 124 -16.84 9.69 -33.25
N HIS G 125 -15.80 9.26 -32.56
CA HIS G 125 -15.38 9.91 -31.32
C HIS G 125 -13.92 9.57 -31.05
N THR G 126 -13.27 10.45 -30.28
CA THR G 126 -11.90 10.25 -29.77
C THR G 126 -10.93 10.03 -30.93
N ALA G 127 -10.71 11.12 -31.66
CA ALA G 127 -9.76 11.11 -32.76
C ALA G 127 -8.34 10.92 -32.25
N SER G 128 -7.53 10.22 -33.05
CA SER G 128 -6.13 9.97 -32.73
C SER G 128 -5.28 10.51 -33.86
N LEU G 129 -4.18 11.18 -33.51
CA LEU G 129 -3.33 11.85 -34.48
C LEU G 129 -2.14 10.97 -34.85
N LYS G 130 -1.66 11.14 -36.08
CA LYS G 130 -0.50 10.42 -36.60
C LYS G 130 0.27 11.37 -37.50
N ALA G 131 1.60 11.28 -37.47
CA ALA G 131 2.44 12.23 -38.18
C ALA G 131 3.59 11.50 -38.84
N LYS G 132 4.41 12.27 -39.57
CA LYS G 132 5.62 11.78 -40.23
C LYS G 132 6.61 12.93 -40.28
N VAL G 133 7.57 12.93 -39.36
CA VAL G 133 8.44 14.08 -39.13
C VAL G 133 9.83 13.75 -39.65
N ARG G 134 10.45 14.72 -40.33
CA ARG G 134 11.81 14.59 -40.83
C ARG G 134 12.75 15.35 -39.91
N VAL G 135 13.80 14.67 -39.44
CA VAL G 135 14.75 15.23 -38.48
C VAL G 135 16.14 15.22 -39.11
N MET G 136 16.81 16.36 -39.09
CA MET G 136 18.15 16.47 -39.62
C MET G 136 19.00 17.34 -38.71
N TYR G 137 20.23 16.90 -38.45
CA TYR G 137 21.19 17.65 -37.66
C TYR G 137 22.57 17.01 -37.86
N GLY G 138 23.58 17.86 -37.94
CA GLY G 138 24.93 17.39 -38.13
C GLY G 138 25.10 16.57 -39.39
N ASN G 139 25.27 15.25 -39.21
CA ASN G 139 25.44 14.35 -40.35
C ASN G 139 24.29 13.34 -40.33
N VAL G 140 23.21 13.67 -39.64
CA VAL G 140 22.07 12.77 -39.52
C VAL G 140 20.89 13.35 -40.30
N ASN G 141 20.22 12.49 -41.08
CA ASN G 141 19.09 12.90 -41.89
C ASN G 141 18.17 11.71 -42.13
N GLN G 142 17.04 11.65 -41.43
CA GLN G 142 16.11 10.54 -41.54
C GLN G 142 14.69 11.03 -41.39
N THR G 143 13.74 10.18 -41.79
CA THR G 143 12.32 10.44 -41.67
C THR G 143 11.67 9.29 -40.92
N VAL G 144 10.83 9.61 -39.93
CA VAL G 144 10.23 8.60 -39.08
C VAL G 144 8.71 8.83 -39.00
N ASP G 145 8.00 7.75 -38.69
CA ASP G 145 6.55 7.79 -38.49
C ASP G 145 6.27 7.68 -37.00
N VAL G 146 5.60 8.70 -36.45
CA VAL G 146 5.42 8.81 -35.00
C VAL G 146 3.96 9.04 -34.68
N TYR G 147 3.46 8.33 -33.67
CA TYR G 147 2.17 8.62 -33.07
C TYR G 147 2.32 9.87 -32.22
N VAL G 148 1.43 10.84 -32.42
CA VAL G 148 1.51 12.11 -31.68
C VAL G 148 0.72 11.90 -30.39
N ASN G 149 1.39 11.32 -29.41
CA ASN G 149 0.92 11.18 -28.04
C ASN G 149 2.10 10.71 -27.21
N GLY G 150 2.17 11.18 -25.96
CA GLY G 150 3.37 10.95 -25.19
C GLY G 150 3.56 9.52 -24.73
N ASP G 151 3.35 8.56 -25.63
CA ASP G 151 3.58 7.15 -25.33
C ASP G 151 4.17 6.43 -26.53
N HIS G 152 5.08 7.07 -27.25
CA HIS G 152 5.79 6.43 -28.36
C HIS G 152 7.12 7.14 -28.54
N ALA G 153 8.22 6.44 -28.24
CA ALA G 153 9.56 6.98 -28.37
C ALA G 153 10.26 6.33 -29.56
N VAL G 154 10.81 7.16 -30.44
CA VAL G 154 11.50 6.70 -31.64
C VAL G 154 12.95 7.14 -31.58
N THR G 155 13.86 6.26 -32.01
CA THR G 155 15.28 6.50 -31.95
C THR G 155 15.81 6.88 -33.32
N ILE G 156 16.48 8.02 -33.40
CA ILE G 156 17.09 8.51 -34.64
C ILE G 156 18.56 8.77 -34.36
N GLY G 157 19.41 7.85 -34.80
CA GLY G 157 20.86 8.02 -34.64
C GLY G 157 21.30 8.09 -33.19
N GLY G 158 20.75 7.25 -32.33
CA GLY G 158 21.12 7.23 -30.93
C GLY G 158 20.41 8.26 -30.07
N THR G 159 19.48 9.02 -30.62
CA THR G 159 18.75 10.05 -29.89
C THR G 159 17.29 9.62 -29.75
N GLN G 160 16.73 9.80 -28.56
CA GLN G 160 15.35 9.40 -28.29
C GLN G 160 14.43 10.61 -28.39
N PHE G 161 13.39 10.47 -29.20
CA PHE G 161 12.43 11.54 -29.45
C PHE G 161 11.05 11.09 -28.98
N ILE G 162 10.40 11.91 -28.17
CA ILE G 162 9.03 11.67 -27.71
C ILE G 162 8.20 12.88 -28.07
N PHE G 163 7.23 12.70 -28.96
CA PHE G 163 6.36 13.78 -29.40
C PHE G 163 5.12 13.81 -28.51
N GLY G 164 4.92 14.90 -27.80
CA GLY G 164 3.86 15.01 -26.83
C GLY G 164 2.49 15.14 -27.46
N PRO G 165 1.44 15.13 -26.64
CA PRO G 165 0.09 15.23 -27.17
C PRO G 165 -0.17 16.60 -27.78
N LEU G 166 -1.11 16.62 -28.74
CA LEU G 166 -1.46 17.86 -29.40
C LEU G 166 -2.04 18.86 -28.41
N SER G 167 -1.75 20.14 -28.65
CA SER G 167 -2.19 21.18 -27.72
C SER G 167 -3.71 21.27 -27.64
N SER G 168 -4.39 21.18 -28.78
CA SER G 168 -5.84 21.31 -28.83
C SER G 168 -6.47 19.96 -29.15
N ALA G 169 -7.77 19.86 -28.87
CA ALA G 169 -8.55 18.64 -29.09
C ALA G 169 -9.70 18.90 -30.05
N TRP G 170 -9.41 19.57 -31.16
CA TRP G 170 -10.43 19.90 -32.16
C TRP G 170 -10.47 18.84 -33.24
N THR G 171 -11.66 18.37 -33.57
CA THR G 171 -11.86 17.39 -34.62
C THR G 171 -12.99 17.83 -35.54
N PRO G 172 -12.88 17.59 -36.86
CA PRO G 172 -13.91 18.09 -37.79
C PRO G 172 -15.10 17.18 -37.97
N PHE G 173 -15.07 15.97 -37.42
CA PHE G 173 -16.18 15.03 -37.57
C PHE G 173 -17.15 15.18 -36.41
N ASP G 174 -18.43 15.33 -36.73
CA ASP G 174 -19.45 15.39 -35.70
C ASP G 174 -19.65 14.02 -35.06
N ASN G 175 -20.62 13.94 -34.15
CA ASN G 175 -20.84 12.69 -33.42
C ASN G 175 -21.37 11.60 -34.33
N LYS G 176 -22.07 11.98 -35.40
CA LYS G 176 -22.64 11.03 -36.35
C LYS G 176 -22.10 11.30 -37.74
N ILE G 177 -21.77 10.21 -38.45
CA ILE G 177 -21.07 10.29 -39.73
C ILE G 177 -21.72 9.32 -40.71
N VAL G 178 -21.91 9.77 -41.94
CA VAL G 178 -22.40 8.92 -43.02
C VAL G 178 -21.33 8.88 -44.11
N VAL G 179 -20.87 7.69 -44.45
CA VAL G 179 -19.75 7.50 -45.38
C VAL G 179 -20.27 6.79 -46.62
N TYR G 180 -19.92 7.33 -47.79
CA TYR G 180 -20.32 6.74 -49.07
C TYR G 180 -19.13 6.80 -50.01
N LYS G 181 -18.60 5.64 -50.37
CA LYS G 181 -17.44 5.53 -51.26
C LYS G 181 -16.25 6.30 -50.72
N ASP G 182 -16.04 7.52 -51.21
CA ASP G 182 -14.93 8.36 -50.78
C ASP G 182 -15.41 9.74 -50.36
N GLU G 183 -16.57 9.82 -49.72
CA GLU G 183 -17.13 11.06 -49.22
C GLU G 183 -17.63 10.86 -47.80
N VAL G 184 -17.51 11.90 -46.97
CA VAL G 184 -17.93 11.87 -45.59
C VAL G 184 -18.95 12.98 -45.39
N PHE G 185 -20.03 12.69 -44.68
CA PHE G 185 -21.12 13.65 -44.47
C PHE G 185 -21.39 13.79 -42.98
N ASN G 186 -21.61 15.02 -42.53
CA ASN G 186 -22.02 15.29 -41.16
C ASN G 186 -23.54 15.30 -41.12
N GLN G 187 -24.12 14.15 -40.84
CA GLN G 187 -25.55 13.94 -40.95
C GLN G 187 -26.08 13.27 -39.70
N ASP G 188 -27.37 13.46 -39.43
CA ASP G 188 -28.04 12.82 -38.30
C ASP G 188 -29.06 11.86 -38.90
N PHE G 189 -28.73 10.57 -38.91
CA PHE G 189 -29.55 9.53 -39.50
C PHE G 189 -30.60 9.03 -38.51
N PRO G 190 -31.69 8.47 -39.00
CA PRO G 190 -32.72 7.94 -38.10
C PRO G 190 -32.21 6.73 -37.34
N PRO G 191 -32.74 6.48 -36.15
CA PRO G 191 -32.31 5.31 -35.37
C PRO G 191 -32.72 4.00 -36.05
N TYR G 192 -32.00 2.94 -35.71
CA TYR G 192 -32.30 1.63 -36.27
C TYR G 192 -33.69 1.18 -35.83
N GLY G 193 -34.43 0.60 -36.76
CA GLY G 193 -35.77 0.11 -36.47
C GLY G 193 -36.85 1.17 -36.45
N SER G 194 -36.53 2.40 -36.80
CA SER G 194 -37.50 3.49 -36.80
C SER G 194 -37.34 4.36 -38.03
N GLY G 195 -36.91 3.77 -39.14
CA GLY G 195 -36.77 4.51 -40.37
C GLY G 195 -38.12 4.85 -40.99
N GLN G 196 -38.15 5.93 -41.75
CA GLN G 196 -39.37 6.37 -42.38
C GLN G 196 -39.30 6.17 -43.89
N PRO G 197 -40.42 5.83 -44.54
CA PRO G 197 -40.38 5.55 -45.99
C PRO G 197 -40.06 6.80 -46.79
N GLY G 198 -39.36 6.60 -47.89
CA GLY G 198 -39.06 7.67 -48.82
C GLY G 198 -37.85 8.50 -48.50
N ARG G 199 -37.19 8.28 -47.37
CA ARG G 199 -36.01 9.04 -47.00
C ARG G 199 -34.86 8.07 -46.71
N PHE G 200 -33.74 8.61 -46.27
CA PHE G 200 -32.58 7.79 -45.96
C PHE G 200 -32.91 6.83 -44.82
N GLY G 201 -32.59 5.56 -45.02
CA GLY G 201 -32.87 4.56 -44.01
C GLY G 201 -34.24 3.92 -44.10
N ASP G 202 -34.83 3.87 -45.29
CA ASP G 202 -36.11 3.19 -45.44
C ASP G 202 -35.97 1.69 -45.18
N ILE G 203 -34.85 1.10 -45.60
CA ILE G 203 -34.48 -0.26 -45.24
C ILE G 203 -33.10 -0.22 -44.59
N GLN G 204 -32.94 -0.97 -43.51
CA GLN G 204 -31.71 -0.96 -42.74
C GLN G 204 -31.29 -2.38 -42.41
N SER G 205 -29.99 -2.63 -42.46
CA SER G 205 -29.41 -3.92 -42.11
C SER G 205 -28.24 -3.69 -41.17
N ARG G 206 -28.14 -4.52 -40.14
CA ARG G 206 -27.10 -4.32 -39.13
C ARG G 206 -25.70 -4.43 -39.73
N THR G 207 -25.55 -5.24 -40.78
CA THR G 207 -24.28 -5.40 -41.47
C THR G 207 -24.58 -5.95 -42.85
N VAL G 208 -23.66 -5.72 -43.79
CA VAL G 208 -23.86 -6.16 -45.17
C VAL G 208 -24.07 -7.66 -45.24
N GLU G 209 -23.44 -8.42 -44.34
CA GLU G 209 -23.60 -9.87 -44.30
C GLU G 209 -24.70 -10.33 -43.35
N SER G 210 -25.34 -9.41 -42.62
CA SER G 210 -26.34 -9.80 -41.63
C SER G 210 -27.57 -10.40 -42.30
N ASN G 211 -28.22 -11.32 -41.59
CA ASN G 211 -29.39 -11.99 -42.16
C ASN G 211 -30.65 -11.17 -41.97
N ASP G 212 -30.81 -10.54 -40.81
CA ASP G 212 -32.02 -9.80 -40.53
C ASP G 212 -32.09 -8.52 -41.37
N LEU G 213 -33.30 -7.98 -41.51
CA LEU G 213 -33.52 -6.77 -42.29
C LEU G 213 -34.79 -6.11 -41.81
N TYR G 214 -34.76 -4.78 -41.73
CA TYR G 214 -35.93 -3.99 -41.34
C TYR G 214 -36.31 -3.09 -42.50
N ALA G 215 -37.50 -3.29 -43.05
CA ALA G 215 -37.95 -2.55 -44.22
C ALA G 215 -39.29 -1.90 -43.94
N ASN G 216 -39.45 -0.66 -44.39
CA ASN G 216 -40.70 0.07 -44.21
C ASN G 216 -40.86 1.00 -45.42
N THR G 217 -41.58 0.54 -46.43
CA THR G 217 -41.79 1.32 -47.64
C THR G 217 -43.27 1.48 -48.00
N ALA G 218 -44.17 1.13 -47.09
CA ALA G 218 -45.61 1.31 -47.27
C ALA G 218 -46.09 0.62 -48.55
N LEU G 219 -45.69 -0.64 -48.72
CA LEU G 219 -46.14 -1.42 -49.87
C LEU G 219 -47.59 -1.82 -49.69
N LYS G 220 -48.43 -1.45 -50.66
CA LYS G 220 -49.86 -1.67 -50.56
C LYS G 220 -50.37 -2.29 -51.85
N LEU G 221 -51.27 -3.25 -51.72
CA LEU G 221 -51.83 -3.98 -52.85
C LEU G 221 -53.20 -3.42 -53.23
N ALA G 222 -53.59 -3.67 -54.48
CA ALA G 222 -54.86 -3.18 -55.01
C ALA G 222 -55.56 -4.29 -55.77
N ARG G 223 -56.88 -4.17 -55.87
CA ARG G 223 -57.69 -5.18 -56.55
C ARG G 223 -57.38 -5.20 -58.04
N PRO G 224 -57.19 -6.36 -58.65
CA PRO G 224 -56.89 -6.40 -60.09
C PRO G 224 -58.08 -5.98 -60.93
N SER G 225 -57.79 -5.53 -62.15
CA SER G 225 -58.81 -5.14 -63.09
C SER G 225 -59.60 -6.36 -63.55
N PRO G 226 -60.86 -6.15 -63.98
CA PRO G 226 -61.65 -7.30 -64.45
C PRO G 226 -61.06 -7.94 -65.68
N GLY G 227 -61.07 -9.27 -65.72
CA GLY G 227 -60.53 -10.00 -66.85
C GLY G 227 -59.05 -9.81 -67.09
N MET G 228 -58.25 -9.79 -66.03
CA MET G 228 -56.82 -9.56 -66.16
C MET G 228 -56.08 -10.32 -65.07
N VAL G 229 -54.79 -10.57 -65.31
CA VAL G 229 -53.91 -11.23 -64.35
C VAL G 229 -52.64 -10.38 -64.28
N HIS G 230 -52.57 -9.46 -63.32
CA HIS G 230 -51.39 -8.60 -63.25
C HIS G 230 -50.89 -8.28 -61.85
N VAL G 231 -51.66 -8.51 -60.79
CA VAL G 231 -51.24 -8.23 -59.42
C VAL G 231 -50.80 -6.77 -59.29
N PRO G 232 -51.73 -5.82 -59.25
CA PRO G 232 -51.35 -4.41 -59.06
C PRO G 232 -50.77 -4.16 -57.68
N TYR G 233 -49.93 -3.13 -57.61
CA TYR G 233 -49.40 -2.67 -56.32
C TYR G 233 -48.88 -1.25 -56.49
N THR G 234 -48.76 -0.56 -55.36
CA THR G 234 -48.17 0.78 -55.32
C THR G 234 -47.17 0.83 -54.19
N GLN G 235 -46.10 1.61 -54.38
CA GLN G 235 -45.02 1.65 -53.41
C GLN G 235 -44.31 3.00 -53.48
N THR G 236 -43.95 3.52 -52.31
CA THR G 236 -43.17 4.75 -52.26
C THR G 236 -41.76 4.48 -52.73
N PRO G 237 -41.20 5.30 -53.62
CA PRO G 237 -39.86 5.01 -54.17
C PRO G 237 -38.80 4.92 -53.08
N SER G 238 -37.65 4.38 -53.48
CA SER G 238 -36.58 4.14 -52.53
C SER G 238 -36.02 5.45 -51.98
N GLY G 239 -35.76 5.46 -50.67
CA GLY G 239 -35.19 6.64 -50.06
C GLY G 239 -33.72 6.83 -50.37
N PHE G 240 -33.02 5.76 -50.73
CA PHE G 240 -31.61 5.89 -51.08
C PHE G 240 -31.42 6.74 -52.33
N LYS G 241 -32.28 6.56 -53.34
CA LYS G 241 -32.15 7.36 -54.55
C LYS G 241 -32.54 8.82 -54.30
N TYR G 242 -33.51 9.06 -53.41
CA TYR G 242 -33.77 10.43 -53.00
C TYR G 242 -32.56 11.05 -52.30
N TRP G 243 -31.94 10.30 -51.40
CA TRP G 243 -30.76 10.80 -50.70
C TRP G 243 -29.59 10.98 -51.66
N LEU G 244 -29.42 10.05 -52.60
CA LEU G 244 -28.31 10.13 -53.53
C LEU G 244 -28.40 11.38 -54.40
N LYS G 245 -29.60 11.90 -54.60
CA LYS G 245 -29.81 13.09 -55.41
C LYS G 245 -29.95 14.35 -54.58
N GLU G 246 -30.26 14.24 -53.29
CA GLU G 246 -30.46 15.40 -52.44
C GLU G 246 -29.66 15.33 -51.16
N LYS G 247 -28.46 14.71 -51.20
CA LYS G 247 -27.64 14.64 -50.01
C LYS G 247 -27.16 16.04 -49.59
N GLY G 248 -26.66 16.82 -50.54
CA GLY G 248 -26.28 18.19 -50.27
C GLY G 248 -24.91 18.32 -49.64
N THR G 249 -24.06 19.17 -50.22
CA THR G 249 -22.72 19.46 -49.71
C THR G 249 -21.91 18.19 -49.47
N ALA G 250 -20.88 18.30 -48.65
CA ALA G 250 -20.03 17.19 -48.25
C ALA G 250 -19.15 17.67 -47.10
N LEU G 251 -18.19 16.86 -46.71
CA LEU G 251 -17.14 17.31 -45.80
C LEU G 251 -15.80 17.49 -46.49
N ASN G 252 -15.62 16.94 -47.69
CA ASN G 252 -14.37 17.14 -48.42
C ASN G 252 -14.19 18.59 -48.83
N THR G 253 -15.27 19.27 -49.19
CA THR G 253 -15.22 20.66 -49.64
C THR G 253 -15.79 21.62 -48.61
N LYS G 254 -15.83 21.23 -47.34
CA LYS G 254 -16.38 22.08 -46.29
C LYS G 254 -15.57 22.05 -45.00
N ALA G 255 -14.52 21.26 -44.91
CA ALA G 255 -13.78 21.13 -43.66
C ALA G 255 -12.99 22.40 -43.38
N PRO G 256 -12.94 22.85 -42.13
CA PRO G 256 -12.14 24.02 -41.79
C PRO G 256 -10.65 23.69 -41.75
N PHE G 257 -9.85 24.74 -41.65
CA PHE G 257 -8.38 24.67 -41.58
C PHE G 257 -7.77 24.03 -42.81
N GLY G 258 -8.53 23.87 -43.89
CA GLY G 258 -7.99 23.43 -45.16
C GLY G 258 -7.35 22.05 -45.14
N CYS G 259 -8.04 21.07 -44.56
CA CYS G 259 -7.53 19.71 -44.51
C CYS G 259 -8.45 18.75 -45.26
N GLN G 260 -7.85 17.94 -46.11
CA GLN G 260 -8.58 17.04 -46.99
C GLN G 260 -9.16 15.87 -46.20
N ILE G 261 -10.35 15.45 -46.59
CA ILE G 261 -11.02 14.30 -45.99
C ILE G 261 -10.89 13.12 -46.95
N LYS G 262 -10.38 12.00 -46.45
CA LYS G 262 -10.19 10.81 -47.24
C LYS G 262 -10.85 9.63 -46.54
N THR G 263 -11.05 8.55 -47.29
CA THR G 263 -11.82 7.41 -46.83
C THR G 263 -11.01 6.13 -46.98
N ASN G 264 -11.41 5.11 -46.22
CA ASN G 264 -10.82 3.77 -46.23
C ASN G 264 -9.35 3.84 -45.86
N PRO G 265 -9.02 4.08 -44.57
CA PRO G 265 -9.94 4.39 -43.47
C PRO G 265 -10.32 5.86 -43.44
N VAL G 266 -11.33 6.22 -42.65
CA VAL G 266 -11.72 7.62 -42.55
C VAL G 266 -10.63 8.40 -41.83
N ARG G 267 -10.16 9.46 -42.46
CA ARG G 267 -9.08 10.26 -41.88
C ARG G 267 -9.09 11.65 -42.49
N ALA G 268 -8.46 12.58 -41.78
CA ALA G 268 -8.28 13.96 -42.24
C ALA G 268 -6.79 14.27 -42.21
N MET G 269 -6.25 14.66 -43.37
CA MET G 269 -4.81 14.74 -43.57
C MET G 269 -4.35 16.18 -43.72
N ASN G 270 -3.17 16.48 -43.18
CA ASN G 270 -2.51 17.77 -43.32
C ASN G 270 -3.42 18.91 -42.82
N CYS G 271 -3.76 18.84 -41.54
CA CYS G 271 -4.81 19.69 -41.01
C CYS G 271 -4.20 20.52 -39.87
N ALA G 272 -3.83 21.76 -40.19
CA ALA G 272 -2.96 22.58 -39.35
C ALA G 272 -3.75 23.18 -38.19
N VAL G 273 -3.40 22.78 -36.97
CA VAL G 273 -3.95 23.36 -35.76
C VAL G 273 -3.09 22.94 -34.58
N GLY G 274 -2.89 23.85 -33.63
CA GLY G 274 -2.25 23.52 -32.38
C GLY G 274 -0.74 23.41 -32.46
N ASN G 275 -0.16 22.95 -31.34
CA ASN G 275 1.28 22.78 -31.20
C ASN G 275 1.57 21.36 -30.72
N ILE G 276 2.73 20.84 -31.11
CA ILE G 276 3.16 19.50 -30.73
C ILE G 276 4.42 19.63 -29.89
N PRO G 277 4.34 19.47 -28.57
CA PRO G 277 5.55 19.47 -27.74
C PRO G 277 6.46 18.31 -28.10
N VAL G 278 7.77 18.55 -27.96
CA VAL G 278 8.79 17.56 -28.29
C VAL G 278 9.71 17.38 -27.09
N SER G 279 9.96 16.14 -26.71
CA SER G 279 10.92 15.80 -25.68
C SER G 279 12.06 15.01 -26.31
N MET G 280 13.29 15.29 -25.86
CA MET G 280 14.47 14.75 -26.51
C MET G 280 15.43 14.19 -25.48
N ASN G 281 16.38 13.38 -25.95
CA ASN G 281 17.44 12.83 -25.12
C ASN G 281 18.63 12.55 -26.02
N LEU G 282 19.61 13.45 -25.99
CA LEU G 282 20.72 13.39 -26.93
C LEU G 282 21.95 12.75 -26.29
N PRO G 283 22.75 12.04 -27.06
CA PRO G 283 24.01 11.50 -26.54
C PRO G 283 25.09 12.57 -26.51
N ASP G 284 26.24 12.19 -25.93
CA ASP G 284 27.35 13.13 -25.81
C ASP G 284 28.24 13.17 -27.04
N SER G 285 27.99 12.31 -28.03
CA SER G 285 28.79 12.30 -29.25
C SER G 285 28.30 13.30 -30.29
N ALA G 286 27.08 13.84 -30.13
CA ALA G 286 26.57 14.78 -31.12
C ALA G 286 27.22 16.15 -31.00
N PHE G 287 27.54 16.56 -29.77
CA PHE G 287 28.14 17.87 -29.56
C PHE G 287 29.63 17.84 -29.86
N THR G 288 30.25 19.01 -29.77
CA THR G 288 31.69 19.17 -29.95
C THR G 288 32.26 19.90 -28.74
N ARG G 289 33.44 19.47 -28.31
CA ARG G 289 34.12 20.14 -27.21
C ARG G 289 34.44 21.58 -27.59
N ILE G 290 34.25 22.50 -26.64
CA ILE G 290 34.41 23.92 -26.92
C ILE G 290 35.85 24.26 -27.27
N VAL G 291 36.82 23.45 -26.84
CA VAL G 291 38.21 23.71 -27.20
C VAL G 291 38.43 23.47 -28.70
N GLU G 292 37.70 22.53 -29.28
CA GLU G 292 37.83 22.26 -30.71
C GLU G 292 37.15 23.30 -31.58
N ALA G 293 36.00 23.81 -31.14
CA ALA G 293 35.26 24.79 -31.94
C ALA G 293 36.00 26.12 -31.96
N PRO G 294 35.89 26.86 -33.06
CA PRO G 294 36.56 28.17 -33.14
C PRO G 294 35.96 29.17 -32.17
N THR G 295 36.78 30.16 -31.82
CA THR G 295 36.37 31.24 -30.93
C THR G 295 36.08 32.49 -31.74
N ILE G 296 34.87 33.04 -31.56
CA ILE G 296 34.40 34.18 -32.34
C ILE G 296 34.28 35.38 -31.40
N ILE G 297 34.93 36.48 -31.77
CA ILE G 297 34.88 37.72 -30.99
C ILE G 297 34.61 38.88 -31.94
N ASP G 298 34.11 39.98 -31.37
CA ASP G 298 33.83 41.21 -32.10
C ASP G 298 32.84 40.97 -33.24
N LEU G 299 31.62 40.61 -32.86
CA LEU G 299 30.57 40.33 -33.82
C LEU G 299 29.72 41.56 -34.06
N THR G 300 29.56 41.95 -35.32
CA THR G 300 28.75 43.09 -35.72
C THR G 300 27.78 42.66 -36.80
N CYS G 301 26.54 43.14 -36.72
CA CYS G 301 25.48 42.76 -37.64
C CYS G 301 25.07 43.94 -38.50
N THR G 302 25.04 43.74 -39.81
CA THR G 302 24.55 44.73 -40.76
C THR G 302 23.59 44.05 -41.72
N VAL G 303 22.58 44.81 -42.15
CA VAL G 303 21.54 44.29 -43.04
C VAL G 303 21.65 45.04 -44.37
N ALA G 304 21.72 44.27 -45.46
CA ALA G 304 21.82 44.89 -46.78
C ALA G 304 20.47 45.34 -47.31
N THR G 305 19.54 44.40 -47.49
CA THR G 305 18.21 44.71 -47.98
C THR G 305 17.17 43.94 -47.17
N CYS G 306 15.97 44.48 -47.10
CA CYS G 306 14.87 43.85 -46.39
C CYS G 306 13.57 44.06 -47.14
N THR G 307 12.73 43.04 -47.18
CA THR G 307 11.41 43.13 -47.79
C THR G 307 10.55 42.03 -47.17
N HIS G 308 9.54 42.42 -46.40
CA HIS G 308 8.73 41.45 -45.66
C HIS G 308 7.76 40.75 -46.61
N SER G 309 8.30 39.76 -47.34
CA SER G 309 7.53 38.94 -48.25
C SER G 309 7.39 37.54 -47.67
N SER G 310 6.70 36.67 -48.43
CA SER G 310 6.49 35.30 -47.96
C SER G 310 7.78 34.48 -48.01
N ASP G 311 8.54 34.61 -49.09
CA ASP G 311 9.80 33.89 -49.21
C ASP G 311 10.89 34.59 -48.40
N PHE G 312 12.10 34.05 -48.49
CA PHE G 312 13.24 34.60 -47.75
C PHE G 312 13.70 35.87 -48.46
N GLY G 313 13.17 37.00 -48.00
CA GLY G 313 13.42 38.27 -48.65
C GLY G 313 14.34 39.20 -47.89
N GLY G 314 15.25 38.65 -47.10
CA GLY G 314 16.20 39.46 -46.36
C GLY G 314 17.63 38.95 -46.47
N VAL G 315 18.57 39.86 -46.66
CA VAL G 315 19.99 39.52 -46.76
C VAL G 315 20.71 40.14 -45.58
N LEU G 316 21.46 39.32 -44.84
CA LEU G 316 22.08 39.72 -43.60
C LEU G 316 23.52 39.24 -43.56
N THR G 317 24.41 40.07 -43.00
CA THR G 317 25.84 39.82 -43.04
C THR G 317 26.42 39.93 -41.64
N LEU G 318 27.50 39.18 -41.38
CA LEU G 318 28.24 39.24 -40.13
C LEU G 318 29.71 39.51 -40.40
N THR G 319 30.34 40.31 -39.54
CA THR G 319 31.78 40.51 -39.55
C THR G 319 32.34 40.12 -38.19
N TYR G 320 33.49 39.47 -38.19
CA TYR G 320 34.04 38.90 -36.97
C TYR G 320 35.54 38.78 -37.10
N LYS G 321 36.18 38.39 -36.00
CA LYS G 321 37.60 38.04 -35.97
C LYS G 321 37.74 36.68 -35.31
N THR G 322 38.42 35.76 -35.99
CA THR G 322 38.54 34.39 -35.53
C THR G 322 39.99 33.93 -35.60
N ASP G 323 40.31 32.91 -34.81
CA ASP G 323 41.67 32.38 -34.81
C ASP G 323 41.82 31.24 -35.81
N LYS G 324 40.88 30.30 -35.81
CA LYS G 324 40.91 29.17 -36.73
C LYS G 324 39.59 29.09 -37.48
N ASN G 325 39.60 28.35 -38.58
CA ASN G 325 38.42 28.19 -39.42
C ASN G 325 37.73 26.86 -39.10
N GLY G 326 36.41 26.89 -39.09
CA GLY G 326 35.61 25.72 -38.80
C GLY G 326 34.15 25.91 -39.12
N ASP G 327 33.27 25.33 -38.30
CA ASP G 327 31.83 25.43 -38.48
C ASP G 327 31.18 25.91 -37.20
N CYS G 328 30.21 26.81 -37.33
CA CYS G 328 29.36 27.24 -36.23
C CYS G 328 27.92 26.86 -36.51
N SER G 329 27.05 27.21 -35.57
CA SER G 329 25.62 26.98 -35.69
C SER G 329 24.90 28.30 -35.44
N VAL G 330 24.40 28.91 -36.50
CA VAL G 330 23.70 30.18 -36.39
C VAL G 330 22.26 29.94 -35.94
N HIS G 331 21.68 30.95 -35.30
CA HIS G 331 20.31 30.86 -34.81
C HIS G 331 19.81 32.25 -34.46
N SER G 332 18.51 32.44 -34.60
CA SER G 332 17.84 33.68 -34.22
C SER G 332 16.98 33.41 -32.99
N HIS G 333 17.19 34.20 -31.94
CA HIS G 333 16.55 33.96 -30.66
C HIS G 333 15.16 34.57 -30.56
N SER G 334 14.65 35.16 -31.64
CA SER G 334 13.31 35.71 -31.67
C SER G 334 12.58 35.20 -32.90
N ASN G 335 11.27 34.99 -32.75
CA ASN G 335 10.46 34.48 -33.85
C ASN G 335 10.03 35.57 -34.82
N VAL G 336 10.50 36.81 -34.64
CA VAL G 336 10.19 37.87 -35.58
C VAL G 336 10.85 37.60 -36.92
N ALA G 337 12.04 37.00 -36.92
CA ALA G 337 12.76 36.64 -38.13
C ALA G 337 13.11 35.17 -38.09
N THR G 338 12.98 34.50 -39.24
CA THR G 338 13.28 33.09 -39.38
C THR G 338 14.43 32.93 -40.36
N LEU G 339 15.55 32.36 -39.89
CA LEU G 339 16.70 32.16 -40.75
C LEU G 339 16.47 31.00 -41.70
N GLN G 340 17.32 30.92 -42.73
CA GLN G 340 17.21 29.86 -43.72
C GLN G 340 18.13 28.70 -43.42
N GLU G 341 19.37 28.97 -43.04
CA GLU G 341 20.36 27.93 -42.80
C GLU G 341 20.67 27.84 -41.31
N ALA G 342 21.05 26.63 -40.88
CA ALA G 342 21.39 26.37 -39.49
C ALA G 342 22.88 26.09 -39.30
N THR G 343 23.71 26.40 -40.30
CA THR G 343 25.14 26.22 -40.20
C THR G 343 25.84 27.12 -41.20
N ALA G 344 26.77 27.94 -40.71
CA ALA G 344 27.56 28.81 -41.56
C ALA G 344 29.03 28.46 -41.40
N LYS G 345 29.73 28.40 -42.53
CA LYS G 345 31.12 27.98 -42.55
C LYS G 345 32.00 29.19 -42.27
N VAL G 346 32.71 29.16 -41.16
CA VAL G 346 33.49 30.30 -40.68
C VAL G 346 34.88 30.26 -41.30
N LYS G 347 35.32 31.38 -41.85
CA LYS G 347 36.64 31.52 -42.46
C LYS G 347 37.36 32.71 -41.84
N THR G 348 38.68 32.70 -41.97
CA THR G 348 39.51 33.79 -41.44
C THR G 348 39.27 35.12 -42.15
N ALA G 349 38.60 35.11 -43.30
CA ALA G 349 38.28 36.36 -43.98
C ALA G 349 37.31 37.21 -43.16
N GLY G 350 36.59 36.60 -42.23
CA GLY G 350 35.72 37.33 -41.34
C GLY G 350 34.51 37.97 -41.97
N LYS G 351 33.82 37.24 -42.86
CA LYS G 351 32.58 37.75 -43.44
C LYS G 351 31.74 36.57 -43.92
N VAL G 352 30.54 36.43 -43.35
CA VAL G 352 29.57 35.45 -43.78
C VAL G 352 28.24 36.16 -44.02
N THR G 353 27.40 35.53 -44.84
CA THR G 353 26.11 36.10 -45.19
C THR G 353 25.01 35.08 -44.95
N LEU G 354 23.85 35.58 -44.51
CA LEU G 354 22.71 34.73 -44.17
C LEU G 354 21.46 35.33 -44.80
N HIS G 355 20.44 34.48 -44.94
CA HIS G 355 19.13 34.89 -45.44
C HIS G 355 18.10 34.70 -44.33
N PHE G 356 17.09 35.57 -44.32
CA PHE G 356 16.03 35.49 -43.33
C PHE G 356 14.73 36.02 -43.92
N SER G 357 13.62 35.62 -43.29
CA SER G 357 12.29 36.08 -43.69
C SER G 357 11.60 36.73 -42.49
N THR G 358 10.95 37.86 -42.74
CA THR G 358 10.29 38.61 -41.68
C THR G 358 8.95 39.12 -42.19
N ALA G 359 8.08 39.49 -41.25
CA ALA G 359 6.74 39.96 -41.59
C ALA G 359 6.39 41.26 -40.89
N SER G 360 7.37 41.97 -40.35
CA SER G 360 7.15 43.24 -39.67
C SER G 360 7.93 44.34 -40.37
N ALA G 361 7.43 45.57 -40.24
CA ALA G 361 8.04 46.70 -40.94
C ALA G 361 9.46 46.94 -40.46
N SER G 362 9.69 46.88 -39.16
CA SER G 362 11.00 47.12 -38.57
C SER G 362 11.28 46.07 -37.52
N PRO G 363 11.99 45.00 -37.87
CA PRO G 363 12.25 43.94 -36.89
C PRO G 363 13.55 44.18 -36.12
N SER G 364 13.62 43.55 -34.96
CA SER G 364 14.83 43.59 -34.14
C SER G 364 14.99 42.24 -33.46
N PHE G 365 16.08 41.55 -33.77
CA PHE G 365 16.32 40.21 -33.23
C PHE G 365 17.80 40.05 -32.94
N VAL G 366 18.10 39.09 -32.07
CA VAL G 366 19.47 38.83 -31.64
C VAL G 366 19.91 37.49 -32.22
N VAL G 367 21.05 37.50 -32.90
CA VAL G 367 21.56 36.33 -33.61
C VAL G 367 22.89 35.92 -32.98
N SER G 368 23.17 34.61 -32.97
CA SER G 368 24.36 34.07 -32.34
C SER G 368 25.12 33.20 -33.34
N LEU G 369 26.43 33.38 -33.41
CA LEU G 369 27.32 32.59 -34.25
C LEU G 369 28.31 31.90 -33.32
N CYS G 370 28.31 30.56 -33.33
CA CYS G 370 28.97 29.78 -32.28
C CYS G 370 28.56 30.30 -30.91
N SER G 371 29.50 30.87 -30.16
CA SER G 371 29.22 31.41 -28.85
C SER G 371 29.02 32.92 -28.85
N ALA G 372 29.24 33.59 -29.98
CA ALA G 372 29.13 35.04 -30.05
C ALA G 372 27.68 35.48 -29.97
N ARG G 373 27.46 36.79 -30.07
CA ARG G 373 26.13 37.37 -30.02
C ARG G 373 26.15 38.75 -30.65
N ALA G 374 25.01 39.17 -31.18
CA ALA G 374 24.88 40.48 -31.80
C ALA G 374 23.40 40.79 -32.00
N THR G 375 23.09 42.09 -32.03
CA THR G 375 21.73 42.57 -32.19
C THR G 375 21.56 43.15 -33.59
N CYS G 376 20.52 42.72 -34.28
CA CYS G 376 20.26 43.11 -35.66
C CYS G 376 19.00 43.97 -35.72
N SER G 377 19.03 45.01 -36.53
CA SER G 377 17.86 45.86 -36.77
C SER G 377 17.95 46.43 -38.18
N ALA G 378 16.78 46.59 -38.81
CA ALA G 378 16.74 47.04 -40.20
C ALA G 378 15.39 47.66 -40.49
N SER G 379 15.31 48.30 -41.65
CA SER G 379 14.08 48.91 -42.16
C SER G 379 13.66 48.17 -43.42
N CYS G 380 12.42 47.69 -43.46
CA CYS G 380 11.94 46.85 -44.54
C CYS G 380 10.79 47.53 -45.27
N GLU G 381 10.75 47.37 -46.60
CA GLU G 381 9.78 47.93 -47.51
C GLU G 381 8.76 46.88 -47.94
N PRO G 382 7.52 47.29 -48.22
CA PRO G 382 6.51 46.29 -48.57
C PRO G 382 6.81 45.66 -49.92
N PRO G 383 6.30 44.46 -50.16
CA PRO G 383 6.44 43.84 -51.48
C PRO G 383 5.31 44.29 -52.41
N LYS G 384 5.51 44.06 -53.70
CA LYS G 384 4.60 44.56 -54.71
C LYS G 384 3.60 43.52 -55.21
N ASP G 385 3.98 42.24 -55.27
CA ASP G 385 3.08 41.21 -55.77
C ASP G 385 1.90 41.03 -54.82
N HIS G 386 0.69 40.93 -55.38
CA HIS G 386 -0.50 40.83 -54.55
C HIS G 386 -0.74 39.41 -54.06
N ILE G 387 -0.44 38.41 -54.88
CA ILE G 387 -0.79 37.02 -54.58
C ILE G 387 0.38 36.12 -54.98
N VAL G 388 0.69 35.15 -54.12
CA VAL G 388 1.75 34.18 -54.38
C VAL G 388 1.19 32.78 -54.16
N PRO G 389 1.72 31.76 -54.83
CA PRO G 389 1.18 30.40 -54.69
C PRO G 389 1.82 29.54 -53.62
N TYR G 390 2.67 30.08 -52.74
CA TYR G 390 3.29 29.29 -51.68
C TYR G 390 2.98 29.88 -50.33
N ALA G 391 3.02 29.02 -49.30
CA ALA G 391 2.68 29.44 -47.95
C ALA G 391 3.75 30.34 -47.37
N ALA G 392 3.38 31.06 -46.32
CA ALA G 392 4.30 31.99 -45.67
C ALA G 392 5.39 31.23 -44.92
N SER G 393 6.61 31.77 -44.97
CA SER G 393 7.76 31.16 -44.31
C SER G 393 8.14 31.88 -43.02
N HIS G 394 7.32 32.81 -42.55
CA HIS G 394 7.58 33.52 -41.30
C HIS G 394 6.52 33.15 -40.27
N SER G 395 6.74 33.62 -39.04
CA SER G 395 5.84 33.33 -37.93
C SER G 395 4.65 34.27 -37.89
N ASN G 396 4.57 35.24 -38.80
CA ASN G 396 3.44 36.16 -38.93
C ASN G 396 3.25 36.99 -37.66
N VAL G 397 4.27 37.76 -37.35
CA VAL G 397 4.23 38.74 -36.26
C VAL G 397 4.42 40.13 -36.87
N VAL G 398 3.64 41.09 -36.41
CA VAL G 398 3.54 42.39 -37.07
C VAL G 398 4.07 43.54 -36.22
N PHE G 399 3.97 43.46 -34.90
CA PHE G 399 4.29 44.61 -34.06
C PHE G 399 5.76 44.98 -34.20
N PRO G 400 6.08 46.22 -34.55
CA PRO G 400 7.48 46.60 -34.81
C PRO G 400 8.26 46.82 -33.53
N ASP G 401 9.55 47.10 -33.72
CA ASP G 401 10.45 47.36 -32.61
C ASP G 401 10.20 48.74 -32.00
N MET G 402 10.49 48.86 -30.71
CA MET G 402 10.33 50.13 -30.03
C MET G 402 11.30 51.20 -30.53
N SER G 403 12.35 50.80 -31.23
CA SER G 403 13.30 51.75 -31.82
C SER G 403 12.97 52.08 -33.27
N GLY G 404 11.87 51.57 -33.80
CA GLY G 404 11.48 51.87 -35.17
C GLY G 404 11.04 53.31 -35.32
N THR G 405 10.76 53.69 -36.56
CA THR G 405 10.46 55.09 -36.87
C THR G 405 9.16 55.54 -36.21
N ALA G 406 8.08 54.77 -36.39
CA ALA G 406 6.80 55.15 -35.84
C ALA G 406 6.84 55.24 -34.32
N LEU G 407 7.40 54.22 -33.68
CA LEU G 407 7.50 54.25 -32.22
C LEU G 407 8.50 55.29 -31.74
N SER G 408 9.51 55.63 -32.53
CA SER G 408 10.38 56.75 -32.16
C SER G 408 9.60 58.06 -32.17
N TRP G 409 8.75 58.28 -33.17
CA TRP G 409 7.91 59.47 -33.18
C TRP G 409 7.00 59.51 -31.98
N VAL G 410 6.36 58.38 -31.67
CA VAL G 410 5.47 58.31 -30.51
C VAL G 410 6.23 58.60 -29.22
N GLN G 411 7.43 58.03 -29.09
CA GLN G 411 8.24 58.26 -27.90
C GLN G 411 8.62 59.73 -27.75
N LYS G 412 9.01 60.37 -28.85
CA LYS G 412 9.37 61.79 -28.78
C LYS G 412 8.17 62.64 -28.38
N ILE G 413 7.00 62.38 -28.96
CA ILE G 413 5.83 63.17 -28.61
C ILE G 413 5.45 62.96 -27.14
N SER G 414 5.46 61.70 -26.69
CA SER G 414 5.12 61.42 -25.30
C SER G 414 6.12 62.03 -24.35
N GLY G 415 7.41 62.04 -24.72
CA GLY G 415 8.41 62.68 -23.88
C GLY G 415 8.20 64.18 -23.78
N GLY G 416 7.86 64.83 -24.89
CA GLY G 416 7.56 66.25 -24.83
C GLY G 416 6.38 66.56 -23.93
N LEU G 417 5.30 65.79 -24.08
CA LEU G 417 4.13 66.02 -23.23
C LEU G 417 4.44 65.74 -21.76
N GLY G 418 5.23 64.70 -21.49
CA GLY G 418 5.61 64.41 -20.12
C GLY G 418 6.47 65.50 -19.52
N ALA G 419 7.38 66.08 -20.31
CA ALA G 419 8.17 67.20 -19.83
C ALA G 419 7.29 68.39 -19.50
N PHE G 420 6.31 68.68 -20.35
CA PHE G 420 5.37 69.77 -20.06
C PHE G 420 4.61 69.51 -18.75
N ALA G 421 4.12 68.28 -18.58
CA ALA G 421 3.38 67.94 -17.36
C ALA G 421 4.26 68.05 -16.13
N ILE G 422 5.52 67.61 -16.24
CA ILE G 422 6.44 67.70 -15.10
C ILE G 422 6.72 69.16 -14.76
N GLY G 423 6.90 70.01 -15.76
CA GLY G 423 7.09 71.43 -15.49
C GLY G 423 5.91 72.05 -14.80
N ALA G 424 4.70 71.72 -15.25
CA ALA G 424 3.50 72.25 -14.59
C ALA G 424 3.39 71.76 -13.16
N ILE G 425 3.69 70.48 -12.92
CA ILE G 425 3.66 69.92 -11.57
C ILE G 425 4.65 70.65 -10.67
N LEU G 426 5.86 70.87 -11.18
CA LEU G 426 6.89 71.56 -10.38
C LEU G 426 6.46 72.98 -10.05
N VAL G 427 5.89 73.69 -11.02
CA VAL G 427 5.44 75.07 -10.76
C VAL G 427 4.36 75.07 -9.69
N LEU G 428 3.38 74.17 -9.80
CA LEU G 428 2.31 74.13 -8.81
C LEU G 428 2.85 73.79 -7.43
N VAL G 429 3.78 72.82 -7.34
CA VAL G 429 4.33 72.44 -6.04
C VAL G 429 5.10 73.60 -5.42
N VAL G 430 5.91 74.30 -6.22
CA VAL G 430 6.66 75.43 -5.69
C VAL G 430 5.71 76.51 -5.18
N VAL G 431 4.66 76.82 -5.97
CA VAL G 431 3.73 77.87 -5.57
C VAL G 431 3.02 77.49 -4.28
N THR G 432 2.55 76.25 -4.19
CA THR G 432 1.80 75.87 -2.99
C THR G 432 2.72 75.77 -1.77
N CYS G 433 3.99 75.38 -1.95
CA CYS G 433 4.91 75.38 -0.82
C CYS G 433 5.19 76.80 -0.34
N ILE G 434 5.36 77.75 -1.28
CA ILE G 434 5.54 79.14 -0.88
C ILE G 434 4.31 79.66 -0.15
N GLY G 435 3.12 79.31 -0.64
CA GLY G 435 1.91 79.72 0.04
C GLY G 435 1.77 79.13 1.43
N LEU G 436 2.16 77.86 1.59
CA LEU G 436 2.08 77.22 2.90
C LEU G 436 3.10 77.79 3.88
N ARG G 437 4.29 78.17 3.39
CA ARG G 437 5.31 78.71 4.28
C ARG G 437 4.94 80.07 4.85
N ARG G 438 3.96 80.77 4.27
CA ARG G 438 3.48 82.02 4.84
C ARG G 438 2.47 81.76 5.94
N HIS H 1 -8.67 -76.23 8.44
CA HIS H 1 -9.51 -75.23 9.08
C HIS H 1 -10.29 -74.41 8.04
N PHE H 2 -10.93 -73.34 8.50
CA PHE H 2 -11.70 -72.47 7.62
C PHE H 2 -10.80 -71.80 6.59
N ASN H 3 -11.26 -71.77 5.34
CA ASN H 3 -10.52 -71.19 4.24
C ASN H 3 -11.32 -70.06 3.59
N VAL H 4 -11.80 -69.12 4.41
CA VAL H 4 -12.75 -68.08 4.01
C VAL H 4 -12.39 -67.47 2.66
N TYR H 5 -11.08 -67.37 2.37
CA TYR H 5 -10.68 -66.90 1.05
C TYR H 5 -10.75 -68.02 0.03
N LYS H 6 -11.91 -68.68 -0.05
CA LYS H 6 -12.20 -69.66 -1.08
C LYS H 6 -13.43 -69.30 -1.90
N ALA H 7 -14.42 -68.62 -1.31
CA ALA H 7 -15.58 -68.12 -2.03
C ALA H 7 -15.43 -66.65 -2.40
N THR H 8 -14.20 -66.15 -2.42
CA THR H 8 -13.92 -64.76 -2.76
C THR H 8 -13.01 -64.70 -3.96
N ARG H 9 -13.19 -63.66 -4.77
CA ARG H 9 -12.46 -63.51 -6.02
C ARG H 9 -11.94 -62.09 -6.16
N PRO H 10 -10.83 -61.90 -6.87
CA PRO H 10 -10.40 -60.55 -7.21
C PRO H 10 -11.38 -59.90 -8.18
N TYR H 11 -11.35 -58.57 -8.21
CA TYR H 11 -12.24 -57.81 -9.05
C TYR H 11 -11.50 -56.64 -9.66
N ILE H 12 -12.11 -56.03 -10.68
CA ILE H 12 -11.53 -54.91 -11.41
C ILE H 12 -12.38 -53.68 -11.10
N ALA H 13 -11.75 -52.64 -10.59
CA ALA H 13 -12.41 -51.39 -10.24
C ALA H 13 -11.81 -50.24 -11.04
N TYR H 14 -12.30 -49.03 -10.75
CA TYR H 14 -11.91 -47.83 -11.47
C TYR H 14 -10.87 -47.07 -10.64
N CYS H 15 -9.69 -46.86 -11.22
CA CYS H 15 -8.60 -46.16 -10.55
C CYS H 15 -8.45 -44.76 -11.13
N ALA H 16 -8.11 -43.81 -10.27
CA ALA H 16 -8.04 -42.41 -10.69
C ALA H 16 -7.00 -42.21 -11.79
N ASP H 17 -5.78 -42.67 -11.56
CA ASP H 17 -4.75 -42.68 -12.60
C ASP H 17 -3.81 -43.84 -12.35
N CYS H 18 -3.19 -44.33 -13.42
CA CYS H 18 -2.34 -45.52 -13.36
C CYS H 18 -0.87 -45.18 -13.54
N GLY H 19 -0.41 -44.09 -12.93
CA GLY H 19 0.98 -43.71 -13.01
C GLY H 19 1.35 -42.85 -14.21
N ALA H 20 0.40 -42.53 -15.07
CA ALA H 20 0.68 -41.74 -16.26
C ALA H 20 -0.32 -40.62 -16.50
N GLY H 21 -1.24 -40.36 -15.58
CA GLY H 21 -2.22 -39.31 -15.74
C GLY H 21 -3.49 -39.71 -16.46
N HIS H 22 -3.62 -40.96 -16.88
CA HIS H 22 -4.79 -41.45 -17.56
C HIS H 22 -5.55 -42.42 -16.67
N SER H 23 -6.87 -42.40 -16.80
CA SER H 23 -7.74 -43.22 -15.96
C SER H 23 -8.22 -44.43 -16.72
N CYS H 24 -8.00 -45.62 -16.16
CA CYS H 24 -8.46 -46.85 -16.77
C CYS H 24 -8.71 -47.88 -15.67
N HIS H 25 -9.57 -48.85 -15.98
CA HIS H 25 -9.94 -49.90 -15.03
C HIS H 25 -8.72 -50.78 -14.77
N SER H 26 -8.16 -50.68 -13.58
CA SER H 26 -7.01 -51.46 -13.19
C SER H 26 -7.39 -52.53 -12.17
N PRO H 27 -6.72 -53.68 -12.19
CA PRO H 27 -7.02 -54.73 -11.23
C PRO H 27 -6.38 -54.54 -9.86
N VAL H 28 -5.65 -53.45 -9.65
CA VAL H 28 -4.95 -53.23 -8.39
C VAL H 28 -5.45 -51.92 -7.81
N ALA H 29 -6.76 -51.68 -7.92
CA ALA H 29 -7.35 -50.46 -7.39
C ALA H 29 -7.17 -50.38 -5.88
N ILE H 30 -6.96 -49.17 -5.37
CA ILE H 30 -6.67 -48.93 -3.96
C ILE H 30 -7.94 -48.43 -3.28
N GLU H 31 -8.35 -49.12 -2.22
CA GLU H 31 -9.45 -48.68 -1.38
C GLU H 31 -8.89 -47.86 -0.21
N ALA H 32 -9.70 -47.68 0.83
CA ALA H 32 -9.32 -46.81 1.95
C ALA H 32 -8.05 -47.32 2.62
N VAL H 33 -7.25 -46.37 3.11
CA VAL H 33 -6.00 -46.66 3.80
C VAL H 33 -6.18 -46.26 5.26
N ARG H 34 -5.87 -47.18 6.17
CA ARG H 34 -6.02 -46.95 7.60
C ARG H 34 -4.64 -46.75 8.22
N SER H 35 -4.50 -45.68 9.01
CA SER H 35 -3.23 -45.34 9.63
C SER H 35 -3.42 -44.98 11.10
N GLU H 36 -4.17 -45.81 11.83
CA GLU H 36 -4.49 -45.55 13.22
C GLU H 36 -3.51 -46.22 14.19
N ALA H 37 -2.27 -46.39 13.78
CA ALA H 37 -1.22 -46.92 14.64
C ALA H 37 -0.25 -45.81 15.01
N THR H 38 0.19 -45.79 16.26
CA THR H 38 1.00 -44.68 16.75
C THR H 38 2.36 -44.62 16.03
N ASP H 39 3.00 -45.76 15.81
CA ASP H 39 4.33 -45.76 15.24
C ASP H 39 4.34 -45.49 13.74
N GLY H 40 3.18 -45.49 13.08
CA GLY H 40 3.12 -45.13 11.68
C GLY H 40 3.13 -46.30 10.71
N MET H 41 2.26 -47.29 10.94
CA MET H 41 2.14 -48.44 10.06
C MET H 41 0.79 -48.38 9.35
N LEU H 42 0.80 -48.63 8.04
CA LEU H 42 -0.38 -48.46 7.20
C LEU H 42 -0.98 -49.81 6.82
N LYS H 43 -2.28 -49.83 6.59
CA LYS H 43 -2.98 -51.00 6.07
C LYS H 43 -3.64 -50.64 4.75
N ILE H 44 -2.89 -50.73 3.67
CA ILE H 44 -3.41 -50.48 2.33
C ILE H 44 -4.26 -51.66 1.91
N GLN H 45 -5.38 -51.38 1.23
CA GLN H 45 -6.33 -52.41 0.83
C GLN H 45 -6.36 -52.51 -0.69
N PHE H 46 -5.95 -53.65 -1.23
CA PHE H 46 -6.01 -53.88 -2.67
C PHE H 46 -7.45 -54.05 -3.12
N SER H 47 -7.62 -54.31 -4.42
CA SER H 47 -8.80 -54.94 -4.96
C SER H 47 -8.54 -56.38 -5.37
N ALA H 48 -7.30 -56.73 -5.71
CA ALA H 48 -6.92 -58.09 -6.06
C ALA H 48 -6.22 -58.71 -4.86
N GLN H 49 -6.87 -59.67 -4.23
CA GLN H 49 -6.32 -60.29 -3.02
C GLN H 49 -5.05 -61.07 -3.33
N ILE H 50 -4.14 -61.11 -2.36
CA ILE H 50 -2.80 -61.63 -2.55
C ILE H 50 -2.49 -62.67 -1.48
N GLY H 51 -1.52 -63.52 -1.78
CA GLY H 51 -1.12 -64.59 -0.88
C GLY H 51 -1.76 -65.94 -1.17
N ILE H 52 -2.69 -66.00 -2.12
CA ILE H 52 -3.36 -67.25 -2.48
C ILE H 52 -3.39 -67.35 -4.00
N ASP H 53 -3.01 -68.52 -4.52
CA ASP H 53 -2.88 -68.71 -5.95
C ASP H 53 -4.26 -68.89 -6.59
N LYS H 54 -4.25 -69.23 -7.89
CA LYS H 54 -5.49 -69.33 -8.66
C LYS H 54 -6.36 -70.47 -8.14
N SER H 55 -5.77 -71.62 -7.82
CA SER H 55 -6.52 -72.81 -7.46
C SER H 55 -6.94 -72.83 -5.99
N ASP H 56 -6.95 -71.69 -5.31
CA ASP H 56 -7.39 -71.58 -3.92
C ASP H 56 -6.47 -72.34 -2.98
N ASN H 57 -5.16 -72.26 -3.24
CA ASN H 57 -4.14 -72.85 -2.39
C ASN H 57 -3.28 -71.75 -1.77
N HIS H 58 -2.93 -71.94 -0.51
CA HIS H 58 -2.09 -70.97 0.18
C HIS H 58 -0.64 -71.10 -0.28
N ASP H 59 -0.12 -70.02 -0.85
CA ASP H 59 1.25 -69.98 -1.36
C ASP H 59 1.88 -68.64 -1.00
N TYR H 60 3.18 -68.65 -0.74
CA TYR H 60 3.90 -67.43 -0.44
C TYR H 60 4.48 -66.76 -1.68
N THR H 61 4.20 -67.30 -2.88
CA THR H 61 4.78 -66.79 -4.10
C THR H 61 3.76 -66.30 -5.11
N LYS H 62 2.57 -66.90 -5.17
CA LYS H 62 1.57 -66.49 -6.15
C LYS H 62 0.52 -65.59 -5.50
N ILE H 63 0.01 -64.63 -6.27
CA ILE H 63 -1.10 -63.79 -5.85
C ILE H 63 -2.13 -63.74 -6.98
N ARG H 64 -3.40 -63.74 -6.60
CA ARG H 64 -4.48 -63.72 -7.58
C ARG H 64 -4.75 -62.30 -8.06
N TYR H 65 -5.39 -62.19 -9.22
CA TYR H 65 -5.89 -60.93 -9.73
C TYR H 65 -6.80 -61.21 -10.91
N ALA H 66 -7.86 -60.40 -11.02
CA ALA H 66 -8.88 -60.59 -12.03
C ALA H 66 -8.43 -60.02 -13.37
N ASP H 67 -8.84 -60.70 -14.45
CA ASP H 67 -8.54 -60.23 -15.80
C ASP H 67 -9.62 -60.76 -16.73
N GLY H 68 -10.61 -59.93 -17.04
CA GLY H 68 -11.70 -60.32 -17.93
C GLY H 68 -12.44 -61.55 -17.50
N HIS H 69 -13.10 -61.49 -16.34
CA HIS H 69 -13.78 -62.62 -15.70
C HIS H 69 -12.97 -63.91 -15.85
N ALA H 70 -11.69 -63.80 -15.49
CA ALA H 70 -10.77 -64.93 -15.52
C ALA H 70 -9.63 -64.64 -14.57
N ILE H 71 -9.31 -65.59 -13.70
CA ILE H 71 -8.35 -65.38 -12.64
C ILE H 71 -6.99 -65.93 -13.06
N GLU H 72 -5.95 -65.11 -12.95
CA GLU H 72 -4.57 -65.52 -13.18
C GLU H 72 -3.79 -65.36 -11.88
N ASN H 73 -2.49 -65.56 -11.96
CA ASN H 73 -1.63 -65.37 -10.80
C ASN H 73 -0.29 -64.79 -11.22
N ALA H 74 0.28 -63.95 -10.35
CA ALA H 74 1.57 -63.33 -10.57
C ALA H 74 2.47 -63.58 -9.37
N VAL H 75 3.78 -63.55 -9.62
CA VAL H 75 4.75 -63.84 -8.58
C VAL H 75 4.64 -62.79 -7.48
N ARG H 76 4.83 -63.22 -6.22
CA ARG H 76 4.72 -62.30 -5.10
C ARG H 76 5.79 -61.22 -5.18
N SER H 77 6.97 -61.56 -5.69
CA SER H 77 7.98 -60.56 -5.94
C SER H 77 7.46 -59.54 -6.96
N SER H 78 8.21 -58.45 -7.10
CA SER H 78 7.84 -57.30 -7.93
C SER H 78 6.58 -56.60 -7.43
N LEU H 79 6.18 -56.85 -6.19
CA LEU H 79 5.12 -56.08 -5.54
C LEU H 79 5.78 -54.87 -4.89
N LYS H 80 5.66 -53.71 -5.53
CA LYS H 80 6.34 -52.51 -5.09
C LYS H 80 5.30 -51.49 -4.62
N VAL H 81 5.39 -51.11 -3.35
CA VAL H 81 4.59 -50.04 -2.78
C VAL H 81 5.53 -48.90 -2.42
N ALA H 82 5.17 -47.69 -2.79
CA ALA H 82 6.11 -46.58 -2.65
C ALA H 82 5.37 -45.27 -2.40
N THR H 83 6.11 -44.34 -1.81
CA THR H 83 5.69 -42.96 -1.66
C THR H 83 6.82 -42.15 -2.28
N SER H 84 6.88 -40.85 -1.99
CA SER H 84 7.96 -39.99 -2.47
C SER H 84 9.32 -40.66 -2.35
N GLY H 85 9.48 -41.54 -1.37
CA GLY H 85 10.67 -42.37 -1.28
C GLY H 85 10.42 -43.79 -1.77
N ASP H 86 10.64 -44.78 -0.91
CA ASP H 86 10.36 -46.17 -1.24
C ASP H 86 10.06 -46.92 0.04
N CYS H 87 8.90 -47.58 0.10
CA CYS H 87 8.40 -48.16 1.33
C CYS H 87 9.00 -49.54 1.59
N PHE H 88 8.64 -50.10 2.75
CA PHE H 88 9.04 -51.43 3.17
C PHE H 88 7.79 -52.22 3.49
N VAL H 89 7.74 -53.47 3.05
CA VAL H 89 6.55 -54.31 3.18
C VAL H 89 6.76 -55.28 4.34
N HIS H 90 5.85 -55.25 5.31
CA HIS H 90 5.95 -56.09 6.51
C HIS H 90 5.03 -57.31 6.43
N GLY H 91 3.74 -57.10 6.25
CA GLY H 91 2.76 -58.16 6.23
C GLY H 91 2.12 -58.36 4.86
N THR H 92 1.46 -59.50 4.70
CA THR H 92 0.85 -59.87 3.44
C THR H 92 -0.19 -60.95 3.67
N MET H 93 -1.46 -60.61 3.48
CA MET H 93 -2.54 -61.59 3.53
C MET H 93 -3.83 -61.00 2.98
N GLY H 94 -4.47 -61.71 2.06
CA GLY H 94 -5.75 -61.25 1.53
C GLY H 94 -5.60 -59.94 0.79
N HIS H 95 -6.58 -59.05 0.97
CA HIS H 95 -6.56 -57.74 0.32
C HIS H 95 -5.64 -56.74 1.01
N PHE H 96 -5.18 -57.03 2.23
CA PHE H 96 -4.51 -56.06 3.07
C PHE H 96 -3.00 -56.25 3.03
N ILE H 97 -2.27 -55.14 2.97
CA ILE H 97 -0.82 -55.14 2.94
C ILE H 97 -0.31 -54.13 3.96
N LEU H 98 0.70 -54.52 4.73
CA LEU H 98 1.30 -53.66 5.74
C LEU H 98 2.57 -53.04 5.19
N ALA H 99 2.77 -51.75 5.47
CA ALA H 99 3.93 -51.04 4.94
C ALA H 99 4.36 -49.94 5.90
N LYS H 100 5.61 -49.52 5.76
CA LYS H 100 6.17 -48.37 6.45
C LYS H 100 6.77 -47.45 5.39
N CYS H 101 6.39 -46.18 5.40
CA CYS H 101 6.78 -45.33 4.29
C CYS H 101 7.42 -44.03 4.78
N PRO H 102 8.36 -43.48 4.02
CA PRO H 102 8.87 -42.15 4.32
C PRO H 102 7.83 -41.09 4.03
N PRO H 103 7.93 -39.91 4.63
CA PRO H 103 6.91 -38.89 4.43
C PRO H 103 6.77 -38.50 2.97
N GLY H 104 5.54 -38.23 2.55
CA GLY H 104 5.27 -37.90 1.17
C GLY H 104 3.84 -37.41 1.03
N GLU H 105 3.42 -37.26 -0.22
CA GLU H 105 2.11 -36.71 -0.53
C GLU H 105 1.23 -37.70 -1.28
N PHE H 106 1.75 -38.86 -1.67
CA PHE H 106 0.98 -39.84 -2.41
C PHE H 106 1.60 -41.21 -2.21
N LEU H 107 0.86 -42.24 -2.60
CA LEU H 107 1.38 -43.60 -2.56
C LEU H 107 0.80 -44.39 -3.72
N GLN H 108 1.56 -45.37 -4.19
CA GLN H 108 1.13 -46.24 -5.29
C GLN H 108 1.51 -47.68 -4.98
N VAL H 109 0.73 -48.61 -5.53
CA VAL H 109 1.02 -50.04 -5.46
C VAL H 109 1.03 -50.58 -6.88
N SER H 110 1.97 -51.47 -7.17
CA SER H 110 2.10 -52.00 -8.51
C SER H 110 2.70 -53.39 -8.46
N ILE H 111 2.44 -54.17 -9.51
CA ILE H 111 3.07 -55.47 -9.68
C ILE H 111 2.90 -55.89 -11.14
N GLN H 112 3.86 -56.67 -11.63
CA GLN H 112 3.89 -57.07 -13.02
C GLN H 112 2.72 -57.98 -13.36
N ASP H 113 2.23 -57.85 -14.59
CA ASP H 113 1.12 -58.64 -15.09
C ASP H 113 1.61 -60.05 -15.42
N THR H 114 0.72 -60.88 -15.98
CA THR H 114 1.15 -62.19 -16.46
C THR H 114 2.11 -62.05 -17.63
N ARG H 115 1.88 -61.06 -18.49
CA ARG H 115 2.73 -60.79 -19.63
C ARG H 115 3.88 -59.84 -19.29
N ASN H 116 4.20 -59.71 -18.00
CA ASN H 116 5.30 -58.86 -17.54
C ASN H 116 5.06 -57.39 -17.90
N ALA H 117 3.90 -56.87 -17.51
CA ALA H 117 3.55 -55.47 -17.68
C ALA H 117 3.15 -54.90 -16.34
N VAL H 118 3.62 -53.68 -16.04
CA VAL H 118 3.36 -53.08 -14.74
C VAL H 118 1.94 -52.56 -14.68
N ARG H 119 1.22 -52.92 -13.62
CA ARG H 119 -0.12 -52.41 -13.36
C ARG H 119 -0.09 -51.65 -12.04
N ALA H 120 -0.45 -50.38 -12.08
CA ALA H 120 -0.31 -49.52 -10.90
C ALA H 120 -1.56 -48.69 -10.70
N CYS H 121 -1.78 -48.27 -9.46
CA CYS H 121 -2.84 -47.35 -9.10
C CYS H 121 -2.29 -46.35 -8.08
N ARG H 122 -2.67 -45.09 -8.23
CA ARG H 122 -2.12 -44.00 -7.44
C ARG H 122 -3.22 -43.25 -6.73
N ILE H 123 -3.05 -43.02 -5.44
CA ILE H 123 -4.03 -42.33 -4.60
C ILE H 123 -3.34 -41.22 -3.85
N GLN H 124 -4.03 -40.10 -3.67
CA GLN H 124 -3.47 -38.96 -2.94
C GLN H 124 -3.66 -39.17 -1.45
N TYR H 125 -2.55 -39.14 -0.71
CA TYR H 125 -2.59 -39.38 0.73
C TYR H 125 -1.46 -38.61 1.38
N HIS H 126 -1.80 -37.71 2.30
CA HIS H 126 -0.83 -36.85 2.97
C HIS H 126 -0.27 -37.60 4.17
N HIS H 127 0.86 -38.25 3.99
CA HIS H 127 1.47 -39.09 5.00
C HIS H 127 2.58 -38.31 5.69
N ASP H 128 2.49 -38.20 7.02
CA ASP H 128 3.50 -37.53 7.83
C ASP H 128 3.46 -38.06 9.25
N PRO H 129 4.23 -39.08 9.58
CA PRO H 129 4.17 -39.65 10.92
C PRO H 129 4.94 -38.83 11.94
N GLN H 130 4.53 -38.95 13.19
CA GLN H 130 5.21 -38.28 14.31
C GLN H 130 5.41 -39.29 15.42
N PRO H 131 6.65 -39.60 15.80
CA PRO H 131 6.88 -40.61 16.83
C PRO H 131 6.34 -40.17 18.18
N VAL H 132 5.92 -41.17 18.97
CA VAL H 132 5.37 -40.91 20.29
C VAL H 132 6.46 -40.37 21.19
N GLY H 133 6.10 -39.37 22.00
CA GLY H 133 7.03 -38.75 22.93
C GLY H 133 7.02 -37.25 22.76
N ARG H 134 8.12 -36.62 23.15
CA ARG H 134 8.28 -35.18 23.04
C ARG H 134 9.39 -34.77 22.09
N GLU H 135 10.11 -35.72 21.49
CA GLU H 135 11.14 -35.45 20.52
C GLU H 135 10.77 -36.06 19.18
N LYS H 136 10.96 -35.29 18.11
CA LYS H 136 10.64 -35.75 16.76
C LYS H 136 11.86 -36.36 16.09
N PHE H 137 12.34 -37.46 16.67
CA PHE H 137 13.50 -38.15 16.13
C PHE H 137 13.12 -38.92 14.86
N THR H 138 14.13 -39.45 14.19
CA THR H 138 13.96 -40.16 12.93
C THR H 138 14.02 -41.68 13.09
N ILE H 139 15.09 -42.21 13.68
CA ILE H 139 15.23 -43.63 13.91
C ILE H 139 15.60 -43.86 15.37
N ARG H 140 15.33 -45.07 15.85
CA ARG H 140 15.50 -45.37 17.27
C ARG H 140 16.98 -45.36 17.64
N PRO H 141 17.30 -44.93 18.86
CA PRO H 141 18.70 -44.91 19.30
C PRO H 141 19.10 -46.21 19.98
N HIS H 142 20.36 -46.31 20.40
CA HIS H 142 20.85 -47.47 21.12
C HIS H 142 20.91 -47.24 22.63
N TYR H 143 20.32 -46.15 23.11
CA TYR H 143 20.26 -45.88 24.55
C TYR H 143 19.14 -44.89 24.80
N GLY H 144 18.10 -45.31 25.51
CA GLY H 144 16.97 -44.44 25.76
C GLY H 144 15.92 -45.12 26.61
N LYS H 145 14.81 -44.43 26.79
CA LYS H 145 13.71 -44.90 27.62
C LYS H 145 12.83 -45.88 26.83
N GLU H 146 11.70 -46.22 27.43
CA GLU H 146 10.68 -47.04 26.79
C GLU H 146 9.31 -46.40 26.99
N ILE H 147 8.59 -46.18 25.90
CA ILE H 147 7.30 -45.51 25.91
C ILE H 147 6.29 -46.42 25.23
N PRO H 148 5.13 -46.68 25.84
CA PRO H 148 4.15 -47.57 25.20
C PRO H 148 3.58 -46.94 23.92
N CYS H 149 3.24 -47.82 22.98
CA CYS H 149 2.66 -47.41 21.71
C CYS H 149 1.93 -48.62 21.11
N THR H 150 1.14 -48.37 20.07
CA THR H 150 0.30 -49.39 19.46
C THR H 150 0.73 -49.62 18.02
N THR H 151 0.57 -50.86 17.56
CA THR H 151 0.97 -51.24 16.21
C THR H 151 0.13 -52.43 15.77
N TYR H 152 0.25 -52.77 14.49
CA TYR H 152 -0.44 -53.90 13.90
C TYR H 152 0.44 -55.15 14.03
N GLN H 153 -0.10 -56.21 14.62
CA GLN H 153 0.63 -57.45 14.73
C GLN H 153 0.49 -58.28 13.44
N GLN H 154 1.31 -59.32 13.35
CA GLN H 154 1.28 -60.22 12.20
C GLN H 154 0.39 -61.43 12.42
N THR H 155 -0.20 -61.58 13.60
CA THR H 155 -1.09 -62.70 13.87
C THR H 155 -2.40 -62.53 13.12
N THR H 156 -2.98 -63.66 12.69
CA THR H 156 -4.21 -63.68 11.92
C THR H 156 -5.27 -64.51 12.63
N ALA H 157 -5.38 -64.34 13.95
CA ALA H 157 -6.38 -65.04 14.74
C ALA H 157 -7.72 -64.32 14.62
N LYS H 158 -8.67 -64.65 15.50
CA LYS H 158 -9.94 -63.94 15.54
C LYS H 158 -9.73 -62.47 15.83
N THR H 159 -10.36 -61.61 15.03
CA THR H 159 -10.16 -60.17 15.13
C THR H 159 -11.43 -59.36 15.28
N VAL H 160 -12.62 -59.99 15.30
CA VAL H 160 -13.93 -59.34 15.41
C VAL H 160 -13.98 -58.08 14.53
N GLU H 161 -13.85 -58.28 13.22
CA GLU H 161 -13.94 -57.19 12.26
C GLU H 161 -14.77 -57.65 11.08
N GLU H 162 -15.31 -56.70 10.32
CA GLU H 162 -16.31 -57.00 9.31
C GLU H 162 -15.90 -56.47 7.95
N ILE H 163 -16.23 -57.25 6.93
CA ILE H 163 -16.23 -56.80 5.54
C ILE H 163 -17.52 -57.30 4.89
N ASP H 164 -18.26 -56.39 4.25
CA ASP H 164 -19.48 -56.78 3.57
C ASP H 164 -19.14 -57.35 2.19
N MET H 165 -19.67 -58.53 1.91
CA MET H 165 -19.49 -59.18 0.61
C MET H 165 -20.85 -59.45 -0.02
N HIS H 166 -20.88 -59.46 -1.34
CA HIS H 166 -22.13 -59.70 -2.06
C HIS H 166 -21.81 -60.32 -3.42
N MET H 167 -22.88 -60.74 -4.10
CA MET H 167 -22.73 -61.39 -5.40
C MET H 167 -22.30 -60.37 -6.45
N PRO H 168 -21.41 -60.75 -7.37
CA PRO H 168 -21.05 -59.82 -8.45
C PRO H 168 -22.22 -59.59 -9.38
N PRO H 169 -22.30 -58.42 -10.01
CA PRO H 169 -23.41 -58.12 -10.90
C PRO H 169 -23.22 -58.80 -12.25
N ASP H 170 -24.15 -58.51 -13.17
CA ASP H 170 -24.10 -59.04 -14.53
C ASP H 170 -22.96 -58.37 -15.27
N THR H 171 -21.84 -59.06 -15.40
CA THR H 171 -20.67 -58.48 -16.04
C THR H 171 -20.92 -58.28 -17.53
N PRO H 172 -20.84 -57.06 -18.04
CA PRO H 172 -21.03 -56.83 -19.47
C PRO H 172 -19.92 -57.43 -20.30
N ASP H 173 -20.27 -57.76 -21.55
CA ASP H 173 -19.29 -58.22 -22.51
C ASP H 173 -19.88 -58.06 -23.91
N ARG H 174 -19.00 -57.81 -24.88
CA ARG H 174 -19.41 -57.67 -26.26
C ARG H 174 -18.55 -58.48 -27.22
N THR H 175 -17.34 -58.86 -26.84
CA THR H 175 -16.49 -59.66 -27.72
C THR H 175 -17.00 -61.07 -27.91
N LEU H 176 -17.99 -61.51 -27.12
CA LEU H 176 -18.59 -62.82 -27.31
C LEU H 176 -19.63 -62.85 -28.42
N LEU H 177 -20.06 -61.69 -28.91
CA LEU H 177 -20.98 -61.63 -30.04
C LEU H 177 -20.18 -61.54 -31.33
N SER H 178 -20.38 -62.51 -32.22
CA SER H 178 -19.67 -62.57 -33.50
C SER H 178 -20.70 -62.63 -34.62
N GLN H 179 -20.68 -61.64 -35.50
CA GLN H 179 -21.61 -61.56 -36.63
C GLN H 179 -20.95 -62.24 -37.83
N GLN H 180 -21.51 -63.36 -38.26
CA GLN H 180 -20.92 -64.10 -39.38
C GLN H 180 -21.52 -63.67 -40.72
N SER H 181 -22.82 -63.90 -40.91
CA SER H 181 -23.52 -63.43 -42.11
C SER H 181 -25.01 -63.41 -41.78
N GLY H 182 -25.54 -62.23 -41.48
CA GLY H 182 -26.94 -62.13 -41.12
C GLY H 182 -27.33 -62.87 -39.86
N ASN H 183 -26.35 -63.26 -39.05
CA ASN H 183 -26.60 -64.01 -37.82
C ASN H 183 -25.44 -63.78 -36.88
N VAL H 184 -25.67 -64.04 -35.59
CA VAL H 184 -24.65 -63.86 -34.57
C VAL H 184 -24.48 -65.15 -33.81
N LYS H 185 -23.28 -65.33 -33.24
CA LYS H 185 -22.95 -66.47 -32.41
C LYS H 185 -22.51 -65.99 -31.04
N ILE H 186 -22.80 -66.82 -30.03
CA ILE H 186 -22.49 -66.51 -28.64
C ILE H 186 -21.50 -67.54 -28.12
N THR H 187 -20.36 -67.06 -27.62
CA THR H 187 -19.31 -67.95 -27.16
C THR H 187 -19.62 -68.49 -25.76
N VAL H 188 -19.01 -69.62 -25.43
CA VAL H 188 -19.27 -70.32 -24.18
C VAL H 188 -17.94 -70.74 -23.55
N GLY H 189 -18.02 -71.55 -22.49
CA GLY H 189 -16.86 -71.92 -21.71
C GLY H 189 -17.17 -72.00 -20.23
N GLY H 190 -18.45 -71.86 -19.90
CA GLY H 190 -18.89 -71.95 -18.52
C GLY H 190 -19.71 -70.74 -18.13
N LYS H 191 -19.65 -69.70 -18.95
CA LYS H 191 -20.34 -68.45 -18.69
C LYS H 191 -21.75 -68.54 -19.26
N LYS H 192 -22.73 -68.81 -18.39
CA LYS H 192 -24.12 -68.81 -18.83
C LYS H 192 -24.58 -67.38 -19.06
N VAL H 193 -24.46 -66.90 -20.28
CA VAL H 193 -24.69 -65.49 -20.59
C VAL H 193 -26.18 -65.19 -20.55
N LYS H 194 -26.49 -63.94 -20.24
CA LYS H 194 -27.86 -63.43 -20.29
C LYS H 194 -27.97 -62.44 -21.44
N TYR H 195 -29.02 -62.59 -22.25
CA TYR H 195 -29.15 -61.85 -23.49
C TYR H 195 -30.54 -61.24 -23.60
N ASN H 196 -30.63 -60.19 -24.42
CA ASN H 196 -31.87 -59.48 -24.67
C ASN H 196 -31.75 -58.82 -26.04
N CYS H 197 -32.64 -59.17 -26.96
CA CYS H 197 -32.60 -58.67 -28.32
C CYS H 197 -33.96 -58.09 -28.69
N THR H 198 -33.95 -57.11 -29.59
CA THR H 198 -35.16 -56.39 -29.98
C THR H 198 -35.54 -56.64 -31.44
N CYS H 199 -35.15 -57.78 -32.01
CA CYS H 199 -35.40 -58.09 -33.41
C CYS H 199 -36.44 -59.20 -33.51
N GLY H 200 -37.63 -58.83 -33.96
CA GLY H 200 -38.71 -59.78 -34.19
C GLY H 200 -39.13 -60.50 -32.92
N THR H 201 -39.69 -59.74 -31.96
CA THR H 201 -40.14 -60.24 -30.67
C THR H 201 -38.93 -60.66 -29.83
N GLY H 202 -37.75 -60.61 -30.42
CA GLY H 202 -36.50 -60.94 -29.74
C GLY H 202 -36.49 -62.27 -29.02
N ASN H 203 -35.57 -62.40 -28.06
CA ASN H 203 -35.45 -63.62 -27.28
C ASN H 203 -34.89 -63.26 -25.91
N VAL H 204 -35.69 -63.45 -24.87
CA VAL H 204 -35.28 -63.13 -23.50
C VAL H 204 -34.99 -64.43 -22.78
N GLY H 205 -34.04 -64.40 -21.85
CA GLY H 205 -33.68 -65.58 -21.09
C GLY H 205 -32.19 -65.74 -20.92
N THR H 206 -31.77 -66.85 -20.31
CA THR H 206 -30.36 -67.15 -20.08
C THR H 206 -30.03 -68.51 -20.67
N THR H 207 -29.05 -68.55 -21.57
CA THR H 207 -28.61 -69.81 -22.16
C THR H 207 -27.48 -70.42 -21.34
N ASN H 208 -26.98 -71.56 -21.81
CA ASN H 208 -25.81 -72.18 -21.18
C ASN H 208 -24.86 -72.67 -22.27
N SER H 209 -25.33 -72.72 -23.51
CA SER H 209 -24.55 -73.20 -24.64
C SER H 209 -24.65 -72.19 -25.79
N ASP H 210 -24.08 -72.57 -26.93
CA ASP H 210 -24.04 -71.69 -28.09
C ASP H 210 -25.45 -71.47 -28.65
N MET H 211 -25.62 -70.36 -29.36
CA MET H 211 -26.90 -70.04 -29.99
C MET H 211 -26.63 -69.29 -31.29
N THR H 212 -27.72 -69.08 -32.03
CA THR H 212 -27.73 -68.24 -33.22
C THR H 212 -29.07 -67.53 -33.28
N ILE H 213 -29.10 -66.38 -33.97
CA ILE H 213 -30.32 -65.58 -34.03
C ILE H 213 -30.88 -65.60 -35.46
N ASN H 214 -29.99 -65.56 -36.46
CA ASN H 214 -30.35 -65.74 -37.86
C ASN H 214 -31.20 -64.60 -38.42
N THR H 215 -31.54 -63.62 -37.58
CA THR H 215 -32.50 -62.60 -38.00
C THR H 215 -31.89 -61.22 -38.13
N CYS H 216 -31.29 -60.71 -37.05
CA CYS H 216 -30.96 -59.30 -36.95
C CYS H 216 -29.45 -59.08 -36.88
N LEU H 217 -29.06 -57.82 -36.68
CA LEU H 217 -27.68 -57.35 -36.74
C LEU H 217 -27.04 -57.43 -35.36
N ILE H 218 -25.80 -56.96 -35.28
CA ILE H 218 -25.01 -57.10 -34.06
C ILE H 218 -25.52 -56.15 -32.96
N GLU H 219 -25.97 -54.96 -33.34
CA GLU H 219 -26.30 -53.95 -32.34
C GLU H 219 -27.74 -54.07 -31.84
N GLN H 220 -28.14 -55.29 -31.50
CA GLN H 220 -29.47 -55.54 -30.94
C GLN H 220 -29.41 -56.42 -29.70
N CYS H 221 -28.38 -57.27 -29.61
CA CYS H 221 -28.30 -58.28 -28.58
C CYS H 221 -27.28 -57.91 -27.51
N HIS H 222 -27.19 -58.75 -26.48
CA HIS H 222 -26.33 -58.50 -25.34
C HIS H 222 -25.68 -59.79 -24.88
N VAL H 223 -24.54 -59.64 -24.22
CA VAL H 223 -23.89 -60.71 -23.48
C VAL H 223 -23.61 -60.20 -22.08
N SER H 224 -24.09 -60.94 -21.08
CA SER H 224 -23.97 -60.51 -19.68
C SER H 224 -23.74 -61.77 -18.84
N VAL H 225 -22.47 -62.05 -18.54
CA VAL H 225 -22.14 -63.24 -17.76
C VAL H 225 -22.67 -63.09 -16.35
N THR H 226 -23.57 -63.99 -15.95
CA THR H 226 -24.14 -63.95 -14.62
C THR H 226 -23.16 -64.46 -13.56
N ASP H 227 -22.38 -65.49 -13.89
CA ASP H 227 -21.33 -66.01 -13.03
C ASP H 227 -21.90 -66.47 -11.68
N HIS H 228 -21.92 -65.56 -10.70
CA HIS H 228 -22.29 -65.87 -9.32
C HIS H 228 -21.31 -66.86 -8.72
N LYS H 229 -21.74 -67.58 -7.68
CA LYS H 229 -21.02 -68.67 -7.03
C LYS H 229 -19.85 -68.17 -6.18
N LYS H 230 -19.52 -66.88 -6.23
CA LYS H 230 -18.38 -66.38 -5.48
C LYS H 230 -18.66 -64.95 -5.02
N TRP H 231 -18.47 -64.69 -3.73
CA TRP H 231 -18.63 -63.36 -3.17
C TRP H 231 -17.47 -62.47 -3.63
N GLN H 232 -17.78 -61.24 -4.04
CA GLN H 232 -16.70 -60.39 -4.55
C GLN H 232 -16.23 -59.33 -3.55
N PHE H 233 -17.08 -58.33 -3.28
CA PHE H 233 -16.85 -57.27 -2.30
C PHE H 233 -18.02 -56.30 -2.41
N ASN H 234 -18.22 -55.51 -1.36
CA ASN H 234 -19.19 -54.42 -1.39
C ASN H 234 -18.44 -53.11 -1.64
N SER H 235 -18.02 -52.91 -2.90
CA SER H 235 -17.23 -51.74 -3.22
C SER H 235 -18.08 -50.69 -3.93
N PRO H 236 -17.81 -49.41 -3.68
CA PRO H 236 -18.62 -48.35 -4.31
C PRO H 236 -18.39 -48.19 -5.80
N PHE H 237 -17.47 -48.94 -6.39
CA PHE H 237 -17.19 -48.82 -7.82
C PHE H 237 -17.81 -49.94 -8.66
N VAL H 238 -18.51 -50.88 -8.04
CA VAL H 238 -19.21 -51.93 -8.77
C VAL H 238 -20.65 -52.01 -8.26
N PRO H 239 -21.64 -52.00 -9.15
CA PRO H 239 -23.04 -51.91 -8.70
C PRO H 239 -23.57 -53.18 -8.07
N ARG H 240 -24.72 -53.09 -7.42
CA ARG H 240 -25.37 -54.23 -6.80
C ARG H 240 -26.28 -54.93 -7.80
N ALA H 241 -26.62 -56.18 -7.50
CA ALA H 241 -27.54 -56.95 -8.33
C ALA H 241 -28.98 -56.90 -7.84
N ASP H 242 -29.23 -56.24 -6.71
CA ASP H 242 -30.56 -56.24 -6.09
C ASP H 242 -30.64 -55.12 -5.07
N GLU H 243 -31.80 -54.48 -4.97
CA GLU H 243 -32.01 -53.36 -4.06
C GLU H 243 -31.87 -53.71 -2.58
N PRO H 244 -32.52 -54.78 -2.07
CA PRO H 244 -32.49 -54.99 -0.61
C PRO H 244 -31.15 -55.47 -0.08
N ALA H 245 -30.21 -55.76 -0.99
CA ALA H 245 -28.85 -56.17 -0.64
C ALA H 245 -28.84 -57.54 0.04
N ARG H 246 -27.68 -58.19 0.05
CA ARG H 246 -27.58 -59.54 0.59
C ARG H 246 -26.60 -59.60 1.75
N LYS H 247 -25.37 -59.13 1.51
CA LYS H 247 -24.37 -58.89 2.55
C LYS H 247 -23.76 -60.18 3.11
N GLY H 248 -22.47 -60.14 3.39
CA GLY H 248 -21.75 -61.22 4.05
C GLY H 248 -20.79 -60.64 5.09
N LYS H 249 -19.98 -61.52 5.67
CA LYS H 249 -19.02 -61.08 6.69
C LYS H 249 -17.73 -61.85 6.53
N VAL H 250 -16.61 -61.12 6.60
CA VAL H 250 -15.26 -61.70 6.59
C VAL H 250 -14.41 -60.97 7.61
N HIS H 251 -13.57 -61.72 8.32
CA HIS H 251 -12.66 -61.15 9.30
C HIS H 251 -11.39 -60.66 8.63
N ILE H 252 -10.98 -59.45 8.95
CA ILE H 252 -9.74 -58.88 8.41
C ILE H 252 -8.58 -59.33 9.28
N PRO H 253 -7.38 -59.49 8.74
CA PRO H 253 -6.23 -59.86 9.55
C PRO H 253 -5.59 -58.64 10.19
N PHE H 254 -4.48 -58.87 10.90
CA PHE H 254 -3.64 -57.83 11.47
C PHE H 254 -4.39 -56.94 12.44
N PRO H 255 -4.71 -57.43 13.65
CA PRO H 255 -5.34 -56.56 14.64
C PRO H 255 -4.33 -55.63 15.29
N LEU H 256 -4.85 -54.75 16.15
CA LEU H 256 -4.04 -53.72 16.81
C LEU H 256 -3.70 -54.17 18.23
N ASP H 257 -2.47 -53.89 18.66
CA ASP H 257 -1.96 -54.44 19.91
C ASP H 257 -0.95 -53.46 20.52
N ASN H 258 -0.76 -53.58 21.83
CA ASN H 258 0.20 -52.73 22.53
C ASN H 258 1.61 -53.28 22.43
N ILE H 259 2.58 -52.40 22.20
CA ILE H 259 3.99 -52.70 22.29
C ILE H 259 4.68 -51.57 23.04
N THR H 260 6.01 -51.66 23.12
CA THR H 260 6.83 -50.61 23.72
C THR H 260 7.81 -50.07 22.69
N CYS H 261 7.95 -48.75 22.65
CA CYS H 261 8.80 -48.06 21.70
C CYS H 261 9.95 -47.40 22.42
N ARG H 262 11.07 -47.25 21.72
CA ARG H 262 12.28 -46.69 22.29
C ARG H 262 12.47 -45.24 21.82
N VAL H 263 12.71 -44.35 22.77
CA VAL H 263 12.86 -42.92 22.47
C VAL H 263 14.16 -42.42 23.08
N PRO H 264 14.81 -41.41 22.50
CA PRO H 264 16.06 -40.90 23.06
C PRO H 264 15.83 -39.81 24.09
N MET H 265 16.87 -39.58 24.90
CA MET H 265 16.86 -38.55 25.93
C MET H 265 17.87 -37.49 25.54
N ALA H 266 17.42 -36.23 25.49
CA ALA H 266 18.28 -35.14 25.05
C ALA H 266 19.27 -34.76 26.15
N ARG H 267 20.28 -33.99 25.76
CA ARG H 267 21.31 -33.56 26.68
C ARG H 267 20.76 -32.57 27.70
N GLU H 268 21.42 -32.53 28.86
CA GLU H 268 21.04 -31.57 29.89
C GLU H 268 21.51 -30.18 29.50
N PRO H 269 20.66 -29.16 29.62
CA PRO H 269 21.09 -27.80 29.32
C PRO H 269 22.05 -27.28 30.38
N THR H 270 22.85 -26.29 29.99
CA THR H 270 23.81 -25.66 30.89
C THR H 270 23.12 -24.52 31.63
N VAL H 271 23.25 -24.51 32.95
CA VAL H 271 22.58 -23.54 33.80
C VAL H 271 23.59 -22.49 34.25
N ILE H 272 23.19 -21.22 34.16
CA ILE H 272 23.96 -20.11 34.69
C ILE H 272 23.08 -19.35 35.67
N HIS H 273 23.51 -19.28 36.93
CA HIS H 273 22.70 -18.68 37.98
C HIS H 273 22.73 -17.16 37.91
N GLY H 274 21.65 -16.55 38.40
CA GLY H 274 21.55 -15.11 38.46
C GLY H 274 20.64 -14.68 39.59
N LYS H 275 20.38 -13.38 39.71
CA LYS H 275 19.50 -12.87 40.77
C LYS H 275 18.05 -13.11 40.36
N ARG H 276 17.45 -14.17 40.92
CA ARG H 276 16.06 -14.55 40.63
C ARG H 276 15.86 -14.82 39.14
N GLU H 277 16.90 -15.30 38.47
CA GLU H 277 16.81 -15.67 37.07
C GLU H 277 17.78 -16.82 36.79
N VAL H 278 17.47 -17.58 35.75
CA VAL H 278 18.34 -18.66 35.27
C VAL H 278 18.55 -18.45 33.78
N THR H 279 19.82 -18.33 33.37
CA THR H 279 20.17 -18.27 31.96
C THR H 279 20.49 -19.68 31.49
N LEU H 280 19.81 -20.12 30.43
CA LEU H 280 19.77 -21.53 30.05
C LEU H 280 20.25 -21.66 28.62
N HIS H 281 21.23 -22.54 28.39
CA HIS H 281 21.76 -22.81 27.06
C HIS H 281 21.21 -24.14 26.56
N LEU H 282 20.61 -24.15 25.38
CA LEU H 282 19.92 -25.30 24.84
C LEU H 282 20.63 -25.78 23.58
N HIS H 283 20.91 -27.09 23.50
CA HIS H 283 21.58 -27.70 22.36
C HIS H 283 20.81 -28.93 21.91
N PRO H 284 19.84 -28.78 21.02
CA PRO H 284 19.09 -29.94 20.52
C PRO H 284 19.67 -30.51 19.24
N ASP H 285 19.34 -31.78 18.98
CA ASP H 285 19.67 -32.44 17.73
C ASP H 285 18.49 -32.55 16.78
N HIS H 286 17.27 -32.47 17.31
CA HIS H 286 16.04 -32.58 16.54
C HIS H 286 14.96 -31.83 17.31
N PRO H 287 13.86 -31.43 16.66
CA PRO H 287 12.85 -30.62 17.36
C PRO H 287 12.37 -31.25 18.66
N THR H 288 12.70 -30.62 19.78
CA THR H 288 12.29 -31.07 21.10
C THR H 288 11.36 -30.05 21.72
N LEU H 289 10.62 -30.49 22.74
CA LEU H 289 9.66 -29.63 23.43
C LEU H 289 10.26 -29.13 24.74
N PHE H 290 10.14 -27.83 24.98
CA PHE H 290 10.65 -27.20 26.19
C PHE H 290 9.54 -26.40 26.83
N SER H 291 9.30 -26.64 28.12
CA SER H 291 8.21 -26.01 28.84
C SER H 291 8.59 -25.83 30.30
N TYR H 292 8.10 -24.74 30.88
CA TYR H 292 8.36 -24.44 32.28
C TYR H 292 7.16 -23.72 32.87
N ARG H 293 7.04 -23.77 34.19
CA ARG H 293 5.96 -23.07 34.89
C ARG H 293 6.43 -22.71 36.28
N THR H 294 5.89 -21.61 36.81
CA THR H 294 6.21 -21.16 38.16
C THR H 294 5.22 -21.80 39.13
N LEU H 295 5.73 -22.47 40.15
CA LEU H 295 4.91 -23.27 41.06
C LEU H 295 4.45 -22.44 42.26
N GLY H 296 3.92 -21.26 41.97
CA GLY H 296 3.37 -20.38 42.97
C GLY H 296 1.87 -20.25 42.88
N GLU H 297 1.36 -19.12 43.39
CA GLU H 297 -0.08 -18.87 43.34
C GLU H 297 -0.56 -18.66 41.91
N ASP H 298 0.13 -17.82 41.15
CA ASP H 298 -0.23 -17.54 39.75
C ASP H 298 0.91 -17.97 38.86
N PRO H 299 0.80 -19.10 38.16
CA PRO H 299 1.92 -19.60 37.38
C PRO H 299 2.15 -18.79 36.11
N GLN H 300 3.32 -19.00 35.51
CA GLN H 300 3.69 -18.37 34.26
C GLN H 300 3.84 -19.48 33.22
N TYR H 301 2.72 -19.82 32.57
CA TYR H 301 2.70 -20.85 31.57
C TYR H 301 3.59 -20.51 30.38
N HIS H 302 4.25 -21.53 29.82
CA HIS H 302 5.05 -21.38 28.62
C HIS H 302 5.46 -22.74 28.08
N GLU H 303 5.45 -22.86 26.75
CA GLU H 303 5.97 -24.05 26.08
C GLU H 303 6.22 -23.70 24.62
N GLU H 304 7.23 -24.34 24.03
CA GLU H 304 7.59 -24.07 22.64
C GLU H 304 8.35 -25.25 22.09
N TRP H 305 8.52 -25.24 20.77
CA TRP H 305 9.23 -26.30 20.03
C TRP H 305 10.61 -25.76 19.64
N VAL H 306 11.63 -26.16 20.40
CA VAL H 306 12.99 -25.73 20.10
C VAL H 306 13.51 -26.50 18.90
N THR H 307 14.13 -25.79 17.96
CA THR H 307 14.66 -26.40 16.74
C THR H 307 16.17 -26.28 16.63
N ALA H 308 16.72 -25.09 16.87
CA ALA H 308 18.15 -24.85 16.77
C ALA H 308 18.71 -24.40 18.12
N ALA H 309 20.03 -24.29 18.18
CA ALA H 309 20.69 -23.87 19.41
C ALA H 309 20.28 -22.45 19.77
N VAL H 310 19.67 -22.29 20.95
CA VAL H 310 19.16 -21.02 21.43
C VAL H 310 19.69 -20.78 22.83
N GLU H 311 19.24 -19.67 23.43
CA GLU H 311 19.63 -19.30 24.78
C GLU H 311 18.43 -18.64 25.46
N ARG H 312 17.91 -19.28 26.50
CA ARG H 312 16.66 -18.86 27.12
C ARG H 312 16.91 -18.36 28.55
N THR H 313 16.11 -17.37 28.94
CA THR H 313 16.14 -16.82 30.29
C THR H 313 14.78 -17.04 30.91
N ILE H 314 14.77 -17.62 32.11
CA ILE H 314 13.52 -18.02 32.77
C ILE H 314 13.52 -17.52 34.21
N PRO H 315 12.43 -16.91 34.67
CA PRO H 315 12.42 -16.36 36.04
C PRO H 315 12.12 -17.43 37.07
N VAL H 316 12.84 -17.35 38.19
CA VAL H 316 12.68 -18.28 39.30
C VAL H 316 12.48 -17.51 40.60
N PRO H 317 11.23 -17.18 40.95
CA PRO H 317 10.98 -16.44 42.20
C PRO H 317 11.24 -17.28 43.43
N VAL H 318 10.96 -16.73 44.61
CA VAL H 318 11.20 -17.46 45.85
C VAL H 318 10.36 -18.71 45.95
N ASP H 319 9.19 -18.75 45.30
CA ASP H 319 8.36 -19.95 45.33
C ASP H 319 9.01 -21.10 44.57
N GLY H 320 9.76 -20.81 43.52
CA GLY H 320 10.42 -21.84 42.74
C GLY H 320 9.67 -22.17 41.47
N MET H 321 10.33 -22.96 40.62
CA MET H 321 9.72 -23.35 39.36
C MET H 321 10.35 -24.65 38.87
N GLU H 322 9.71 -25.23 37.86
CA GLU H 322 10.18 -26.47 37.24
C GLU H 322 10.17 -26.32 35.72
N TYR H 323 11.09 -27.01 35.07
CA TYR H 323 11.19 -26.99 33.62
C TYR H 323 11.35 -28.42 33.10
N HIS H 324 10.76 -28.66 31.92
CA HIS H 324 10.71 -29.99 31.32
C HIS H 324 11.38 -29.93 29.96
N TRP H 325 12.57 -30.51 29.85
CA TRP H 325 13.39 -30.42 28.65
C TRP H 325 13.45 -31.79 27.98
N GLY H 326 12.72 -31.94 26.88
CA GLY H 326 12.76 -33.19 26.13
C GLY H 326 12.04 -34.30 26.86
N ASN H 327 12.65 -35.48 26.86
CA ASN H 327 12.10 -36.64 27.56
C ASN H 327 12.64 -36.80 28.98
N ASN H 328 13.49 -35.90 29.42
CA ASN H 328 14.06 -36.00 30.76
C ASN H 328 12.99 -35.72 31.81
N ASP H 329 13.30 -36.12 33.05
CA ASP H 329 12.40 -35.83 34.15
C ASP H 329 12.43 -34.33 34.47
N PRO H 330 11.31 -33.78 34.95
CA PRO H 330 11.30 -32.37 35.32
C PRO H 330 12.24 -32.09 36.49
N VAL H 331 12.83 -30.89 36.48
CA VAL H 331 13.78 -30.46 37.49
C VAL H 331 13.27 -29.19 38.13
N ARG H 332 13.35 -29.11 39.45
CA ARG H 332 12.83 -27.98 40.22
C ARG H 332 13.98 -27.18 40.81
N LEU H 333 13.88 -25.86 40.73
CA LEU H 333 14.87 -24.94 41.27
C LEU H 333 14.18 -23.90 42.13
N TRP H 334 14.78 -23.59 43.28
CA TRP H 334 14.22 -22.64 44.23
C TRP H 334 15.20 -21.50 44.43
N SER H 335 14.69 -20.27 44.42
CA SER H 335 15.52 -19.12 44.70
C SER H 335 15.78 -19.00 46.20
N GLN H 336 16.71 -18.14 46.57
CA GLN H 336 17.16 -18.01 47.94
C GLN H 336 17.18 -16.54 48.34
N LEU H 337 16.92 -16.28 49.62
CA LEU H 337 16.74 -14.92 50.11
C LEU H 337 18.10 -14.23 50.18
N THR H 338 18.58 -13.80 49.02
CA THR H 338 19.85 -13.10 48.90
C THR H 338 19.60 -11.66 48.47
N THR H 339 20.53 -10.78 48.83
CA THR H 339 20.38 -9.35 48.57
C THR H 339 21.76 -8.74 48.34
N GLU H 340 21.80 -7.42 48.24
CA GLU H 340 23.03 -6.68 47.98
C GLU H 340 23.35 -5.64 49.05
N GLY H 341 22.44 -5.35 49.96
CA GLY H 341 22.70 -4.39 51.00
C GLY H 341 23.51 -4.99 52.14
N LYS H 342 23.61 -4.21 53.21
CA LYS H 342 24.33 -4.63 54.42
C LYS H 342 23.45 -4.41 55.65
N PRO H 343 22.93 -5.46 56.26
CA PRO H 343 22.13 -5.28 57.48
C PRO H 343 23.02 -4.98 58.68
N HIS H 344 22.38 -4.51 59.75
CA HIS H 344 23.04 -4.25 61.03
C HIS H 344 24.19 -3.26 60.88
N GLY H 345 24.01 -2.25 60.03
CA GLY H 345 24.99 -1.20 59.88
C GLY H 345 24.40 0.16 60.15
N TRP H 346 24.84 1.17 59.39
CA TRP H 346 24.27 2.49 59.53
C TRP H 346 22.85 2.51 58.96
N PRO H 347 22.04 3.49 59.34
CA PRO H 347 20.65 3.54 58.86
C PRO H 347 20.53 3.61 57.34
N HIS H 348 21.56 4.05 56.63
CA HIS H 348 21.51 4.12 55.18
C HIS H 348 21.93 2.82 54.50
N GLN H 349 22.25 1.78 55.27
CA GLN H 349 22.51 0.46 54.72
C GLN H 349 21.42 -0.55 55.01
N ILE H 350 20.71 -0.40 56.13
CA ILE H 350 19.55 -1.24 56.39
C ILE H 350 18.47 -0.98 55.35
N VAL H 351 18.33 0.26 54.91
CA VAL H 351 17.38 0.58 53.86
C VAL H 351 17.75 -0.14 52.57
N GLN H 352 19.03 -0.17 52.22
CA GLN H 352 19.45 -0.94 51.04
C GLN H 352 19.18 -2.42 51.23
N TYR H 353 19.45 -2.96 52.42
CA TYR H 353 19.23 -4.37 52.67
C TYR H 353 17.77 -4.74 52.51
N TYR H 354 16.87 -3.92 53.05
CA TYR H 354 15.44 -4.19 52.93
C TYR H 354 14.84 -3.65 51.64
N TYR H 355 15.65 -3.03 50.79
CA TYR H 355 15.24 -2.71 49.43
C TYR H 355 15.64 -3.80 48.45
N GLY H 356 16.70 -4.54 48.75
CA GLY H 356 17.04 -5.70 47.93
C GLY H 356 15.92 -6.74 47.93
N LEU H 357 15.38 -7.03 49.11
CA LEU H 357 14.18 -7.84 49.25
C LEU H 357 12.98 -6.92 49.30
N TYR H 358 11.90 -7.30 48.64
CA TYR H 358 10.63 -6.56 48.71
C TYR H 358 10.84 -5.11 48.29
N PRO H 359 11.18 -4.84 47.03
CA PRO H 359 11.44 -3.46 46.64
C PRO H 359 10.18 -2.70 46.27
N ALA H 360 9.10 -2.93 47.03
CA ALA H 360 7.86 -2.17 46.85
C ALA H 360 7.26 -1.65 48.14
N ALA H 361 7.58 -2.23 49.30
CA ALA H 361 7.06 -1.75 50.58
C ALA H 361 8.07 -0.94 51.36
N THR H 362 9.37 -1.17 51.14
CA THR H 362 10.39 -0.41 51.85
C THR H 362 10.29 1.07 51.54
N VAL H 363 10.11 1.41 50.26
CA VAL H 363 10.00 2.82 49.87
C VAL H 363 8.79 3.46 50.52
N SER H 364 7.65 2.78 50.50
CA SER H 364 6.44 3.33 51.10
C SER H 364 6.60 3.54 52.60
N ALA H 365 7.19 2.55 53.29
CA ALA H 365 7.40 2.68 54.73
C ALA H 365 8.34 3.83 55.05
N VAL H 366 9.43 3.97 54.28
CA VAL H 366 10.37 5.05 54.55
C VAL H 366 9.72 6.41 54.31
N VAL H 367 8.93 6.53 53.24
CA VAL H 367 8.25 7.79 52.98
C VAL H 367 7.26 8.12 54.10
N GLY H 368 6.50 7.12 54.56
CA GLY H 368 5.58 7.36 55.66
C GLY H 368 6.28 7.81 56.92
N MET H 369 7.39 7.16 57.26
CA MET H 369 8.14 7.55 58.45
C MET H 369 8.68 8.96 58.32
N SER H 370 9.22 9.30 57.14
CA SER H 370 9.77 10.64 56.94
C SER H 370 8.69 11.70 57.07
N LEU H 371 7.52 11.46 56.47
CA LEU H 371 6.42 12.42 56.58
C LEU H 371 5.97 12.57 58.02
N LEU H 372 5.87 11.46 58.76
CA LEU H 372 5.47 11.56 60.16
C LEU H 372 6.47 12.38 60.96
N ALA H 373 7.77 12.15 60.74
CA ALA H 373 8.79 12.92 61.46
C ALA H 373 8.70 14.40 61.11
N LEU H 374 8.52 14.72 59.83
CA LEU H 374 8.43 16.12 59.42
C LEU H 374 7.21 16.79 60.05
N ILE H 375 6.07 16.11 60.07
CA ILE H 375 4.88 16.68 60.68
C ILE H 375 5.11 16.94 62.16
N SER H 376 5.72 15.97 62.87
CA SER H 376 5.95 16.17 64.29
C SER H 376 6.88 17.35 64.56
N ILE H 377 7.98 17.44 63.81
CA ILE H 377 8.94 18.50 64.09
C ILE H 377 8.36 19.86 63.73
N PHE H 378 7.59 19.94 62.63
CA PHE H 378 6.96 21.21 62.29
C PHE H 378 5.92 21.63 63.32
N ALA H 379 5.14 20.66 63.83
CA ALA H 379 4.18 20.98 64.88
C ALA H 379 4.90 21.53 66.12
N SER H 380 6.00 20.88 66.51
CA SER H 380 6.75 21.36 67.67
C SER H 380 7.27 22.77 67.46
N CYS H 381 7.90 23.03 66.30
CA CYS H 381 8.46 24.35 66.06
C CYS H 381 7.37 25.42 66.03
N TYR H 382 6.26 25.14 65.36
CA TYR H 382 5.15 26.09 65.34
C TYR H 382 4.64 26.39 66.74
N MET H 383 4.55 25.38 67.60
CA MET H 383 3.95 25.62 68.89
C MET H 383 4.93 26.32 69.86
N LEU H 384 6.24 26.10 69.68
CA LEU H 384 7.21 26.95 70.35
C LEU H 384 7.05 28.41 69.92
N VAL H 385 6.90 28.66 68.61
CA VAL H 385 6.75 30.03 68.13
C VAL H 385 5.49 30.66 68.70
N ALA H 386 4.39 29.91 68.71
CA ALA H 386 3.14 30.42 69.26
C ALA H 386 3.29 30.73 70.76
N ALA H 387 3.96 29.85 71.52
CA ALA H 387 4.15 30.13 72.94
C ALA H 387 4.97 31.39 73.15
N ARG H 388 6.05 31.56 72.39
CA ARG H 388 6.86 32.77 72.55
C ARG H 388 6.07 34.02 72.20
N SER H 389 5.30 33.98 71.10
CA SER H 389 4.51 35.15 70.71
C SER H 389 3.47 35.49 71.77
N LYS H 390 2.81 34.48 72.33
CA LYS H 390 1.82 34.73 73.37
C LYS H 390 2.46 35.30 74.62
N CYS H 391 3.64 34.79 74.99
CA CYS H 391 4.28 35.26 76.21
C CYS H 391 4.97 36.61 76.06
N LEU H 392 5.20 37.06 74.83
CA LEU H 392 5.94 38.29 74.60
C LEU H 392 5.06 39.51 74.35
N THR H 393 3.82 39.33 73.89
CA THR H 393 3.00 40.47 73.50
C THR H 393 2.45 41.29 74.67
N PRO H 394 2.13 40.73 75.85
CA PRO H 394 1.64 41.60 76.93
C PRO H 394 2.64 42.68 77.32
N TYR H 395 3.93 42.37 77.29
CA TYR H 395 4.98 43.32 77.62
C TYR H 395 5.28 44.28 76.47
N ALA H 396 4.68 44.07 75.30
CA ALA H 396 5.05 44.80 74.09
C ALA H 396 4.04 45.86 73.71
N LEU H 397 3.13 46.23 74.62
CA LEU H 397 2.20 47.32 74.38
C LEU H 397 2.42 48.50 75.30
N THR H 398 3.44 48.48 76.13
CA THR H 398 3.81 49.57 77.01
C THR H 398 5.32 49.78 76.94
N PRO H 399 5.78 51.01 77.17
CA PRO H 399 7.24 51.23 77.27
C PRO H 399 7.80 50.68 78.56
N GLY H 400 7.80 49.35 78.69
CA GLY H 400 8.21 48.69 79.90
C GLY H 400 9.58 48.03 79.81
N ALA H 401 10.04 47.58 80.97
CA ALA H 401 11.35 46.93 81.09
C ALA H 401 11.26 45.50 80.56
N ALA H 402 12.33 45.05 79.90
CA ALA H 402 12.38 43.71 79.35
C ALA H 402 12.71 42.64 80.39
N VAL H 403 13.02 43.04 81.63
CA VAL H 403 13.36 42.10 82.69
C VAL H 403 14.56 41.28 82.25
N PRO H 404 15.79 41.84 82.28
CA PRO H 404 16.98 41.15 81.75
C PRO H 404 17.06 39.66 82.04
N TRP H 405 16.52 39.22 83.18
CA TRP H 405 16.43 37.79 83.44
C TRP H 405 15.57 37.09 82.39
N THR H 406 14.43 37.69 82.03
CA THR H 406 13.60 37.15 80.96
C THR H 406 14.22 37.42 79.59
N LEU H 407 14.93 38.55 79.45
CA LEU H 407 15.58 38.88 78.19
C LEU H 407 16.62 37.84 77.80
N GLY H 408 17.43 37.40 78.76
CA GLY H 408 18.41 36.37 78.46
C GLY H 408 17.80 35.02 78.18
N ILE H 409 16.77 34.65 78.94
CA ILE H 409 16.16 33.33 78.80
C ILE H 409 15.49 33.18 77.44
N LEU H 410 14.69 34.16 77.06
CA LEU H 410 13.91 34.11 75.82
C LEU H 410 14.48 35.11 74.84
N CYS H 411 14.78 34.65 73.63
CA CYS H 411 15.33 35.51 72.59
C CYS H 411 14.21 36.31 71.94
N CYS H 412 14.10 37.58 72.32
CA CYS H 412 13.11 38.48 71.76
C CYS H 412 13.77 39.37 70.71
N ALA H 413 12.94 40.13 69.98
CA ALA H 413 13.46 41.00 68.93
C ALA H 413 14.41 42.08 69.47
N PRO H 414 14.08 42.83 70.53
CA PRO H 414 15.05 43.80 71.07
C PRO H 414 16.07 43.10 71.96
N ARG H 415 17.30 42.98 71.46
CA ARG H 415 18.36 42.37 72.26
C ARG H 415 18.76 43.26 73.43
N ALA H 416 18.96 44.55 73.16
CA ALA H 416 19.35 45.50 74.20
C ALA H 416 18.51 46.78 74.21
N HIS H 417 17.78 47.08 73.13
CA HIS H 417 16.94 48.28 73.06
C HIS H 417 15.67 48.02 73.86
N ALA H 418 15.73 48.30 75.16
CA ALA H 418 14.59 48.10 76.07
C ALA H 418 14.08 46.67 76.06
N HIS I 1 55.20 -57.19 -0.67
CA HIS I 1 53.81 -56.79 -0.88
C HIS I 1 53.31 -55.89 0.24
N PHE I 2 53.64 -56.27 1.48
CA PHE I 2 53.18 -55.55 2.68
C PHE I 2 51.67 -55.42 2.69
N ASN I 3 50.97 -56.55 2.78
CA ASN I 3 49.52 -56.55 2.91
C ASN I 3 49.21 -56.55 4.41
N VAL I 4 48.84 -55.38 4.92
CA VAL I 4 48.65 -55.19 6.36
C VAL I 4 47.34 -55.83 6.79
N TYR I 5 46.53 -56.25 5.81
CA TYR I 5 45.24 -56.86 6.09
C TYR I 5 45.32 -58.37 6.25
N LYS I 6 46.52 -58.93 6.28
CA LYS I 6 46.67 -60.35 6.62
C LYS I 6 46.42 -60.61 8.10
N ALA I 7 46.49 -59.60 8.95
CA ALA I 7 46.28 -59.75 10.39
C ALA I 7 45.03 -59.01 10.86
N THR I 8 44.05 -58.81 9.97
CA THR I 8 42.82 -58.11 10.32
C THR I 8 41.64 -58.91 9.81
N ARG I 9 40.60 -59.02 10.65
CA ARG I 9 39.42 -59.79 10.31
C ARG I 9 38.17 -58.96 10.55
N PRO I 10 37.09 -59.24 9.83
CA PRO I 10 35.82 -58.57 10.11
C PRO I 10 35.24 -59.04 11.44
N TYR I 11 34.26 -58.28 11.93
CA TYR I 11 33.64 -58.59 13.21
C TYR I 11 32.15 -58.32 13.11
N ILE I 12 31.43 -58.74 14.13
CA ILE I 12 29.98 -58.57 14.22
C ILE I 12 29.68 -57.65 15.39
N ALA I 13 28.92 -56.59 15.13
CA ALA I 13 28.58 -55.61 16.14
C ALA I 13 27.08 -55.35 16.12
N TYR I 14 26.58 -54.74 17.19
CA TYR I 14 25.18 -54.39 17.33
C TYR I 14 24.96 -52.98 16.79
N CYS I 15 23.86 -52.78 16.06
CA CYS I 15 23.45 -51.44 15.68
C CYS I 15 21.95 -51.30 15.81
N ALA I 16 21.47 -50.05 15.78
CA ALA I 16 20.14 -49.73 16.27
C ALA I 16 19.05 -50.50 15.53
N ASP I 17 19.05 -50.43 14.19
CA ASP I 17 18.04 -51.13 13.42
C ASP I 17 18.62 -51.56 12.08
N CYS I 18 18.06 -52.63 11.52
CA CYS I 18 18.52 -53.20 10.25
C CYS I 18 17.57 -52.86 9.11
N GLY I 19 16.97 -51.68 9.14
CA GLY I 19 16.08 -51.25 8.08
C GLY I 19 14.63 -51.60 8.27
N ALA I 20 14.29 -52.42 9.27
CA ALA I 20 12.92 -52.82 9.52
C ALA I 20 12.36 -52.32 10.83
N GLY I 21 13.15 -51.64 11.65
CA GLY I 21 12.70 -51.18 12.95
C GLY I 21 13.03 -52.09 14.10
N HIS I 22 13.85 -53.12 13.89
CA HIS I 22 14.25 -54.04 14.93
C HIS I 22 15.77 -54.11 15.00
N SER I 23 16.27 -54.42 16.19
CA SER I 23 17.71 -54.43 16.44
C SER I 23 18.25 -55.85 16.31
N CYS I 24 19.30 -56.01 15.50
CA CYS I 24 19.92 -57.30 15.31
C CYS I 24 21.42 -57.10 15.13
N HIS I 25 22.18 -58.13 15.50
CA HIS I 25 23.63 -58.11 15.34
C HIS I 25 23.96 -58.28 13.87
N SER I 26 24.34 -57.19 13.22
CA SER I 26 24.62 -57.24 11.79
C SER I 26 26.12 -57.15 11.53
N PRO I 27 26.60 -57.78 10.46
CA PRO I 27 28.01 -57.66 10.09
C PRO I 27 28.37 -56.41 9.30
N VAL I 28 27.43 -55.49 9.12
CA VAL I 28 27.66 -54.28 8.35
C VAL I 28 27.36 -53.09 9.26
N ALA I 29 27.75 -53.20 10.53
CA ALA I 29 27.53 -52.11 11.48
C ALA I 29 28.28 -50.86 11.05
N ILE I 30 27.67 -49.70 11.27
CA ILE I 30 28.24 -48.42 10.89
C ILE I 30 28.89 -47.79 12.11
N GLU I 31 30.17 -47.46 11.98
CA GLU I 31 30.87 -46.66 12.97
C GLU I 31 30.81 -45.19 12.57
N ALA I 32 31.66 -44.36 13.16
CA ALA I 32 31.59 -42.92 12.97
C ALA I 32 31.73 -42.54 11.50
N VAL I 33 31.02 -41.48 11.11
CA VAL I 33 31.02 -40.95 9.75
C VAL I 33 31.74 -39.62 9.75
N ARG I 34 32.73 -39.48 8.88
CA ARG I 34 33.51 -38.24 8.78
C ARG I 34 33.03 -37.42 7.59
N SER I 35 32.90 -36.12 7.79
CA SER I 35 32.49 -35.18 6.75
C SER I 35 33.36 -33.94 6.79
N GLU I 36 34.67 -34.15 6.81
CA GLU I 36 35.63 -33.06 6.98
C GLU I 36 36.10 -32.48 5.65
N ALA I 37 35.41 -32.78 4.56
CA ALA I 37 35.74 -32.22 3.26
C ALA I 37 34.80 -31.06 2.96
N THR I 38 35.31 -30.07 2.23
CA THR I 38 34.53 -28.86 1.98
C THR I 38 33.42 -29.11 0.96
N ASP I 39 33.71 -29.90 -0.08
CA ASP I 39 32.71 -30.14 -1.11
C ASP I 39 31.60 -31.09 -0.67
N GLY I 40 31.82 -31.84 0.42
CA GLY I 40 30.78 -32.69 0.95
C GLY I 40 30.92 -34.17 0.64
N MET I 41 32.12 -34.71 0.78
CA MET I 41 32.39 -36.13 0.56
C MET I 41 32.56 -36.82 1.91
N LEU I 42 31.74 -37.84 2.15
CA LEU I 42 31.73 -38.54 3.44
C LEU I 42 32.72 -39.69 3.43
N LYS I 43 33.02 -40.20 4.62
CA LYS I 43 33.84 -41.39 4.81
C LYS I 43 33.13 -42.31 5.80
N ILE I 44 32.21 -43.13 5.31
CA ILE I 44 31.53 -44.11 6.15
C ILE I 44 32.52 -45.22 6.50
N GLN I 45 32.32 -45.84 7.66
CA GLN I 45 33.21 -46.89 8.15
C GLN I 45 32.41 -48.13 8.48
N PHE I 46 32.64 -49.21 7.73
CA PHE I 46 32.01 -50.49 8.03
C PHE I 46 32.58 -51.11 9.29
N SER I 47 32.02 -52.27 9.62
CA SER I 47 32.65 -53.24 10.50
C SER I 47 33.28 -54.39 9.72
N ALA I 48 32.84 -54.63 8.49
CA ALA I 48 33.36 -55.69 7.64
C ALA I 48 34.16 -55.05 6.50
N GLN I 49 35.46 -55.32 6.47
CA GLN I 49 36.33 -54.71 5.47
C GLN I 49 35.99 -55.21 4.08
N ILE I 50 36.08 -54.32 3.09
CA ILE I 50 35.65 -54.60 1.74
C ILE I 50 36.79 -54.31 0.77
N GLY I 51 36.78 -55.01 -0.36
CA GLY I 51 37.85 -54.92 -1.34
C GLY I 51 38.91 -55.98 -1.23
N ILE I 52 38.77 -56.94 -0.31
CA ILE I 52 39.72 -58.02 -0.13
C ILE I 52 38.95 -59.32 0.04
N ASP I 53 39.44 -60.39 -0.59
CA ASP I 53 38.74 -61.66 -0.55
C ASP I 53 39.02 -62.40 0.76
N LYS I 54 38.46 -63.60 0.87
CA LYS I 54 38.64 -64.40 2.07
C LYS I 54 40.08 -64.85 2.26
N SER I 55 40.78 -65.14 1.16
CA SER I 55 42.13 -65.69 1.21
C SER I 55 43.21 -64.61 1.27
N ASP I 56 42.87 -63.42 1.77
CA ASP I 56 43.83 -62.34 1.98
C ASP I 56 44.50 -61.89 0.68
N ASN I 57 43.73 -61.81 -0.41
CA ASN I 57 44.22 -61.33 -1.68
C ASN I 57 43.37 -60.17 -2.17
N HIS I 58 44.00 -59.21 -2.81
CA HIS I 58 43.30 -58.04 -3.31
C HIS I 58 42.39 -58.41 -4.48
N ASP I 59 41.19 -57.83 -4.50
CA ASP I 59 40.23 -58.08 -5.56
C ASP I 59 39.29 -56.89 -5.64
N TYR I 60 38.86 -56.55 -6.86
CA TYR I 60 37.89 -55.49 -7.04
C TYR I 60 36.45 -55.99 -7.00
N THR I 61 36.24 -57.29 -6.80
CA THR I 61 34.91 -57.87 -6.82
C THR I 61 34.50 -58.54 -5.52
N LYS I 62 35.44 -58.89 -4.65
CA LYS I 62 35.13 -59.63 -3.43
C LYS I 62 35.29 -58.73 -2.21
N ILE I 63 34.37 -58.86 -1.27
CA ILE I 63 34.45 -58.16 0.01
C ILE I 63 34.32 -59.18 1.13
N ARG I 64 35.08 -58.98 2.21
CA ARG I 64 35.01 -59.87 3.34
C ARG I 64 33.92 -59.44 4.32
N TYR I 65 33.45 -60.41 5.10
CA TYR I 65 32.55 -60.14 6.21
C TYR I 65 32.52 -61.38 7.10
N ALA I 66 32.04 -61.20 8.32
CA ALA I 66 32.04 -62.26 9.32
C ALA I 66 30.62 -62.78 9.55
N ASP I 67 30.52 -64.08 9.80
CA ASP I 67 29.24 -64.72 10.06
C ASP I 67 29.49 -65.99 10.85
N GLY I 68 29.13 -65.97 12.14
CA GLY I 68 29.31 -67.14 12.98
C GLY I 68 30.75 -67.55 13.14
N HIS I 69 31.60 -66.60 13.53
CA HIS I 69 33.05 -66.76 13.63
C HIS I 69 33.62 -67.55 12.45
N ALA I 70 33.15 -67.24 11.25
CA ALA I 70 33.65 -67.79 10.02
C ALA I 70 33.54 -66.73 8.94
N ILE I 71 34.56 -66.62 8.11
CA ILE I 71 34.66 -65.55 7.13
C ILE I 71 34.11 -66.04 5.79
N GLU I 72 33.13 -65.32 5.26
CA GLU I 72 32.62 -65.53 3.91
C GLU I 72 32.98 -64.31 3.06
N ASN I 73 32.49 -64.31 1.82
CA ASN I 73 32.70 -63.18 0.92
C ASN I 73 31.50 -63.01 0.01
N ALA I 74 31.26 -61.76 -0.37
CA ALA I 74 30.16 -61.40 -1.25
C ALA I 74 30.69 -60.54 -2.39
N VAL I 75 29.94 -60.51 -3.50
CA VAL I 75 30.36 -59.75 -4.67
C VAL I 75 30.37 -58.25 -4.33
N ARG I 76 31.31 -57.52 -4.94
CA ARG I 76 31.43 -56.10 -4.66
C ARG I 76 30.17 -55.35 -5.08
N SER I 77 29.54 -55.79 -6.15
CA SER I 77 28.28 -55.18 -6.57
C SER I 77 27.22 -55.38 -5.49
N SER I 78 26.08 -54.73 -5.69
CA SER I 78 24.95 -54.67 -4.76
C SER I 78 25.29 -53.94 -3.46
N LEU I 79 26.49 -53.38 -3.34
CA LEU I 79 26.81 -52.49 -2.22
C LEU I 79 26.18 -51.13 -2.48
N LYS I 80 25.09 -50.83 -1.77
CA LYS I 80 24.34 -49.60 -1.99
C LYS I 80 24.36 -48.78 -0.71
N VAL I 81 24.94 -47.59 -0.78
CA VAL I 81 24.85 -46.60 0.29
C VAL I 81 23.81 -45.57 -0.14
N ALA I 82 22.92 -45.22 0.79
CA ALA I 82 21.77 -44.41 0.39
C ALA I 82 21.34 -43.51 1.54
N THR I 83 20.80 -42.36 1.15
CA THR I 83 20.14 -41.43 2.05
C THR I 83 18.75 -41.22 1.42
N SER I 84 18.05 -40.17 1.85
CA SER I 84 16.75 -39.83 1.30
C SER I 84 16.69 -39.97 -0.21
N GLY I 85 17.81 -39.77 -0.89
CA GLY I 85 17.92 -40.06 -2.31
C GLY I 85 18.69 -41.34 -2.58
N ASP I 86 19.80 -41.22 -3.29
CA ASP I 86 20.67 -42.37 -3.56
C ASP I 86 22.07 -41.85 -3.86
N CYS I 87 23.07 -42.47 -3.24
CA CYS I 87 24.43 -41.95 -3.27
C CYS I 87 25.25 -42.58 -4.39
N PHE I 88 26.41 -41.99 -4.64
CA PHE I 88 27.38 -42.48 -5.62
C PHE I 88 28.68 -42.79 -4.90
N VAL I 89 29.21 -43.98 -5.12
CA VAL I 89 30.40 -44.45 -4.42
C VAL I 89 31.63 -44.11 -5.27
N HIS I 90 32.54 -43.33 -4.71
CA HIS I 90 33.74 -42.90 -5.44
C HIS I 90 34.91 -43.84 -5.18
N GLY I 91 35.31 -44.00 -3.92
CA GLY I 91 36.42 -44.84 -3.55
C GLY I 91 35.97 -46.02 -2.68
N THR I 92 36.91 -46.94 -2.47
CA THR I 92 36.63 -48.14 -1.70
C THR I 92 37.94 -48.81 -1.32
N MET I 93 38.17 -49.00 -0.02
CA MET I 93 39.32 -49.73 0.47
C MET I 93 39.17 -50.01 1.96
N GLY I 94 39.50 -51.22 2.39
CA GLY I 94 39.42 -51.56 3.81
C GLY I 94 38.01 -51.39 4.34
N HIS I 95 37.90 -50.80 5.52
CA HIS I 95 36.60 -50.55 6.14
C HIS I 95 35.89 -49.33 5.58
N PHE I 96 36.57 -48.50 4.80
CA PHE I 96 36.12 -47.14 4.52
C PHE I 96 35.45 -47.05 3.16
N ILE I 97 34.56 -46.07 3.02
CA ILE I 97 33.87 -45.78 1.77
C ILE I 97 33.95 -44.29 1.51
N LEU I 98 34.01 -43.90 0.25
CA LEU I 98 33.84 -42.51 -0.14
C LEU I 98 32.54 -42.38 -0.93
N ALA I 99 31.80 -41.30 -0.68
CA ALA I 99 30.49 -41.16 -1.30
C ALA I 99 30.11 -39.70 -1.38
N LYS I 100 29.12 -39.42 -2.23
CA LYS I 100 28.48 -38.12 -2.34
C LYS I 100 26.98 -38.33 -2.34
N CYS I 101 26.29 -37.69 -1.41
CA CYS I 101 24.89 -38.00 -1.18
C CYS I 101 24.03 -36.76 -1.26
N PRO I 102 22.77 -36.90 -1.67
CA PRO I 102 21.83 -35.78 -1.60
C PRO I 102 21.44 -35.50 -0.16
N PRO I 103 20.95 -34.30 0.14
CA PRO I 103 20.59 -33.97 1.52
C PRO I 103 19.52 -34.90 2.06
N GLY I 104 19.65 -35.26 3.33
CA GLY I 104 18.73 -36.18 3.97
C GLY I 104 18.95 -36.19 5.46
N GLU I 105 18.15 -37.01 6.15
CA GLU I 105 18.18 -37.08 7.61
C GLU I 105 18.75 -38.39 8.13
N PHE I 106 19.22 -39.27 7.25
CA PHE I 106 19.80 -40.54 7.68
C PHE I 106 20.60 -41.12 6.52
N LEU I 107 21.25 -42.26 6.78
CA LEU I 107 21.92 -43.00 5.72
C LEU I 107 21.98 -44.46 6.10
N GLN I 108 21.98 -45.34 5.10
CA GLN I 108 22.06 -46.76 5.32
C GLN I 108 23.06 -47.38 4.34
N VAL I 109 23.65 -48.49 4.76
CA VAL I 109 24.57 -49.27 3.94
C VAL I 109 24.09 -50.72 3.95
N SER I 110 24.17 -51.37 2.79
CA SER I 110 23.69 -52.74 2.68
C SER I 110 24.41 -53.44 1.54
N ILE I 111 24.46 -54.77 1.62
CA ILE I 111 24.97 -55.58 0.53
C ILE I 111 24.47 -57.01 0.73
N GLN I 112 24.27 -57.71 -0.38
CA GLN I 112 23.67 -59.04 -0.34
C GLN I 112 24.59 -60.04 0.36
N ASP I 113 23.97 -60.99 1.05
CA ASP I 113 24.70 -62.02 1.78
C ASP I 113 25.17 -63.11 0.80
N THR I 114 25.69 -64.21 1.34
CA THR I 114 26.02 -65.35 0.49
C THR I 114 24.75 -66.01 -0.05
N ARG I 115 23.70 -66.04 0.77
CA ARG I 115 22.40 -66.60 0.37
C ARG I 115 21.52 -65.59 -0.34
N ASN I 116 22.11 -64.54 -0.91
CA ASN I 116 21.37 -63.47 -1.60
C ASN I 116 20.32 -62.84 -0.69
N ALA I 117 20.69 -62.61 0.56
CA ALA I 117 19.84 -61.92 1.52
C ALA I 117 20.47 -60.57 1.84
N VAL I 118 19.62 -59.55 1.99
CA VAL I 118 20.12 -58.20 2.22
C VAL I 118 20.42 -58.00 3.70
N ARG I 119 21.63 -57.53 3.99
CA ARG I 119 22.05 -57.17 5.33
C ARG I 119 22.27 -55.66 5.36
N ALA I 120 21.52 -54.97 6.21
CA ALA I 120 21.53 -53.52 6.22
C ALA I 120 21.59 -53.00 7.64
N CYS I 121 21.97 -51.73 7.78
CA CYS I 121 21.96 -51.03 9.05
C CYS I 121 21.81 -49.53 8.80
N ARG I 122 21.12 -48.85 9.71
CA ARG I 122 20.80 -47.43 9.56
C ARG I 122 21.36 -46.67 10.74
N ILE I 123 21.80 -45.44 10.49
CA ILE I 123 22.30 -44.54 11.53
C ILE I 123 21.74 -43.15 11.25
N GLN I 124 21.34 -42.44 12.30
CA GLN I 124 20.82 -41.10 12.14
C GLN I 124 21.95 -40.13 11.87
N TYR I 125 21.79 -39.32 10.83
CA TYR I 125 22.84 -38.38 10.43
C TYR I 125 22.20 -37.24 9.66
N HIS I 126 22.43 -36.01 10.11
CA HIS I 126 21.85 -34.82 9.48
C HIS I 126 22.84 -34.29 8.45
N HIS I 127 22.66 -34.70 7.20
CA HIS I 127 23.54 -34.31 6.11
C HIS I 127 22.91 -33.17 5.33
N ASP I 128 23.64 -32.06 5.18
CA ASP I 128 23.20 -30.92 4.40
C ASP I 128 24.42 -30.09 4.00
N PRO I 129 25.07 -30.41 2.90
CA PRO I 129 26.32 -29.72 2.55
C PRO I 129 26.06 -28.35 1.93
N GLN I 130 27.07 -27.50 2.04
CA GLN I 130 27.05 -26.17 1.41
C GLN I 130 28.35 -25.95 0.66
N PRO I 131 28.30 -25.64 -0.63
CA PRO I 131 29.54 -25.47 -1.40
C PRO I 131 30.30 -24.23 -0.98
N VAL I 132 31.62 -24.27 -1.18
CA VAL I 132 32.47 -23.15 -0.82
C VAL I 132 32.16 -21.95 -1.71
N GLY I 133 32.13 -20.76 -1.12
CA GLY I 133 31.84 -19.56 -1.85
C GLY I 133 30.75 -18.72 -1.20
N ARG I 134 30.07 -17.91 -2.00
CA ARG I 134 28.99 -17.06 -1.51
C ARG I 134 27.65 -17.40 -2.15
N GLU I 135 27.59 -18.41 -3.01
CA GLU I 135 26.36 -18.85 -3.64
C GLU I 135 26.09 -20.31 -3.28
N LYS I 136 24.82 -20.62 -3.02
CA LYS I 136 24.44 -21.99 -2.66
C LYS I 136 23.91 -22.71 -3.91
N PHE I 137 24.82 -22.90 -4.87
CA PHE I 137 24.46 -23.60 -6.08
C PHE I 137 24.44 -25.11 -5.83
N THR I 138 24.05 -25.87 -6.86
CA THR I 138 23.91 -27.32 -6.75
C THR I 138 24.85 -28.08 -7.67
N ILE I 139 25.02 -27.62 -8.92
CA ILE I 139 25.85 -28.31 -9.90
C ILE I 139 26.79 -27.29 -10.53
N ARG I 140 28.05 -27.69 -10.69
CA ARG I 140 29.07 -26.78 -11.20
C ARG I 140 28.69 -26.30 -12.61
N PRO I 141 28.96 -25.05 -12.93
CA PRO I 141 28.64 -24.54 -14.27
C PRO I 141 29.80 -24.69 -15.24
N HIS I 142 29.58 -24.34 -16.50
CA HIS I 142 30.63 -24.39 -17.52
C HIS I 142 31.37 -23.07 -17.66
N TYR I 143 31.06 -22.07 -16.84
CA TYR I 143 31.76 -20.79 -16.89
C TYR I 143 31.71 -20.16 -15.51
N GLY I 144 32.87 -20.01 -14.88
CA GLY I 144 32.90 -19.43 -13.55
C GLY I 144 34.33 -19.27 -13.06
N LYS I 145 34.45 -19.00 -11.78
CA LYS I 145 35.73 -18.79 -11.12
C LYS I 145 36.32 -20.12 -10.66
N GLU I 146 37.50 -20.04 -10.06
CA GLU I 146 38.19 -21.18 -9.48
C GLU I 146 38.54 -20.85 -8.03
N ILE I 147 37.78 -21.41 -7.11
CA ILE I 147 37.92 -21.13 -5.68
C ILE I 147 38.54 -22.36 -5.02
N PRO I 148 39.56 -22.20 -4.19
CA PRO I 148 40.17 -23.36 -3.53
C PRO I 148 39.22 -24.04 -2.57
N CYS I 149 39.42 -25.34 -2.39
CA CYS I 149 38.60 -26.15 -1.49
C CYS I 149 39.49 -27.27 -0.92
N THR I 150 38.84 -28.29 -0.39
CA THR I 150 39.53 -29.49 0.11
C THR I 150 38.66 -30.72 -0.17
N THR I 151 39.32 -31.87 -0.32
CA THR I 151 38.61 -33.12 -0.58
C THR I 151 39.50 -34.29 -0.20
N TYR I 152 38.89 -35.47 -0.15
CA TYR I 152 39.63 -36.72 0.06
C TYR I 152 40.16 -37.21 -1.26
N GLN I 153 41.40 -37.70 -1.27
CA GLN I 153 41.98 -38.27 -2.48
C GLN I 153 41.98 -39.80 -2.40
N GLN I 154 42.02 -40.42 -3.58
CA GLN I 154 41.92 -41.87 -3.69
C GLN I 154 43.24 -42.58 -3.43
N THR I 155 44.36 -41.86 -3.37
CA THR I 155 45.65 -42.52 -3.15
C THR I 155 45.72 -43.12 -1.75
N THR I 156 46.46 -44.22 -1.64
CA THR I 156 46.61 -44.95 -0.40
C THR I 156 48.06 -44.95 0.07
N ALA I 157 48.73 -43.81 -0.05
CA ALA I 157 50.11 -43.65 0.42
C ALA I 157 50.10 -43.41 1.93
N LYS I 158 51.24 -42.97 2.46
CA LYS I 158 51.32 -42.63 3.87
C LYS I 158 50.31 -41.54 4.22
N THR I 159 49.53 -41.77 5.28
CA THR I 159 48.47 -40.84 5.68
C THR I 159 48.57 -40.36 7.11
N VAL I 160 49.51 -40.88 7.90
CA VAL I 160 49.75 -40.53 9.31
C VAL I 160 48.40 -40.38 10.04
N GLU I 161 47.56 -41.41 9.92
CA GLU I 161 46.29 -41.45 10.63
C GLU I 161 46.14 -42.83 11.25
N GLU I 162 45.36 -42.90 12.33
CA GLU I 162 45.44 -44.02 13.25
C GLU I 162 44.12 -44.74 13.38
N ILE I 163 44.22 -46.06 13.59
CA ILE I 163 43.13 -46.87 14.13
C ILE I 163 43.70 -47.74 15.23
N ASP I 164 43.12 -47.64 16.43
CA ASP I 164 43.50 -48.50 17.54
C ASP I 164 42.96 -49.90 17.27
N MET I 165 43.81 -50.90 17.45
CA MET I 165 43.55 -52.23 16.90
C MET I 165 44.05 -53.26 17.90
N HIS I 166 43.14 -54.04 18.48
CA HIS I 166 43.49 -55.02 19.50
C HIS I 166 42.95 -56.40 19.13
N MET I 167 43.19 -57.35 20.04
CA MET I 167 42.80 -58.75 19.87
C MET I 167 41.33 -58.96 20.26
N PRO I 168 40.67 -59.94 19.67
CA PRO I 168 39.25 -60.14 19.95
C PRO I 168 39.05 -60.85 21.27
N PRO I 169 37.85 -60.75 21.87
CA PRO I 169 37.59 -61.47 23.13
C PRO I 169 37.21 -62.92 22.90
N ASP I 170 36.82 -63.61 23.98
CA ASP I 170 36.39 -65.00 23.90
C ASP I 170 34.93 -65.06 23.48
N THR I 171 34.68 -65.45 22.24
CA THR I 171 33.32 -65.45 21.71
C THR I 171 32.53 -66.62 22.28
N PRO I 172 31.39 -66.37 22.92
CA PRO I 172 30.58 -67.48 23.45
C PRO I 172 29.54 -67.97 22.45
N ASP I 173 29.28 -69.26 22.51
CA ASP I 173 28.24 -69.87 21.67
C ASP I 173 27.77 -71.16 22.31
N ARG I 174 26.49 -71.48 22.11
CA ARG I 174 25.87 -72.65 22.71
C ARG I 174 25.46 -73.71 21.70
N THR I 175 25.51 -73.41 20.41
CA THR I 175 25.07 -74.37 19.40
C THR I 175 25.95 -75.61 19.37
N LEU I 176 27.25 -75.45 19.52
CA LEU I 176 28.18 -76.56 19.42
C LEU I 176 28.16 -77.48 20.63
N LEU I 177 27.47 -77.09 21.71
CA LEU I 177 27.34 -77.94 22.89
C LEU I 177 26.14 -78.85 22.74
N SER I 178 26.38 -80.15 22.63
CA SER I 178 25.35 -81.14 22.34
C SER I 178 25.21 -82.10 23.50
N GLN I 179 23.97 -82.40 23.87
CA GLN I 179 23.66 -83.34 24.95
C GLN I 179 22.83 -84.48 24.37
N GLN I 180 23.37 -85.70 24.40
CA GLN I 180 22.67 -86.86 23.88
C GLN I 180 22.03 -87.70 24.98
N SER I 181 22.83 -88.24 25.90
CA SER I 181 22.28 -89.04 27.01
C SER I 181 23.31 -89.05 28.13
N GLY I 182 23.10 -88.21 29.13
CA GLY I 182 23.97 -88.19 30.31
C GLY I 182 25.41 -87.84 30.01
N ASN I 183 25.66 -87.27 28.85
CA ASN I 183 27.02 -86.90 28.45
C ASN I 183 26.91 -85.80 27.39
N VAL I 184 28.04 -85.12 27.15
CA VAL I 184 28.06 -84.00 26.22
C VAL I 184 29.17 -84.22 25.20
N LYS I 185 28.97 -83.66 24.01
CA LYS I 185 29.99 -83.59 22.98
C LYS I 185 30.21 -82.12 22.61
N ILE I 186 31.47 -81.70 22.64
CA ILE I 186 31.85 -80.32 22.34
C ILE I 186 32.48 -80.31 20.96
N THR I 187 31.85 -79.61 20.02
CA THR I 187 32.29 -79.64 18.64
C THR I 187 33.58 -78.85 18.44
N VAL I 188 34.45 -79.39 17.59
CA VAL I 188 35.74 -78.78 17.25
C VAL I 188 35.90 -78.80 15.74
N GLY I 189 37.09 -78.45 15.26
CA GLY I 189 37.31 -78.31 13.84
C GLY I 189 38.22 -77.14 13.51
N GLY I 190 38.79 -76.53 14.54
CA GLY I 190 39.70 -75.42 14.35
C GLY I 190 39.55 -74.39 15.45
N LYS I 191 38.53 -74.58 16.29
CA LYS I 191 38.23 -73.66 17.39
C LYS I 191 38.61 -74.32 18.70
N LYS I 192 39.71 -73.87 19.30
CA LYS I 192 40.11 -74.37 20.61
C LYS I 192 39.24 -73.74 21.69
N VAL I 193 38.23 -74.48 22.15
CA VAL I 193 37.22 -73.91 23.02
C VAL I 193 37.72 -73.83 24.45
N LYS I 194 37.15 -72.90 25.22
CA LYS I 194 37.41 -72.75 26.64
C LYS I 194 36.12 -73.07 27.39
N TYR I 195 36.21 -73.97 28.36
CA TYR I 195 35.04 -74.47 29.07
C TYR I 195 35.18 -74.27 30.57
N ASN I 196 34.13 -73.71 31.17
CA ASN I 196 33.97 -73.64 32.62
C ASN I 196 32.74 -74.46 32.97
N CYS I 197 32.92 -75.52 33.76
CA CYS I 197 31.83 -76.43 34.08
C CYS I 197 32.12 -77.07 35.43
N THR I 198 31.29 -76.74 36.43
CA THR I 198 31.59 -77.00 37.83
C THR I 198 30.57 -77.96 38.46
N CYS I 199 30.31 -79.09 37.82
CA CYS I 199 29.51 -80.15 38.41
C CYS I 199 30.33 -81.10 39.28
N GLY I 200 31.46 -80.64 39.80
CA GLY I 200 32.42 -81.48 40.49
C GLY I 200 33.36 -82.22 39.56
N THR I 201 33.17 -82.07 38.26
CA THR I 201 33.95 -82.75 37.24
C THR I 201 35.12 -81.87 36.81
N GLY I 202 35.75 -82.19 35.67
CA GLY I 202 36.87 -81.44 35.14
C GLY I 202 36.71 -79.94 35.17
N ASN I 203 37.72 -79.25 35.68
CA ASN I 203 37.67 -77.81 35.89
C ASN I 203 37.91 -77.07 34.58
N VAL I 204 38.16 -75.76 34.68
CA VAL I 204 38.37 -74.95 33.49
C VAL I 204 39.59 -75.42 32.72
N GLY I 205 39.53 -75.28 31.40
CA GLY I 205 40.63 -75.69 30.55
C GLY I 205 40.34 -75.33 29.11
N THR I 206 41.32 -75.60 28.27
CA THR I 206 41.21 -75.37 26.83
C THR I 206 41.50 -76.67 26.10
N THR I 207 40.57 -77.05 25.21
CA THR I 207 40.69 -78.29 24.45
C THR I 207 40.48 -78.00 22.97
N ASN I 208 41.23 -78.71 22.14
CA ASN I 208 41.09 -78.61 20.68
C ASN I 208 40.42 -79.83 20.07
N SER I 209 39.92 -80.77 20.88
CA SER I 209 39.28 -81.97 20.39
C SER I 209 37.99 -82.21 21.16
N ASP I 210 37.23 -83.20 20.71
CA ASP I 210 35.96 -83.52 21.36
C ASP I 210 36.19 -84.00 22.79
N MET I 211 35.20 -83.79 23.64
CA MET I 211 35.31 -84.13 25.05
C MET I 211 33.91 -84.40 25.61
N THR I 212 33.87 -85.13 26.72
CA THR I 212 32.63 -85.46 27.41
C THR I 212 32.74 -85.08 28.87
N ILE I 213 31.61 -84.73 29.49
CA ILE I 213 31.66 -84.33 30.88
C ILE I 213 30.98 -85.42 31.69
N ASN I 214 30.06 -86.13 31.05
CA ASN I 214 29.53 -87.42 31.49
C ASN I 214 28.60 -87.27 32.70
N THR I 215 28.45 -86.06 33.23
CA THR I 215 27.67 -85.87 34.45
C THR I 215 26.44 -85.02 34.26
N CYS I 216 26.59 -83.78 33.80
CA CYS I 216 25.49 -82.82 33.74
C CYS I 216 25.42 -82.17 32.37
N LEU I 217 24.19 -81.86 31.94
CA LEU I 217 23.90 -81.75 30.51
C LEU I 217 24.26 -80.40 29.91
N ILE I 218 23.52 -79.35 30.27
CA ILE I 218 23.70 -78.05 29.62
C ILE I 218 23.72 -76.92 30.62
N GLU I 219 23.26 -77.17 31.84
CA GLU I 219 23.08 -76.10 32.82
C GLU I 219 24.39 -75.67 33.46
N GLN I 220 25.48 -76.37 33.23
CA GLN I 220 26.74 -76.08 33.90
C GLN I 220 27.91 -75.86 32.96
N CYS I 221 28.01 -76.63 31.87
CA CYS I 221 29.12 -76.49 30.96
C CYS I 221 28.87 -75.35 29.96
N HIS I 222 29.95 -74.72 29.54
CA HIS I 222 29.88 -73.59 28.62
C HIS I 222 31.10 -73.62 27.71
N VAL I 223 31.01 -72.89 26.60
CA VAL I 223 32.04 -72.90 25.57
C VAL I 223 32.35 -71.46 25.17
N SER I 224 33.63 -71.15 25.03
CA SER I 224 34.08 -69.82 24.60
C SER I 224 35.25 -70.02 23.63
N VAL I 225 35.06 -69.59 22.38
CA VAL I 225 36.09 -69.74 21.36
C VAL I 225 37.18 -68.70 21.59
N THR I 226 38.43 -69.12 21.48
CA THR I 226 39.58 -68.23 21.56
C THR I 226 40.29 -68.21 20.22
N ASP I 227 40.49 -67.02 19.66
CA ASP I 227 41.02 -66.85 18.31
C ASP I 227 42.10 -65.78 18.28
N HIS I 228 43.09 -65.89 19.16
CA HIS I 228 44.18 -64.90 19.23
C HIS I 228 45.11 -65.11 18.05
N LYS I 229 44.63 -64.74 16.86
CA LYS I 229 45.44 -64.83 15.65
C LYS I 229 45.29 -63.60 14.76
N LYS I 230 44.27 -62.79 15.00
CA LYS I 230 44.01 -61.64 14.14
C LYS I 230 43.49 -60.48 14.97
N TRP I 231 44.09 -59.30 14.79
CA TRP I 231 43.57 -58.09 15.39
C TRP I 231 42.20 -57.76 14.83
N GLN I 232 41.25 -57.46 15.70
CA GLN I 232 39.90 -57.24 15.21
C GLN I 232 39.55 -55.77 15.00
N PHE I 233 39.42 -55.00 16.09
CA PHE I 233 39.14 -53.57 16.08
C PHE I 233 38.98 -53.14 17.54
N ASN I 234 39.11 -51.84 17.77
CA ASN I 234 38.81 -51.23 19.07
C ASN I 234 37.46 -50.52 18.95
N SER I 235 36.38 -51.29 19.12
CA SER I 235 35.05 -50.73 18.99
C SER I 235 34.32 -50.76 20.33
N PRO I 236 33.51 -49.75 20.63
CA PRO I 236 32.78 -49.74 21.91
C PRO I 236 31.74 -50.83 22.03
N PHE I 237 31.34 -51.46 20.93
CA PHE I 237 30.29 -52.49 20.96
C PHE I 237 30.85 -53.89 21.16
N VAL I 238 32.16 -54.04 21.34
CA VAL I 238 32.78 -55.35 21.53
C VAL I 238 33.69 -55.30 22.74
N PRO I 239 33.47 -56.14 23.76
CA PRO I 239 34.30 -56.08 24.97
C PRO I 239 35.74 -56.44 24.70
N ARG I 240 36.66 -55.93 25.54
CA ARG I 240 38.08 -56.22 25.41
C ARG I 240 38.48 -57.23 26.47
N ALA I 241 39.67 -57.81 26.29
CA ALA I 241 40.07 -58.98 27.07
C ALA I 241 41.07 -58.69 28.18
N ASP I 242 41.84 -57.60 28.10
CA ASP I 242 42.94 -57.41 29.03
C ASP I 242 42.92 -56.00 29.58
N GLU I 243 43.14 -55.87 30.89
CA GLU I 243 43.39 -54.60 31.55
C GLU I 243 44.71 -54.67 32.31
N PRO I 244 45.66 -53.76 32.08
CA PRO I 244 45.56 -52.62 31.16
C PRO I 244 45.55 -53.04 29.69
N ALA I 245 44.89 -52.25 28.86
CA ALA I 245 44.68 -52.61 27.47
C ALA I 245 46.00 -52.62 26.71
N ARG I 246 46.10 -53.54 25.75
CA ARG I 246 47.24 -53.60 24.85
C ARG I 246 46.69 -53.64 23.43
N LYS I 247 47.22 -52.78 22.56
CA LYS I 247 46.60 -52.56 21.27
C LYS I 247 47.64 -52.10 20.25
N GLY I 248 47.53 -52.60 19.02
CA GLY I 248 48.32 -52.11 17.92
C GLY I 248 47.62 -50.98 17.18
N LYS I 249 48.24 -50.54 16.10
CA LYS I 249 47.71 -49.45 15.29
C LYS I 249 47.96 -49.71 13.82
N VAL I 250 47.10 -49.13 12.98
CA VAL I 250 47.18 -49.26 11.54
C VAL I 250 46.78 -47.93 10.90
N HIS I 251 47.24 -47.69 9.67
CA HIS I 251 46.91 -46.50 8.92
C HIS I 251 45.54 -46.63 8.26
N ILE I 252 44.99 -45.49 7.87
CA ILE I 252 43.74 -45.46 7.13
C ILE I 252 44.02 -44.89 5.74
N PRO I 253 43.26 -45.26 4.72
CA PRO I 253 43.46 -44.69 3.39
C PRO I 253 42.75 -43.35 3.26
N PHE I 254 42.81 -42.79 2.06
CA PHE I 254 42.11 -41.58 1.68
C PHE I 254 42.48 -40.39 2.55
N PRO I 255 43.68 -39.82 2.38
CA PRO I 255 44.01 -38.58 3.09
C PRO I 255 43.23 -37.40 2.52
N LEU I 256 43.53 -36.22 3.04
CA LEU I 256 42.82 -35.01 2.65
C LEU I 256 43.76 -34.10 1.86
N ASP I 257 43.26 -33.59 0.73
CA ASP I 257 44.07 -32.78 -0.17
C ASP I 257 43.24 -31.61 -0.68
N ASN I 258 43.92 -30.64 -1.28
CA ASN I 258 43.32 -29.33 -1.51
C ASN I 258 42.46 -29.25 -2.78
N ILE I 259 43.08 -29.42 -3.95
CA ILE I 259 42.50 -29.21 -5.29
C ILE I 259 41.75 -27.88 -5.36
N THR I 260 41.06 -27.64 -6.47
CA THR I 260 40.28 -26.43 -6.70
C THR I 260 38.86 -26.76 -7.11
N CYS I 261 37.96 -25.82 -6.87
CA CYS I 261 36.54 -25.98 -7.16
C CYS I 261 36.06 -24.84 -8.04
N ARG I 262 34.98 -25.08 -8.77
CA ARG I 262 34.43 -24.12 -9.73
C ARG I 262 33.10 -23.60 -9.22
N VAL I 263 32.93 -22.28 -9.24
CA VAL I 263 31.71 -21.65 -8.73
C VAL I 263 31.17 -20.68 -9.78
N PRO I 264 29.85 -20.48 -9.85
CA PRO I 264 29.30 -19.55 -10.83
C PRO I 264 29.33 -18.11 -10.33
N MET I 265 29.17 -17.20 -11.29
CA MET I 265 29.11 -15.77 -11.02
C MET I 265 27.71 -15.26 -11.35
N ALA I 266 27.09 -14.58 -10.40
CA ALA I 266 25.73 -14.10 -10.60
C ALA I 266 25.70 -12.89 -11.54
N ARG I 267 24.50 -12.59 -12.03
CA ARG I 267 24.32 -11.48 -12.95
C ARG I 267 24.54 -10.15 -12.26
N GLU I 268 24.88 -9.14 -13.05
CA GLU I 268 25.03 -7.79 -12.53
C GLU I 268 23.65 -7.20 -12.24
N PRO I 269 23.43 -6.60 -11.07
CA PRO I 269 22.14 -5.98 -10.78
C PRO I 269 21.92 -4.74 -11.61
N THR I 270 20.65 -4.40 -11.80
CA THR I 270 20.28 -3.22 -12.57
C THR I 270 20.38 -1.98 -11.69
N VAL I 271 21.14 -0.98 -12.14
CA VAL I 271 21.36 0.24 -11.39
C VAL I 271 20.44 1.33 -11.91
N ILE I 272 19.78 2.06 -11.01
CA ILE I 272 18.99 3.23 -11.35
C ILE I 272 19.47 4.37 -10.46
N HIS I 273 20.04 5.40 -11.08
CA HIS I 273 20.60 6.50 -10.31
C HIS I 273 19.50 7.39 -9.75
N GLY I 274 19.86 8.13 -8.70
CA GLY I 274 18.95 9.07 -8.08
C GLY I 274 19.71 10.20 -7.40
N LYS I 275 19.01 11.01 -6.62
CA LYS I 275 19.67 12.12 -5.90
C LYS I 275 20.30 11.54 -4.65
N ARG I 276 21.60 11.24 -4.73
CA ARG I 276 22.35 10.62 -3.65
C ARG I 276 21.70 9.31 -3.20
N GLU I 277 21.27 8.49 -4.16
CA GLU I 277 20.67 7.20 -3.89
C GLU I 277 20.89 6.30 -5.09
N VAL I 278 20.85 4.98 -4.84
CA VAL I 278 20.91 3.97 -5.88
C VAL I 278 19.82 2.94 -5.62
N THR I 279 18.99 2.68 -6.61
CA THR I 279 17.97 1.66 -6.53
C THR I 279 18.45 0.45 -7.32
N LEU I 280 18.62 -0.68 -6.64
CA LEU I 280 19.16 -1.89 -7.22
C LEU I 280 18.05 -2.92 -7.40
N HIS I 281 17.96 -3.49 -8.59
CA HIS I 281 17.03 -4.58 -8.88
C HIS I 281 17.83 -5.87 -8.93
N LEU I 282 17.45 -6.85 -8.13
CA LEU I 282 18.23 -8.06 -7.92
C LEU I 282 17.48 -9.25 -8.49
N HIS I 283 18.17 -10.03 -9.33
CA HIS I 283 17.58 -11.22 -9.96
C HIS I 283 18.47 -12.43 -9.69
N PRO I 284 18.26 -13.15 -8.59
CA PRO I 284 19.06 -14.35 -8.33
C PRO I 284 18.40 -15.62 -8.84
N ASP I 285 19.25 -16.56 -9.30
CA ASP I 285 18.79 -17.89 -9.66
C ASP I 285 18.78 -18.86 -8.49
N HIS I 286 19.54 -18.54 -7.44
CA HIS I 286 19.70 -19.38 -6.27
C HIS I 286 20.26 -18.51 -5.15
N PRO I 287 20.08 -18.91 -3.89
CA PRO I 287 20.48 -18.04 -2.76
C PRO I 287 21.88 -17.47 -2.87
N THR I 288 21.99 -16.14 -2.95
CA THR I 288 23.25 -15.43 -3.01
C THR I 288 23.33 -14.43 -1.87
N LEU I 289 24.54 -14.01 -1.54
CA LEU I 289 24.79 -13.11 -0.43
C LEU I 289 25.05 -11.70 -0.96
N PHE I 290 24.33 -10.71 -0.40
CA PHE I 290 24.44 -9.33 -0.83
C PHE I 290 24.76 -8.47 0.38
N SER I 291 25.83 -7.68 0.28
CA SER I 291 26.26 -6.84 1.39
C SER I 291 26.91 -5.57 0.85
N TYR I 292 26.76 -4.49 1.61
CA TYR I 292 27.32 -3.21 1.21
C TYR I 292 27.74 -2.45 2.46
N ARG I 293 28.65 -1.49 2.27
CA ARG I 293 29.08 -0.63 3.36
C ARG I 293 29.39 0.75 2.81
N THR I 294 29.17 1.77 3.62
CA THR I 294 29.48 3.15 3.26
C THR I 294 30.90 3.47 3.72
N LEU I 295 31.75 3.88 2.79
CA LEU I 295 33.17 4.05 3.07
C LEU I 295 33.51 5.47 3.53
N GLY I 296 32.77 5.95 4.53
CA GLY I 296 33.02 7.22 5.16
C GLY I 296 33.85 7.06 6.42
N GLU I 297 33.47 7.80 7.46
CA GLU I 297 34.11 7.68 8.75
C GLU I 297 33.33 6.77 9.69
N ASP I 298 32.00 6.81 9.62
CA ASP I 298 31.14 5.90 10.35
C ASP I 298 30.36 5.06 9.35
N PRO I 299 30.78 3.84 9.07
CA PRO I 299 30.15 3.06 8.00
C PRO I 299 28.74 2.64 8.36
N GLN I 300 27.99 2.27 7.33
CA GLN I 300 26.62 1.80 7.46
C GLN I 300 26.60 0.32 7.04
N TYR I 301 26.87 -0.55 8.01
CA TYR I 301 26.99 -1.97 7.75
C TYR I 301 25.66 -2.57 7.33
N HIS I 302 25.72 -3.60 6.47
CA HIS I 302 24.54 -4.36 6.09
C HIS I 302 24.97 -5.67 5.44
N GLU I 303 24.15 -6.70 5.62
CA GLU I 303 24.40 -8.00 5.01
C GLU I 303 23.10 -8.80 5.02
N GLU I 304 22.88 -9.58 3.96
CA GLU I 304 21.61 -10.28 3.80
C GLU I 304 21.80 -11.47 2.86
N TRP I 305 20.87 -12.42 2.96
CA TRP I 305 20.82 -13.58 2.07
C TRP I 305 19.62 -13.40 1.14
N VAL I 306 19.90 -13.08 -0.12
CA VAL I 306 18.83 -12.84 -1.09
C VAL I 306 18.38 -14.18 -1.67
N THR I 307 17.07 -14.38 -1.75
CA THR I 307 16.49 -15.61 -2.28
C THR I 307 15.67 -15.39 -3.55
N ALA I 308 14.73 -14.45 -3.53
CA ALA I 308 13.86 -14.20 -4.67
C ALA I 308 14.13 -12.80 -5.23
N ALA I 309 13.48 -12.49 -6.34
CA ALA I 309 13.67 -11.21 -7.00
C ALA I 309 13.12 -10.08 -6.13
N VAL I 310 14.00 -9.16 -5.73
CA VAL I 310 13.66 -8.03 -4.88
C VAL I 310 14.31 -6.79 -5.45
N GLU I 311 14.09 -5.66 -4.78
CA GLU I 311 14.74 -4.40 -5.14
C GLU I 311 15.16 -3.69 -3.86
N ARG I 312 16.33 -3.06 -3.90
CA ARG I 312 16.90 -2.42 -2.73
C ARG I 312 17.33 -1.00 -3.07
N THR I 313 17.16 -0.10 -2.09
CA THR I 313 17.61 1.28 -2.18
C THR I 313 18.72 1.46 -1.16
N ILE I 314 19.88 1.93 -1.62
CA ILE I 314 21.08 2.05 -0.80
C ILE I 314 21.60 3.48 -0.91
N PRO I 315 22.00 4.10 0.19
CA PRO I 315 22.45 5.50 0.11
C PRO I 315 23.89 5.61 -0.35
N VAL I 316 24.16 6.65 -1.14
CA VAL I 316 25.49 6.92 -1.66
C VAL I 316 25.88 8.35 -1.32
N PRO I 317 26.52 8.59 -0.17
CA PRO I 317 26.96 9.96 0.15
C PRO I 317 28.18 10.36 -0.67
N VAL I 318 28.67 11.58 -0.45
CA VAL I 318 29.80 12.09 -1.23
C VAL I 318 31.06 11.26 -0.99
N ASP I 319 31.19 10.63 0.17
CA ASP I 319 32.37 9.82 0.43
C ASP I 319 32.42 8.58 -0.45
N GLY I 320 31.27 7.98 -0.74
CA GLY I 320 31.19 6.81 -1.58
C GLY I 320 30.82 5.55 -0.82
N MET I 321 30.61 4.48 -1.56
CA MET I 321 30.26 3.20 -0.97
C MET I 321 30.54 2.08 -1.96
N GLU I 322 30.56 0.85 -1.46
CA GLU I 322 30.77 -0.34 -2.27
C GLU I 322 29.75 -1.40 -1.90
N TYR I 323 29.47 -2.29 -2.86
CA TYR I 323 28.58 -3.41 -2.63
C TYR I 323 29.20 -4.67 -3.22
N HIS I 324 28.82 -5.82 -2.64
CA HIS I 324 29.39 -7.10 -3.02
C HIS I 324 28.25 -8.06 -3.30
N TRP I 325 28.02 -8.36 -4.58
CA TRP I 325 26.87 -9.15 -5.00
C TRP I 325 27.37 -10.49 -5.54
N GLY I 326 27.01 -11.58 -4.86
CA GLY I 326 27.42 -12.89 -5.30
C GLY I 326 28.92 -13.06 -5.22
N ASN I 327 29.49 -13.69 -6.26
CA ASN I 327 30.92 -13.93 -6.32
C ASN I 327 31.68 -12.84 -7.06
N ASN I 328 31.00 -11.79 -7.52
CA ASN I 328 31.66 -10.74 -8.26
C ASN I 328 32.55 -9.90 -7.34
N ASP I 329 33.45 -9.14 -7.95
CA ASP I 329 34.28 -8.22 -7.18
C ASP I 329 33.43 -7.05 -6.70
N PRO I 330 33.81 -6.41 -5.59
CA PRO I 330 33.07 -5.23 -5.13
C PRO I 330 33.15 -4.09 -6.13
N VAL I 331 32.07 -3.33 -6.21
CA VAL I 331 31.94 -2.20 -7.12
C VAL I 331 31.70 -0.95 -6.29
N ARG I 332 32.48 0.10 -6.55
CA ARG I 332 32.44 1.32 -5.78
C ARG I 332 31.76 2.44 -6.58
N LEU I 333 30.90 3.19 -5.90
CA LEU I 333 30.17 4.31 -6.51
C LEU I 333 30.37 5.55 -5.65
N TRP I 334 30.56 6.69 -6.30
CA TRP I 334 30.73 7.97 -5.64
C TRP I 334 29.66 8.93 -6.12
N SER I 335 29.02 9.63 -5.18
CA SER I 335 28.04 10.64 -5.54
C SER I 335 28.75 11.89 -6.07
N GLN I 336 27.96 12.78 -6.66
CA GLN I 336 28.51 13.96 -7.31
C GLN I 336 27.68 15.17 -6.90
N LEU I 337 28.33 16.34 -6.88
CA LEU I 337 27.72 17.56 -6.36
C LEU I 337 26.71 18.09 -7.37
N THR I 338 25.46 17.64 -7.24
CA THR I 338 24.39 18.06 -8.12
C THR I 338 23.23 18.59 -7.28
N THR I 339 22.43 19.46 -7.89
CA THR I 339 21.31 20.10 -7.22
C THR I 339 20.26 20.49 -8.26
N GLU I 340 19.31 21.32 -7.84
CA GLU I 340 18.20 21.73 -8.68
C GLU I 340 18.08 23.24 -8.86
N GLY I 341 18.81 24.03 -8.10
CA GLY I 341 18.74 25.47 -8.20
C GLY I 341 19.49 26.01 -9.41
N LYS I 342 19.71 27.33 -9.38
CA LYS I 342 20.42 28.02 -10.45
C LYS I 342 21.36 29.05 -9.84
N PRO I 343 22.67 28.83 -9.92
CA PRO I 343 23.61 29.84 -9.44
C PRO I 343 23.72 31.00 -10.40
N HIS I 344 24.31 32.10 -9.91
CA HIS I 344 24.55 33.30 -10.72
C HIS I 344 23.26 33.84 -11.31
N GLY I 345 22.18 33.77 -10.53
CA GLY I 345 20.90 34.29 -10.97
C GLY I 345 20.31 35.27 -10.00
N TRP I 346 18.99 35.31 -9.89
CA TRP I 346 18.33 36.19 -8.95
C TRP I 346 18.61 35.75 -7.52
N PRO I 347 18.50 36.66 -6.55
CA PRO I 347 18.81 36.28 -5.16
C PRO I 347 17.90 35.19 -4.61
N HIS I 348 16.72 34.98 -5.19
CA HIS I 348 15.86 33.90 -4.75
C HIS I 348 16.19 32.57 -5.41
N GLN I 349 17.17 32.55 -6.32
CA GLN I 349 17.63 31.32 -6.94
C GLN I 349 18.95 30.82 -6.38
N ILE I 350 19.82 31.72 -5.93
CA ILE I 350 21.05 31.29 -5.27
C ILE I 350 20.73 30.58 -3.97
N VAL I 351 19.69 31.03 -3.27
CA VAL I 351 19.26 30.36 -2.05
C VAL I 351 18.80 28.95 -2.36
N GLN I 352 18.05 28.77 -3.45
CA GLN I 352 17.64 27.42 -3.85
C GLN I 352 18.84 26.56 -4.20
N TYR I 353 19.81 27.13 -4.93
CA TYR I 353 20.99 26.38 -5.32
C TYR I 353 21.78 25.91 -4.10
N TYR I 354 21.96 26.79 -3.11
CA TYR I 354 22.68 26.43 -1.91
C TYR I 354 21.80 25.75 -0.86
N TYR I 355 20.51 25.57 -1.15
CA TYR I 355 19.66 24.73 -0.33
C TYR I 355 19.54 23.31 -0.86
N GLY I 356 19.74 23.12 -2.17
CA GLY I 356 19.85 21.77 -2.69
C GLY I 356 21.01 21.02 -2.06
N LEU I 357 22.18 21.66 -2.02
CA LEU I 357 23.29 21.20 -1.20
C LEU I 357 23.07 21.71 0.21
N TYR I 358 23.55 20.95 1.19
CA TYR I 358 23.71 21.46 2.55
C TYR I 358 22.42 22.05 3.10
N PRO I 359 21.35 21.27 3.20
CA PRO I 359 20.07 21.86 3.58
C PRO I 359 19.86 21.95 5.08
N ALA I 360 20.91 22.34 5.80
CA ALA I 360 20.80 22.62 7.23
C ALA I 360 21.49 23.91 7.66
N ALA I 361 22.47 24.41 6.91
CA ALA I 361 23.16 25.64 7.26
C ALA I 361 22.70 26.83 6.45
N THR I 362 22.17 26.62 5.24
CA THR I 362 21.69 27.73 4.43
C THR I 362 20.53 28.45 5.11
N VAL I 363 19.59 27.71 5.67
CA VAL I 363 18.45 28.33 6.36
C VAL I 363 18.95 29.14 7.56
N SER I 364 19.89 28.58 8.32
CA SER I 364 20.43 29.29 9.47
C SER I 364 21.13 30.58 9.05
N ALA I 365 21.92 30.53 7.99
CA ALA I 365 22.63 31.72 7.52
C ALA I 365 21.65 32.78 7.05
N VAL I 366 20.62 32.38 6.30
CA VAL I 366 19.63 33.34 5.82
C VAL I 366 18.88 33.98 6.99
N VAL I 367 18.50 33.17 7.98
CA VAL I 367 17.79 33.70 9.13
C VAL I 367 18.67 34.69 9.89
N GLY I 368 19.95 34.34 10.09
CA GLY I 368 20.84 35.25 10.78
C GLY I 368 21.03 36.56 10.04
N MET I 369 21.20 36.49 8.72
CA MET I 369 21.38 37.71 7.93
C MET I 369 20.14 38.58 7.99
N SER I 370 18.95 37.99 7.85
CA SER I 370 17.73 38.78 7.91
C SER I 370 17.54 39.42 9.28
N LEU I 371 17.82 38.67 10.35
CA LEU I 371 17.72 39.21 11.70
C LEU I 371 18.67 40.38 11.90
N LEU I 372 19.92 40.24 11.43
CA LEU I 372 20.89 41.32 11.56
C LEU I 372 20.44 42.55 10.80
N ALA I 373 19.92 42.37 9.58
CA ALA I 373 19.47 43.51 8.79
C ALA I 373 18.31 44.23 9.47
N LEU I 374 17.35 43.46 10.00
CA LEU I 374 16.22 44.08 10.69
C LEU I 374 16.67 44.84 11.94
N ILE I 375 17.60 44.26 12.70
CA ILE I 375 18.11 44.94 13.88
C ILE I 375 18.78 46.26 13.49
N SER I 376 19.62 46.22 12.44
CA SER I 376 20.32 47.43 12.02
C SER I 376 19.35 48.51 11.57
N ILE I 377 18.34 48.14 10.77
CA ILE I 377 17.42 49.17 10.26
C ILE I 377 16.57 49.74 11.39
N PHE I 378 16.15 48.89 12.34
CA PHE I 378 15.40 49.41 13.48
C PHE I 378 16.25 50.34 14.33
N ALA I 379 17.52 50.00 14.54
CA ALA I 379 18.40 50.87 15.32
C ALA I 379 18.57 52.22 14.62
N SER I 380 18.76 52.21 13.30
CA SER I 380 18.91 53.47 12.57
C SER I 380 17.65 54.31 12.63
N CYS I 381 16.48 53.68 12.48
CA CYS I 381 15.23 54.42 12.56
C CYS I 381 15.04 55.03 13.95
N TYR I 382 15.37 54.26 14.99
CA TYR I 382 15.28 54.79 16.36
C TYR I 382 16.22 55.96 16.56
N MET I 383 17.43 55.89 16.00
CA MET I 383 18.36 57.01 16.11
C MET I 383 17.81 58.26 15.43
N LEU I 384 17.22 58.10 14.24
CA LEU I 384 16.62 59.25 13.57
C LEU I 384 15.49 59.85 14.41
N VAL I 385 14.62 59.00 14.96
CA VAL I 385 13.51 59.52 15.76
C VAL I 385 14.01 60.24 17.00
N ALA I 386 15.00 59.67 17.68
CA ALA I 386 15.55 60.30 18.87
C ALA I 386 16.21 61.63 18.53
N ALA I 387 16.95 61.69 17.42
CA ALA I 387 17.57 62.95 17.03
C ALA I 387 16.53 64.01 16.74
N ARG I 388 15.46 63.64 16.02
CA ARG I 388 14.39 64.60 15.74
C ARG I 388 13.76 65.12 17.04
N SER I 389 13.40 64.19 17.93
CA SER I 389 12.72 64.59 19.17
C SER I 389 13.62 65.47 20.03
N LYS I 390 14.91 65.15 20.09
CA LYS I 390 15.82 65.92 20.94
C LYS I 390 16.15 67.28 20.34
N CYS I 391 16.20 67.37 19.01
CA CYS I 391 16.46 68.67 18.39
C CYS I 391 15.23 69.57 18.43
N LEU I 392 14.03 68.98 18.45
CA LEU I 392 12.80 69.75 18.38
C LEU I 392 12.18 70.05 19.73
N THR I 393 12.60 69.35 20.79
CA THR I 393 11.97 69.54 22.09
C THR I 393 12.09 70.96 22.66
N PRO I 394 13.22 71.69 22.54
CA PRO I 394 13.27 73.01 23.21
C PRO I 394 12.26 74.00 22.69
N TYR I 395 11.72 73.81 21.49
CA TYR I 395 10.74 74.74 20.95
C TYR I 395 9.35 74.52 21.52
N ALA I 396 9.11 73.39 22.17
CA ALA I 396 7.83 73.15 22.83
C ALA I 396 7.82 73.61 24.27
N LEU I 397 8.94 74.15 24.77
CA LEU I 397 9.02 74.73 26.11
C LEU I 397 9.01 76.25 26.09
N THR I 398 8.76 76.87 24.93
CA THR I 398 8.60 78.30 24.80
C THR I 398 7.29 78.62 24.10
N PRO I 399 6.69 79.77 24.37
CA PRO I 399 5.55 80.27 23.57
C PRO I 399 6.00 80.99 22.30
N GLY I 400 6.84 80.31 21.50
CA GLY I 400 7.44 80.91 20.34
C GLY I 400 7.09 80.18 19.05
N ALA I 401 7.86 80.50 18.01
CA ALA I 401 7.63 79.97 16.67
C ALA I 401 8.43 78.69 16.45
N ALA I 402 8.19 78.07 15.29
CA ALA I 402 8.78 76.78 14.96
C ALA I 402 9.85 76.86 13.88
N VAL I 403 10.16 78.05 13.36
CA VAL I 403 11.19 78.23 12.34
C VAL I 403 10.86 77.38 11.11
N PRO I 404 9.90 77.81 10.28
CA PRO I 404 9.51 77.02 9.09
C PRO I 404 10.66 76.42 8.30
N TRP I 405 11.83 77.06 8.31
CA TRP I 405 13.00 76.48 7.65
C TRP I 405 13.36 75.13 8.26
N THR I 406 13.39 75.04 9.59
CA THR I 406 13.61 73.77 10.26
C THR I 406 12.36 72.89 10.20
N LEU I 407 11.17 73.50 10.15
CA LEU I 407 9.93 72.74 10.07
C LEU I 407 9.88 71.90 8.79
N GLY I 408 10.30 72.48 7.67
CA GLY I 408 10.24 71.75 6.41
C GLY I 408 11.14 70.54 6.40
N ILE I 409 12.39 70.72 6.84
CA ILE I 409 13.34 69.61 6.87
C ILE I 409 12.95 68.61 7.96
N LEU I 410 12.63 69.11 9.16
CA LEU I 410 12.29 68.27 10.30
C LEU I 410 10.78 68.33 10.49
N CYS I 411 10.08 67.36 9.92
CA CYS I 411 8.62 67.30 10.07
C CYS I 411 8.25 67.04 11.52
N CYS I 412 7.17 67.66 11.97
CA CYS I 412 6.71 67.53 13.35
C CYS I 412 5.21 67.25 13.38
N ALA I 413 4.74 66.81 14.54
CA ALA I 413 3.32 66.54 14.71
C ALA I 413 2.44 67.77 14.49
N PRO I 414 2.76 68.97 15.03
CA PRO I 414 1.95 70.14 14.67
C PRO I 414 2.17 70.57 13.23
N ARG I 415 1.22 70.24 12.36
CA ARG I 415 1.39 70.52 10.94
C ARG I 415 1.22 72.00 10.64
N ALA I 416 0.20 72.63 11.23
CA ALA I 416 -0.09 74.03 10.93
C ALA I 416 -0.26 74.84 12.21
N HIS I 417 -0.65 74.19 13.30
CA HIS I 417 -0.91 74.87 14.57
C HIS I 417 0.41 75.09 15.28
N ALA I 418 0.72 76.35 15.60
CA ALA I 418 1.95 76.73 16.30
C ALA I 418 3.20 76.25 15.58
N HIS J 1 -21.60 -30.74 -72.48
CA HIS J 1 -21.39 -30.06 -71.21
C HIS J 1 -22.72 -29.63 -70.59
N PHE J 2 -22.68 -28.59 -69.76
CA PHE J 2 -23.84 -28.10 -69.06
C PHE J 2 -24.71 -27.27 -70.00
N ASN J 3 -25.99 -27.62 -70.07
CA ASN J 3 -26.91 -27.03 -71.03
C ASN J 3 -28.24 -26.64 -70.37
N VAL J 4 -28.16 -25.91 -69.26
CA VAL J 4 -29.31 -25.59 -68.40
C VAL J 4 -30.54 -25.14 -69.18
N TYR J 5 -30.33 -24.58 -70.38
CA TYR J 5 -31.46 -24.05 -71.14
C TYR J 5 -32.22 -25.15 -71.88
N LYS J 6 -32.00 -26.41 -71.50
CA LYS J 6 -32.81 -27.51 -72.02
C LYS J 6 -34.19 -27.57 -71.38
N ALA J 7 -34.31 -27.18 -70.11
CA ALA J 7 -35.55 -27.31 -69.36
C ALA J 7 -36.35 -26.02 -69.29
N THR J 8 -35.97 -25.00 -70.06
CA THR J 8 -36.67 -23.73 -70.06
C THR J 8 -37.20 -23.43 -71.46
N ARG J 9 -38.34 -22.77 -71.52
CA ARG J 9 -39.04 -22.48 -72.75
C ARG J 9 -39.51 -21.03 -72.77
N PRO J 10 -39.65 -20.44 -73.95
CA PRO J 10 -40.28 -19.12 -74.04
C PRO J 10 -41.74 -19.18 -73.67
N TYR J 11 -42.30 -18.03 -73.31
CA TYR J 11 -43.68 -17.95 -72.87
C TYR J 11 -44.31 -16.67 -73.40
N ILE J 12 -45.65 -16.65 -73.39
CA ILE J 12 -46.44 -15.52 -73.85
C ILE J 12 -47.01 -14.80 -72.65
N ALA J 13 -46.75 -13.50 -72.56
CA ALA J 13 -47.24 -12.65 -71.49
C ALA J 13 -48.04 -11.49 -72.07
N TYR J 14 -48.50 -10.61 -71.19
CA TYR J 14 -49.33 -9.48 -71.58
C TYR J 14 -48.47 -8.23 -71.66
N CYS J 15 -48.58 -7.50 -72.77
CA CYS J 15 -47.84 -6.26 -72.97
C CYS J 15 -48.77 -5.07 -72.84
N ALA J 16 -48.26 -3.98 -72.28
CA ALA J 16 -49.08 -2.78 -72.09
C ALA J 16 -49.58 -2.23 -73.42
N ASP J 17 -48.68 -2.03 -74.37
CA ASP J 17 -49.04 -1.64 -75.72
C ASP J 17 -47.99 -2.16 -76.69
N CYS J 18 -48.43 -2.61 -77.86
CA CYS J 18 -47.58 -3.34 -78.80
C CYS J 18 -47.01 -2.44 -79.89
N GLY J 19 -46.69 -1.20 -79.55
CA GLY J 19 -46.07 -0.29 -80.49
C GLY J 19 -47.03 0.54 -81.32
N ALA J 20 -48.33 0.36 -81.13
CA ALA J 20 -49.33 1.15 -81.86
C ALA J 20 -50.41 1.71 -80.95
N GLY J 21 -50.28 1.55 -79.64
CA GLY J 21 -51.28 2.02 -78.71
C GLY J 21 -52.33 1.00 -78.33
N HIS J 22 -52.18 -0.26 -78.73
CA HIS J 22 -53.13 -1.31 -78.43
C HIS J 22 -52.46 -2.41 -77.64
N SER J 23 -53.21 -2.99 -76.71
CA SER J 23 -52.70 -4.03 -75.82
C SER J 23 -53.03 -5.40 -76.39
N CYS J 24 -52.03 -6.27 -76.45
CA CYS J 24 -52.22 -7.63 -76.94
C CYS J 24 -51.21 -8.54 -76.27
N HIS J 25 -51.51 -9.83 -76.26
CA HIS J 25 -50.61 -10.83 -75.69
C HIS J 25 -49.45 -11.04 -76.65
N SER J 26 -48.26 -10.60 -76.24
CA SER J 26 -47.08 -10.63 -77.09
C SER J 26 -46.05 -11.60 -76.55
N PRO J 27 -45.27 -12.24 -77.44
CA PRO J 27 -44.17 -13.10 -76.99
C PRO J 27 -42.89 -12.35 -76.65
N VAL J 28 -42.89 -11.02 -76.76
CA VAL J 28 -41.68 -10.22 -76.58
C VAL J 28 -41.94 -9.26 -75.41
N ALA J 29 -42.68 -9.73 -74.42
CA ALA J 29 -42.98 -8.89 -73.26
C ALA J 29 -41.70 -8.52 -72.53
N ILE J 30 -41.68 -7.29 -72.01
CA ILE J 30 -40.50 -6.77 -71.31
C ILE J 30 -40.76 -6.83 -69.81
N GLU J 31 -39.87 -7.51 -69.09
CA GLU J 31 -39.88 -7.52 -67.64
C GLU J 31 -38.98 -6.40 -67.12
N ALA J 32 -38.61 -6.47 -65.84
CA ALA J 32 -37.86 -5.41 -65.20
C ALA J 32 -36.56 -5.11 -65.95
N VAL J 33 -36.14 -3.85 -65.89
CA VAL J 33 -34.91 -3.38 -66.52
C VAL J 33 -33.95 -2.94 -65.43
N ARG J 34 -32.73 -3.43 -65.47
CA ARG J 34 -31.71 -3.14 -64.46
C ARG J 34 -30.68 -2.18 -65.05
N SER J 35 -30.39 -1.11 -64.32
CA SER J 35 -29.46 -0.09 -64.79
C SER J 35 -28.56 0.37 -63.65
N GLU J 36 -28.01 -0.56 -62.88
CA GLU J 36 -27.11 -0.23 -61.79
C GLU J 36 -25.64 -0.24 -62.22
N ALA J 37 -25.36 -0.02 -63.51
CA ALA J 37 -24.00 0.12 -64.00
C ALA J 37 -23.68 1.60 -64.15
N THR J 38 -22.49 1.99 -63.68
CA THR J 38 -22.14 3.40 -63.64
C THR J 38 -22.00 4.00 -65.03
N ASP J 39 -21.49 3.23 -65.99
CA ASP J 39 -21.28 3.77 -67.32
C ASP J 39 -22.54 3.82 -68.18
N GLY J 40 -23.65 3.29 -67.69
CA GLY J 40 -24.90 3.38 -68.42
C GLY J 40 -25.20 2.17 -69.28
N MET J 41 -25.14 0.99 -68.70
CA MET J 41 -25.41 -0.26 -69.40
C MET J 41 -26.71 -0.84 -68.85
N LEU J 42 -27.62 -1.23 -69.75
CA LEU J 42 -28.91 -1.75 -69.37
C LEU J 42 -28.98 -3.26 -69.62
N LYS J 43 -29.79 -3.96 -68.83
CA LYS J 43 -30.06 -5.38 -69.02
C LYS J 43 -31.56 -5.57 -69.19
N ILE J 44 -32.03 -5.41 -70.42
CA ILE J 44 -33.43 -5.67 -70.72
C ILE J 44 -33.69 -7.17 -70.67
N GLN J 45 -34.85 -7.56 -70.15
CA GLN J 45 -35.19 -8.97 -69.98
C GLN J 45 -36.38 -9.30 -70.88
N PHE J 46 -36.18 -10.22 -71.82
CA PHE J 46 -37.26 -10.68 -72.69
C PHE J 46 -38.23 -11.56 -71.91
N SER J 47 -39.23 -12.03 -72.65
CA SER J 47 -39.92 -13.28 -72.34
C SER J 47 -39.53 -14.41 -73.29
N ALA J 48 -39.31 -14.09 -74.57
CA ALA J 48 -38.82 -15.05 -75.55
C ALA J 48 -37.31 -15.10 -75.45
N GLN J 49 -36.78 -16.18 -74.90
CA GLN J 49 -35.34 -16.27 -74.67
C GLN J 49 -34.58 -16.41 -75.99
N ILE J 50 -33.36 -15.86 -76.00
CA ILE J 50 -32.59 -15.64 -77.22
C ILE J 50 -31.21 -16.28 -77.05
N GLY J 51 -30.66 -16.73 -78.18
CA GLY J 51 -29.38 -17.41 -78.19
C GLY J 51 -29.46 -18.91 -78.16
N ILE J 52 -30.66 -19.49 -78.12
CA ILE J 52 -30.86 -20.93 -78.12
C ILE J 52 -31.83 -21.28 -79.23
N ASP J 53 -31.48 -22.26 -80.06
CA ASP J 53 -32.33 -22.66 -81.16
C ASP J 53 -33.52 -23.46 -80.63
N LYS J 54 -34.43 -23.82 -81.55
CA LYS J 54 -35.65 -24.52 -81.16
C LYS J 54 -35.35 -25.89 -80.56
N SER J 55 -34.37 -26.60 -81.11
CA SER J 55 -34.11 -27.98 -80.70
C SER J 55 -33.13 -28.06 -79.54
N ASP J 56 -33.04 -26.98 -78.75
CA ASP J 56 -32.26 -26.94 -77.52
C ASP J 56 -30.77 -27.22 -77.79
N ASN J 57 -30.23 -26.50 -78.76
CA ASN J 57 -28.79 -26.54 -79.02
C ASN J 57 -28.30 -25.11 -79.23
N HIS J 58 -27.07 -24.83 -78.78
CA HIS J 58 -26.57 -23.46 -78.75
C HIS J 58 -26.21 -22.95 -80.14
N ASP J 59 -27.10 -22.16 -80.73
CA ASP J 59 -26.80 -21.45 -81.96
C ASP J 59 -26.66 -19.96 -81.66
N TYR J 60 -26.14 -19.20 -82.62
CA TYR J 60 -26.06 -17.75 -82.42
C TYR J 60 -26.80 -16.98 -83.50
N THR J 61 -27.71 -17.61 -84.23
CA THR J 61 -28.51 -16.96 -85.25
C THR J 61 -30.00 -17.16 -85.04
N LYS J 62 -30.41 -18.30 -84.51
CA LYS J 62 -31.82 -18.56 -84.24
C LYS J 62 -32.18 -18.03 -82.85
N ILE J 63 -33.41 -17.55 -82.72
CA ILE J 63 -33.94 -17.10 -81.43
C ILE J 63 -35.26 -17.80 -81.18
N ARG J 64 -35.43 -18.33 -79.97
CA ARG J 64 -36.65 -19.03 -79.62
C ARG J 64 -37.74 -18.05 -79.20
N TYR J 65 -38.98 -18.40 -79.50
CA TYR J 65 -40.13 -17.62 -79.04
C TYR J 65 -41.36 -18.50 -79.08
N ALA J 66 -42.22 -18.33 -78.08
CA ALA J 66 -43.43 -19.12 -77.94
C ALA J 66 -44.48 -18.64 -78.93
N ASP J 67 -45.25 -19.59 -79.46
CA ASP J 67 -46.32 -19.28 -80.40
C ASP J 67 -47.39 -20.36 -80.27
N GLY J 68 -48.40 -20.09 -79.45
CA GLY J 68 -49.50 -21.03 -79.25
C GLY J 68 -49.07 -22.42 -78.84
N HIS J 69 -48.47 -22.54 -77.66
CA HIS J 69 -47.88 -23.79 -77.15
C HIS J 69 -47.14 -24.54 -78.25
N ALA J 70 -46.31 -23.80 -78.99
CA ALA J 70 -45.50 -24.39 -80.06
C ALA J 70 -44.30 -23.48 -80.27
N ILE J 71 -43.14 -23.92 -79.81
CA ILE J 71 -41.93 -23.11 -79.88
C ILE J 71 -41.39 -23.12 -81.30
N GLU J 72 -41.10 -21.93 -81.83
CA GLU J 72 -40.52 -21.78 -83.15
C GLU J 72 -39.33 -20.83 -83.04
N ASN J 73 -38.61 -20.64 -84.14
CA ASN J 73 -37.36 -19.87 -84.10
C ASN J 73 -37.38 -18.75 -85.12
N ALA J 74 -36.65 -17.68 -84.80
CA ALA J 74 -36.52 -16.51 -85.66
C ALA J 74 -35.06 -16.09 -85.72
N VAL J 75 -34.71 -15.35 -86.78
CA VAL J 75 -33.32 -14.97 -87.01
C VAL J 75 -32.88 -13.96 -85.96
N ARG J 76 -31.62 -14.08 -85.53
CA ARG J 76 -31.07 -13.14 -84.55
C ARG J 76 -30.97 -11.74 -85.12
N SER J 77 -30.68 -11.62 -86.41
CA SER J 77 -30.71 -10.32 -87.05
C SER J 77 -32.11 -9.73 -86.96
N SER J 78 -32.21 -8.44 -87.28
CA SER J 78 -33.42 -7.65 -87.15
C SER J 78 -33.89 -7.50 -85.71
N LEU J 79 -33.04 -7.83 -84.74
CA LEU J 79 -33.32 -7.50 -83.34
C LEU J 79 -33.00 -6.03 -83.12
N LYS J 80 -34.03 -5.22 -82.88
CA LYS J 80 -33.89 -3.79 -82.77
C LYS J 80 -34.43 -3.32 -81.43
N VAL J 81 -33.53 -3.02 -80.49
CA VAL J 81 -33.87 -2.35 -79.25
C VAL J 81 -33.71 -0.85 -79.48
N ALA J 82 -34.72 -0.09 -79.09
CA ALA J 82 -34.76 1.31 -79.49
C ALA J 82 -35.29 2.16 -78.35
N THR J 83 -34.90 3.44 -78.38
CA THR J 83 -35.37 4.45 -77.45
C THR J 83 -35.55 5.71 -78.30
N SER J 84 -35.60 6.87 -77.65
CA SER J 84 -35.72 8.15 -78.34
C SER J 84 -34.83 8.24 -79.58
N GLY J 85 -33.66 7.62 -79.53
CA GLY J 85 -32.80 7.52 -80.69
C GLY J 85 -32.75 6.12 -81.27
N ASP J 86 -31.59 5.47 -81.16
CA ASP J 86 -31.43 4.10 -81.61
C ASP J 86 -30.29 3.46 -80.84
N CYS J 87 -30.56 2.34 -80.18
CA CYS J 87 -29.62 1.73 -79.27
C CYS J 87 -28.61 0.87 -80.00
N PHE J 88 -27.66 0.34 -79.24
CA PHE J 88 -26.61 -0.55 -79.74
C PHE J 88 -26.54 -1.76 -78.82
N VAL J 89 -26.55 -2.95 -79.42
CA VAL J 89 -26.56 -4.19 -78.65
C VAL J 89 -25.12 -4.68 -78.46
N HIS J 90 -24.76 -4.97 -77.22
CA HIS J 90 -23.41 -5.42 -76.91
C HIS J 90 -23.35 -6.92 -76.70
N GLY J 91 -24.12 -7.44 -75.75
CA GLY J 91 -24.17 -8.87 -75.51
C GLY J 91 -25.59 -9.39 -75.56
N THR J 92 -25.75 -10.70 -75.71
CA THR J 92 -27.08 -11.29 -75.86
C THR J 92 -27.01 -12.76 -75.46
N MET J 93 -27.81 -13.15 -74.47
CA MET J 93 -27.83 -14.54 -74.02
C MET J 93 -29.08 -14.76 -73.19
N GLY J 94 -29.69 -15.94 -73.33
CA GLY J 94 -30.85 -16.28 -72.53
C GLY J 94 -32.00 -15.32 -72.78
N HIS J 95 -32.56 -14.78 -71.69
CA HIS J 95 -33.60 -13.78 -71.78
C HIS J 95 -33.06 -12.36 -71.89
N PHE J 96 -31.77 -12.14 -71.62
CA PHE J 96 -31.24 -10.83 -71.31
C PHE J 96 -30.53 -10.20 -72.50
N ILE J 97 -30.55 -8.87 -72.56
CA ILE J 97 -29.86 -8.10 -73.59
C ILE J 97 -28.97 -7.07 -72.88
N LEU J 98 -27.87 -6.71 -73.52
CA LEU J 98 -27.06 -5.58 -73.08
C LEU J 98 -27.08 -4.50 -74.15
N ALA J 99 -27.33 -3.26 -73.73
CA ALA J 99 -27.47 -2.15 -74.67
C ALA J 99 -26.98 -0.86 -74.03
N LYS J 100 -26.65 0.10 -74.90
CA LYS J 100 -26.23 1.43 -74.48
C LYS J 100 -27.03 2.44 -75.28
N CYS J 101 -28.02 3.06 -74.66
CA CYS J 101 -29.03 3.81 -75.37
C CYS J 101 -28.87 5.31 -75.15
N PRO J 102 -29.25 6.12 -76.14
CA PRO J 102 -29.28 7.58 -75.93
C PRO J 102 -30.42 7.95 -75.00
N PRO J 103 -30.37 9.16 -74.41
CA PRO J 103 -31.42 9.54 -73.45
C PRO J 103 -32.79 9.60 -74.10
N GLY J 104 -33.81 9.29 -73.30
CA GLY J 104 -35.17 9.26 -73.80
C GLY J 104 -36.13 8.98 -72.67
N GLU J 105 -37.39 8.73 -73.04
CA GLU J 105 -38.45 8.51 -72.06
C GLU J 105 -39.12 7.15 -72.20
N PHE J 106 -38.80 6.37 -73.22
CA PHE J 106 -39.41 5.05 -73.37
C PHE J 106 -38.37 4.10 -73.97
N LEU J 107 -38.78 2.84 -74.11
CA LEU J 107 -37.88 1.79 -74.57
C LEU J 107 -38.71 0.64 -75.12
N GLN J 108 -38.36 0.16 -76.31
CA GLN J 108 -39.04 -0.98 -76.91
C GLN J 108 -38.01 -1.95 -77.49
N VAL J 109 -38.42 -3.21 -77.60
CA VAL J 109 -37.66 -4.25 -78.28
C VAL J 109 -38.57 -4.92 -79.30
N SER J 110 -38.01 -5.26 -80.46
CA SER J 110 -38.83 -5.84 -81.52
C SER J 110 -38.02 -6.87 -82.29
N ILE J 111 -38.68 -7.96 -82.68
CA ILE J 111 -38.09 -9.01 -83.50
C ILE J 111 -39.02 -9.27 -84.67
N GLN J 112 -38.47 -9.90 -85.71
CA GLN J 112 -39.26 -10.28 -86.87
C GLN J 112 -39.85 -11.67 -86.65
N ASP J 113 -41.15 -11.79 -86.91
CA ASP J 113 -41.84 -13.05 -86.77
C ASP J 113 -41.51 -13.96 -87.96
N THR J 114 -41.87 -15.24 -87.84
CA THR J 114 -41.56 -16.18 -88.92
C THR J 114 -42.36 -15.87 -90.19
N ARG J 115 -43.44 -15.11 -90.05
CA ARG J 115 -44.17 -14.60 -91.21
C ARG J 115 -43.71 -13.20 -91.61
N ASN J 116 -42.57 -12.76 -91.09
CA ASN J 116 -42.03 -11.42 -91.36
C ASN J 116 -42.99 -10.33 -90.91
N ALA J 117 -43.45 -10.44 -89.66
CA ALA J 117 -44.33 -9.45 -89.04
C ALA J 117 -43.63 -8.92 -87.80
N VAL J 118 -43.68 -7.60 -87.60
CA VAL J 118 -43.00 -6.98 -86.47
C VAL J 118 -43.77 -7.28 -85.19
N ARG J 119 -43.05 -7.72 -84.16
CA ARG J 119 -43.62 -7.94 -82.84
C ARG J 119 -42.84 -7.10 -81.84
N ALA J 120 -43.52 -6.14 -81.22
CA ALA J 120 -42.83 -5.17 -80.37
C ALA J 120 -43.63 -4.94 -79.09
N CYS J 121 -42.92 -4.48 -78.07
CA CYS J 121 -43.53 -4.12 -76.79
C CYS J 121 -42.69 -3.02 -76.17
N ARG J 122 -43.34 -1.92 -75.79
CA ARG J 122 -42.65 -0.75 -75.26
C ARG J 122 -43.11 -0.47 -73.84
N ILE J 123 -42.19 0.02 -73.02
CA ILE J 123 -42.44 0.31 -71.61
C ILE J 123 -41.96 1.72 -71.32
N GLN J 124 -42.59 2.38 -70.35
CA GLN J 124 -42.16 3.72 -69.96
C GLN J 124 -40.97 3.63 -69.03
N TYR J 125 -39.85 4.23 -69.44
CA TYR J 125 -38.62 4.18 -68.65
C TYR J 125 -37.86 5.48 -68.86
N HIS J 126 -37.58 6.20 -67.78
CA HIS J 126 -36.91 7.49 -67.86
C HIS J 126 -35.40 7.27 -67.78
N HIS J 127 -34.74 7.24 -68.93
CA HIS J 127 -33.32 6.96 -69.03
C HIS J 127 -32.55 8.26 -69.16
N ASP J 128 -31.58 8.48 -68.28
CA ASP J 128 -30.74 9.67 -68.31
C ASP J 128 -29.40 9.35 -67.67
N PRO J 129 -28.41 8.97 -68.47
CA PRO J 129 -27.11 8.58 -67.91
C PRO J 129 -26.29 9.78 -67.49
N GLN J 130 -25.47 9.58 -66.47
CA GLN J 130 -24.54 10.61 -65.99
C GLN J 130 -23.15 9.99 -65.86
N PRO J 131 -22.19 10.37 -66.69
CA PRO J 131 -20.87 9.75 -66.62
C PRO J 131 -20.19 10.04 -65.29
N VAL J 132 -19.37 9.08 -64.85
CA VAL J 132 -18.64 9.23 -63.60
C VAL J 132 -17.60 10.34 -63.75
N GLY J 133 -17.47 11.17 -62.72
CA GLY J 133 -16.55 12.28 -62.73
C GLY J 133 -17.26 13.54 -62.29
N ARG J 134 -16.70 14.67 -62.70
CA ARG J 134 -17.28 15.98 -62.39
C ARG J 134 -17.53 16.81 -63.64
N GLU J 135 -17.50 16.19 -64.80
CA GLU J 135 -17.90 16.81 -66.06
C GLU J 135 -18.93 15.92 -66.74
N LYS J 136 -19.94 16.54 -67.34
CA LYS J 136 -21.00 15.80 -68.02
C LYS J 136 -20.74 15.73 -69.53
N PHE J 137 -19.67 15.03 -69.88
CA PHE J 137 -19.31 14.87 -71.28
C PHE J 137 -20.20 13.82 -71.94
N THR J 138 -20.04 13.66 -73.25
CA THR J 138 -20.83 12.74 -74.04
C THR J 138 -20.02 11.58 -74.60
N ILE J 139 -18.92 11.86 -75.29
CA ILE J 139 -18.05 10.83 -75.85
C ILE J 139 -16.64 11.02 -75.28
N ARG J 140 -15.92 9.91 -75.16
CA ARG J 140 -14.62 9.93 -74.51
C ARG J 140 -13.61 10.70 -75.34
N PRO J 141 -12.66 11.37 -74.70
CA PRO J 141 -11.65 12.12 -75.45
C PRO J 141 -10.39 11.30 -75.73
N HIS J 142 -9.42 11.91 -76.40
CA HIS J 142 -8.14 11.26 -76.66
C HIS J 142 -7.05 11.72 -75.72
N TYR J 143 -7.40 12.41 -74.63
CA TYR J 143 -6.43 12.83 -73.63
C TYR J 143 -7.18 13.13 -72.34
N GLY J 144 -6.89 12.36 -71.29
CA GLY J 144 -7.58 12.57 -70.03
C GLY J 144 -7.09 11.60 -68.97
N LYS J 145 -7.83 11.59 -67.86
CA LYS J 145 -7.49 10.76 -66.73
C LYS J 145 -8.10 9.36 -66.86
N GLU J 146 -8.02 8.59 -65.78
CA GLU J 146 -8.63 7.27 -65.68
C GLU J 146 -9.27 7.12 -64.31
N ILE J 147 -10.59 7.08 -64.27
CA ILE J 147 -11.36 7.00 -63.04
C ILE J 147 -12.06 5.64 -63.01
N PRO J 148 -12.06 4.93 -61.89
CA PRO J 148 -12.75 3.63 -61.83
C PRO J 148 -14.25 3.79 -61.98
N CYS J 149 -14.88 2.72 -62.48
CA CYS J 149 -16.32 2.68 -62.71
C CYS J 149 -16.79 1.25 -62.50
N THR J 150 -17.98 0.94 -63.03
CA THR J 150 -18.51 -0.41 -63.03
C THR J 150 -19.22 -0.66 -64.36
N THR J 151 -19.27 -1.92 -64.77
CA THR J 151 -19.96 -2.29 -66.00
C THR J 151 -20.31 -3.77 -65.98
N TYR J 152 -21.18 -4.16 -66.90
CA TYR J 152 -21.59 -5.56 -67.05
C TYR J 152 -20.64 -6.25 -68.02
N GLN J 153 -19.90 -7.23 -67.52
CA GLN J 153 -19.01 -8.01 -68.37
C GLN J 153 -19.80 -8.98 -69.23
N GLN J 154 -19.11 -9.58 -70.20
CA GLN J 154 -19.73 -10.54 -71.09
C GLN J 154 -19.43 -11.98 -70.72
N THR J 155 -18.71 -12.22 -69.63
CA THR J 155 -18.43 -13.58 -69.19
C THR J 155 -19.68 -14.21 -68.61
N THR J 156 -19.73 -15.54 -68.64
CA THR J 156 -20.84 -16.32 -68.12
C THR J 156 -20.36 -17.35 -67.10
N ALA J 157 -19.46 -16.93 -66.22
CA ALA J 157 -18.93 -17.80 -65.18
C ALA J 157 -19.92 -17.87 -64.01
N LYS J 158 -19.48 -18.40 -62.88
CA LYS J 158 -20.33 -18.43 -61.69
C LYS J 158 -20.63 -17.02 -61.23
N THR J 159 -21.90 -16.75 -60.92
CA THR J 159 -22.37 -15.41 -60.62
C THR J 159 -23.01 -15.26 -59.25
N VAL J 160 -23.59 -16.32 -58.70
CA VAL J 160 -24.38 -16.26 -57.46
C VAL J 160 -25.53 -15.30 -57.71
N GLU J 161 -26.47 -15.72 -58.56
CA GLU J 161 -27.68 -14.95 -58.85
C GLU J 161 -28.82 -15.95 -59.03
N GLU J 162 -30.04 -15.45 -58.93
CA GLU J 162 -31.21 -16.31 -58.89
C GLU J 162 -32.28 -15.84 -59.88
N ILE J 163 -32.88 -16.79 -60.58
CA ILE J 163 -34.20 -16.63 -61.19
C ILE J 163 -35.05 -17.80 -60.74
N ASP J 164 -36.20 -17.51 -60.15
CA ASP J 164 -37.13 -18.55 -59.74
C ASP J 164 -37.90 -19.03 -60.96
N MET J 165 -37.96 -20.35 -61.14
CA MET J 165 -38.69 -20.95 -62.24
C MET J 165 -39.67 -21.96 -61.68
N HIS J 166 -40.81 -22.11 -62.36
CA HIS J 166 -41.86 -22.97 -61.85
C HIS J 166 -42.64 -23.56 -63.02
N MET J 167 -43.36 -24.64 -62.74
CA MET J 167 -44.05 -25.39 -63.79
C MET J 167 -45.14 -24.52 -64.42
N PRO J 168 -45.30 -24.59 -65.74
CA PRO J 168 -46.30 -23.75 -66.39
C PRO J 168 -47.70 -24.18 -65.98
N PRO J 169 -48.66 -23.27 -66.01
CA PRO J 169 -50.04 -23.65 -65.70
C PRO J 169 -50.69 -24.36 -66.89
N ASP J 170 -51.88 -24.88 -66.65
CA ASP J 170 -52.63 -25.53 -67.72
C ASP J 170 -53.19 -24.46 -68.65
N THR J 171 -52.76 -24.50 -69.89
CA THR J 171 -53.10 -23.46 -70.85
C THR J 171 -54.52 -23.66 -71.37
N PRO J 172 -55.42 -22.69 -71.21
CA PRO J 172 -56.76 -22.85 -71.75
C PRO J 172 -56.80 -22.62 -73.26
N ASP J 173 -57.62 -23.41 -73.93
CA ASP J 173 -57.72 -23.37 -75.38
C ASP J 173 -59.15 -23.71 -75.78
N ARG J 174 -59.59 -23.11 -76.89
CA ARG J 174 -60.95 -23.30 -77.37
C ARG J 174 -60.99 -23.75 -78.82
N THR J 175 -59.91 -23.60 -79.58
CA THR J 175 -59.91 -23.98 -80.98
C THR J 175 -59.87 -25.48 -81.20
N LEU J 176 -59.59 -26.28 -80.16
CA LEU J 176 -59.54 -27.73 -80.35
C LEU J 176 -60.92 -28.36 -80.37
N LEU J 177 -61.90 -27.77 -79.69
CA LEU J 177 -63.27 -28.28 -79.75
C LEU J 177 -63.85 -28.03 -81.12
N SER J 178 -64.15 -29.09 -81.85
CA SER J 178 -64.84 -29.02 -83.13
C SER J 178 -66.19 -29.73 -82.99
N GLN J 179 -67.26 -29.02 -83.32
CA GLN J 179 -68.61 -29.53 -83.19
C GLN J 179 -69.08 -30.01 -84.56
N GLN J 180 -69.23 -31.33 -84.71
CA GLN J 180 -69.65 -31.89 -85.99
C GLN J 180 -71.15 -32.10 -86.05
N SER J 181 -71.70 -32.96 -85.18
CA SER J 181 -73.14 -33.17 -85.12
C SER J 181 -73.46 -33.78 -83.74
N GLY J 182 -73.93 -32.94 -82.83
CA GLY J 182 -74.32 -33.42 -81.52
C GLY J 182 -73.21 -34.07 -80.72
N ASN J 183 -71.96 -33.74 -81.00
CA ASN J 183 -70.82 -34.34 -80.30
C ASN J 183 -69.62 -33.41 -80.45
N VAL J 184 -68.59 -33.69 -79.67
CA VAL J 184 -67.38 -32.88 -79.65
C VAL J 184 -66.22 -33.69 -80.20
N LYS J 185 -65.14 -33.00 -80.54
CA LYS J 185 -63.89 -33.63 -80.93
C LYS J 185 -62.76 -32.97 -80.17
N ILE J 186 -61.93 -33.77 -79.50
CA ILE J 186 -60.78 -33.27 -78.77
C ILE J 186 -59.53 -33.67 -79.53
N THR J 187 -58.78 -32.67 -79.99
CA THR J 187 -57.64 -32.90 -80.86
C THR J 187 -56.36 -33.07 -80.06
N VAL J 188 -55.40 -33.80 -80.63
CA VAL J 188 -54.16 -34.16 -79.97
C VAL J 188 -53.00 -33.92 -80.92
N GLY J 189 -51.82 -34.41 -80.55
CA GLY J 189 -50.59 -34.08 -81.23
C GLY J 189 -49.42 -34.04 -80.27
N GLY J 190 -49.71 -34.34 -79.01
CA GLY J 190 -48.69 -34.40 -77.98
C GLY J 190 -49.18 -33.81 -76.69
N LYS J 191 -50.34 -33.18 -76.74
CA LYS J 191 -50.91 -32.45 -75.60
C LYS J 191 -51.95 -33.33 -74.92
N LYS J 192 -51.69 -33.68 -73.67
CA LYS J 192 -52.63 -34.47 -72.86
C LYS J 192 -53.68 -33.53 -72.30
N VAL J 193 -54.80 -33.43 -73.03
CA VAL J 193 -55.82 -32.44 -72.73
C VAL J 193 -56.57 -32.82 -71.45
N LYS J 194 -56.91 -31.81 -70.66
CA LYS J 194 -57.75 -31.96 -69.49
C LYS J 194 -59.08 -31.26 -69.74
N TYR J 195 -60.18 -31.91 -69.36
CA TYR J 195 -61.52 -31.43 -69.69
C TYR J 195 -62.41 -31.53 -68.45
N ASN J 196 -63.50 -30.76 -68.46
CA ASN J 196 -64.50 -30.81 -67.40
C ASN J 196 -65.85 -30.53 -68.05
N CYS J 197 -66.58 -31.59 -68.39
CA CYS J 197 -67.86 -31.48 -69.10
C CYS J 197 -68.95 -32.05 -68.18
N THR J 198 -69.65 -31.16 -67.48
CA THR J 198 -70.69 -31.56 -66.53
C THR J 198 -72.08 -31.54 -67.16
N CYS J 199 -72.31 -32.43 -68.12
CA CYS J 199 -73.64 -32.68 -68.65
C CYS J 199 -74.21 -34.02 -68.19
N GLY J 200 -73.75 -34.53 -67.05
CA GLY J 200 -74.06 -35.87 -66.63
C GLY J 200 -73.17 -36.94 -67.25
N THR J 201 -72.41 -36.59 -68.27
CA THR J 201 -71.51 -37.52 -68.94
C THR J 201 -70.16 -37.51 -68.22
N GLY J 202 -69.12 -38.02 -68.90
CA GLY J 202 -67.77 -38.10 -68.36
C GLY J 202 -67.30 -36.86 -67.62
N ASN J 203 -66.93 -37.05 -66.36
CA ASN J 203 -66.49 -35.97 -65.49
C ASN J 203 -65.03 -35.63 -65.79
N VAL J 204 -64.41 -34.87 -64.89
CA VAL J 204 -63.02 -34.43 -65.04
C VAL J 204 -62.12 -35.64 -65.30
N GLY J 205 -61.24 -35.51 -66.27
CA GLY J 205 -60.32 -36.57 -66.62
C GLY J 205 -59.30 -36.07 -67.62
N THR J 206 -58.26 -36.87 -67.80
CA THR J 206 -57.18 -36.54 -68.72
C THR J 206 -57.19 -37.54 -69.88
N THR J 207 -57.07 -37.01 -71.09
CA THR J 207 -57.06 -37.83 -72.28
C THR J 207 -55.79 -37.55 -73.08
N ASN J 208 -55.30 -38.58 -73.75
CA ASN J 208 -54.14 -38.47 -74.61
C ASN J 208 -54.46 -38.65 -76.09
N SER J 209 -55.69 -39.02 -76.43
CA SER J 209 -56.11 -39.20 -77.81
C SER J 209 -57.48 -38.54 -78.01
N ASP J 210 -58.03 -38.73 -79.20
CA ASP J 210 -59.30 -38.11 -79.53
C ASP J 210 -60.44 -38.74 -78.73
N MET J 211 -61.54 -37.99 -78.59
CA MET J 211 -62.66 -38.43 -77.79
C MET J 211 -63.90 -37.64 -78.21
N THR J 212 -65.07 -38.20 -77.93
CA THR J 212 -66.35 -37.56 -78.19
C THR J 212 -67.20 -37.63 -76.92
N ILE J 213 -68.16 -36.71 -76.81
CA ILE J 213 -69.06 -36.69 -75.66
C ILE J 213 -70.49 -36.99 -76.04
N ASN J 214 -70.92 -36.68 -77.28
CA ASN J 214 -72.19 -37.10 -77.85
C ASN J 214 -73.40 -36.46 -77.18
N THR J 215 -73.20 -35.58 -76.20
CA THR J 215 -74.32 -35.01 -75.48
C THR J 215 -74.42 -33.49 -75.62
N CYS J 216 -73.36 -32.75 -75.33
CA CYS J 216 -73.41 -31.28 -75.29
C CYS J 216 -72.40 -30.71 -76.27
N LEU J 217 -72.78 -29.58 -76.88
CA LEU J 217 -72.07 -29.11 -78.07
C LEU J 217 -70.79 -28.33 -77.73
N ILE J 218 -70.94 -27.14 -77.16
CA ILE J 218 -69.79 -26.26 -76.96
C ILE J 218 -69.76 -25.73 -75.53
N GLU J 219 -70.91 -25.65 -74.89
CA GLU J 219 -71.03 -24.90 -73.64
C GLU J 219 -70.73 -25.73 -72.41
N GLN J 220 -70.00 -26.83 -72.55
CA GLN J 220 -69.72 -27.62 -71.36
C GLN J 220 -68.26 -28.02 -71.23
N CYS J 221 -67.52 -28.12 -72.34
CA CYS J 221 -66.20 -28.72 -72.32
C CYS J 221 -65.09 -27.66 -72.38
N HIS J 222 -63.85 -28.13 -72.21
CA HIS J 222 -62.68 -27.27 -72.16
C HIS J 222 -61.52 -27.94 -72.88
N VAL J 223 -60.42 -27.20 -72.99
CA VAL J 223 -59.10 -27.73 -73.31
C VAL J 223 -58.10 -27.09 -72.35
N SER J 224 -57.26 -27.92 -71.72
CA SER J 224 -56.25 -27.44 -70.79
C SER J 224 -55.05 -28.37 -70.90
N VAL J 225 -54.06 -27.96 -71.69
CA VAL J 225 -52.84 -28.75 -71.85
C VAL J 225 -52.13 -28.80 -70.49
N THR J 226 -51.93 -30.01 -69.98
CA THR J 226 -51.50 -30.22 -68.60
C THR J 226 -50.24 -31.09 -68.62
N ASP J 227 -49.52 -31.08 -67.49
CA ASP J 227 -48.39 -31.98 -67.25
C ASP J 227 -47.29 -31.80 -68.31
N HIS J 228 -46.69 -30.61 -68.29
CA HIS J 228 -45.60 -30.31 -69.20
C HIS J 228 -44.26 -30.79 -68.62
N LYS J 229 -43.19 -30.53 -69.37
CA LYS J 229 -41.86 -31.04 -69.02
C LYS J 229 -40.82 -29.94 -68.84
N LYS J 230 -41.20 -28.67 -69.00
CA LYS J 230 -40.23 -27.59 -69.01
C LYS J 230 -40.63 -26.49 -68.04
N TRP J 231 -39.64 -26.00 -67.28
CA TRP J 231 -39.81 -24.85 -66.42
C TRP J 231 -40.02 -23.61 -67.28
N GLN J 232 -40.98 -22.75 -66.92
CA GLN J 232 -41.26 -21.61 -67.78
C GLN J 232 -40.66 -20.30 -67.28
N PHE J 233 -41.15 -19.79 -66.16
CA PHE J 233 -40.64 -18.62 -65.46
C PHE J 233 -41.59 -18.35 -64.29
N ASN J 234 -41.10 -17.59 -63.32
CA ASN J 234 -41.95 -17.12 -62.20
C ASN J 234 -42.34 -15.68 -62.50
N SER J 235 -43.31 -15.51 -63.42
CA SER J 235 -43.73 -14.17 -63.81
C SER J 235 -45.03 -13.80 -63.14
N PRO J 236 -45.23 -12.52 -62.81
CA PRO J 236 -46.52 -12.10 -62.22
C PRO J 236 -47.66 -12.07 -63.22
N PHE J 237 -47.42 -12.38 -64.49
CA PHE J 237 -48.46 -12.32 -65.51
C PHE J 237 -49.02 -13.68 -65.88
N VAL J 238 -48.48 -14.76 -65.32
CA VAL J 238 -49.02 -16.10 -65.54
C VAL J 238 -49.14 -16.82 -64.19
N PRO J 239 -50.25 -17.50 -63.92
CA PRO J 239 -50.51 -18.00 -62.57
C PRO J 239 -49.72 -19.25 -62.20
N ARG J 240 -49.94 -19.74 -60.98
CA ARG J 240 -49.27 -20.91 -60.43
C ARG J 240 -50.21 -22.12 -60.48
N ALA J 241 -49.65 -23.28 -60.11
CA ALA J 241 -50.41 -24.52 -60.05
C ALA J 241 -50.77 -24.89 -58.60
N ASP J 242 -49.76 -25.03 -57.74
CA ASP J 242 -49.96 -25.42 -56.35
C ASP J 242 -49.76 -24.20 -55.45
N GLU J 243 -50.20 -24.31 -54.20
CA GLU J 243 -50.02 -23.26 -53.22
C GLU J 243 -49.40 -23.79 -51.92
N PRO J 244 -48.42 -24.71 -52.02
CA PRO J 244 -47.24 -24.60 -51.15
C PRO J 244 -46.11 -23.97 -51.93
N ALA J 245 -46.39 -23.70 -53.21
CA ALA J 245 -45.45 -23.22 -54.22
C ALA J 245 -44.36 -24.24 -54.50
N ARG J 246 -43.82 -24.20 -55.73
CA ARG J 246 -42.75 -25.09 -56.16
C ARG J 246 -41.85 -24.33 -57.12
N LYS J 247 -40.60 -24.06 -56.73
CA LYS J 247 -39.75 -23.18 -57.51
C LYS J 247 -38.39 -23.81 -57.73
N GLY J 248 -37.74 -23.42 -58.82
CA GLY J 248 -36.39 -23.85 -59.12
C GLY J 248 -35.41 -22.71 -59.09
N LYS J 249 -34.25 -22.88 -59.75
CA LYS J 249 -33.23 -21.85 -59.78
C LYS J 249 -32.51 -21.89 -61.12
N VAL J 250 -31.94 -20.76 -61.51
CA VAL J 250 -31.06 -20.68 -62.68
C VAL J 250 -30.28 -19.37 -62.58
N HIS J 251 -29.01 -19.43 -62.97
CA HIS J 251 -28.13 -18.25 -62.88
C HIS J 251 -28.35 -17.32 -64.06
N ILE J 252 -28.25 -16.02 -63.80
CA ILE J 252 -28.31 -15.03 -64.87
C ILE J 252 -26.89 -14.80 -65.38
N PRO J 253 -26.70 -14.48 -66.65
CA PRO J 253 -25.37 -14.15 -67.15
C PRO J 253 -25.02 -12.69 -66.85
N PHE J 254 -23.85 -12.28 -67.32
CA PHE J 254 -23.38 -10.90 -67.28
C PHE J 254 -23.29 -10.36 -65.86
N PRO J 255 -22.30 -10.78 -65.08
CA PRO J 255 -22.09 -10.18 -63.75
C PRO J 255 -21.49 -8.80 -63.85
N LEU J 256 -21.31 -8.17 -62.68
CA LEU J 256 -20.84 -6.79 -62.61
C LEU J 256 -19.37 -6.77 -62.16
N ASP J 257 -18.54 -6.02 -62.89
CA ASP J 257 -17.12 -5.93 -62.60
C ASP J 257 -16.66 -4.50 -62.79
N ASN J 258 -15.42 -4.20 -62.39
CA ASN J 258 -14.98 -2.84 -62.15
C ASN J 258 -14.56 -2.06 -63.40
N ILE J 259 -13.45 -2.48 -64.03
CA ILE J 259 -12.72 -1.78 -65.09
C ILE J 259 -12.51 -0.30 -64.75
N THR J 260 -11.93 0.45 -65.69
CA THR J 260 -11.69 1.87 -65.55
C THR J 260 -12.24 2.63 -66.75
N CYS J 261 -12.54 3.91 -66.54
CA CYS J 261 -13.13 4.77 -67.56
C CYS J 261 -12.27 6.00 -67.78
N ARG J 262 -12.42 6.61 -68.95
CA ARG J 262 -11.63 7.78 -69.34
C ARG J 262 -12.50 9.02 -69.29
N VAL J 263 -11.98 10.10 -68.71
CA VAL J 263 -12.70 11.37 -68.60
C VAL J 263 -11.81 12.51 -69.07
N PRO J 264 -12.36 13.60 -69.57
CA PRO J 264 -11.53 14.72 -70.03
C PRO J 264 -11.19 15.67 -68.88
N MET J 265 -10.22 16.53 -69.15
CA MET J 265 -9.78 17.56 -68.21
C MET J 265 -10.01 18.92 -68.84
N ALA J 266 -10.71 19.80 -68.13
CA ALA J 266 -11.08 21.10 -68.68
C ALA J 266 -9.90 22.05 -68.65
N ARG J 267 -10.02 23.13 -69.43
CA ARG J 267 -8.97 24.13 -69.52
C ARG J 267 -8.81 24.88 -68.20
N GLU J 268 -7.58 25.32 -67.94
CA GLU J 268 -7.31 26.10 -66.76
C GLU J 268 -7.93 27.50 -66.89
N PRO J 269 -8.57 28.00 -65.84
CA PRO J 269 -9.17 29.33 -65.93
C PRO J 269 -8.13 30.43 -65.90
N THR J 270 -8.52 31.60 -66.40
CA THR J 270 -7.65 32.78 -66.39
C THR J 270 -7.75 33.47 -65.04
N VAL J 271 -6.60 33.80 -64.46
CA VAL J 271 -6.53 34.47 -63.17
C VAL J 271 -6.04 35.89 -63.38
N ILE J 272 -6.69 36.84 -62.71
CA ILE J 272 -6.25 38.23 -62.67
C ILE J 272 -6.18 38.65 -61.21
N HIS J 273 -4.99 39.02 -60.76
CA HIS J 273 -4.75 39.27 -59.34
C HIS J 273 -5.31 40.62 -58.91
N GLY J 274 -5.61 40.73 -57.63
CA GLY J 274 -6.11 41.96 -57.05
C GLY J 274 -5.77 42.07 -55.57
N LYS J 275 -6.30 43.09 -54.90
CA LYS J 275 -6.05 43.29 -53.47
C LYS J 275 -6.89 42.30 -52.68
N ARG J 276 -6.27 41.17 -52.34
CA ARG J 276 -6.91 40.09 -51.59
C ARG J 276 -8.18 39.59 -52.31
N GLU J 277 -8.12 39.55 -53.64
CA GLU J 277 -9.20 39.01 -54.44
C GLU J 277 -8.63 38.43 -55.72
N VAL J 278 -9.31 37.41 -56.23
CA VAL J 278 -9.00 36.80 -57.52
C VAL J 278 -10.26 36.81 -58.36
N THR J 279 -10.16 37.30 -59.59
CA THR J 279 -11.27 37.23 -60.53
C THR J 279 -10.95 36.20 -61.59
N LEU J 280 -11.89 35.29 -61.83
CA LEU J 280 -11.67 34.11 -62.65
C LEU J 280 -12.49 34.21 -63.93
N HIS J 281 -11.92 33.76 -65.04
CA HIS J 281 -12.66 33.60 -66.29
C HIS J 281 -12.77 32.11 -66.58
N LEU J 282 -14.00 31.63 -66.70
CA LEU J 282 -14.28 30.21 -66.91
C LEU J 282 -14.84 30.00 -68.30
N HIS J 283 -14.27 29.05 -69.04
CA HIS J 283 -14.66 28.76 -70.41
C HIS J 283 -14.92 27.27 -70.55
N PRO J 284 -16.10 26.79 -70.16
CA PRO J 284 -16.39 25.36 -70.28
C PRO J 284 -17.04 24.99 -71.60
N ASP J 285 -16.78 23.74 -72.02
CA ASP J 285 -17.42 23.15 -73.18
C ASP J 285 -18.66 22.34 -72.82
N HIS J 286 -18.77 21.91 -71.57
CA HIS J 286 -19.89 21.12 -71.09
C HIS J 286 -20.03 21.36 -69.59
N PRO J 287 -21.20 21.10 -69.01
CA PRO J 287 -21.39 21.41 -67.58
C PRO J 287 -20.34 20.80 -66.68
N THR J 288 -19.54 21.64 -66.03
CA THR J 288 -18.51 21.20 -65.09
C THR J 288 -18.79 21.78 -63.71
N LEU J 289 -18.30 21.09 -62.69
CA LEU J 289 -18.55 21.48 -61.31
C LEU J 289 -17.42 22.37 -60.82
N PHE J 290 -17.77 23.51 -60.23
CA PHE J 290 -16.80 24.48 -59.74
C PHE J 290 -17.11 24.77 -58.28
N SER J 291 -16.08 24.69 -57.43
CA SER J 291 -16.25 24.91 -56.01
C SER J 291 -14.95 25.47 -55.42
N TYR J 292 -15.10 26.19 -54.32
CA TYR J 292 -13.95 26.78 -53.63
C TYR J 292 -14.28 26.90 -52.15
N ARG J 293 -13.23 27.08 -51.35
CA ARG J 293 -13.40 27.29 -49.93
C ARG J 293 -12.18 28.04 -49.39
N THR J 294 -12.43 28.89 -48.40
CA THR J 294 -11.35 29.64 -47.74
C THR J 294 -10.84 28.82 -46.57
N LEU J 295 -9.55 28.48 -46.60
CA LEU J 295 -8.97 27.51 -45.68
C LEU J 295 -8.48 28.18 -44.39
N GLY J 296 -9.37 28.99 -43.81
CA GLY J 296 -9.15 29.60 -42.53
C GLY J 296 -9.83 28.86 -41.40
N GLU J 297 -10.07 29.56 -40.30
CA GLU J 297 -10.74 28.95 -39.16
C GLU J 297 -12.21 28.67 -39.47
N ASP J 298 -12.88 29.62 -40.11
CA ASP J 298 -14.28 29.45 -40.51
C ASP J 298 -14.38 29.67 -42.01
N PRO J 299 -14.61 28.61 -42.79
CA PRO J 299 -14.50 28.72 -44.24
C PRO J 299 -15.73 29.38 -44.86
N GLN J 300 -15.61 29.66 -46.16
CA GLN J 300 -16.69 30.22 -46.96
C GLN J 300 -17.06 29.19 -48.03
N TYR J 301 -17.98 28.31 -47.68
CA TYR J 301 -18.41 27.24 -48.58
C TYR J 301 -19.06 27.80 -49.84
N HIS J 302 -18.86 27.11 -50.96
CA HIS J 302 -19.53 27.44 -52.21
C HIS J 302 -19.33 26.30 -53.20
N GLU J 303 -20.36 26.06 -54.01
CA GLU J 303 -20.32 25.03 -55.04
C GLU J 303 -21.38 25.34 -56.09
N GLU J 304 -21.07 25.04 -57.35
CA GLU J 304 -21.91 25.48 -58.44
C GLU J 304 -21.65 24.64 -59.68
N TRP J 305 -22.63 24.61 -60.58
CA TRP J 305 -22.59 23.85 -61.83
C TRP J 305 -22.50 24.86 -62.98
N VAL J 306 -21.28 25.23 -63.34
CA VAL J 306 -21.07 26.16 -64.44
C VAL J 306 -21.43 25.50 -65.76
N THR J 307 -22.20 26.18 -66.59
CA THR J 307 -22.64 25.64 -67.86
C THR J 307 -22.34 26.54 -69.06
N ALA J 308 -22.08 27.82 -68.82
CA ALA J 308 -21.77 28.77 -69.88
C ALA J 308 -20.59 29.65 -69.45
N ALA J 309 -20.08 30.42 -70.40
CA ALA J 309 -18.97 31.32 -70.11
C ALA J 309 -19.38 32.36 -69.08
N VAL J 310 -18.70 32.35 -67.93
CA VAL J 310 -19.02 33.22 -66.81
C VAL J 310 -17.74 33.88 -66.31
N GLU J 311 -17.86 34.63 -65.23
CA GLU J 311 -16.74 35.31 -64.61
C GLU J 311 -17.05 35.48 -63.12
N ARG J 312 -16.13 35.04 -62.27
CA ARG J 312 -16.38 35.03 -60.83
C ARG J 312 -15.22 35.67 -60.09
N THR J 313 -15.53 36.21 -58.91
CA THR J 313 -14.54 36.81 -58.02
C THR J 313 -14.56 36.04 -56.70
N ILE J 314 -13.38 35.80 -56.15
CA ILE J 314 -13.25 34.99 -54.94
C ILE J 314 -12.30 35.69 -53.97
N PRO J 315 -12.57 35.65 -52.66
CA PRO J 315 -11.67 36.29 -51.71
C PRO J 315 -10.51 35.39 -51.32
N VAL J 316 -9.34 35.99 -51.17
CA VAL J 316 -8.13 35.26 -50.78
C VAL J 316 -7.47 35.95 -49.60
N PRO J 317 -7.92 35.70 -48.37
CA PRO J 317 -7.29 36.32 -47.20
C PRO J 317 -5.87 35.82 -46.97
N VAL J 318 -5.21 36.29 -45.92
CA VAL J 318 -3.85 35.87 -45.65
C VAL J 318 -3.78 34.38 -45.31
N ASP J 319 -4.92 33.76 -44.97
CA ASP J 319 -4.95 32.33 -44.71
C ASP J 319 -4.83 31.51 -45.99
N GLY J 320 -5.39 32.00 -47.09
CA GLY J 320 -5.36 31.27 -48.35
C GLY J 320 -6.64 30.53 -48.63
N MET J 321 -6.74 30.02 -49.86
CA MET J 321 -7.93 29.28 -50.27
C MET J 321 -7.58 28.36 -51.42
N GLU J 322 -8.47 27.42 -51.71
CA GLU J 322 -8.32 26.47 -52.78
C GLU J 322 -9.60 26.39 -53.60
N TYR J 323 -9.45 26.11 -54.90
CA TYR J 323 -10.60 25.96 -55.79
C TYR J 323 -10.39 24.74 -56.66
N HIS J 324 -11.50 24.08 -57.02
CA HIS J 324 -11.49 22.85 -57.78
C HIS J 324 -12.30 23.06 -59.05
N TRP J 325 -11.63 23.04 -60.20
CA TRP J 325 -12.28 23.35 -61.47
C TRP J 325 -12.30 22.10 -62.34
N GLY J 326 -13.46 21.48 -62.45
CA GLY J 326 -13.56 20.30 -63.31
C GLY J 326 -12.88 19.11 -62.68
N ASN J 327 -12.12 18.38 -63.50
CA ASN J 327 -11.40 17.19 -63.06
C ASN J 327 -9.99 17.51 -62.57
N ASN J 328 -9.53 18.75 -62.71
CA ASN J 328 -8.17 19.08 -62.34
C ASN J 328 -7.97 19.00 -60.84
N ASP J 329 -6.70 18.97 -60.43
CA ASP J 329 -6.38 18.97 -59.02
C ASP J 329 -6.65 20.35 -58.42
N PRO J 330 -6.96 20.42 -57.12
CA PRO J 330 -7.19 21.73 -56.50
C PRO J 330 -5.93 22.58 -56.50
N VAL J 331 -6.12 23.89 -56.63
CA VAL J 331 -5.02 24.85 -56.64
C VAL J 331 -5.21 25.80 -55.47
N ARG J 332 -4.14 26.00 -54.71
CA ARG J 332 -4.17 26.84 -53.52
C ARG J 332 -3.46 28.16 -53.79
N LEU J 333 -4.03 29.25 -53.31
CA LEU J 333 -3.47 30.58 -53.50
C LEU J 333 -3.44 31.31 -52.16
N TRP J 334 -2.33 31.99 -51.89
CA TRP J 334 -2.14 32.73 -50.64
C TRP J 334 -1.91 34.20 -50.94
N SER J 335 -2.47 35.06 -50.10
CA SER J 335 -2.28 36.50 -50.25
C SER J 335 -0.95 36.91 -49.63
N GLN J 336 -0.59 38.17 -49.86
CA GLN J 336 0.68 38.72 -49.39
C GLN J 336 0.43 40.04 -48.69
N LEU J 337 1.27 40.34 -47.70
CA LEU J 337 1.12 41.56 -46.89
C LEU J 337 1.59 42.75 -47.71
N THR J 338 0.70 43.25 -48.56
CA THR J 338 0.96 44.41 -49.38
C THR J 338 -0.06 45.49 -49.09
N THR J 339 0.35 46.74 -49.27
CA THR J 339 -0.50 47.90 -49.00
C THR J 339 -0.10 49.03 -49.95
N GLU J 340 -0.61 50.23 -49.68
CA GLU J 340 -0.40 51.37 -50.54
C GLU J 340 0.31 52.54 -49.88
N GLY J 341 0.45 52.54 -48.56
CA GLY J 341 1.10 53.63 -47.88
C GLY J 341 2.61 53.60 -48.06
N LYS J 342 3.29 54.37 -47.22
CA LYS J 342 4.75 54.44 -47.22
C LYS J 342 5.27 54.43 -45.80
N PRO J 343 5.87 53.33 -45.34
CA PRO J 343 6.49 53.33 -44.02
C PRO J 343 7.80 54.10 -44.02
N HIS J 344 8.28 54.42 -42.83
CA HIS J 344 9.53 55.17 -42.65
C HIS J 344 9.47 56.52 -43.37
N GLY J 345 8.31 57.16 -43.31
CA GLY J 345 8.10 58.45 -43.91
C GLY J 345 7.55 59.45 -42.91
N TRP J 346 6.83 60.43 -43.42
CA TRP J 346 6.23 61.44 -42.58
C TRP J 346 5.13 60.83 -41.72
N PRO J 347 4.79 61.48 -40.59
CA PRO J 347 3.76 60.93 -39.71
C PRO J 347 2.42 60.69 -40.40
N HIS J 348 2.12 61.40 -41.48
CA HIS J 348 0.86 61.18 -42.19
C HIS J 348 0.98 60.09 -43.25
N GLN J 349 2.15 59.48 -43.41
CA GLN J 349 2.33 58.34 -44.31
C GLN J 349 2.42 57.00 -43.59
N ILE J 350 2.91 56.99 -42.35
CA ILE J 350 2.95 55.74 -41.59
C ILE J 350 1.54 55.30 -41.25
N VAL J 351 0.64 56.24 -40.97
CA VAL J 351 -0.75 55.89 -40.70
C VAL J 351 -1.38 55.26 -41.93
N GLN J 352 -1.04 55.77 -43.12
CA GLN J 352 -1.55 55.17 -44.35
C GLN J 352 -1.05 53.74 -44.53
N TYR J 353 0.24 53.51 -44.24
CA TYR J 353 0.80 52.17 -44.39
C TYR J 353 0.08 51.17 -43.49
N TYR J 354 -0.11 51.54 -42.22
CA TYR J 354 -0.84 50.67 -41.30
C TYR J 354 -2.35 50.80 -41.44
N TYR J 355 -2.84 51.42 -42.50
CA TYR J 355 -4.28 51.46 -42.75
C TYR J 355 -4.71 50.43 -43.80
N GLY J 356 -3.93 50.27 -44.87
CA GLY J 356 -4.20 49.18 -45.80
C GLY J 356 -4.16 47.84 -45.12
N LEU J 357 -3.19 47.64 -44.23
CA LEU J 357 -3.18 46.49 -43.34
C LEU J 357 -4.01 46.81 -42.10
N TYR J 358 -4.98 45.95 -41.82
CA TYR J 358 -5.80 46.07 -40.62
C TYR J 358 -6.58 47.39 -40.58
N PRO J 359 -7.54 47.60 -41.50
CA PRO J 359 -8.23 48.89 -41.53
C PRO J 359 -9.35 49.00 -40.51
N ALA J 360 -9.11 48.51 -39.30
CA ALA J 360 -10.08 48.66 -38.21
C ALA J 360 -9.47 49.04 -36.88
N ALA J 361 -8.18 48.77 -36.65
CA ALA J 361 -7.53 49.09 -35.39
C ALA J 361 -6.67 50.34 -35.46
N THR J 362 -6.19 50.70 -36.65
CA THR J 362 -5.38 51.90 -36.79
C THR J 362 -6.17 53.15 -36.40
N VAL J 363 -7.42 53.23 -36.85
CA VAL J 363 -8.26 54.38 -36.52
C VAL J 363 -8.48 54.45 -35.01
N SER J 364 -8.80 53.31 -34.39
CA SER J 364 -9.01 53.29 -32.95
C SER J 364 -7.77 53.72 -32.18
N ALA J 365 -6.60 53.21 -32.59
CA ALA J 365 -5.36 53.57 -31.90
C ALA J 365 -5.06 55.06 -32.06
N VAL J 366 -5.26 55.60 -33.27
CA VAL J 366 -4.99 57.01 -33.50
C VAL J 366 -5.92 57.88 -32.66
N VAL J 367 -7.21 57.53 -32.63
CA VAL J 367 -8.17 58.30 -31.84
C VAL J 367 -7.80 58.25 -30.36
N GLY J 368 -7.44 57.06 -29.86
CA GLY J 368 -7.06 56.95 -28.47
C GLY J 368 -5.84 57.78 -28.12
N MET J 369 -4.80 57.71 -28.96
CA MET J 369 -3.58 58.47 -28.71
C MET J 369 -3.87 59.98 -28.72
N SER J 370 -4.64 60.44 -29.70
CA SER J 370 -4.98 61.86 -29.77
C SER J 370 -5.79 62.29 -28.55
N LEU J 371 -6.74 61.45 -28.12
CA LEU J 371 -7.56 61.79 -26.96
C LEU J 371 -6.71 61.89 -25.69
N LEU J 372 -5.80 60.95 -25.49
CA LEU J 372 -4.91 61.02 -24.33
C LEU J 372 -4.02 62.26 -24.38
N ALA J 373 -3.50 62.59 -25.56
CA ALA J 373 -2.67 63.79 -25.67
C ALA J 373 -3.46 65.04 -25.33
N LEU J 374 -4.69 65.14 -25.83
CA LEU J 374 -5.52 66.30 -25.54
C LEU J 374 -5.85 66.39 -24.05
N ILE J 375 -6.17 65.26 -23.43
CA ILE J 375 -6.48 65.26 -22.01
C ILE J 375 -5.27 65.72 -21.20
N SER J 376 -4.08 65.21 -21.54
CA SER J 376 -2.89 65.60 -20.81
C SER J 376 -2.60 67.09 -20.97
N ILE J 377 -2.74 67.62 -22.18
CA ILE J 377 -2.42 69.03 -22.39
C ILE J 377 -3.44 69.93 -21.68
N PHE J 378 -4.72 69.53 -21.68
CA PHE J 378 -5.72 70.31 -20.96
C PHE J 378 -5.46 70.28 -19.46
N ALA J 379 -5.08 69.11 -18.92
CA ALA J 379 -4.78 69.02 -17.50
C ALA J 379 -3.60 69.92 -17.13
N SER J 380 -2.54 69.89 -17.94
CA SER J 380 -1.38 70.73 -17.65
C SER J 380 -1.73 72.21 -17.71
N CYS J 381 -2.47 72.62 -18.73
CA CYS J 381 -2.84 74.04 -18.84
C CYS J 381 -3.72 74.49 -17.68
N TYR J 382 -4.70 73.65 -17.32
CA TYR J 382 -5.57 74.00 -16.20
C TYR J 382 -4.79 74.09 -14.90
N MET J 383 -3.85 73.18 -14.68
CA MET J 383 -3.03 73.23 -13.48
C MET J 383 -2.17 74.48 -13.44
N LEU J 384 -1.61 74.88 -14.58
CA LEU J 384 -0.82 76.10 -14.62
C LEU J 384 -1.67 77.33 -14.30
N VAL J 385 -2.88 77.39 -14.87
CA VAL J 385 -3.78 78.51 -14.60
C VAL J 385 -4.16 78.54 -13.13
N ALA J 386 -4.46 77.37 -12.55
CA ALA J 386 -4.80 77.32 -11.13
C ALA J 386 -3.63 77.75 -10.27
N ALA J 387 -2.41 77.38 -10.65
CA ALA J 387 -1.23 77.81 -9.89
C ALA J 387 -1.08 79.32 -9.94
N ARG J 388 -1.27 79.92 -11.11
CA ARG J 388 -1.19 81.38 -11.19
C ARG J 388 -2.26 82.04 -10.34
N SER J 389 -3.50 81.53 -10.40
CA SER J 389 -4.57 82.12 -9.61
C SER J 389 -4.31 81.99 -8.12
N LYS J 390 -3.80 80.83 -7.69
CA LYS J 390 -3.50 80.63 -6.28
C LYS J 390 -2.36 81.54 -5.81
N CYS J 391 -1.36 81.75 -6.67
CA CYS J 391 -0.24 82.62 -6.31
C CYS J 391 -0.62 84.08 -6.32
N LEU J 392 -1.61 84.48 -7.10
CA LEU J 392 -1.91 85.91 -7.26
C LEU J 392 -2.97 86.44 -6.29
N THR J 393 -4.02 85.68 -6.02
CA THR J 393 -5.18 86.27 -5.36
C THR J 393 -4.88 86.69 -3.91
N PRO J 394 -3.80 86.24 -3.28
CA PRO J 394 -3.33 86.94 -2.09
C PRO J 394 -3.17 88.42 -2.29
N TYR J 395 -2.66 88.84 -3.44
CA TYR J 395 -2.35 90.25 -3.69
C TYR J 395 -3.57 91.08 -4.04
N ALA J 396 -4.69 90.44 -4.38
CA ALA J 396 -5.89 91.16 -4.75
C ALA J 396 -6.78 91.48 -3.55
N LEU J 397 -6.37 91.10 -2.35
CA LEU J 397 -7.10 91.41 -1.13
C LEU J 397 -6.41 92.47 -0.29
N THR J 398 -5.40 93.16 -0.83
CA THR J 398 -4.72 94.25 -0.16
C THR J 398 -4.75 95.48 -1.05
N PRO J 399 -4.77 96.69 -0.45
CA PRO J 399 -4.60 97.93 -1.22
C PRO J 399 -3.13 98.22 -1.53
N GLY J 400 -2.42 97.21 -2.02
CA GLY J 400 -1.00 97.29 -2.24
C GLY J 400 -0.61 97.12 -3.70
N ALA J 401 0.70 97.07 -3.92
CA ALA J 401 1.28 96.97 -5.25
C ALA J 401 1.34 95.51 -5.69
N ALA J 402 1.78 95.30 -6.94
CA ALA J 402 1.81 93.98 -7.53
C ALA J 402 3.22 93.42 -7.71
N VAL J 403 4.25 94.14 -7.27
CA VAL J 403 5.64 93.69 -7.38
C VAL J 403 5.96 93.46 -8.85
N PRO J 404 6.17 94.53 -9.64
CA PRO J 404 6.31 94.39 -11.10
C PRO J 404 7.19 93.23 -11.57
N TRP J 405 8.16 92.78 -10.77
CA TRP J 405 8.92 91.59 -11.14
C TRP J 405 7.99 90.39 -11.28
N THR J 406 7.06 90.21 -10.34
CA THR J 406 6.05 89.17 -10.47
C THR J 406 5.02 89.50 -11.54
N LEU J 407 4.77 90.79 -11.80
CA LEU J 407 3.85 91.17 -12.86
C LEU J 407 4.35 90.72 -14.23
N GLY J 408 5.65 90.89 -14.48
CA GLY J 408 6.20 90.50 -15.77
C GLY J 408 6.15 89.00 -15.99
N ILE J 409 6.55 88.22 -14.98
CA ILE J 409 6.60 86.77 -15.14
C ILE J 409 5.20 86.19 -15.25
N LEU J 410 4.30 86.58 -14.34
CA LEU J 410 2.93 86.10 -14.34
C LEU J 410 2.03 87.20 -14.88
N CYS J 411 1.50 86.99 -16.09
CA CYS J 411 0.63 87.97 -16.72
C CYS J 411 -0.73 87.96 -16.03
N CYS J 412 -1.08 89.07 -15.38
CA CYS J 412 -2.34 89.19 -14.67
C CYS J 412 -3.30 90.09 -15.43
N ALA J 413 -4.57 90.05 -15.02
CA ALA J 413 -5.58 90.87 -15.68
C ALA J 413 -5.29 92.36 -15.58
N PRO J 414 -4.92 92.93 -14.41
CA PRO J 414 -4.54 94.35 -14.40
C PRO J 414 -3.19 94.58 -15.05
N ARG J 415 -3.21 95.13 -16.27
CA ARG J 415 -1.95 95.35 -16.98
C ARG J 415 -1.19 96.54 -16.41
N ALA J 416 -1.89 97.62 -16.11
CA ALA J 416 -1.26 98.82 -15.57
C ALA J 416 -1.97 99.42 -14.37
N HIS J 417 -3.26 99.13 -14.16
CA HIS J 417 -4.00 99.67 -13.03
C HIS J 417 -3.73 98.80 -11.82
N ALA J 418 -2.90 99.30 -10.90
CA ALA J 418 -2.52 98.58 -9.68
C ALA J 418 -1.88 97.23 -9.99
N MET K 1 -29.31 -72.04 16.31
CA MET K 1 -30.23 -70.91 16.31
C MET K 1 -30.50 -70.43 14.90
N CYS K 2 -29.69 -70.89 13.95
CA CYS K 2 -29.82 -70.47 12.56
C CYS K 2 -31.07 -71.09 11.94
N VAL K 3 -31.53 -70.45 10.86
CA VAL K 3 -32.76 -70.85 10.18
C VAL K 3 -32.48 -71.02 8.69
N LEU K 4 -33.10 -72.04 8.10
CA LEU K 4 -33.06 -72.27 6.66
C LEU K 4 -34.49 -72.54 6.21
N ALA K 5 -35.11 -71.55 5.55
CA ALA K 5 -36.50 -71.64 5.15
C ALA K 5 -37.39 -71.90 6.34
N ASN K 6 -37.61 -73.17 6.68
CA ASN K 6 -38.40 -73.56 7.84
C ASN K 6 -37.73 -74.71 8.58
N ALA K 7 -36.42 -74.63 8.76
CA ALA K 7 -35.66 -75.69 9.42
C ALA K 7 -35.41 -75.42 10.90
N THR K 8 -34.82 -74.26 11.21
CA THR K 8 -34.50 -73.87 12.59
C THR K 8 -33.60 -74.90 13.26
N PHE K 9 -32.39 -75.05 12.70
CA PHE K 9 -31.35 -75.96 13.15
C PHE K 9 -30.27 -75.20 13.91
N PRO K 10 -29.58 -75.86 14.85
CA PRO K 10 -28.48 -75.20 15.55
C PRO K 10 -27.37 -74.79 14.58
N CYS K 11 -26.80 -73.62 14.83
CA CYS K 11 -25.78 -73.08 13.91
C CYS K 11 -24.51 -73.92 13.93
N PHE K 12 -24.28 -74.69 15.00
CA PHE K 12 -23.07 -75.49 15.07
C PHE K 12 -23.11 -76.67 14.12
N GLN K 13 -24.31 -77.16 13.79
CA GLN K 13 -24.47 -78.35 12.94
C GLN K 13 -25.42 -78.01 11.79
N PRO K 14 -24.90 -77.48 10.69
CA PRO K 14 -25.73 -77.25 9.51
C PRO K 14 -26.14 -78.56 8.88
N PRO K 15 -27.28 -78.59 8.17
CA PRO K 15 -27.75 -79.86 7.60
C PRO K 15 -26.97 -80.30 6.36
N CYS K 16 -26.06 -79.48 5.84
CA CYS K 16 -25.33 -79.81 4.62
C CYS K 16 -23.99 -80.49 4.90
N VAL K 17 -23.70 -80.80 6.17
CA VAL K 17 -22.41 -81.42 6.51
C VAL K 17 -22.29 -82.77 5.83
N PRO K 18 -21.14 -83.09 5.20
CA PRO K 18 -19.96 -82.23 5.06
C PRO K 18 -19.80 -81.63 3.67
N CYS K 19 -18.77 -80.79 3.51
CA CYS K 19 -18.44 -80.15 2.24
C CYS K 19 -19.66 -79.43 1.65
N CYS K 20 -20.16 -78.46 2.42
CA CYS K 20 -21.32 -77.69 1.98
C CYS K 20 -21.00 -76.90 0.72
N TYR K 21 -19.82 -76.28 0.65
CA TYR K 21 -19.47 -75.47 -0.50
C TYR K 21 -19.19 -76.33 -1.73
N GLU K 22 -18.48 -77.44 -1.56
CA GLU K 22 -18.11 -78.26 -2.69
C GLU K 22 -19.33 -78.89 -3.37
N ASN K 23 -20.29 -79.37 -2.58
CA ASN K 23 -21.47 -80.01 -3.15
C ASN K 23 -22.34 -79.00 -3.88
N ASN K 24 -22.63 -77.87 -3.23
CA ASN K 24 -23.46 -76.83 -3.85
C ASN K 24 -22.95 -75.48 -3.35
N ALA K 25 -22.13 -74.82 -4.18
CA ALA K 25 -21.54 -73.55 -3.77
C ALA K 25 -22.60 -72.46 -3.66
N GLU K 26 -23.47 -72.34 -4.67
CA GLU K 26 -24.46 -71.27 -4.68
C GLU K 26 -25.44 -71.43 -3.53
N ALA K 27 -25.88 -72.66 -3.25
CA ALA K 27 -26.79 -72.88 -2.14
C ALA K 27 -26.14 -72.52 -0.81
N THR K 28 -24.87 -72.91 -0.63
CA THR K 28 -24.17 -72.59 0.61
C THR K 28 -24.02 -71.08 0.79
N LEU K 29 -23.68 -70.37 -0.29
CA LEU K 29 -23.56 -68.91 -0.21
C LEU K 29 -24.92 -68.27 0.06
N ARG K 30 -25.99 -68.85 -0.48
CA ARG K 30 -27.34 -68.39 -0.18
C ARG K 30 -27.70 -68.59 1.29
N MET K 31 -27.29 -69.71 1.89
CA MET K 31 -27.63 -69.98 3.28
C MET K 31 -27.06 -68.94 4.23
N LEU K 32 -25.81 -68.50 3.98
CA LEU K 32 -25.17 -67.56 4.88
C LEU K 32 -25.78 -66.17 4.83
N GLU K 33 -26.24 -65.72 3.66
CA GLU K 33 -26.77 -64.37 3.50
C GLU K 33 -28.10 -64.17 4.21
N ASP K 34 -28.75 -65.22 4.67
CA ASP K 34 -29.98 -65.12 5.44
C ASP K 34 -29.74 -65.19 6.94
N ASN K 35 -28.49 -65.25 7.38
CA ASN K 35 -28.15 -65.37 8.80
C ASN K 35 -27.14 -64.32 9.25
N VAL K 36 -26.97 -63.24 8.49
CA VAL K 36 -25.97 -62.23 8.85
C VAL K 36 -26.32 -61.55 10.16
N ASP K 37 -27.61 -61.36 10.42
CA ASP K 37 -28.06 -60.69 11.62
C ASP K 37 -28.10 -61.62 12.84
N ARG K 38 -27.94 -62.92 12.65
CA ARG K 38 -28.01 -63.86 13.76
C ARG K 38 -26.73 -63.78 14.60
N PRO K 39 -26.85 -63.77 15.94
CA PRO K 39 -25.64 -63.74 16.78
C PRO K 39 -24.66 -64.87 16.50
N GLY K 40 -25.15 -66.06 16.20
CA GLY K 40 -24.27 -67.20 15.97
C GLY K 40 -23.92 -67.40 14.51
N TYR K 41 -23.73 -66.31 13.78
CA TYR K 41 -23.41 -66.41 12.36
C TYR K 41 -22.05 -67.05 12.13
N TYR K 42 -21.04 -66.64 12.88
CA TYR K 42 -19.68 -67.05 12.58
C TYR K 42 -19.44 -68.53 12.84
N ASP K 43 -20.22 -69.13 13.75
CA ASP K 43 -20.15 -70.59 13.90
C ASP K 43 -20.64 -71.29 12.64
N LEU K 44 -21.71 -70.78 12.03
CA LEU K 44 -22.20 -71.35 10.78
C LEU K 44 -21.18 -71.17 9.65
N LEU K 45 -20.52 -70.01 9.61
CA LEU K 45 -19.53 -69.76 8.56
C LEU K 45 -18.36 -70.72 8.68
N GLN K 46 -17.97 -71.09 9.90
CA GLN K 46 -16.87 -72.02 10.09
C GLN K 46 -17.22 -73.41 9.55
N ALA K 47 -18.40 -73.91 9.90
CA ALA K 47 -18.78 -75.26 9.50
C ALA K 47 -19.05 -75.35 8.00
N ALA K 48 -19.61 -74.27 7.43
CA ALA K 48 -20.02 -74.32 6.03
C ALA K 48 -18.85 -74.52 5.09
N LEU K 49 -17.71 -73.91 5.37
CA LEU K 49 -16.55 -73.93 4.49
C LEU K 49 -15.40 -74.70 5.10
N THR K 50 -15.68 -75.82 5.76
CA THR K 50 -14.66 -76.64 6.38
C THR K 50 -14.99 -78.12 6.17
N CYS K 51 -14.17 -78.80 5.36
CA CYS K 51 -14.29 -80.24 5.19
C CYS K 51 -12.98 -80.75 4.60
N ARG K 52 -12.59 -81.95 4.99
CA ARG K 52 -11.31 -82.52 4.55
C ARG K 52 -11.52 -83.63 3.53
N MET L 1 65.44 -49.67 16.97
CA MET L 1 65.51 -49.31 18.38
C MET L 1 64.38 -49.97 19.16
N CYS L 2 63.75 -50.97 18.54
CA CYS L 2 62.66 -51.69 19.18
C CYS L 2 63.21 -52.71 20.17
N VAL L 3 62.32 -53.23 21.02
CA VAL L 3 62.70 -54.16 22.07
C VAL L 3 61.80 -55.39 22.01
N LEU L 4 62.39 -56.56 22.22
CA LEU L 4 61.66 -57.83 22.32
C LEU L 4 62.15 -58.53 23.58
N ALA L 5 61.38 -58.39 24.66
CA ALA L 5 61.74 -58.94 25.97
C ALA L 5 63.09 -58.41 26.41
N ASN L 6 64.17 -59.01 25.94
CA ASN L 6 65.53 -58.58 26.26
C ASN L 6 66.40 -58.61 25.02
N ALA L 7 65.89 -58.11 23.90
CA ALA L 7 66.60 -58.15 22.63
C ALA L 7 67.28 -56.82 22.31
N THR L 8 66.51 -55.73 22.28
CA THR L 8 67.01 -54.40 21.92
C THR L 8 67.68 -54.44 20.55
N PHE L 9 66.85 -54.72 19.54
CA PHE L 9 67.28 -54.85 18.16
C PHE L 9 66.78 -53.67 17.34
N PRO L 10 67.49 -53.30 16.26
CA PRO L 10 67.00 -52.22 15.39
C PRO L 10 65.67 -52.58 14.77
N CYS L 11 64.76 -51.60 14.71
CA CYS L 11 63.41 -51.84 14.23
C CYS L 11 63.38 -52.19 12.74
N PHE L 12 64.42 -51.82 11.98
CA PHE L 12 64.43 -52.10 10.56
C PHE L 12 64.76 -53.55 10.24
N GLN L 13 65.37 -54.28 11.18
CA GLN L 13 65.75 -55.68 10.97
C GLN L 13 65.29 -56.52 12.15
N PRO L 14 64.00 -56.89 12.18
CA PRO L 14 63.52 -57.75 13.26
C PRO L 14 64.16 -59.13 13.17
N PRO L 15 64.32 -59.81 14.31
CA PRO L 15 64.97 -61.13 14.29
C PRO L 15 64.11 -62.24 13.69
N CYS L 16 62.83 -61.98 13.41
CA CYS L 16 61.94 -62.99 12.85
C CYS L 16 61.96 -63.03 11.33
N VAL L 17 62.81 -62.22 10.69
CA VAL L 17 62.88 -62.20 9.22
C VAL L 17 63.33 -63.57 8.72
N PRO L 18 62.67 -64.15 7.70
CA PRO L 18 61.50 -63.60 7.03
C PRO L 18 60.17 -64.24 7.45
N CYS L 19 59.07 -63.68 6.97
CA CYS L 19 57.73 -64.20 7.22
C CYS L 19 57.45 -64.31 8.73
N CYS L 20 57.47 -63.15 9.39
CA CYS L 20 57.21 -63.13 10.83
C CYS L 20 55.80 -63.58 11.15
N TYR L 21 54.81 -63.10 10.40
CA TYR L 21 53.43 -63.47 10.66
C TYR L 21 53.15 -64.90 10.23
N GLU L 22 53.70 -65.33 9.11
CA GLU L 22 53.43 -66.67 8.59
C GLU L 22 53.97 -67.74 9.52
N ASN L 23 55.18 -67.54 10.06
CA ASN L 23 55.78 -68.55 10.91
C ASN L 23 55.06 -68.67 12.25
N ASN L 24 54.75 -67.54 12.88
CA ASN L 24 54.06 -67.54 14.16
C ASN L 24 53.25 -66.24 14.24
N ALA L 25 51.95 -66.35 14.00
CA ALA L 25 51.10 -65.16 13.96
C ALA L 25 50.97 -64.51 15.33
N GLU L 26 50.64 -65.32 16.35
CA GLU L 26 50.38 -64.77 17.67
C GLU L 26 51.61 -64.09 18.25
N ALA L 27 52.78 -64.72 18.09
CA ALA L 27 54.01 -64.12 18.60
C ALA L 27 54.30 -62.79 17.93
N THR L 28 54.11 -62.72 16.61
CA THR L 28 54.34 -61.47 15.88
C THR L 28 53.39 -60.39 16.35
N LEU L 29 52.11 -60.72 16.51
CA LEU L 29 51.14 -59.72 16.98
C LEU L 29 51.48 -59.26 18.39
N ARG L 30 51.87 -60.17 19.27
CA ARG L 30 52.24 -59.81 20.63
C ARG L 30 53.46 -58.89 20.64
N MET L 31 54.44 -59.18 19.78
CA MET L 31 55.60 -58.31 19.66
C MET L 31 55.20 -56.92 19.18
N LEU L 32 54.32 -56.85 18.19
CA LEU L 32 53.89 -55.56 17.66
C LEU L 32 53.15 -54.75 18.71
N GLU L 33 52.32 -55.41 19.52
CA GLU L 33 51.50 -54.69 20.49
C GLU L 33 52.34 -54.03 21.57
N ASP L 34 53.53 -54.57 21.86
CA ASP L 34 54.33 -54.03 22.95
C ASP L 34 55.03 -52.73 22.55
N ASN L 35 55.46 -52.62 21.29
CA ASN L 35 56.29 -51.50 20.85
C ASN L 35 55.50 -50.39 20.18
N VAL L 36 54.23 -50.20 20.54
CA VAL L 36 53.43 -49.16 19.91
C VAL L 36 53.94 -47.78 20.29
N ASP L 37 54.39 -47.60 21.53
CA ASP L 37 54.85 -46.31 22.00
C ASP L 37 56.19 -45.91 21.39
N ARG L 38 56.93 -46.84 20.80
CA ARG L 38 58.21 -46.50 20.21
C ARG L 38 58.02 -45.74 18.90
N PRO L 39 58.86 -44.75 18.62
CA PRO L 39 58.75 -44.03 17.35
C PRO L 39 59.04 -44.89 16.13
N GLY L 40 59.75 -46.01 16.30
CA GLY L 40 60.08 -46.86 15.17
C GLY L 40 59.12 -48.01 14.99
N TYR L 41 57.91 -47.89 15.56
CA TYR L 41 56.93 -48.97 15.47
C TYR L 41 56.53 -49.22 14.03
N TYR L 42 56.31 -48.16 13.25
CA TYR L 42 55.85 -48.32 11.88
C TYR L 42 56.89 -49.06 11.04
N ASP L 43 58.17 -48.80 11.27
CA ASP L 43 59.20 -49.57 10.59
C ASP L 43 59.15 -51.04 10.98
N LEU L 44 58.87 -51.32 12.26
CA LEU L 44 58.70 -52.71 12.69
C LEU L 44 57.50 -53.35 12.02
N LEU L 45 56.39 -52.62 11.94
CA LEU L 45 55.19 -53.17 11.29
C LEU L 45 55.41 -53.40 9.81
N GLN L 46 56.26 -52.58 9.17
CA GLN L 46 56.56 -52.72 7.76
C GLN L 46 57.24 -54.06 7.47
N ALA L 47 58.29 -54.37 8.24
CA ALA L 47 59.06 -55.58 7.98
C ALA L 47 58.32 -56.82 8.45
N ALA L 48 57.58 -56.70 9.56
CA ALA L 48 56.97 -57.87 10.17
C ALA L 48 55.91 -58.51 9.28
N LEU L 49 55.28 -57.73 8.40
CA LEU L 49 54.18 -58.22 7.58
C LEU L 49 54.53 -58.19 6.10
N THR L 50 55.78 -58.48 5.75
CA THR L 50 56.19 -58.56 4.35
C THR L 50 57.16 -59.71 4.17
N CYS L 51 56.83 -60.60 3.22
CA CYS L 51 57.73 -61.67 2.79
C CYS L 51 57.16 -62.31 1.53
N ARG L 52 57.99 -62.46 0.51
CA ARG L 52 57.53 -62.99 -0.77
C ARG L 52 57.84 -64.48 -0.90
N MET M 1 -25.51 -34.08 -50.18
CA MET M 1 -26.38 -34.37 -49.05
C MET M 1 -27.84 -34.14 -49.41
N CYS M 2 -28.17 -34.36 -50.68
CA CYS M 2 -29.52 -34.16 -51.16
C CYS M 2 -30.45 -35.26 -50.64
N VAL M 3 -31.75 -35.01 -50.74
CA VAL M 3 -32.77 -35.93 -50.24
C VAL M 3 -33.77 -36.20 -51.34
N LEU M 4 -34.04 -37.47 -51.60
CA LEU M 4 -35.08 -37.90 -52.54
C LEU M 4 -35.98 -38.88 -51.79
N ALA M 5 -37.16 -38.40 -51.38
CA ALA M 5 -38.12 -39.21 -50.63
C ALA M 5 -37.50 -39.76 -49.36
N ASN M 6 -36.83 -40.91 -49.46
CA ASN M 6 -36.20 -41.56 -48.32
C ASN M 6 -34.81 -42.08 -48.70
N ALA M 7 -34.06 -41.29 -49.45
CA ALA M 7 -32.74 -41.71 -49.94
C ALA M 7 -31.61 -41.13 -49.11
N THR M 8 -31.56 -39.80 -48.98
CA THR M 8 -30.49 -39.09 -48.27
C THR M 8 -29.13 -39.48 -48.82
N PHE M 9 -28.91 -39.12 -50.09
CA PHE M 9 -27.71 -39.43 -50.83
C PHE M 9 -26.85 -38.18 -51.05
N PRO M 10 -25.54 -38.33 -51.21
CA PRO M 10 -24.71 -37.17 -51.53
C PRO M 10 -25.13 -36.54 -52.85
N CYS M 11 -25.13 -35.20 -52.88
CA CYS M 11 -25.58 -34.49 -54.08
C CYS M 11 -24.64 -34.69 -55.25
N PHE M 12 -23.35 -34.94 -54.98
CA PHE M 12 -22.38 -35.12 -56.06
C PHE M 12 -22.70 -36.33 -56.93
N GLN M 13 -23.34 -37.36 -56.38
CA GLN M 13 -23.63 -38.60 -57.09
C GLN M 13 -25.11 -38.93 -56.95
N PRO M 14 -25.96 -38.33 -57.80
CA PRO M 14 -27.37 -38.68 -57.76
C PRO M 14 -27.59 -40.12 -58.22
N PRO M 15 -28.65 -40.77 -57.75
CA PRO M 15 -28.88 -42.19 -58.11
C PRO M 15 -29.36 -42.40 -59.54
N CYS M 16 -29.69 -41.34 -60.26
CA CYS M 16 -30.21 -41.46 -61.62
C CYS M 16 -29.14 -41.34 -62.69
N VAL M 17 -27.86 -41.30 -62.31
CA VAL M 17 -26.78 -41.19 -63.29
C VAL M 17 -26.81 -42.40 -64.22
N PRO M 18 -26.69 -42.21 -65.55
CA PRO M 18 -26.57 -40.92 -66.22
C PRO M 18 -27.85 -40.46 -66.91
N CYS M 19 -27.83 -39.23 -67.44
CA CYS M 19 -28.97 -38.64 -68.14
C CYS M 19 -30.24 -38.71 -67.30
N CYS M 20 -30.21 -38.02 -66.16
CA CYS M 20 -31.39 -37.98 -65.30
C CYS M 20 -32.56 -37.31 -66.00
N TYR M 21 -32.32 -36.21 -66.71
CA TYR M 21 -33.40 -35.51 -67.38
C TYR M 21 -33.93 -36.31 -68.57
N GLU M 22 -33.04 -36.89 -69.37
CA GLU M 22 -33.46 -37.58 -70.59
C GLU M 22 -34.31 -38.80 -70.27
N ASN M 23 -33.94 -39.56 -69.24
CA ASN M 23 -34.70 -40.76 -68.90
C ASN M 23 -36.11 -40.42 -68.45
N ASN M 24 -36.25 -39.40 -67.59
CA ASN M 24 -37.56 -38.99 -67.09
C ASN M 24 -37.48 -37.50 -66.79
N ALA M 25 -38.09 -36.69 -67.66
CA ALA M 25 -38.04 -35.24 -67.49
C ALA M 25 -38.80 -34.80 -66.25
N GLU M 26 -40.04 -35.27 -66.10
CA GLU M 26 -40.89 -34.82 -65.00
C GLU M 26 -40.31 -35.24 -63.65
N ALA M 27 -39.83 -36.49 -63.55
CA ALA M 27 -39.24 -36.95 -62.31
C ALA M 27 -37.98 -36.16 -61.96
N THR M 28 -37.15 -35.88 -62.96
CA THR M 28 -35.95 -35.08 -62.73
C THR M 28 -36.30 -33.68 -62.24
N LEU M 29 -37.31 -33.06 -62.85
CA LEU M 29 -37.73 -31.73 -62.43
C LEU M 29 -38.25 -31.76 -61.00
N ARG M 30 -39.12 -32.73 -60.69
CA ARG M 30 -39.69 -32.80 -59.34
C ARG M 30 -38.62 -33.12 -58.30
N MET M 31 -37.54 -33.78 -58.71
CA MET M 31 -36.42 -33.99 -57.78
C MET M 31 -35.78 -32.68 -57.37
N LEU M 32 -35.63 -31.74 -58.32
CA LEU M 32 -34.96 -30.48 -58.02
C LEU M 32 -35.79 -29.58 -57.13
N GLU M 33 -37.12 -29.63 -57.26
CA GLU M 33 -37.97 -28.76 -56.45
C GLU M 33 -37.87 -29.08 -54.96
N ASP M 34 -37.41 -30.27 -54.61
CA ASP M 34 -37.33 -30.68 -53.22
C ASP M 34 -35.98 -30.37 -52.57
N ASN M 35 -35.01 -29.85 -53.32
CA ASN M 35 -33.68 -29.60 -52.78
C ASN M 35 -33.25 -28.15 -52.96
N VAL M 36 -34.20 -27.23 -53.12
CA VAL M 36 -33.83 -25.82 -53.33
C VAL M 36 -33.21 -25.23 -52.06
N ASP M 37 -33.74 -25.60 -50.90
CA ASP M 37 -33.20 -25.08 -49.64
C ASP M 37 -31.90 -25.75 -49.23
N ARG M 38 -31.56 -26.89 -49.82
CA ARG M 38 -30.30 -27.54 -49.49
C ARG M 38 -29.15 -26.74 -50.08
N PRO M 39 -28.03 -26.59 -49.35
CA PRO M 39 -26.91 -25.81 -49.88
C PRO M 39 -26.22 -26.50 -51.06
N GLY M 40 -26.53 -27.77 -51.29
CA GLY M 40 -25.92 -28.51 -52.37
C GLY M 40 -26.78 -28.57 -53.62
N TYR M 41 -27.71 -27.63 -53.76
CA TYR M 41 -28.61 -27.63 -54.90
C TYR M 41 -27.85 -27.48 -56.21
N TYR M 42 -26.89 -26.56 -56.27
CA TYR M 42 -26.22 -26.26 -57.53
C TYR M 42 -25.44 -27.47 -58.04
N ASP M 43 -24.81 -28.22 -57.14
CA ASP M 43 -24.14 -29.45 -57.54
C ASP M 43 -25.15 -30.46 -58.09
N LEU M 44 -26.30 -30.59 -57.44
CA LEU M 44 -27.34 -31.48 -57.91
C LEU M 44 -27.84 -31.06 -59.30
N LEU M 45 -28.05 -29.76 -59.49
CA LEU M 45 -28.48 -29.26 -60.79
C LEU M 45 -27.40 -29.46 -61.83
N GLN M 46 -26.13 -29.29 -61.45
CA GLN M 46 -25.03 -29.54 -62.38
C GLN M 46 -25.00 -31.00 -62.82
N ALA M 47 -25.20 -31.93 -61.89
CA ALA M 47 -25.13 -33.35 -62.23
C ALA M 47 -26.36 -33.80 -63.02
N ALA M 48 -27.52 -33.24 -62.70
CA ALA M 48 -28.80 -33.70 -63.26
C ALA M 48 -29.00 -33.30 -64.72
N LEU M 49 -28.20 -32.41 -65.32
CA LEU M 49 -28.41 -31.99 -66.71
C LEU M 49 -27.14 -32.15 -67.52
N THR M 50 -26.24 -33.01 -67.07
CA THR M 50 -24.94 -33.20 -67.72
C THR M 50 -24.73 -34.67 -68.03
N CYS M 51 -24.87 -35.04 -69.29
CA CYS M 51 -24.53 -36.39 -69.74
C CYS M 51 -24.26 -36.39 -71.24
N ARG M 52 -23.31 -37.21 -71.67
CA ARG M 52 -22.92 -37.26 -73.09
C ARG M 52 -23.44 -38.53 -73.76
N LYS N 1 -10.75 75.94 81.38
CA LYS N 1 -9.32 75.66 81.27
C LYS N 1 -9.07 74.18 81.04
N ARG N 2 -9.49 73.35 81.99
CA ARG N 2 -9.35 71.90 81.85
C ARG N 2 -10.14 71.39 80.66
N GLU N 3 -11.37 71.87 80.49
CA GLU N 3 -12.18 71.45 79.35
C GLU N 3 -11.54 71.88 78.03
N ARG N 4 -11.03 73.11 77.97
CA ARG N 4 -10.42 73.59 76.73
C ARG N 4 -9.16 72.80 76.39
N MET N 5 -8.32 72.54 77.39
CA MET N 5 -7.10 71.77 77.12
C MET N 5 -7.44 70.33 76.74
N CYS N 6 -8.47 69.75 77.37
CA CYS N 6 -8.90 68.41 77.00
C CYS N 6 -9.40 68.36 75.57
N MET N 7 -10.18 69.36 75.16
CA MET N 7 -10.67 69.41 73.79
C MET N 7 -9.53 69.61 72.80
N LYS N 8 -8.57 70.46 73.14
CA LYS N 8 -7.44 70.71 72.24
C LYS N 8 -6.59 69.46 72.07
N ILE N 9 -6.29 68.78 73.17
CA ILE N 9 -5.53 67.53 73.09
C ILE N 9 -6.31 66.48 72.30
N GLU N 10 -7.62 66.38 72.55
CA GLU N 10 -8.43 65.38 71.87
C GLU N 10 -8.46 65.61 70.37
N ASN N 11 -8.56 66.87 69.94
CA ASN N 11 -8.56 67.16 68.51
C ASN N 11 -7.25 66.74 67.85
N ASP N 12 -6.13 66.96 68.54
CA ASP N 12 -4.83 66.59 68.00
C ASP N 12 -4.46 65.13 68.26
N CYS N 13 -5.21 64.42 69.11
CA CYS N 13 -4.84 63.06 69.49
C CYS N 13 -6.00 62.08 69.34
N ILE N 14 -6.96 62.35 68.46
CA ILE N 14 -8.04 61.42 68.17
C ILE N 14 -8.30 61.46 66.67
N PHE N 15 -8.52 60.30 66.07
CA PHE N 15 -8.86 60.18 64.66
C PHE N 15 -10.04 59.23 64.50
N GLU N 16 -11.07 59.67 63.78
CA GLU N 16 -12.25 58.85 63.58
C GLU N 16 -11.95 57.68 62.65
N VAL N 17 -12.73 56.61 62.79
CA VAL N 17 -12.70 55.48 61.88
C VAL N 17 -14.08 55.31 61.29
N LYS N 18 -14.15 55.06 59.99
CA LYS N 18 -15.42 54.95 59.28
C LYS N 18 -15.53 53.61 58.58
N HIS N 19 -16.72 53.02 58.62
CA HIS N 19 -17.03 51.80 57.90
C HIS N 19 -18.30 52.02 57.10
N GLU N 20 -18.22 51.79 55.78
CA GLU N 20 -19.27 52.18 54.85
C GLU N 20 -19.64 53.65 55.00
N GLY N 21 -18.62 54.49 55.17
CA GLY N 21 -18.83 55.92 55.25
C GLY N 21 -19.46 56.42 56.52
N LYS N 22 -19.61 55.58 57.54
CA LYS N 22 -20.21 55.96 58.81
C LYS N 22 -19.22 55.75 59.94
N VAL N 23 -19.13 56.73 60.82
CA VAL N 23 -18.17 56.69 61.93
C VAL N 23 -18.59 55.58 62.90
N THR N 24 -17.60 54.83 63.40
CA THR N 24 -17.85 53.74 64.32
C THR N 24 -16.96 53.72 65.55
N GLY N 25 -15.79 54.36 65.51
CA GLY N 25 -14.89 54.35 66.65
C GLY N 25 -13.80 55.39 66.47
N TYR N 26 -12.88 55.41 67.43
CA TYR N 26 -11.82 56.40 67.46
C TYR N 26 -10.51 55.74 67.85
N ALA N 27 -9.42 56.22 67.26
CA ALA N 27 -8.08 55.76 67.58
C ALA N 27 -7.25 56.94 68.06
N CYS N 28 -6.62 56.80 69.22
CA CYS N 28 -5.92 57.89 69.87
C CYS N 28 -4.42 57.69 69.84
N LEU N 29 -3.68 58.78 70.10
CA LEU N 29 -2.23 58.76 70.14
C LEU N 29 -1.78 58.86 71.60
N VAL N 30 -1.22 57.78 72.12
CA VAL N 30 -0.69 57.73 73.47
C VAL N 30 0.77 57.29 73.40
N GLY N 31 1.66 58.02 74.06
CA GLY N 31 3.07 57.73 73.97
C GLY N 31 3.57 57.85 72.54
N ASP N 32 3.81 56.71 71.91
CA ASP N 32 4.24 56.66 70.51
C ASP N 32 3.53 55.54 69.77
N LYS N 33 2.30 55.22 70.18
CA LYS N 33 1.56 54.11 69.58
C LYS N 33 0.14 54.52 69.25
N VAL N 34 -0.30 54.17 68.05
CA VAL N 34 -1.69 54.32 67.64
C VAL N 34 -2.50 53.17 68.23
N MET N 35 -3.48 53.49 69.06
CA MET N 35 -4.27 52.48 69.75
C MET N 35 -5.72 52.54 69.29
N LYS N 36 -6.25 51.37 68.90
CA LYS N 36 -7.63 51.25 68.46
C LYS N 36 -8.20 49.96 69.02
N PRO N 37 -9.40 49.99 69.59
CA PRO N 37 -10.05 48.74 70.02
C PRO N 37 -10.28 47.82 68.83
N ALA N 38 -10.20 46.52 69.08
CA ALA N 38 -10.30 45.52 68.02
C ALA N 38 -11.73 45.30 67.55
N HIS N 39 -12.74 45.53 68.40
CA HIS N 39 -14.10 45.18 68.03
C HIS N 39 -14.68 46.14 66.98
N VAL N 40 -14.05 47.28 66.77
CA VAL N 40 -14.50 48.21 65.73
C VAL N 40 -13.76 47.89 64.44
N LYS N 41 -14.41 48.15 63.31
CA LYS N 41 -13.85 47.86 62.00
C LYS N 41 -14.00 49.07 61.08
N GLY N 42 -13.03 49.24 60.20
CA GLY N 42 -13.02 50.35 59.26
C GLY N 42 -11.60 50.76 58.94
N VAL N 43 -11.47 51.97 58.38
CA VAL N 43 -10.19 52.54 58.01
C VAL N 43 -10.07 53.90 58.69
N ILE N 44 -8.91 54.14 59.34
CA ILE N 44 -8.72 55.39 60.05
C ILE N 44 -8.67 56.55 59.05
N ASP N 45 -9.24 57.69 59.45
CA ASP N 45 -9.35 58.86 58.58
C ASP N 45 -8.02 59.60 58.47
N ASN N 46 -7.05 58.93 57.87
CA ASN N 46 -5.75 59.53 57.58
C ASN N 46 -5.01 58.64 56.60
N ALA N 47 -4.24 59.26 55.70
CA ALA N 47 -3.43 58.49 54.76
C ALA N 47 -2.22 57.88 55.45
N ASP N 48 -1.62 58.62 56.39
CA ASP N 48 -0.43 58.13 57.07
C ASP N 48 -0.74 56.91 57.93
N LEU N 49 -1.82 56.97 58.71
CA LEU N 49 -2.14 55.88 59.62
C LEU N 49 -2.77 54.71 58.91
N ALA N 50 -3.21 54.90 57.66
CA ALA N 50 -3.91 53.83 56.95
C ALA N 50 -3.00 52.65 56.63
N LYS N 51 -1.80 52.89 56.15
CA LYS N 51 -0.95 51.82 55.64
C LYS N 51 -0.04 51.21 56.70
N LEU N 52 -0.11 51.70 57.94
CA LEU N 52 0.73 51.14 58.99
C LEU N 52 0.32 49.72 59.32
N ALA N 53 1.30 48.91 59.71
CA ALA N 53 1.06 47.53 60.10
C ALA N 53 0.68 47.48 61.58
N PHE N 54 -0.44 46.86 61.87
CA PHE N 54 -1.01 46.84 63.22
C PHE N 54 -0.82 45.47 63.86
N LYS N 55 -0.42 45.47 65.13
CA LYS N 55 -0.29 44.23 65.89
C LYS N 55 -1.61 43.92 66.57
N LYS N 56 -2.28 42.87 66.12
CA LYS N 56 -3.60 42.50 66.59
C LYS N 56 -3.49 41.63 67.83
N SER N 57 -4.44 41.80 68.75
CA SER N 57 -4.52 40.98 69.95
C SER N 57 -5.97 40.97 70.43
N SER N 58 -6.64 39.83 70.27
CA SER N 58 -8.04 39.72 70.63
C SER N 58 -8.26 39.49 72.12
N LYS N 59 -7.25 38.98 72.84
CA LYS N 59 -7.41 38.75 74.27
C LYS N 59 -7.60 40.07 75.02
N TYR N 60 -6.82 41.08 74.67
CA TYR N 60 -6.93 42.40 75.29
C TYR N 60 -7.82 43.35 74.50
N ASP N 61 -8.33 42.93 73.34
CA ASP N 61 -9.23 43.74 72.52
C ASP N 61 -8.59 45.09 72.18
N LEU N 62 -7.44 45.03 71.50
CA LEU N 62 -6.66 46.22 71.25
C LEU N 62 -5.72 45.99 70.07
N GLU N 63 -5.61 46.99 69.21
CA GLU N 63 -4.59 47.05 68.18
C GLU N 63 -3.63 48.20 68.49
N CYS N 64 -2.34 47.98 68.26
CA CYS N 64 -1.35 49.02 68.41
C CYS N 64 -0.40 49.00 67.22
N ALA N 65 0.16 50.16 66.91
CA ALA N 65 1.16 50.28 65.86
C ALA N 65 2.05 51.47 66.17
N GLN N 66 3.29 51.40 65.70
CA GLN N 66 4.26 52.45 65.95
C GLN N 66 3.97 53.63 65.04
N ILE N 67 3.83 54.81 65.62
CA ILE N 67 3.45 56.02 64.89
C ILE N 67 4.63 56.49 64.06
N PRO N 68 4.40 57.23 62.97
CA PRO N 68 5.52 57.77 62.20
C PRO N 68 6.29 58.81 63.01
N VAL N 69 7.52 59.07 62.54
CA VAL N 69 8.41 59.97 63.26
C VAL N 69 7.84 61.38 63.30
N HIS N 70 7.29 61.85 62.18
CA HIS N 70 6.84 63.23 62.09
C HIS N 70 5.56 63.51 62.88
N MET N 71 4.84 62.48 63.30
CA MET N 71 3.64 62.65 64.12
C MET N 71 3.91 62.49 65.61
N ARG N 72 5.17 62.33 66.02
CA ARG N 72 5.46 62.08 67.43
C ARG N 72 5.22 63.31 68.29
N SER N 73 5.09 64.49 67.71
CA SER N 73 4.85 65.71 68.47
C SER N 73 3.36 66.01 68.65
N ASP N 74 2.48 65.20 68.05
CA ASP N 74 1.04 65.39 68.16
C ASP N 74 0.38 64.31 69.00
N ALA N 75 1.13 63.75 69.96
CA ALA N 75 0.65 62.64 70.77
C ALA N 75 0.54 63.07 72.23
N SER N 76 -0.41 62.46 72.93
CA SER N 76 -0.64 62.78 74.33
C SER N 76 0.48 62.20 75.20
N LYS N 77 0.34 62.39 76.51
CA LYS N 77 1.28 61.85 77.49
C LYS N 77 0.54 60.89 78.41
N TYR N 78 1.26 59.89 78.91
CA TYR N 78 0.66 58.78 79.64
C TYR N 78 1.17 58.74 81.08
N THR N 79 0.50 57.92 81.89
CA THR N 79 0.89 57.69 83.27
C THR N 79 0.24 56.40 83.74
N HIS N 80 0.62 55.97 84.94
CA HIS N 80 0.07 54.76 85.54
C HIS N 80 -0.46 54.96 86.96
N GLU N 81 -0.21 56.12 87.58
CA GLU N 81 -0.72 56.35 88.92
C GLU N 81 -2.22 56.59 88.88
N LYS N 82 -2.94 55.94 89.80
CA LYS N 82 -4.39 56.06 89.90
C LYS N 82 -4.83 56.31 91.34
N PRO N 83 -4.56 57.49 91.89
CA PRO N 83 -5.23 57.90 93.12
C PRO N 83 -6.75 57.86 92.98
N GLU N 84 -7.42 57.78 94.12
CA GLU N 84 -8.88 57.91 94.14
C GLU N 84 -9.30 59.34 93.83
N GLY N 85 -10.42 59.49 93.14
CA GLY N 85 -10.94 60.81 92.84
C GLY N 85 -11.74 60.91 91.56
N HIS N 86 -11.62 62.05 90.87
CA HIS N 86 -12.39 62.34 89.68
C HIS N 86 -11.46 62.51 88.48
N TYR N 87 -11.91 62.06 87.33
CA TYR N 87 -11.15 62.15 86.09
C TYR N 87 -12.04 62.68 84.99
N ASN N 88 -11.43 63.31 84.00
CA ASN N 88 -12.16 63.97 82.93
C ASN N 88 -12.51 63.00 81.80
N TRP N 89 -13.37 63.45 80.91
CA TRP N 89 -13.81 62.67 79.76
C TRP N 89 -14.45 63.62 78.75
N HIS N 90 -14.57 63.16 77.50
CA HIS N 90 -15.11 64.02 76.46
C HIS N 90 -16.59 64.32 76.69
N HIS N 91 -17.32 63.42 77.34
CA HIS N 91 -18.74 63.61 77.64
C HIS N 91 -18.99 63.95 79.10
N GLY N 92 -18.01 64.50 79.79
CA GLY N 92 -18.20 64.88 81.18
C GLY N 92 -17.05 64.52 82.09
N ALA N 93 -17.37 64.10 83.31
CA ALA N 93 -16.39 63.70 84.31
C ALA N 93 -16.71 62.30 84.78
N VAL N 94 -15.66 61.48 84.96
CA VAL N 94 -15.81 60.10 85.37
C VAL N 94 -15.30 59.94 86.79
N GLN N 95 -15.64 58.82 87.42
CA GLN N 95 -15.31 58.56 88.81
C GLN N 95 -14.58 57.23 88.91
N TYR N 96 -13.46 57.21 89.62
CA TYR N 96 -12.69 56.00 89.88
C TYR N 96 -12.86 55.65 91.35
N SER N 97 -13.52 54.52 91.62
CA SER N 97 -13.71 54.04 92.98
C SER N 97 -13.63 52.52 92.97
N GLY N 98 -12.77 51.97 93.82
CA GLY N 98 -12.63 50.52 93.91
C GLY N 98 -12.19 49.87 92.62
N GLY N 99 -11.32 50.54 91.85
CA GLY N 99 -10.84 49.98 90.61
C GLY N 99 -11.83 49.98 89.46
N ARG N 100 -12.90 50.76 89.56
CA ARG N 100 -13.93 50.79 88.53
C ARG N 100 -14.13 52.21 88.01
N PHE N 101 -14.39 52.32 86.72
CA PHE N 101 -14.79 53.57 86.11
C PHE N 101 -16.31 53.62 86.00
N THR N 102 -16.92 54.65 86.59
CA THR N 102 -18.37 54.76 86.63
C THR N 102 -18.81 56.05 85.94
N ILE N 103 -19.89 55.95 85.18
CA ILE N 103 -20.45 57.08 84.44
C ILE N 103 -21.72 57.52 85.17
N PRO N 104 -21.74 58.70 85.80
CA PRO N 104 -22.97 59.15 86.46
C PRO N 104 -24.15 59.28 85.53
N THR N 105 -23.93 59.74 84.30
CA THR N 105 -25.03 60.02 83.38
C THR N 105 -25.63 58.76 82.74
N GLY N 106 -24.80 57.76 82.46
CA GLY N 106 -25.26 56.67 81.62
C GLY N 106 -25.58 57.12 80.20
N ALA N 107 -24.81 58.07 79.67
CA ALA N 107 -25.05 58.64 78.35
C ALA N 107 -24.23 57.96 77.26
N GLY N 108 -23.47 56.93 77.59
CA GLY N 108 -22.68 56.21 76.60
C GLY N 108 -23.55 55.58 75.53
N LYS N 109 -23.08 55.62 74.29
CA LYS N 109 -23.80 55.10 73.14
C LYS N 109 -22.83 54.33 72.25
N PRO N 110 -23.33 53.43 71.41
CA PRO N 110 -22.45 52.75 70.46
C PRO N 110 -21.74 53.74 69.56
N GLY N 111 -20.49 53.42 69.22
CA GLY N 111 -19.63 54.33 68.49
C GLY N 111 -18.77 55.21 69.36
N ASP N 112 -18.91 55.14 70.68
CA ASP N 112 -18.12 55.92 71.62
C ASP N 112 -16.86 55.18 72.06
N SER N 113 -16.75 53.88 71.75
CA SER N 113 -15.59 53.12 72.15
C SER N 113 -14.32 53.69 71.55
N GLY N 114 -13.28 53.79 72.38
CA GLY N 114 -12.02 54.36 71.95
C GLY N 114 -11.77 55.78 72.41
N ARG N 115 -12.65 56.36 73.21
CA ARG N 115 -12.41 57.69 73.76
C ARG N 115 -11.56 57.58 75.02
N PRO N 116 -10.37 58.18 75.05
CA PRO N 116 -9.51 58.07 76.22
C PRO N 116 -10.09 58.80 77.43
N ILE N 117 -9.71 58.33 78.61
CA ILE N 117 -10.06 58.96 79.87
C ILE N 117 -8.83 59.71 80.38
N PHE N 118 -8.99 61.01 80.61
CA PHE N 118 -7.88 61.89 80.95
C PHE N 118 -7.73 62.01 82.46
N ASP N 119 -6.55 62.44 82.87
CA ASP N 119 -6.26 62.72 84.26
C ASP N 119 -6.54 64.19 84.55
N ASN N 120 -6.13 64.66 85.72
CA ASN N 120 -6.26 66.08 86.04
C ASN N 120 -5.27 66.94 85.27
N LYS N 121 -4.14 66.36 84.84
CA LYS N 121 -3.11 67.10 84.12
C LYS N 121 -3.17 66.83 82.62
N GLY N 122 -4.23 66.20 82.13
CA GLY N 122 -4.35 65.86 80.72
C GLY N 122 -3.66 64.59 80.31
N ARG N 123 -3.05 63.85 81.25
CA ARG N 123 -2.40 62.61 80.91
C ARG N 123 -3.42 61.49 80.75
N VAL N 124 -3.26 60.70 79.70
CA VAL N 124 -4.16 59.60 79.40
C VAL N 124 -3.92 58.49 80.42
N VAL N 125 -4.99 57.94 80.98
CA VAL N 125 -4.91 56.90 81.99
C VAL N 125 -5.51 55.58 81.52
N ALA N 126 -6.50 55.64 80.64
CA ALA N 126 -7.14 54.43 80.15
C ALA N 126 -7.79 54.71 78.80
N ILE N 127 -8.35 53.67 78.20
CA ILE N 127 -9.11 53.77 76.96
C ILE N 127 -10.40 52.97 77.14
N VAL N 128 -11.53 53.62 76.90
CA VAL N 128 -12.83 53.00 77.15
C VAL N 128 -13.16 52.04 76.01
N LEU N 129 -13.50 50.81 76.37
CA LEU N 129 -13.91 49.78 75.42
C LEU N 129 -15.42 49.61 75.37
N GLY N 130 -16.06 49.45 76.53
CA GLY N 130 -17.50 49.29 76.61
C GLY N 130 -17.98 49.62 78.00
N GLY N 131 -19.29 49.59 78.17
CA GLY N 131 -19.90 49.91 79.45
C GLY N 131 -20.99 48.92 79.80
N ALA N 132 -21.31 48.87 81.10
CA ALA N 132 -22.32 47.97 81.63
C ALA N 132 -23.43 48.79 82.27
N ASN N 133 -24.68 48.48 81.92
CA ASN N 133 -25.84 49.19 82.45
C ASN N 133 -26.16 48.64 83.84
N GLU N 134 -25.74 49.36 84.87
CA GLU N 134 -26.01 48.99 86.26
C GLU N 134 -26.82 50.11 86.89
N GLY N 135 -28.15 49.98 86.82
CA GLY N 135 -29.02 50.96 87.43
C GLY N 135 -28.83 52.34 86.82
N SER N 136 -28.66 53.34 87.68
CA SER N 136 -28.47 54.72 87.24
C SER N 136 -27.04 55.02 86.80
N ARG N 137 -26.08 54.15 87.14
CA ARG N 137 -24.69 54.33 86.78
C ARG N 137 -24.32 53.39 85.63
N THR N 138 -23.17 53.65 85.03
CA THR N 138 -22.62 52.82 83.97
C THR N 138 -21.18 52.50 84.30
N ALA N 139 -20.89 51.22 84.55
CA ALA N 139 -19.53 50.78 84.81
C ALA N 139 -18.82 50.56 83.48
N LEU N 140 -17.62 51.12 83.35
CA LEU N 140 -16.88 51.08 82.09
C LEU N 140 -15.97 49.85 82.06
N SER N 141 -16.07 49.08 80.98
CA SER N 141 -15.09 48.05 80.68
C SER N 141 -13.97 48.71 79.88
N VAL N 142 -12.80 48.86 80.48
CA VAL N 142 -11.71 49.63 79.90
C VAL N 142 -10.45 48.78 79.86
N VAL N 143 -9.53 49.19 78.99
CA VAL N 143 -8.18 48.64 78.95
C VAL N 143 -7.24 49.70 79.51
N THR N 144 -6.48 49.32 80.54
CA THR N 144 -5.66 50.28 81.27
C THR N 144 -4.23 49.78 81.37
N TRP N 145 -3.34 50.69 81.74
CA TRP N 145 -1.91 50.41 81.79
C TRP N 145 -1.47 50.26 83.24
N ASN N 146 -0.77 49.17 83.52
CA ASN N 146 -0.05 49.03 84.77
C ASN N 146 1.36 49.57 84.57
N LYS N 147 2.26 49.28 85.51
CA LYS N 147 3.64 49.70 85.36
C LYS N 147 4.25 49.09 84.11
N ASP N 148 3.98 47.81 83.85
CA ASP N 148 4.47 47.12 82.67
C ASP N 148 3.40 46.36 81.91
N MET N 149 2.27 46.03 82.53
CA MET N 149 1.26 45.17 81.93
C MET N 149 0.22 46.01 81.19
N VAL N 150 -0.55 45.34 80.33
CA VAL N 150 -1.77 45.88 79.77
C VAL N 150 -2.92 45.00 80.24
N THR N 151 -3.80 45.56 81.05
CA THR N 151 -4.86 44.79 81.70
C THR N 151 -6.22 45.26 81.23
N ARG N 152 -7.16 44.32 81.19
CA ARG N 152 -8.54 44.59 80.79
C ARG N 152 -9.46 44.27 81.95
N VAL N 153 -10.30 45.22 82.32
CA VAL N 153 -11.31 45.04 83.36
C VAL N 153 -12.67 45.06 82.68
N THR N 154 -13.40 43.95 82.76
CA THR N 154 -14.68 43.80 82.08
C THR N 154 -15.75 43.39 83.08
N PRO N 155 -16.49 44.35 83.64
CA PRO N 155 -17.59 44.00 84.53
C PRO N 155 -18.70 43.29 83.80
N GLU N 156 -19.46 42.49 84.55
CA GLU N 156 -20.52 41.68 83.96
C GLU N 156 -21.59 42.55 83.31
N GLY N 157 -22.14 42.07 82.21
CA GLY N 157 -23.19 42.77 81.50
C GLY N 157 -22.72 43.85 80.56
N SER N 158 -21.41 44.05 80.41
CA SER N 158 -20.91 45.09 79.53
C SER N 158 -21.18 44.75 78.08
N GLU N 159 -21.44 45.80 77.28
CA GLU N 159 -21.66 45.65 75.86
C GLU N 159 -20.61 46.44 75.09
N GLU N 160 -20.14 45.87 73.98
CA GLU N 160 -19.12 46.50 73.16
C GLU N 160 -19.74 47.70 72.42
N TRP N 161 -19.15 48.86 72.61
CA TRP N 161 -19.63 50.07 71.95
C TRP N 161 -18.94 50.29 70.62
N LYS O 1 -0.24 97.39 46.46
CA LYS O 1 -0.88 97.25 45.15
C LYS O 1 -0.21 96.15 44.33
N ARG O 2 1.12 96.21 44.23
CA ARG O 2 1.86 95.19 43.50
C ARG O 2 1.70 93.83 44.14
N GLU O 3 1.78 93.76 45.47
CA GLU O 3 1.60 92.50 46.17
C GLU O 3 0.19 91.95 45.95
N ARG O 4 -0.82 92.82 45.98
CA ARG O 4 -2.19 92.36 45.82
C ARG O 4 -2.43 91.76 44.43
N MET O 5 -1.96 92.43 43.38
CA MET O 5 -2.15 91.90 42.04
C MET O 5 -1.30 90.64 41.83
N CYS O 6 -0.11 90.60 42.43
CA CYS O 6 0.71 89.39 42.34
C CYS O 6 0.00 88.20 42.98
N MET O 7 -0.59 88.40 44.16
CA MET O 7 -1.33 87.34 44.81
C MET O 7 -2.56 86.94 44.02
N LYS O 8 -3.27 87.92 43.45
CA LYS O 8 -4.46 87.62 42.66
C LYS O 8 -4.11 86.78 41.43
N ILE O 9 -3.01 87.13 40.76
CA ILE O 9 -2.56 86.34 39.62
C ILE O 9 -2.14 84.95 40.07
N GLU O 10 -1.39 84.88 41.17
CA GLU O 10 -0.89 83.59 41.65
C GLU O 10 -2.04 82.66 42.04
N ASN O 11 -3.07 83.19 42.70
CA ASN O 11 -4.20 82.35 43.11
C ASN O 11 -4.90 81.74 41.90
N ASP O 12 -4.98 82.48 40.80
CA ASP O 12 -5.67 82.01 39.61
C ASP O 12 -4.75 81.28 38.63
N CYS O 13 -3.45 81.23 38.87
CA CYS O 13 -2.51 80.66 37.91
C CYS O 13 -1.56 79.63 38.50
N ILE O 14 -1.70 79.31 39.79
CA ILE O 14 -0.81 78.35 40.44
C ILE O 14 -1.64 77.24 41.06
N PHE O 15 -1.21 76.00 40.88
CA PHE O 15 -1.90 74.84 41.42
C PHE O 15 -0.90 73.96 42.15
N GLU O 16 -1.32 73.42 43.28
CA GLU O 16 -0.46 72.55 44.07
C GLU O 16 -0.38 71.16 43.45
N VAL O 17 0.71 70.46 43.72
CA VAL O 17 0.93 69.09 43.26
C VAL O 17 0.99 68.19 44.47
N LYS O 18 0.13 67.18 44.50
CA LYS O 18 0.00 66.28 45.65
C LYS O 18 0.66 64.94 45.32
N HIS O 19 1.50 64.47 46.24
CA HIS O 19 2.06 63.12 46.16
C HIS O 19 2.02 62.51 47.56
N GLU O 20 1.31 61.37 47.68
CA GLU O 20 1.10 60.71 48.97
C GLU O 20 0.45 61.65 49.98
N GLY O 21 -0.43 62.53 49.51
CA GLY O 21 -1.14 63.45 50.36
C GLY O 21 -0.36 64.68 50.79
N LYS O 22 0.83 64.89 50.24
CA LYS O 22 1.69 66.00 50.65
C LYS O 22 2.09 66.83 49.43
N VAL O 23 2.31 68.12 49.68
CA VAL O 23 2.70 69.03 48.61
C VAL O 23 4.17 68.79 48.25
N THR O 24 4.46 68.83 46.95
CA THR O 24 5.83 68.60 46.48
C THR O 24 6.30 69.75 45.59
N GLY O 25 5.39 70.31 44.81
CA GLY O 25 5.75 71.39 43.90
C GLY O 25 4.51 72.08 43.37
N TYR O 26 4.75 73.13 42.60
CA TYR O 26 3.68 73.97 42.06
C TYR O 26 3.77 74.04 40.55
N ALA O 27 2.61 73.94 39.90
CA ALA O 27 2.49 74.09 38.45
C ALA O 27 1.82 75.41 38.14
N CYS O 28 2.44 76.19 37.24
CA CYS O 28 1.99 77.53 36.94
C CYS O 28 1.49 77.62 35.51
N LEU O 29 0.51 78.51 35.29
CA LEU O 29 -0.07 78.74 33.98
C LEU O 29 0.58 79.97 33.37
N VAL O 30 1.54 79.75 32.46
CA VAL O 30 2.26 80.83 31.80
C VAL O 30 1.95 80.76 30.31
N GLY O 31 1.52 81.88 29.74
CA GLY O 31 1.16 81.94 28.34
C GLY O 31 0.06 80.97 27.98
N ASP O 32 0.37 79.96 27.17
CA ASP O 32 -0.58 78.93 26.78
C ASP O 32 -0.09 77.55 27.17
N LYS O 33 0.88 77.47 28.09
CA LYS O 33 1.51 76.21 28.43
C LYS O 33 1.54 76.01 29.94
N VAL O 34 1.05 74.86 30.39
CA VAL O 34 1.26 74.43 31.77
C VAL O 34 2.74 74.11 31.96
N MET O 35 3.32 74.59 33.05
CA MET O 35 4.73 74.37 33.33
C MET O 35 4.91 73.80 34.72
N LYS O 36 5.81 72.82 34.84
CA LYS O 36 6.13 72.20 36.11
C LYS O 36 7.53 71.62 36.02
N PRO O 37 8.34 71.78 37.06
CA PRO O 37 9.68 71.16 37.05
C PRO O 37 9.59 69.65 36.94
N ALA O 38 10.55 69.06 36.21
CA ALA O 38 10.51 67.63 35.94
C ALA O 38 10.80 66.80 37.18
N HIS O 39 11.75 67.23 38.02
CA HIS O 39 12.15 66.42 39.16
C HIS O 39 11.06 66.31 40.22
N VAL O 40 10.12 67.24 40.25
CA VAL O 40 9.01 67.17 41.20
C VAL O 40 8.04 66.08 40.75
N LYS O 41 7.70 65.18 41.66
CA LYS O 41 6.81 64.06 41.37
C LYS O 41 5.48 64.25 42.09
N GLY O 42 4.40 63.84 41.43
CA GLY O 42 3.08 63.94 42.03
C GLY O 42 2.04 64.14 40.95
N VAL O 43 0.85 64.56 41.39
CA VAL O 43 -0.27 64.83 40.50
C VAL O 43 -0.82 66.21 40.80
N ILE O 44 -1.16 66.94 39.74
CA ILE O 44 -1.71 68.28 39.89
C ILE O 44 -3.14 68.19 40.43
N ASP O 45 -3.46 69.03 41.42
CA ASP O 45 -4.77 69.02 42.05
C ASP O 45 -5.80 69.73 41.17
N ASN O 46 -6.07 69.11 40.02
CA ASN O 46 -7.05 69.62 39.08
C ASN O 46 -7.44 68.50 38.13
N ALA O 47 -8.74 68.28 37.96
CA ALA O 47 -9.22 67.23 37.06
C ALA O 47 -8.84 67.52 35.62
N ASP O 48 -8.95 68.77 35.19
CA ASP O 48 -8.67 69.11 33.80
C ASP O 48 -7.19 68.96 33.47
N LEU O 49 -6.31 69.40 34.37
CA LEU O 49 -4.88 69.35 34.08
C LEU O 49 -4.30 67.96 34.30
N ALA O 50 -5.08 67.04 34.90
CA ALA O 50 -4.57 65.72 35.22
C ALA O 50 -4.34 64.85 33.99
N LYS O 51 -5.25 64.89 33.02
CA LYS O 51 -5.20 63.98 31.87
C LYS O 51 -4.39 64.54 30.70
N LEU O 52 -3.80 65.72 30.84
CA LEU O 52 -3.02 66.29 29.75
C LEU O 52 -1.71 65.51 29.55
N ALA O 53 -1.23 65.52 28.31
CA ALA O 53 0.02 64.86 27.97
C ALA O 53 1.17 65.85 28.10
N PHE O 54 2.20 65.45 28.83
CA PHE O 54 3.33 66.32 29.13
C PHE O 54 4.56 65.90 28.34
N LYS O 55 5.17 66.87 27.65
CA LYS O 55 6.43 66.62 26.97
C LYS O 55 7.58 66.88 27.94
N LYS O 56 8.31 65.83 28.28
CA LYS O 56 9.35 65.88 29.30
C LYS O 56 10.72 66.05 28.65
N SER O 57 11.60 66.74 29.36
CA SER O 57 12.97 66.96 28.90
C SER O 57 13.86 67.08 30.12
N SER O 58 14.74 66.09 30.33
CA SER O 58 15.60 66.07 31.50
C SER O 58 16.74 67.08 31.43
N LYS O 59 17.09 67.54 30.23
CA LYS O 59 18.18 68.50 30.10
C LYS O 59 17.82 69.83 30.75
N TYR O 60 16.59 70.30 30.54
CA TYR O 60 16.12 71.54 31.13
C TYR O 60 15.36 71.33 32.43
N ASP O 61 15.07 70.07 32.80
CA ASP O 61 14.34 69.72 34.01
C ASP O 61 13.00 70.47 34.04
N LEU O 62 12.16 70.18 33.07
CA LEU O 62 10.90 70.88 32.91
C LEU O 62 9.92 70.01 32.11
N GLU O 63 8.66 70.02 32.54
CA GLU O 63 7.58 69.34 31.85
C GLU O 63 6.55 70.37 31.42
N CYS O 64 6.20 70.36 30.13
CA CYS O 64 5.27 71.34 29.58
C CYS O 64 4.13 70.63 28.87
N ALA O 65 3.00 71.34 28.76
CA ALA O 65 1.82 70.81 28.09
C ALA O 65 0.98 71.98 27.62
N GLN O 66 0.09 71.71 26.66
CA GLN O 66 -0.79 72.73 26.12
C GLN O 66 -2.05 72.82 26.96
N ILE O 67 -2.38 74.03 27.40
CA ILE O 67 -3.48 74.27 28.32
C ILE O 67 -4.81 74.04 27.61
N PRO O 68 -5.87 73.66 28.31
CA PRO O 68 -7.19 73.56 27.67
C PRO O 68 -7.71 74.93 27.29
N VAL O 69 -8.66 74.92 26.35
CA VAL O 69 -9.15 76.17 25.78
C VAL O 69 -9.94 76.97 26.80
N HIS O 70 -10.68 76.30 27.68
CA HIS O 70 -11.55 76.99 28.64
C HIS O 70 -10.78 77.63 29.79
N MET O 71 -9.49 77.36 29.93
CA MET O 71 -8.67 77.98 30.96
C MET O 71 -7.66 78.97 30.38
N ARG O 72 -7.79 79.32 29.09
CA ARG O 72 -6.79 80.16 28.46
C ARG O 72 -6.79 81.60 28.98
N SER O 73 -7.90 82.06 29.55
CA SER O 73 -7.98 83.41 30.07
C SER O 73 -7.52 83.52 31.52
N ASP O 74 -7.25 82.41 32.19
CA ASP O 74 -6.77 82.41 33.56
C ASP O 74 -5.27 82.13 33.64
N ALA O 75 -4.51 82.63 32.67
CA ALA O 75 -3.07 82.45 32.63
C ALA O 75 -2.38 83.80 32.67
N SER O 76 -1.18 83.80 33.26
CA SER O 76 -0.42 85.04 33.37
C SER O 76 0.16 85.43 32.02
N LYS O 77 0.93 86.52 32.03
CA LYS O 77 1.60 87.02 30.85
C LYS O 77 3.11 87.00 31.07
N TYR O 78 3.86 86.73 30.00
CA TYR O 78 5.27 86.44 30.08
C TYR O 78 6.09 87.59 29.49
N THR O 79 7.42 87.46 29.61
CA THR O 79 8.35 88.40 29.01
C THR O 79 9.70 87.72 28.90
N HIS O 80 10.58 88.30 28.07
CA HIS O 80 11.92 87.79 27.87
C HIS O 80 12.98 88.84 28.18
N GLU O 81 12.58 90.03 28.59
CA GLU O 81 13.52 91.11 28.90
C GLU O 81 13.85 91.07 30.39
N LYS O 82 15.14 91.01 30.71
CA LYS O 82 15.62 90.89 32.09
C LYS O 82 16.64 91.99 32.36
N PRO O 83 16.19 93.23 32.54
CA PRO O 83 17.13 94.30 32.91
C PRO O 83 17.53 94.19 34.37
N GLU O 84 18.58 94.92 34.72
CA GLU O 84 19.06 94.93 36.10
C GLU O 84 18.03 95.60 37.01
N GLY O 85 17.93 95.09 38.24
CA GLY O 85 17.01 95.65 39.21
C GLY O 85 16.47 94.65 40.21
N HIS O 86 15.25 94.89 40.69
CA HIS O 86 14.60 94.03 41.67
C HIS O 86 13.30 93.49 41.09
N TYR O 87 12.96 92.27 41.51
CA TYR O 87 11.74 91.60 41.05
C TYR O 87 11.01 91.00 42.24
N ASN O 88 9.71 90.84 42.08
CA ASN O 88 8.86 90.34 43.14
C ASN O 88 8.84 88.82 43.16
N TRP O 89 8.51 88.27 44.33
CA TRP O 89 8.38 86.83 44.50
C TRP O 89 7.51 86.60 45.72
N HIS O 90 6.90 85.41 45.79
CA HIS O 90 5.89 85.16 46.82
C HIS O 90 6.47 85.25 48.22
N HIS O 91 7.77 85.02 48.39
CA HIS O 91 8.42 85.10 49.69
C HIS O 91 9.28 86.35 49.84
N GLY O 92 8.91 87.44 49.17
CA GLY O 92 9.65 88.69 49.32
C GLY O 92 10.08 89.31 48.01
N ALA O 93 11.29 89.85 47.97
CA ALA O 93 11.85 90.47 46.78
C ALA O 93 13.16 89.79 46.41
N VAL O 94 13.35 89.53 45.13
CA VAL O 94 14.54 88.87 44.61
C VAL O 94 15.39 89.89 43.87
N GLN O 95 16.71 89.77 44.03
CA GLN O 95 17.66 90.70 43.43
C GLN O 95 18.35 90.04 42.24
N TYR O 96 18.32 90.72 41.10
CA TYR O 96 18.97 90.26 39.88
C TYR O 96 20.19 91.13 39.62
N SER O 97 21.38 90.55 39.78
CA SER O 97 22.63 91.25 39.55
C SER O 97 23.59 90.35 38.81
N GLY O 98 24.01 90.78 37.61
CA GLY O 98 24.95 90.01 36.82
C GLY O 98 24.45 88.64 36.43
N GLY O 99 23.18 88.52 36.06
CA GLY O 99 22.65 87.25 35.62
C GLY O 99 22.34 86.26 36.72
N ARG O 100 22.38 86.68 37.99
CA ARG O 100 22.12 85.79 39.11
C ARG O 100 20.87 86.24 39.86
N PHE O 101 19.98 85.30 40.13
CA PHE O 101 18.86 85.50 41.03
C PHE O 101 19.29 85.11 42.44
N THR O 102 19.31 86.09 43.34
CA THR O 102 19.77 85.87 44.70
C THR O 102 18.67 86.20 45.69
N ILE O 103 18.52 85.35 46.70
CA ILE O 103 17.54 85.54 47.76
C ILE O 103 18.27 86.09 48.98
N PRO O 104 18.04 87.35 49.37
CA PRO O 104 18.77 87.89 50.53
C PRO O 104 18.51 87.15 51.83
N THR O 105 17.29 86.63 52.02
CA THR O 105 16.91 86.02 53.27
C THR O 105 17.26 84.55 53.37
N GLY O 106 17.39 83.84 52.25
CA GLY O 106 17.54 82.40 52.32
C GLY O 106 16.31 81.71 52.89
N ALA O 107 15.13 82.16 52.48
CA ALA O 107 13.87 81.64 52.97
C ALA O 107 13.36 80.45 52.16
N GLY O 108 14.13 79.99 51.18
CA GLY O 108 13.67 78.87 50.37
C GLY O 108 13.60 77.59 51.19
N LYS O 109 12.58 76.78 50.89
CA LYS O 109 12.36 75.50 51.54
C LYS O 109 12.06 74.46 50.48
N PRO O 110 12.48 73.20 50.69
CA PRO O 110 12.08 72.14 49.76
C PRO O 110 10.56 72.04 49.67
N GLY O 111 10.07 71.80 48.46
CA GLY O 111 8.66 71.83 48.17
C GLY O 111 8.15 73.12 47.58
N ASP O 112 9.02 74.13 47.46
CA ASP O 112 8.66 75.41 46.86
C ASP O 112 9.10 75.54 45.41
N SER O 113 9.57 74.45 44.80
CA SER O 113 9.96 74.50 43.40
C SER O 113 8.76 74.77 42.51
N GLY O 114 8.98 75.54 41.46
CA GLY O 114 7.92 75.88 40.53
C GLY O 114 7.20 77.18 40.79
N ARG O 115 7.68 77.99 41.73
CA ARG O 115 7.05 79.26 42.02
C ARG O 115 7.61 80.32 41.08
N PRO O 116 6.79 80.95 40.24
CA PRO O 116 7.34 81.92 39.28
C PRO O 116 7.91 83.15 39.97
N ILE O 117 8.92 83.73 39.34
CA ILE O 117 9.48 85.01 39.73
C ILE O 117 8.82 86.09 38.88
N PHE O 118 8.17 87.05 39.54
CA PHE O 118 7.32 88.02 38.86
C PHE O 118 8.10 89.28 38.52
N ASP O 119 7.61 90.00 37.52
CA ASP O 119 8.19 91.26 37.09
C ASP O 119 7.44 92.42 37.76
N ASN O 120 7.90 93.64 37.48
CA ASN O 120 7.25 94.82 38.05
C ASN O 120 5.83 95.00 37.55
N LYS O 121 5.59 94.71 36.27
CA LYS O 121 4.27 94.88 35.67
C LYS O 121 3.40 93.64 35.80
N GLY O 122 3.73 92.74 36.72
CA GLY O 122 2.97 91.51 36.89
C GLY O 122 3.33 90.41 35.93
N ARG O 123 4.37 90.59 35.12
CA ARG O 123 4.77 89.57 34.15
C ARG O 123 5.66 88.52 34.81
N VAL O 124 5.70 87.35 34.19
CA VAL O 124 6.56 86.25 34.64
C VAL O 124 7.88 86.33 33.88
N VAL O 125 8.97 86.13 34.59
CA VAL O 125 10.31 86.21 34.02
C VAL O 125 11.01 84.85 34.02
N ALA O 126 10.87 84.10 35.11
CA ALA O 126 11.56 82.83 35.24
C ALA O 126 10.84 81.96 36.25
N ILE O 127 11.26 80.69 36.32
CA ILE O 127 10.70 79.71 37.23
C ILE O 127 11.83 79.11 38.06
N VAL O 128 11.67 79.10 39.37
CA VAL O 128 12.72 78.62 40.27
C VAL O 128 12.72 77.09 40.29
N LEU O 129 13.92 76.53 40.41
CA LEU O 129 14.08 75.08 40.57
C LEU O 129 14.70 74.72 41.92
N GLY O 130 15.80 75.37 42.29
CA GLY O 130 16.44 75.11 43.57
C GLY O 130 17.32 76.29 43.93
N GLY O 131 17.94 76.19 45.10
CA GLY O 131 18.77 77.26 45.60
C GLY O 131 20.13 76.74 46.03
N ALA O 132 21.13 77.60 45.91
CA ALA O 132 22.49 77.31 46.33
C ALA O 132 22.86 78.22 47.50
N ASN O 133 23.24 77.62 48.62
CA ASN O 133 23.52 78.37 49.84
C ASN O 133 24.94 78.91 49.79
N GLU O 134 25.06 80.20 49.48
CA GLU O 134 26.36 80.89 49.43
C GLU O 134 26.39 81.90 50.57
N GLY O 135 26.89 81.47 51.72
CA GLY O 135 26.92 82.35 52.88
C GLY O 135 25.52 82.74 53.32
N SER O 136 25.30 84.03 53.50
CA SER O 136 24.01 84.55 53.91
C SER O 136 23.04 84.71 52.74
N ARG O 137 23.49 84.52 51.51
CA ARG O 137 22.66 84.64 50.33
C ARG O 137 22.44 83.27 49.70
N THR O 138 21.30 83.14 49.03
CA THR O 138 20.92 81.89 48.39
C THR O 138 20.80 82.14 46.89
N ALA O 139 21.82 81.72 46.14
CA ALA O 139 21.76 81.80 44.69
C ALA O 139 20.71 80.82 44.17
N LEU O 140 19.94 81.27 43.18
CA LEU O 140 18.80 80.52 42.68
C LEU O 140 19.19 79.74 41.43
N SER O 141 18.98 78.43 41.47
CA SER O 141 19.06 77.60 40.27
C SER O 141 17.72 77.74 39.55
N VAL O 142 17.71 78.53 38.47
CA VAL O 142 16.50 79.03 37.87
C VAL O 142 16.51 78.73 36.38
N VAL O 143 15.33 78.62 35.79
CA VAL O 143 15.16 78.42 34.36
C VAL O 143 14.45 79.64 33.80
N THR O 144 15.01 80.21 32.74
CA THR O 144 14.53 81.46 32.16
C THR O 144 14.33 81.32 30.67
N TRP O 145 13.97 82.43 30.02
CA TRP O 145 13.71 82.47 28.58
C TRP O 145 14.66 83.44 27.89
N ASN O 146 15.13 83.05 26.73
CA ASN O 146 15.68 83.98 25.75
C ASN O 146 14.54 84.39 24.81
N LYS O 147 14.88 85.01 23.67
CA LYS O 147 13.84 85.38 22.71
C LYS O 147 13.01 84.17 22.29
N ASP O 148 13.66 83.04 22.04
CA ASP O 148 12.93 81.82 21.69
C ASP O 148 13.52 80.57 22.33
N MET O 149 14.54 80.69 23.18
CA MET O 149 15.23 79.56 23.76
C MET O 149 14.92 79.45 25.26
N VAL O 150 14.97 78.23 25.76
CA VAL O 150 14.98 77.98 27.20
C VAL O 150 16.42 77.75 27.64
N THR O 151 16.85 78.51 28.64
CA THR O 151 18.19 78.37 29.18
C THR O 151 18.09 78.11 30.69
N ARG O 152 18.85 77.12 31.14
CA ARG O 152 18.86 76.71 32.53
C ARG O 152 20.14 77.18 33.18
N VAL O 153 20.02 77.98 34.24
CA VAL O 153 21.15 78.49 34.98
C VAL O 153 21.24 77.72 36.29
N THR O 154 22.38 77.08 36.53
CA THR O 154 22.59 76.24 37.71
C THR O 154 23.87 76.66 38.41
N PRO O 155 23.79 77.53 39.41
CA PRO O 155 24.98 77.87 40.20
C PRO O 155 25.48 76.67 40.98
N GLU O 156 26.78 76.68 41.25
CA GLU O 156 27.44 75.56 41.91
C GLU O 156 26.84 75.31 43.29
N GLY O 157 26.66 74.03 43.62
CA GLY O 157 26.14 73.64 44.92
C GLY O 157 24.64 73.70 45.06
N SER O 158 23.90 74.03 44.00
CA SER O 158 22.45 74.12 44.09
C SER O 158 21.86 72.73 44.31
N GLU O 159 20.80 72.69 45.12
CA GLU O 159 20.07 71.47 45.41
C GLU O 159 18.61 71.66 45.07
N GLU O 160 18.00 70.60 44.53
CA GLU O 160 16.62 70.67 44.02
C GLU O 160 15.66 70.72 45.20
N TRP O 161 14.87 71.78 45.28
CA TRP O 161 13.84 71.92 46.32
C TRP O 161 12.64 71.02 46.03
N LYS P 1 -16.95 110.73 22.68
CA LYS P 1 -16.46 111.32 21.45
C LYS P 1 -16.14 110.25 20.41
N ARG P 2 -15.24 109.33 20.80
CA ARG P 2 -14.75 108.32 19.86
C ARG P 2 -15.89 107.44 19.33
N GLU P 3 -16.81 107.06 20.22
CA GLU P 3 -17.93 106.22 19.80
C GLU P 3 -18.78 106.90 18.74
N ARG P 4 -18.86 108.24 18.78
CA ARG P 4 -19.73 108.96 17.86
C ARG P 4 -19.29 108.78 16.42
N MET P 5 -18.09 109.24 16.07
CA MET P 5 -17.66 109.07 14.68
C MET P 5 -17.33 107.62 14.39
N CYS P 6 -17.07 106.81 15.43
CA CYS P 6 -16.90 105.38 15.20
C CYS P 6 -18.16 104.76 14.61
N MET P 7 -19.31 104.99 15.25
CA MET P 7 -20.56 104.45 14.73
C MET P 7 -21.01 105.20 13.48
N LYS P 8 -20.61 106.47 13.32
CA LYS P 8 -20.93 107.19 12.10
C LYS P 8 -20.23 106.56 10.89
N ILE P 9 -18.94 106.27 11.03
CA ILE P 9 -18.23 105.55 9.97
C ILE P 9 -18.80 104.16 9.80
N GLU P 10 -19.22 103.53 10.91
CA GLU P 10 -19.92 102.26 10.82
C GLU P 10 -21.22 102.41 10.03
N ASN P 11 -21.95 103.50 10.26
CA ASN P 11 -23.16 103.75 9.48
C ASN P 11 -22.82 103.94 8.01
N ASP P 12 -21.71 104.61 7.71
CA ASP P 12 -21.34 104.90 6.34
C ASP P 12 -20.57 103.77 5.67
N CYS P 13 -20.12 102.77 6.43
CA CYS P 13 -19.27 101.71 5.87
C CYS P 13 -19.71 100.33 6.33
N ILE P 14 -21.00 100.11 6.51
CA ILE P 14 -21.54 98.79 6.83
C ILE P 14 -22.89 98.62 6.17
N PHE P 15 -23.03 97.55 5.39
CA PHE P 15 -24.29 97.19 4.74
C PHE P 15 -24.66 95.77 5.16
N GLU P 16 -25.93 95.58 5.48
CA GLU P 16 -26.40 94.27 5.92
C GLU P 16 -26.56 93.31 4.75
N VAL P 17 -26.41 92.02 5.04
CA VAL P 17 -26.72 90.95 4.09
C VAL P 17 -27.82 90.10 4.72
N LYS P 18 -28.86 89.82 3.93
CA LYS P 18 -30.02 89.09 4.42
C LYS P 18 -30.23 87.84 3.59
N HIS P 19 -30.47 86.71 4.28
CA HIS P 19 -30.76 85.44 3.65
C HIS P 19 -32.04 84.90 4.25
N GLU P 20 -33.01 84.59 3.39
CA GLU P 20 -34.39 84.28 3.80
C GLU P 20 -35.00 85.44 4.59
N GLY P 21 -34.58 86.66 4.29
CA GLY P 21 -35.16 87.84 4.90
C GLY P 21 -34.59 88.23 6.25
N LYS P 22 -33.67 87.44 6.80
CA LYS P 22 -33.07 87.72 8.09
C LYS P 22 -31.58 88.04 7.91
N VAL P 23 -31.10 89.02 8.66
CA VAL P 23 -29.71 89.45 8.55
C VAL P 23 -28.78 88.34 9.03
N THR P 24 -27.66 88.18 8.33
CA THR P 24 -26.68 87.15 8.67
C THR P 24 -25.27 87.68 8.82
N GLY P 25 -24.94 88.84 8.27
CA GLY P 25 -23.60 89.38 8.38
C GLY P 25 -23.57 90.81 7.90
N TYR P 26 -22.38 91.40 7.93
CA TYR P 26 -22.18 92.78 7.50
C TYR P 26 -20.96 92.88 6.60
N ALA P 27 -21.10 93.66 5.53
CA ALA P 27 -20.01 93.92 4.61
C ALA P 27 -19.56 95.37 4.73
N CYS P 28 -18.25 95.58 4.75
CA CYS P 28 -17.67 96.89 5.01
C CYS P 28 -16.83 97.35 3.84
N LEU P 29 -16.73 98.66 3.67
CA LEU P 29 -15.91 99.26 2.63
C LEU P 29 -14.60 99.75 3.26
N VAL P 30 -13.49 99.13 2.88
CA VAL P 30 -12.18 99.49 3.39
C VAL P 30 -11.30 99.86 2.19
N GLY P 31 -10.68 101.03 2.26
CA GLY P 31 -9.83 101.48 1.17
C GLY P 31 -10.60 101.66 -0.12
N ASP P 32 -10.39 100.75 -1.07
CA ASP P 32 -11.06 100.80 -2.37
C ASP P 32 -11.65 99.45 -2.75
N LYS P 33 -11.94 98.61 -1.76
CA LYS P 33 -12.46 97.27 -2.00
C LYS P 33 -13.53 96.93 -0.99
N VAL P 34 -14.68 96.45 -1.48
CA VAL P 34 -15.74 95.94 -0.62
C VAL P 34 -15.34 94.57 -0.10
N MET P 35 -15.47 94.38 1.21
CA MET P 35 -15.08 93.13 1.85
C MET P 35 -16.25 92.54 2.60
N LYS P 36 -16.51 91.25 2.36
CA LYS P 36 -17.54 90.47 3.04
C LYS P 36 -16.95 89.09 3.24
N PRO P 37 -17.00 88.54 4.46
CA PRO P 37 -16.36 87.25 4.67
C PRO P 37 -17.10 86.08 4.03
N ALA P 38 -16.30 85.11 3.57
CA ALA P 38 -16.82 84.09 2.66
C ALA P 38 -17.77 83.12 3.33
N HIS P 39 -17.61 82.87 4.63
CA HIS P 39 -18.40 81.83 5.27
C HIS P 39 -19.88 82.17 5.30
N VAL P 40 -20.22 83.45 5.50
CA VAL P 40 -21.62 83.84 5.55
C VAL P 40 -22.19 83.85 4.14
N LYS P 41 -23.44 83.44 4.01
CA LYS P 41 -24.13 83.37 2.72
C LYS P 41 -25.35 84.28 2.74
N GLY P 42 -25.62 84.89 1.59
CA GLY P 42 -26.73 85.80 1.45
C GLY P 42 -26.45 86.79 0.34
N VAL P 43 -27.24 87.87 0.33
CA VAL P 43 -27.12 88.91 -0.68
C VAL P 43 -27.00 90.26 0.03
N ILE P 44 -26.13 91.11 -0.52
CA ILE P 44 -25.91 92.44 0.02
C ILE P 44 -27.14 93.29 -0.26
N ASP P 45 -27.59 94.05 0.75
CA ASP P 45 -28.77 94.90 0.63
C ASP P 45 -28.43 96.20 -0.10
N ASN P 46 -28.00 96.04 -1.35
CA ASN P 46 -27.70 97.17 -2.22
C ASN P 46 -27.65 96.67 -3.66
N ALA P 47 -28.31 97.39 -4.56
CA ALA P 47 -28.37 96.97 -5.95
C ALA P 47 -26.98 96.96 -6.59
N ASP P 48 -26.18 98.00 -6.33
CA ASP P 48 -24.90 98.13 -7.01
C ASP P 48 -23.93 97.02 -6.60
N LEU P 49 -23.80 96.78 -5.30
CA LEU P 49 -22.82 95.81 -4.83
C LEU P 49 -23.24 94.37 -5.14
N ALA P 50 -24.55 94.11 -5.16
CA ALA P 50 -25.04 92.77 -5.44
C ALA P 50 -24.73 92.35 -6.88
N LYS P 51 -24.44 93.29 -7.77
CA LYS P 51 -24.15 92.98 -9.16
C LYS P 51 -22.66 92.82 -9.44
N LEU P 52 -21.80 93.08 -8.46
CA LEU P 52 -20.36 93.00 -8.68
C LEU P 52 -19.88 91.55 -8.64
N ALA P 53 -18.71 91.33 -9.21
CA ALA P 53 -18.08 90.01 -9.23
C ALA P 53 -17.13 89.92 -8.04
N PHE P 54 -17.41 88.99 -7.13
CA PHE P 54 -16.63 88.82 -5.92
C PHE P 54 -15.63 87.69 -6.10
N LYS P 55 -14.34 88.00 -5.91
CA LYS P 55 -13.31 86.99 -6.02
C LYS P 55 -13.34 86.07 -4.81
N LYS P 56 -13.28 84.76 -5.05
CA LYS P 56 -13.42 83.76 -4.01
C LYS P 56 -12.04 83.28 -3.55
N SER P 57 -11.91 83.11 -2.23
CA SER P 57 -10.71 82.53 -1.65
C SER P 57 -11.07 81.90 -0.31
N SER P 58 -11.22 80.58 -0.29
CA SER P 58 -11.60 79.88 0.92
C SER P 58 -10.46 79.77 1.92
N LYS P 59 -9.21 79.96 1.49
CA LYS P 59 -8.09 79.90 2.42
C LYS P 59 -8.16 81.04 3.42
N TYR P 60 -8.50 82.24 2.96
CA TYR P 60 -8.58 83.41 3.83
C TYR P 60 -10.00 83.71 4.30
N ASP P 61 -10.99 82.94 3.84
CA ASP P 61 -12.40 83.11 4.22
C ASP P 61 -12.85 84.55 3.98
N LEU P 62 -12.46 85.09 2.83
CA LEU P 62 -12.74 86.47 2.50
C LEU P 62 -13.19 86.58 1.05
N GLU P 63 -14.17 87.43 0.80
CA GLU P 63 -14.63 87.75 -0.55
C GLU P 63 -14.42 89.24 -0.78
N CYS P 64 -13.77 89.57 -1.88
CA CYS P 64 -13.43 90.96 -2.19
C CYS P 64 -13.93 91.34 -3.58
N ALA P 65 -14.14 92.64 -3.76
CA ALA P 65 -14.48 93.20 -5.05
C ALA P 65 -14.09 94.68 -5.04
N GLN P 66 -13.92 95.25 -6.23
CA GLN P 66 -13.50 96.63 -6.36
C GLN P 66 -14.73 97.53 -6.33
N ILE P 67 -14.68 98.55 -5.47
CA ILE P 67 -15.82 99.43 -5.23
C ILE P 67 -16.11 100.28 -6.45
N PRO P 68 -17.36 100.69 -6.67
CA PRO P 68 -17.66 101.62 -7.76
C PRO P 68 -17.05 102.98 -7.48
N VAL P 69 -17.00 103.80 -8.55
CA VAL P 69 -16.29 105.07 -8.46
C VAL P 69 -17.02 106.04 -7.52
N HIS P 70 -18.35 106.01 -7.53
CA HIS P 70 -19.11 107.00 -6.77
C HIS P 70 -19.32 106.63 -5.30
N MET P 71 -18.83 105.46 -4.86
CA MET P 71 -18.76 105.15 -3.44
C MET P 71 -17.36 105.32 -2.88
N ARG P 72 -16.44 105.90 -3.65
CA ARG P 72 -15.05 106.01 -3.20
C ARG P 72 -14.90 107.00 -2.06
N SER P 73 -15.81 107.97 -1.94
CA SER P 73 -15.74 108.96 -0.88
C SER P 73 -16.41 108.52 0.40
N ASP P 74 -17.08 107.36 0.40
CA ASP P 74 -17.77 106.84 1.58
C ASP P 74 -17.06 105.61 2.15
N ALA P 75 -15.75 105.51 1.94
CA ALA P 75 -14.97 104.36 2.38
C ALA P 75 -14.03 104.77 3.50
N SER P 76 -13.81 103.86 4.45
CA SER P 76 -12.95 104.15 5.58
C SER P 76 -11.48 104.17 5.17
N LYS P 77 -10.62 104.34 6.16
CA LYS P 77 -9.18 104.39 5.94
C LYS P 77 -8.52 103.18 6.62
N TYR P 78 -7.44 102.71 6.01
CA TYR P 78 -6.76 101.49 6.46
C TYR P 78 -5.38 101.80 7.02
N THR P 79 -4.78 100.78 7.63
CA THR P 79 -3.42 100.86 8.13
C THR P 79 -2.90 99.44 8.34
N HIS P 80 -1.59 99.34 8.60
CA HIS P 80 -0.96 98.06 8.81
C HIS P 80 -0.24 97.94 10.15
N GLU P 81 -0.33 98.94 11.02
CA GLU P 81 0.36 98.91 12.29
C GLU P 81 -0.58 98.42 13.39
N LYS P 82 -0.07 97.52 14.24
CA LYS P 82 -0.85 96.94 15.34
C LYS P 82 -0.08 97.10 16.65
N PRO P 83 -0.02 98.31 17.21
CA PRO P 83 0.59 98.48 18.53
C PRO P 83 -0.25 97.82 19.62
N GLU P 84 0.42 97.48 20.72
CA GLU P 84 -0.27 96.91 21.86
C GLU P 84 -1.16 97.96 22.51
N GLY P 85 -2.31 97.52 23.02
CA GLY P 85 -3.22 98.43 23.70
C GLY P 85 -4.69 98.08 23.53
N HIS P 86 -5.52 99.11 23.36
CA HIS P 86 -6.96 98.95 23.23
C HIS P 86 -7.43 99.54 21.91
N TYR P 87 -8.46 98.94 21.33
CA TYR P 87 -9.02 99.39 20.07
C TYR P 87 -10.55 99.37 20.17
N ASN P 88 -11.19 100.06 19.24
CA ASN P 88 -12.63 100.25 19.30
C ASN P 88 -13.36 99.15 18.53
N TRP P 89 -14.65 99.00 18.85
CA TRP P 89 -15.51 98.03 18.20
C TRP P 89 -16.95 98.47 18.40
N HIS P 90 -17.85 97.91 17.58
CA HIS P 90 -19.25 98.31 17.66
C HIS P 90 -19.87 97.98 19.00
N HIS P 91 -19.43 96.89 19.63
CA HIS P 91 -19.99 96.43 20.90
C HIS P 91 -19.12 96.83 22.09
N GLY P 92 -18.18 97.75 21.89
CA GLY P 92 -17.35 98.20 22.99
C GLY P 92 -15.90 98.41 22.61
N ALA P 93 -14.99 97.98 23.48
CA ALA P 93 -13.56 98.13 23.27
C ALA P 93 -12.89 96.76 23.29
N VAL P 94 -11.95 96.53 22.39
CA VAL P 94 -11.24 95.26 22.28
C VAL P 94 -9.84 95.43 22.83
N GLN P 95 -9.30 94.33 23.34
CA GLN P 95 -7.99 94.33 23.99
C GLN P 95 -7.01 93.54 23.12
N TYR P 96 -5.87 94.17 22.81
CA TYR P 96 -4.82 93.54 22.01
C TYR P 96 -3.67 93.18 22.95
N SER P 97 -3.44 91.89 23.15
CA SER P 97 -2.43 91.41 24.07
C SER P 97 -1.75 90.18 23.49
N GLY P 98 -0.45 90.30 23.22
CA GLY P 98 0.33 89.17 22.74
C GLY P 98 -0.13 88.60 21.43
N GLY P 99 -0.48 89.45 20.46
CA GLY P 99 -0.92 88.98 19.17
C GLY P 99 -2.32 88.40 19.14
N ARG P 100 -3.16 88.72 20.11
CA ARG P 100 -4.51 88.20 20.18
C ARG P 100 -5.50 89.35 20.36
N PHE P 101 -6.64 89.26 19.67
CA PHE P 101 -7.75 90.17 19.88
C PHE P 101 -8.76 89.48 20.79
N THR P 102 -9.03 90.07 21.95
CA THR P 102 -9.90 89.47 22.95
C THR P 102 -11.03 90.42 23.29
N ILE P 103 -12.20 89.84 23.54
CA ILE P 103 -13.40 90.59 23.91
C ILE P 103 -13.55 90.51 25.42
N PRO P 104 -13.48 91.64 26.15
CA PRO P 104 -13.67 91.58 27.61
C PRO P 104 -15.01 91.01 28.03
N THR P 105 -16.08 91.32 27.29
CA THR P 105 -17.41 90.89 27.68
C THR P 105 -17.70 89.44 27.31
N GLY P 106 -17.18 88.97 26.19
CA GLY P 106 -17.60 87.68 25.68
C GLY P 106 -19.05 87.65 25.28
N ALA P 107 -19.56 88.75 24.75
CA ALA P 107 -20.96 88.87 24.34
C ALA P 107 -21.16 88.70 22.84
N GLY P 108 -20.11 88.31 22.11
CA GLY P 108 -20.22 88.08 20.69
C GLY P 108 -21.22 86.98 20.36
N LYS P 109 -22.06 87.22 19.36
CA LYS P 109 -23.11 86.30 18.99
C LYS P 109 -23.08 86.04 17.49
N PRO P 110 -23.60 84.91 17.05
CA PRO P 110 -23.67 84.64 15.60
C PRO P 110 -24.47 85.72 14.89
N GLY P 111 -24.01 86.09 13.70
CA GLY P 111 -24.57 87.18 12.94
C GLY P 111 -23.80 88.48 13.02
N ASP P 112 -22.78 88.55 13.87
CA ASP P 112 -21.96 89.74 14.01
C ASP P 112 -20.69 89.67 13.15
N SER P 113 -20.55 88.64 12.32
CA SER P 113 -19.36 88.49 11.50
C SER P 113 -19.25 89.62 10.49
N GLY P 114 -18.02 90.07 10.24
CA GLY P 114 -17.75 91.11 9.28
C GLY P 114 -17.72 92.52 9.82
N ARG P 115 -18.03 92.71 11.10
CA ARG P 115 -18.00 94.06 11.67
C ARG P 115 -16.55 94.50 11.86
N PRO P 116 -16.15 95.63 11.29
CA PRO P 116 -14.74 96.03 11.35
C PRO P 116 -14.30 96.41 12.77
N ILE P 117 -12.99 96.29 12.99
CA ILE P 117 -12.36 96.73 14.24
C ILE P 117 -11.54 97.97 13.93
N PHE P 118 -11.81 99.05 14.65
CA PHE P 118 -11.25 100.36 14.35
C PHE P 118 -10.03 100.68 15.18
N ASP P 119 -9.31 101.71 14.76
CA ASP P 119 -8.20 102.26 15.52
C ASP P 119 -8.68 103.48 16.31
N ASN P 120 -7.77 104.10 17.05
CA ASN P 120 -8.13 105.28 17.81
C ASN P 120 -8.49 106.45 16.90
N LYS P 121 -7.80 106.57 15.77
CA LYS P 121 -8.01 107.70 14.86
C LYS P 121 -9.07 107.41 13.80
N GLY P 122 -9.77 106.29 13.90
CA GLY P 122 -10.80 105.94 12.95
C GLY P 122 -10.37 105.01 11.85
N ARG P 123 -9.09 104.66 11.78
CA ARG P 123 -8.61 103.72 10.77
C ARG P 123 -9.03 102.31 11.11
N VAL P 124 -9.07 101.46 10.10
CA VAL P 124 -9.48 100.06 10.25
C VAL P 124 -8.24 99.20 10.39
N VAL P 125 -8.30 98.21 11.28
CA VAL P 125 -7.17 97.34 11.57
C VAL P 125 -7.45 95.90 11.14
N ALA P 126 -8.63 95.38 11.46
CA ALA P 126 -8.96 93.99 11.15
C ALA P 126 -10.47 93.89 10.93
N ILE P 127 -10.93 92.68 10.62
CA ILE P 127 -12.34 92.39 10.40
C ILE P 127 -12.70 91.14 11.20
N VAL P 128 -13.80 91.21 11.94
CA VAL P 128 -14.20 90.12 12.82
C VAL P 128 -14.78 88.98 12.00
N LEU P 129 -14.29 87.76 12.26
CA LEU P 129 -14.79 86.56 11.61
C LEU P 129 -15.52 85.64 12.59
N GLY P 130 -14.89 85.34 13.73
CA GLY P 130 -15.50 84.49 14.74
C GLY P 130 -14.74 84.64 16.04
N GLY P 131 -15.19 83.88 17.04
CA GLY P 131 -14.59 83.95 18.36
C GLY P 131 -14.52 82.57 19.00
N ALA P 132 -13.63 82.47 19.99
CA ALA P 132 -13.43 81.24 20.73
C ALA P 132 -13.62 81.52 22.22
N ASN P 133 -14.47 80.72 22.86
CA ASN P 133 -14.83 80.96 24.26
C ASN P 133 -13.65 80.59 25.16
N GLU P 134 -12.93 81.60 25.64
CA GLU P 134 -11.85 81.40 26.58
C GLU P 134 -12.38 81.60 28.01
N GLY P 135 -13.37 80.80 28.36
CA GLY P 135 -14.00 80.91 29.66
C GLY P 135 -14.72 82.23 29.85
N SER P 136 -14.16 83.10 30.68
CA SER P 136 -14.75 84.42 30.93
C SER P 136 -14.51 85.40 29.79
N ARG P 137 -13.57 85.11 28.91
CA ARG P 137 -13.25 85.96 27.76
C ARG P 137 -13.49 85.18 26.47
N THR P 138 -13.41 85.89 25.35
CA THR P 138 -13.48 85.26 24.03
C THR P 138 -12.39 85.85 23.15
N ALA P 139 -11.55 84.98 22.60
CA ALA P 139 -10.50 85.40 21.67
C ALA P 139 -11.10 85.51 20.27
N LEU P 140 -10.83 86.63 19.62
CA LEU P 140 -11.42 86.92 18.31
C LEU P 140 -10.58 86.27 17.21
N SER P 141 -11.24 85.51 16.34
CA SER P 141 -10.63 85.02 15.11
C SER P 141 -10.92 86.06 14.03
N VAL P 142 -9.88 86.80 13.62
CA VAL P 142 -10.03 87.93 12.71
C VAL P 142 -9.05 87.78 11.57
N VAL P 143 -9.29 88.57 10.52
CA VAL P 143 -8.39 88.68 9.37
C VAL P 143 -7.85 90.10 9.33
N THR P 144 -6.53 90.22 9.26
CA THR P 144 -5.86 91.51 9.34
C THR P 144 -5.06 91.76 8.07
N TRP P 145 -4.30 92.85 8.09
CA TRP P 145 -3.44 93.21 6.98
C TRP P 145 -2.01 93.38 7.46
N ASN P 146 -1.07 92.78 6.74
CA ASN P 146 0.34 93.03 6.95
C ASN P 146 0.71 94.22 6.06
N LYS P 147 2.02 94.47 5.87
CA LYS P 147 2.44 95.56 5.02
C LYS P 147 1.89 95.40 3.60
N ASP P 148 1.96 94.19 3.05
CA ASP P 148 1.45 93.94 1.71
C ASP P 148 0.73 92.60 1.57
N MET P 149 0.41 91.92 2.66
CA MET P 149 -0.17 90.59 2.61
C MET P 149 -1.36 90.47 3.55
N VAL P 150 -2.27 89.56 3.21
CA VAL P 150 -3.40 89.22 4.06
C VAL P 150 -3.01 88.01 4.89
N THR P 151 -3.24 88.09 6.21
CA THR P 151 -2.99 86.99 7.11
C THR P 151 -4.23 86.75 7.96
N ARG P 152 -4.44 85.49 8.33
CA ARG P 152 -5.59 85.09 9.13
C ARG P 152 -5.10 84.52 10.45
N VAL P 153 -5.68 84.97 11.54
CA VAL P 153 -5.37 84.50 12.88
C VAL P 153 -6.61 83.81 13.43
N THR P 154 -6.47 82.53 13.78
CA THR P 154 -7.59 81.72 14.26
C THR P 154 -7.17 80.94 15.50
N PRO P 155 -7.60 81.36 16.69
CA PRO P 155 -7.30 80.57 17.88
C PRO P 155 -8.05 79.25 17.89
N GLU P 156 -7.48 78.26 18.56
CA GLU P 156 -8.09 76.95 18.62
C GLU P 156 -9.44 77.00 19.33
N GLY P 157 -10.36 76.16 18.88
CA GLY P 157 -11.70 76.13 19.45
C GLY P 157 -12.64 77.20 18.94
N SER P 158 -12.21 78.01 17.98
CA SER P 158 -13.06 79.07 17.47
C SER P 158 -14.21 78.51 16.65
N GLU P 159 -15.33 79.23 16.67
CA GLU P 159 -16.50 78.90 15.87
C GLU P 159 -16.87 80.09 15.01
N GLU P 160 -17.35 79.81 13.79
CA GLU P 160 -17.70 80.85 12.84
C GLU P 160 -19.09 81.40 13.18
N TRP P 161 -19.19 82.70 13.35
CA TRP P 161 -20.45 83.35 13.66
C TRP P 161 -21.26 83.61 12.40
N PRO Q 1 72.52 32.12 -38.42
CA PRO Q 1 72.01 32.17 -37.05
C PRO Q 1 72.00 30.79 -36.39
N THR Q 2 73.14 30.38 -35.84
CA THR Q 2 73.26 29.07 -35.19
C THR Q 2 72.56 29.11 -33.85
N CYS Q 3 71.66 28.16 -33.61
CA CYS Q 3 70.97 28.08 -32.33
C CYS Q 3 71.92 27.63 -31.24
N GLY Q 4 71.46 27.69 -30.00
CA GLY Q 4 72.26 27.29 -28.87
C GLY Q 4 72.52 25.78 -28.85
N ALA Q 5 73.40 25.39 -27.93
CA ALA Q 5 73.78 23.98 -27.80
C ALA Q 5 72.62 23.10 -27.38
N HIS Q 6 71.57 23.67 -26.77
CA HIS Q 6 70.40 22.91 -26.38
C HIS Q 6 69.18 23.21 -27.25
N GLU Q 7 69.39 23.79 -28.43
CA GLU Q 7 68.30 24.18 -29.31
C GLU Q 7 68.52 23.58 -30.70
N PHE Q 8 67.41 23.28 -31.38
CA PHE Q 8 67.42 22.72 -32.72
C PHE Q 8 66.89 23.75 -33.72
N GLN Q 9 67.50 23.79 -34.90
CA GLN Q 9 67.15 24.75 -35.92
C GLN Q 9 66.24 24.10 -36.95
N CYS Q 10 65.01 24.61 -37.08
CA CYS Q 10 64.15 24.19 -38.17
C CYS Q 10 64.67 24.74 -39.50
N SER Q 11 64.17 24.17 -40.60
CA SER Q 11 64.61 24.64 -41.92
C SER Q 11 64.15 26.05 -42.21
N THR Q 12 63.20 26.60 -41.43
CA THR Q 12 62.84 28.00 -41.50
C THR Q 12 63.69 28.88 -40.59
N SER Q 13 64.85 28.37 -40.15
CA SER Q 13 65.82 29.05 -39.30
C SER Q 13 65.31 29.33 -37.90
N SER Q 14 64.18 28.74 -37.50
CA SER Q 14 63.68 28.92 -36.14
C SER Q 14 64.37 27.96 -35.19
N CYS Q 15 64.54 28.39 -33.94
CA CYS Q 15 65.20 27.60 -32.92
C CYS Q 15 64.18 27.02 -31.95
N ILE Q 16 64.25 25.71 -31.73
CA ILE Q 16 63.38 25.03 -30.78
C ILE Q 16 64.25 24.15 -29.88
N PRO Q 17 63.82 23.86 -28.65
CA PRO Q 17 64.63 23.01 -27.77
C PRO Q 17 64.82 21.62 -28.36
N ILE Q 18 65.96 21.01 -28.04
CA ILE Q 18 66.29 19.68 -28.55
C ILE Q 18 65.29 18.65 -28.05
N SER Q 19 64.77 18.83 -26.84
CA SER Q 19 63.84 17.86 -26.28
C SER Q 19 62.53 17.79 -27.05
N TRP Q 20 62.26 18.75 -27.94
CA TRP Q 20 61.05 18.75 -28.74
C TRP Q 20 61.23 18.05 -30.07
N VAL Q 21 62.41 17.50 -30.34
CA VAL Q 21 62.70 16.85 -31.61
C VAL Q 21 62.18 15.42 -31.58
N CYS Q 22 61.42 15.05 -32.61
CA CYS Q 22 60.83 13.71 -32.74
C CYS Q 22 59.98 13.34 -31.54
N ASP Q 23 59.18 14.30 -31.06
CA ASP Q 23 58.26 14.08 -29.96
C ASP Q 23 56.82 13.86 -30.44
N ASP Q 24 56.63 13.61 -31.74
CA ASP Q 24 55.34 13.46 -32.40
C ASP Q 24 54.52 14.75 -32.39
N ASP Q 25 55.14 15.89 -32.18
CA ASP Q 25 54.47 17.19 -32.21
C ASP Q 25 55.13 18.08 -33.24
N ALA Q 26 54.31 18.74 -34.07
CA ALA Q 26 54.81 19.59 -35.14
C ALA Q 26 55.10 20.98 -34.57
N ASP Q 27 56.23 21.07 -33.86
CA ASP Q 27 56.64 22.35 -33.29
C ASP Q 27 57.13 23.32 -34.37
N CYS Q 28 57.97 22.85 -35.29
CA CYS Q 28 58.40 23.69 -36.40
C CYS Q 28 57.23 23.94 -37.35
N SER Q 29 57.19 25.15 -37.91
CA SER Q 29 56.13 25.50 -38.84
C SER Q 29 56.16 24.63 -40.10
N ASP Q 30 57.34 24.12 -40.47
CA ASP Q 30 57.49 23.28 -41.65
C ASP Q 30 57.67 21.81 -41.31
N GLN Q 31 57.41 21.42 -40.06
CA GLN Q 31 57.56 20.04 -39.59
C GLN Q 31 58.99 19.53 -39.77
N SER Q 32 59.97 20.42 -39.63
CA SER Q 32 61.37 20.00 -39.71
C SER Q 32 61.74 19.13 -38.51
N ASP Q 33 61.15 19.41 -37.35
CA ASP Q 33 61.43 18.61 -36.16
C ASP Q 33 60.96 17.17 -36.34
N GLU Q 34 59.80 16.98 -36.98
CA GLU Q 34 59.25 15.65 -37.22
C GLU Q 34 59.61 15.10 -38.59
N SER Q 35 60.61 15.67 -39.24
CA SER Q 35 61.05 15.16 -40.54
C SER Q 35 61.65 13.76 -40.37
N LEU Q 36 61.38 12.89 -41.35
CA LEU Q 36 61.85 11.52 -41.27
C LEU Q 36 63.37 11.43 -41.30
N GLU Q 37 64.02 12.32 -42.05
CA GLU Q 37 65.48 12.29 -42.15
C GLU Q 37 66.13 12.57 -40.80
N GLN Q 38 65.62 13.57 -40.07
CA GLN Q 38 66.21 13.91 -38.78
C GLN Q 38 65.93 12.84 -37.73
N CYS Q 39 64.73 12.29 -37.72
CA CYS Q 39 64.35 11.27 -36.75
C CYS Q 39 64.98 9.92 -37.04
N GLY Q 40 65.43 9.66 -38.26
CA GLY Q 40 66.03 8.40 -38.60
C GLY Q 40 65.03 7.27 -38.73
N PRO R 1 -81.08 -18.80 -19.20
CA PRO R 1 -80.17 -17.65 -19.07
C PRO R 1 -78.85 -17.87 -19.81
N THR R 2 -78.79 -17.44 -21.07
CA THR R 2 -77.60 -17.59 -21.88
C THR R 2 -76.63 -16.47 -21.56
N CYS R 3 -75.42 -16.82 -21.11
CA CYS R 3 -74.40 -15.82 -20.87
C CYS R 3 -73.92 -15.22 -22.18
N GLY R 4 -73.14 -14.15 -22.08
CA GLY R 4 -72.66 -13.46 -23.26
C GLY R 4 -71.70 -14.32 -24.07
N ALA R 5 -71.42 -13.84 -25.29
CA ALA R 5 -70.55 -14.57 -26.20
C ALA R 5 -69.12 -14.70 -25.67
N HIS R 6 -68.72 -13.85 -24.73
CA HIS R 6 -67.39 -13.94 -24.12
C HIS R 6 -67.47 -14.49 -22.70
N GLU R 7 -68.60 -15.04 -22.29
CA GLU R 7 -68.80 -15.55 -20.94
C GLU R 7 -69.15 -17.03 -20.98
N PHE R 8 -68.67 -17.77 -19.99
CA PHE R 8 -68.97 -19.19 -19.85
C PHE R 8 -70.00 -19.39 -18.76
N GLN R 9 -70.94 -20.31 -18.99
CA GLN R 9 -72.01 -20.59 -18.05
C GLN R 9 -71.65 -21.83 -17.23
N CYS R 10 -71.51 -21.66 -15.92
CA CYS R 10 -71.36 -22.79 -15.04
C CYS R 10 -72.68 -23.54 -14.91
N SER R 11 -72.61 -24.78 -14.44
CA SER R 11 -73.82 -25.57 -14.27
C SER R 11 -74.71 -25.03 -13.15
N THR R 12 -74.19 -24.14 -12.31
CA THR R 12 -75.00 -23.37 -11.36
C THR R 12 -75.57 -22.09 -11.97
N SER R 13 -75.57 -21.99 -13.30
CA SER R 13 -76.12 -20.86 -14.06
C SER R 13 -75.36 -19.56 -13.84
N SER R 14 -74.15 -19.61 -13.31
CA SER R 14 -73.36 -18.40 -13.15
C SER R 14 -72.52 -18.14 -14.40
N CYS R 15 -72.32 -16.86 -14.70
CA CYS R 15 -71.57 -16.43 -15.88
C CYS R 15 -70.18 -15.95 -15.47
N ILE R 16 -69.15 -16.55 -16.06
CA ILE R 16 -67.76 -16.18 -15.79
C ILE R 16 -67.06 -15.98 -17.13
N PRO R 17 -65.98 -15.20 -17.20
CA PRO R 17 -65.29 -14.99 -18.47
C PRO R 17 -64.74 -16.29 -19.03
N ILE R 18 -64.72 -16.38 -20.37
CA ILE R 18 -64.24 -17.57 -21.05
C ILE R 18 -62.76 -17.81 -20.76
N SER R 19 -61.99 -16.74 -20.56
CA SER R 19 -60.57 -16.88 -20.33
C SER R 19 -60.25 -17.61 -19.02
N TRP R 20 -61.23 -17.78 -18.14
CA TRP R 20 -61.05 -18.50 -16.89
C TRP R 20 -61.34 -19.99 -17.01
N VAL R 21 -61.68 -20.47 -18.20
CA VAL R 21 -62.02 -21.88 -18.40
C VAL R 21 -60.74 -22.70 -18.46
N CYS R 22 -60.68 -23.77 -17.66
CA CYS R 22 -59.53 -24.66 -17.61
C CYS R 22 -58.25 -23.92 -17.24
N ASP R 23 -58.32 -23.06 -16.24
CA ASP R 23 -57.15 -22.34 -15.73
C ASP R 23 -56.61 -22.94 -14.45
N ASP R 24 -57.06 -24.15 -14.09
CA ASP R 24 -56.70 -24.88 -12.88
C ASP R 24 -57.23 -24.22 -11.61
N ASP R 25 -58.10 -23.23 -11.72
CA ASP R 25 -58.74 -22.61 -10.57
C ASP R 25 -60.25 -22.79 -10.69
N ALA R 26 -60.88 -23.17 -9.56
CA ALA R 26 -62.32 -23.46 -9.55
C ALA R 26 -63.09 -22.15 -9.37
N ASP R 27 -63.20 -21.40 -10.46
CA ASP R 27 -63.99 -20.18 -10.44
C ASP R 27 -65.48 -20.46 -10.24
N CYS R 28 -66.02 -21.46 -10.92
CA CYS R 28 -67.40 -21.86 -10.71
C CYS R 28 -67.54 -22.49 -9.33
N SER R 29 -68.69 -22.23 -8.70
CA SER R 29 -68.93 -22.77 -7.35
C SER R 29 -68.96 -24.30 -7.35
N ASP R 30 -69.36 -24.92 -8.46
CA ASP R 30 -69.43 -26.38 -8.57
C ASP R 30 -68.28 -26.96 -9.36
N GLN R 31 -67.23 -26.17 -9.63
CA GLN R 31 -66.06 -26.63 -10.38
C GLN R 31 -66.43 -27.09 -11.79
N SER R 32 -67.46 -26.47 -12.38
CA SER R 32 -67.86 -26.82 -13.74
C SER R 32 -66.83 -26.34 -14.76
N ASP R 33 -66.16 -25.22 -14.47
CA ASP R 33 -65.15 -24.70 -15.39
C ASP R 33 -63.97 -25.66 -15.50
N GLU R 34 -63.57 -26.29 -14.40
CA GLU R 34 -62.47 -27.22 -14.39
C GLU R 34 -62.91 -28.67 -14.57
N SER R 35 -64.16 -28.90 -14.95
CA SER R 35 -64.65 -30.26 -15.16
C SER R 35 -63.91 -30.90 -16.32
N LEU R 36 -63.68 -32.22 -16.20
CA LEU R 36 -62.95 -32.94 -17.23
C LEU R 36 -63.69 -32.95 -18.56
N GLU R 37 -65.02 -33.04 -18.52
CA GLU R 37 -65.80 -33.05 -19.77
C GLU R 37 -65.63 -31.75 -20.53
N GLN R 38 -65.65 -30.61 -19.84
CA GLN R 38 -65.49 -29.33 -20.51
C GLN R 38 -64.05 -29.10 -20.96
N CYS R 39 -63.07 -29.50 -20.14
CA CYS R 39 -61.67 -29.35 -20.49
C CYS R 39 -61.17 -30.43 -21.44
N GLY R 40 -61.95 -31.48 -21.67
CA GLY R 40 -61.55 -32.53 -22.58
C GLY R 40 -60.39 -33.38 -22.06
N PRO S 1 29.96 -49.85 92.65
CA PRO S 1 28.74 -49.12 92.25
C PRO S 1 28.10 -49.70 90.99
N THR S 2 27.00 -50.43 91.17
CA THR S 2 26.30 -51.04 90.06
C THR S 2 25.30 -50.03 89.50
N CYS S 3 25.44 -49.72 88.20
CA CYS S 3 24.51 -48.81 87.55
C CYS S 3 23.14 -49.45 87.44
N GLY S 4 22.14 -48.64 87.11
CA GLY S 4 20.77 -49.12 87.01
C GLY S 4 20.60 -50.14 85.91
N ALA S 5 19.41 -50.76 85.92
CA ALA S 5 19.09 -51.80 84.93
C ALA S 5 19.07 -51.27 83.50
N HIS S 6 18.81 -49.98 83.32
CA HIS S 6 18.82 -49.37 81.98
C HIS S 6 20.10 -48.60 81.71
N GLU S 7 21.13 -48.75 82.54
CA GLU S 7 22.36 -47.99 82.44
C GLU S 7 23.54 -48.93 82.25
N PHE S 8 24.53 -48.49 81.48
CA PHE S 8 25.75 -49.23 81.25
C PHE S 8 26.91 -48.56 81.97
N GLN S 9 27.77 -49.39 82.59
CA GLN S 9 28.91 -48.89 83.35
C GLN S 9 30.16 -48.94 82.48
N CYS S 10 30.77 -47.79 82.24
CA CYS S 10 32.07 -47.76 81.59
C CYS S 10 33.14 -48.28 82.55
N SER S 11 34.31 -48.61 82.00
CA SER S 11 35.40 -49.10 82.82
C SER S 11 35.92 -48.03 83.79
N THR S 12 35.60 -46.76 83.54
CA THR S 12 35.90 -45.66 84.47
C THR S 12 34.83 -45.48 85.54
N SER S 13 33.99 -46.49 85.77
CA SER S 13 32.93 -46.52 86.78
C SER S 13 31.83 -45.50 86.53
N SER S 14 31.76 -44.93 85.33
CA SER S 14 30.69 -43.99 85.03
C SER S 14 29.46 -44.72 84.49
N CYS S 15 28.28 -44.19 84.82
CA CYS S 15 27.02 -44.76 84.38
C CYS S 15 26.48 -43.98 83.19
N ILE S 16 26.20 -44.68 82.10
CA ILE S 16 25.61 -44.08 80.91
C ILE S 16 24.41 -44.92 80.49
N PRO S 17 23.42 -44.35 79.81
CA PRO S 17 22.28 -45.15 79.35
C PRO S 17 22.71 -46.26 78.40
N ILE S 18 21.99 -47.38 78.46
CA ILE S 18 22.32 -48.53 77.62
C ILE S 18 22.12 -48.21 76.15
N SER S 19 21.19 -47.30 75.84
CA SER S 19 20.92 -46.95 74.45
C SER S 19 22.09 -46.22 73.79
N TRP S 20 23.09 -45.80 74.56
CA TRP S 20 24.25 -45.11 74.03
C TRP S 20 25.38 -46.07 73.65
N VAL S 21 25.18 -47.37 73.83
CA VAL S 21 26.24 -48.35 73.64
C VAL S 21 26.31 -48.74 72.16
N CYS S 22 27.54 -48.72 71.62
CA CYS S 22 27.81 -49.12 70.23
C CYS S 22 27.03 -48.26 69.23
N ASP S 23 26.96 -46.96 69.49
CA ASP S 23 26.32 -46.02 68.58
C ASP S 23 27.33 -45.19 67.78
N ASP S 24 28.58 -45.66 67.69
CA ASP S 24 29.69 -45.02 66.98
C ASP S 24 30.09 -43.69 67.61
N ASP S 25 29.69 -43.41 68.84
CA ASP S 25 30.09 -42.20 69.55
C ASP S 25 30.73 -42.57 70.87
N ALA S 26 31.84 -41.90 71.20
CA ALA S 26 32.61 -42.20 72.41
C ALA S 26 31.96 -41.48 73.59
N ASP S 27 30.84 -42.05 74.06
CA ASP S 27 30.17 -41.49 75.23
C ASP S 27 30.96 -41.69 76.51
N CYS S 28 31.58 -42.85 76.68
CA CYS S 28 32.47 -43.07 77.81
C CYS S 28 33.78 -42.31 77.61
N SER S 29 34.33 -41.79 78.70
CA SER S 29 35.59 -41.05 78.62
C SER S 29 36.73 -41.94 78.15
N ASP S 30 36.67 -43.24 78.42
CA ASP S 30 37.70 -44.19 78.00
C ASP S 30 37.26 -45.04 76.80
N GLN S 31 36.17 -44.66 76.13
CA GLN S 31 35.65 -45.39 74.97
C GLN S 31 35.32 -46.84 75.30
N SER S 32 34.89 -47.10 76.53
CA SER S 32 34.50 -48.45 76.92
C SER S 32 33.22 -48.87 76.21
N ASP S 33 32.31 -47.93 75.97
CA ASP S 33 31.08 -48.24 75.25
C ASP S 33 31.37 -48.67 73.83
N GLU S 34 32.33 -48.04 73.17
CA GLU S 34 32.71 -48.36 71.80
C GLU S 34 33.82 -49.41 71.74
N SER S 35 34.12 -50.07 72.85
CA SER S 35 35.13 -51.12 72.83
C SER S 35 34.70 -52.28 71.95
N LEU S 36 35.65 -52.87 71.23
CA LEU S 36 35.33 -53.93 70.29
C LEU S 36 34.82 -55.17 71.02
N GLU S 37 35.31 -55.43 72.23
CA GLU S 37 34.86 -56.60 72.98
C GLU S 37 33.38 -56.49 73.34
N GLN S 38 32.93 -55.31 73.77
CA GLN S 38 31.55 -55.14 74.18
C GLN S 38 30.58 -55.20 72.99
N CYS S 39 30.95 -54.57 71.88
CA CYS S 39 30.08 -54.51 70.70
C CYS S 39 30.02 -55.83 69.95
N GLY S 40 30.89 -56.79 70.25
CA GLY S 40 30.90 -58.07 69.58
C GLY S 40 31.51 -58.01 68.19
C1 NAG T . -42.56 -16.05 -19.60
C2 NAG T . -43.43 -16.56 -18.44
C3 NAG T . -42.54 -16.99 -17.27
C4 NAG T . -41.49 -17.99 -17.74
C5 NAG T . -40.70 -17.41 -18.91
C6 NAG T . -39.70 -18.37 -19.50
C7 NAG T . -45.53 -15.86 -17.39
C8 NAG T . -46.39 -14.69 -17.03
N2 NAG T . -44.38 -15.55 -18.02
O3 NAG T . -43.35 -17.58 -16.25
O4 NAG T . -40.61 -18.30 -16.66
O5 NAG T . -41.60 -17.05 -19.96
O6 NAG T . -40.34 -19.42 -20.20
O7 NAG T . -45.84 -17.01 -17.11
C1 NAG T . -40.66 -19.72 -16.39
C2 NAG T . -39.31 -20.15 -15.84
C3 NAG T . -39.33 -21.65 -15.55
C4 NAG T . -40.49 -22.00 -14.63
C5 NAG T . -41.80 -21.46 -15.18
C6 NAG T . -42.97 -21.65 -14.24
C7 NAG T . -37.18 -19.09 -16.44
C8 NAG T . -36.17 -18.85 -17.52
N2 NAG T . -38.23 -19.83 -16.77
O3 NAG T . -38.09 -22.03 -14.94
O4 NAG T . -40.59 -23.42 -14.50
O5 NAG T . -41.69 -20.05 -15.45
O6 NAG T . -44.15 -21.03 -14.76
O7 NAG T . -37.03 -18.64 -15.30
C1 BMA T . -40.20 -23.84 -13.18
C2 BMA T . -40.10 -25.39 -13.20
C3 BMA T . -39.50 -25.91 -11.89
C4 BMA T . -38.23 -25.16 -11.51
C5 BMA T . -38.53 -23.65 -11.47
C6 BMA T . -37.32 -22.81 -11.10
O2 BMA T . -39.24 -25.82 -14.25
O3 BMA T . -39.23 -27.31 -11.97
O4 BMA T . -37.76 -25.59 -10.25
O5 BMA T . -38.97 -23.25 -12.78
O6 BMA T . -36.82 -23.27 -9.85
C1 NAG U . -6.44 -23.26 -27.76
C2 NAG U . -5.40 -22.93 -28.82
C3 NAG U . -5.28 -21.42 -29.02
C4 NAG U . -6.64 -20.81 -29.29
C5 NAG U . -7.62 -21.20 -28.19
C6 NAG U . -9.03 -20.72 -28.44
C7 NAG U . -3.49 -24.45 -29.19
C8 NAG U . -4.22 -24.91 -30.41
N2 NAG U . -4.11 -23.50 -28.46
O3 NAG U . -4.41 -21.15 -30.11
O4 NAG U . -6.52 -19.39 -29.35
O5 NAG U . -7.69 -22.63 -28.10
O6 NAG U . -9.70 -21.50 -29.41
O7 NAG U . -2.41 -24.91 -28.86
C1 NAG U . -7.00 -18.90 -30.63
C2 NAG U . -6.93 -17.37 -30.61
C3 NAG U . -7.40 -16.78 -31.96
C4 NAG U . -6.66 -17.45 -33.11
C5 NAG U . -6.73 -18.98 -33.00
C6 NAG U . -5.89 -19.69 -34.04
C7 NAG U . -8.92 -16.77 -29.16
C8 NAG U . -9.86 -17.54 -30.06
N2 NAG U . -7.61 -16.75 -29.49
O3 NAG U . -7.16 -15.39 -31.96
O4 NAG U . -7.26 -17.08 -34.34
O5 NAG U . -6.24 -19.41 -31.72
O6 NAG U . -6.38 -19.44 -35.35
O7 NAG U . -9.34 -16.19 -28.17
C1 BMA U . -6.56 -15.97 -34.95
C2 BMA U . -6.30 -16.31 -36.43
C3 BMA U . -5.74 -15.08 -37.17
C4 BMA U . -6.60 -13.84 -36.91
C5 BMA U . -6.73 -13.61 -35.40
C6 BMA U . -7.60 -12.41 -35.07
O2 BMA U . -7.50 -16.67 -37.09
O3 BMA U . -5.64 -15.32 -38.57
O4 BMA U . -6.00 -12.70 -37.52
O5 BMA U . -7.34 -14.78 -34.82
O6 BMA U . -7.29 -11.37 -35.96
C1 NAG V . 49.95 -24.67 -41.83
C2 NAG V . 49.05 -23.50 -42.26
C3 NAG V . 49.89 -22.23 -42.40
C4 NAG V . 50.68 -21.97 -41.13
C5 NAG V . 51.49 -23.20 -40.73
C6 NAG V . 52.18 -23.04 -39.40
C7 NAG V . 47.07 -23.48 -43.69
C8 NAG V . 46.50 -23.86 -45.03
N2 NAG V . 48.35 -23.80 -43.49
O3 NAG V . 49.01 -21.14 -42.68
O4 NAG V . 51.59 -20.89 -41.34
O5 NAG V . 50.62 -24.34 -40.62
O6 NAG V . 53.38 -22.31 -39.53
O7 NAG V . 46.40 -22.90 -42.84
C1 NAG V . 51.07 -19.67 -40.77
C2 NAG V . 52.22 -18.82 -40.25
C3 NAG V . 51.69 -17.49 -39.70
C4 NAG V . 50.85 -16.78 -40.76
C5 NAG V . 49.75 -17.72 -41.26
C6 NAG V . 48.95 -17.13 -42.39
C7 NAG V . 54.25 -19.25 -38.93
C8 NAG V . 54.88 -20.06 -37.84
N2 NAG V . 52.97 -19.53 -39.22
O3 NAG V . 52.79 -16.67 -39.31
O4 NAG V . 50.25 -15.62 -40.20
O5 NAG V . 50.33 -18.93 -41.76
O6 NAG V . 49.73 -16.24 -43.17
O7 NAG V . 54.87 -18.36 -39.52
C1 BMA V . 50.97 -14.45 -40.66
C2 BMA V . 49.93 -13.37 -41.07
C3 BMA V . 50.64 -12.07 -41.42
C4 BMA V . 51.65 -11.67 -40.33
C5 BMA V . 52.61 -12.82 -40.06
C6 BMA V . 53.60 -12.53 -38.94
O2 BMA V . 49.05 -13.08 -40.00
O3 BMA V . 49.71 -11.01 -41.65
O4 BMA V . 52.38 -10.52 -40.73
O5 BMA V . 51.84 -13.97 -39.65
O6 BMA V . 54.50 -13.63 -38.84
C1 NAG W . 12.19 -44.45 59.29
C2 NAG W . 13.68 -44.13 59.48
C3 NAG W . 14.22 -43.40 58.26
C4 NAG W . 13.94 -44.22 57.00
C5 NAG W . 12.45 -44.52 56.89
C6 NAG W . 12.10 -45.42 55.73
C7 NAG W . 14.59 -43.81 61.74
C8 NAG W . 14.74 -42.87 62.88
N2 NAG W . 13.91 -43.35 60.68
O3 NAG W . 15.62 -43.19 58.40
O4 NAG W . 14.38 -43.51 55.84
O5 NAG W . 12.01 -45.19 58.08
O6 NAG W . 12.61 -46.73 55.92
O7 NAG W . 15.07 -44.94 61.74
C1 NAG W . 15.43 -44.28 55.20
C2 NAG W . 15.33 -44.09 53.70
C3 NAG W . 16.43 -44.88 53.00
C4 NAG W . 17.80 -44.52 53.58
C5 NAG W . 17.80 -44.63 55.10
C6 NAG W . 19.07 -44.15 55.74
C7 NAG W . 13.15 -43.62 52.67
C8 NAG W . 11.85 -44.21 52.20
N2 NAG W . 14.03 -44.49 53.20
O3 NAG W . 16.41 -44.61 51.61
O4 NAG W . 18.78 -45.41 53.06
O5 NAG W . 16.73 -43.86 55.66
O6 NAG W . 19.60 -43.03 55.03
O7 NAG W . 13.40 -42.42 52.57
C1 BMA W . 19.69 -44.72 52.17
C2 BMA W . 20.52 -45.81 51.43
C3 BMA W . 21.38 -45.17 50.33
C4 BMA W . 20.55 -44.21 49.45
C5 BMA W . 19.83 -43.19 50.33
C6 BMA W . 18.99 -42.22 49.53
O2 BMA W . 19.67 -46.75 50.80
O3 BMA W . 22.00 -46.15 49.52
O4 BMA W . 21.39 -43.56 48.53
O5 BMA W . 18.98 -43.90 51.24
O6 BMA W . 19.80 -41.60 48.56
C1 NAG X . 17.79 14.68 -46.29
C2 NAG X . 18.28 15.63 -47.37
C3 NAG X . 17.17 15.94 -48.35
C4 NAG X . 16.57 14.65 -48.91
C5 NAG X . 16.16 13.73 -47.77
C6 NAG X . 15.68 12.38 -48.24
C7 NAG X . 19.77 17.58 -47.39
C8 NAG X . 20.21 18.81 -46.65
N2 NAG X . 18.82 16.84 -46.78
O3 NAG X . 17.69 16.76 -49.38
O4 NAG X . 15.41 14.91 -49.70
O5 NAG X . 17.27 13.50 -46.88
O6 NAG X . 15.58 11.46 -47.16
O7 NAG X . 20.24 17.25 -48.47
C1 NAG X . 15.77 15.23 -51.07
C2 NAG X . 15.41 14.07 -52.00
C3 NAG X . 15.71 14.46 -53.45
C4 NAG X . 15.04 15.78 -53.81
C5 NAG X . 15.40 16.86 -52.79
C6 NAG X . 14.66 18.15 -53.01
C7 NAG X . 15.56 11.66 -51.56
C8 NAG X . 14.09 11.60 -51.86
N2 NAG X . 16.13 12.87 -51.63
O3 NAG X . 15.24 13.43 -54.32
O4 NAG X . 15.47 16.20 -55.10
O5 NAG X . 15.07 16.41 -51.48
O6 NAG X . 13.58 18.29 -52.09
O7 NAG X . 16.20 10.66 -51.24
C1 BMA X . 14.35 16.26 -55.99
C2 BMA X . 14.47 17.57 -56.80
C3 BMA X . 13.40 17.63 -57.90
C4 BMA X . 13.36 16.33 -58.71
C5 BMA X . 13.20 15.13 -57.77
C6 BMA X . 13.17 13.81 -58.49
O2 BMA X . 15.73 17.66 -57.45
O3 BMA X . 13.61 18.74 -58.76
O4 BMA X . 12.28 16.36 -59.62
O5 BMA X . 14.31 15.13 -56.86
O6 BMA X . 12.12 13.84 -59.45
C1 NAG Y . -3.40 -51.45 25.64
C2 NAG Y . -4.63 -52.25 25.17
C3 NAG Y . -5.94 -51.59 25.62
C4 NAG Y . -5.91 -51.29 27.12
C5 NAG Y . -4.64 -50.52 27.46
C6 NAG Y . -4.49 -50.27 28.95
C7 NAG Y . -4.67 -51.68 22.70
C8 NAG Y . -4.75 -50.20 23.00
N2 NAG Y . -4.63 -52.54 23.73
O3 NAG Y . -7.03 -52.45 25.32
O4 NAG Y . -7.03 -50.51 27.46
O5 NAG Y . -3.47 -51.25 27.05
O6 NAG Y . -3.60 -51.21 29.54
O7 NAG Y . -4.66 -52.09 21.54
C1 NAG Y . -7.91 -51.25 28.36
C2 NAG Y . -8.65 -50.22 29.21
C3 NAG Y . -9.63 -50.92 30.15
C4 NAG Y . -10.56 -51.83 29.35
C5 NAG Y . -9.74 -52.79 28.50
C6 NAG Y . -10.60 -53.66 27.60
C7 NAG Y . -7.83 -48.06 30.06
C8 NAG Y . -6.79 -47.37 30.87
N2 NAG Y . -7.72 -49.40 29.97
O3 NAG Y . -10.37 -49.95 30.86
O4 NAG Y . -11.40 -52.57 30.23
O5 NAG Y . -8.85 -52.05 27.65
O6 NAG Y . -10.68 -54.99 28.07
O7 NAG Y . -8.74 -47.45 29.49
C1 BMA Y . -12.73 -51.98 30.19
C2 BMA Y . -13.72 -53.03 29.62
C3 BMA Y . -15.14 -52.47 29.66
C4 BMA Y . -15.49 -51.92 31.05
C5 BMA Y . -14.42 -50.91 31.51
C6 BMA Y . -14.67 -50.38 32.91
O2 BMA Y . -13.72 -54.20 30.41
O3 BMA Y . -16.09 -53.44 29.27
O4 BMA Y . -16.76 -51.28 31.01
O5 BMA Y . -13.14 -51.57 31.49
O6 BMA Y . -13.80 -49.27 33.12
C1 NAG Z . -34.97 -55.99 -23.04
C2 NAG Z . -35.65 -55.79 -21.69
C3 NAG Z . -36.96 -55.03 -21.86
C4 NAG Z . -36.73 -53.73 -22.63
C5 NAG Z . -35.98 -54.01 -23.93
C6 NAG Z . -35.59 -52.74 -24.66
C7 NAG Z . -35.95 -57.19 -19.70
C8 NAG Z . -36.20 -58.58 -19.18
N2 NAG Z . -35.88 -57.06 -21.02
O3 NAG Z . -37.52 -54.74 -20.59
O4 NAG Z . -37.98 -53.13 -22.94
O5 NAG Z . -34.76 -54.73 -23.66
O6 NAG Z . -34.80 -53.03 -25.81
O7 NAG Z . -35.84 -56.23 -18.94
C1 NAG Z . -38.15 -51.96 -22.10
C2 NAG Z . -38.79 -50.85 -22.95
C3 NAG Z . -39.03 -49.61 -22.11
C4 NAG Z . -39.83 -49.96 -20.86
C5 NAG Z . -39.19 -51.13 -20.11
C6 NAG Z . -40.02 -51.62 -18.95
C7 NAG Z . -38.38 -50.60 -25.36
C8 NAG Z . -39.81 -51.04 -25.55
N2 NAG Z . -37.96 -50.53 -24.10
O3 NAG Z . -39.73 -48.64 -22.87
O4 NAG Z . -39.87 -48.83 -19.98
O5 NAG Z . -39.01 -52.24 -20.99
O6 NAG Z . -41.36 -51.86 -19.35
O7 NAG Z . -37.66 -50.32 -26.31
C1 BMA Z . -41.20 -48.29 -19.87
C2 BMA Z . -41.11 -46.76 -20.14
C3 BMA Z . -42.50 -46.15 -20.12
C4 BMA Z . -43.48 -46.92 -21.02
C5 BMA Z . -43.46 -48.41 -20.65
C6 BMA Z . -44.37 -49.25 -21.53
O2 BMA Z . -40.56 -46.51 -21.43
O3 BMA Z . -42.48 -44.77 -20.50
O4 BMA Z . -44.79 -46.41 -20.87
O5 BMA Z . -42.12 -48.90 -20.78
O6 BMA Z . -45.64 -48.62 -21.58
C1 NAG AA . 46.60 -27.01 1.24
C2 NAG AA . 47.91 -27.68 1.58
C3 NAG AA . 48.23 -27.50 3.06
C4 NAG AA . 48.08 -26.05 3.50
C5 NAG AA . 46.82 -25.39 2.93
C6 NAG AA . 46.82 -23.88 3.10
C7 NAG AA . 47.06 -30.00 1.75
C8 NAG AA . 47.22 -31.41 1.24
N2 NAG AA . 47.89 -29.10 1.22
O3 NAG AA . 49.54 -27.97 3.31
O4 NAG AA . 47.92 -26.06 4.92
O5 NAG AA . 46.69 -25.64 1.52
O6 NAG AA . 45.85 -23.47 4.04
O7 NAG AA . 46.21 -29.71 2.59
C1 NAG AA . 48.87 -25.31 5.74
C2 NAG AA . 50.14 -26.14 5.87
C3 NAG AA . 51.12 -25.45 6.82
C4 NAG AA . 51.34 -23.99 6.40
C5 NAG AA . 50.03 -23.27 6.08
C6 NAG AA . 50.23 -21.92 5.44
C7 NAG AA . 50.64 -28.54 6.07
C8 NAG AA . 50.18 -29.86 6.62
N2 NAG AA . 49.85 -27.50 6.33
O3 NAG AA . 52.34 -26.16 6.81
O4 NAG AA . 51.93 -23.28 7.49
O5 NAG AA . 49.21 -24.04 5.18
O6 NAG AA . 49.01 -21.21 5.32
O7 NAG AA . 51.68 -28.43 5.43
C1 BMA AA . 53.37 -23.38 7.57
C2 BMA AA . 53.90 -22.04 8.11
C3 BMA AA . 55.39 -22.15 8.48
C4 BMA AA . 55.66 -23.39 9.32
C5 BMA AA . 55.16 -24.62 8.58
C6 BMA AA . 55.40 -25.91 9.35
O2 BMA AA . 53.22 -21.66 9.30
O3 BMA AA . 55.84 -20.98 9.18
O4 BMA AA . 57.06 -23.52 9.57
O5 BMA AA . 53.75 -24.48 8.39
O6 BMA AA . 56.74 -25.89 9.83
C1 NAG BA . 34.39 -70.89 36.61
C2 NAG BA . 35.05 -69.58 37.01
C3 NAG BA . 35.05 -69.43 38.53
C4 NAG BA . 33.63 -69.58 39.07
C5 NAG BA . 33.00 -70.87 38.57
C6 NAG BA . 31.54 -71.01 38.95
C7 NAG BA . 37.42 -70.30 36.79
C8 NAG BA . 38.73 -70.00 36.13
N2 NAG BA . 36.40 -69.47 36.49
O3 NAG BA . 35.58 -68.16 38.87
O4 NAG BA . 33.65 -69.60 40.50
O5 NAG BA . 33.06 -70.94 37.14
O6 NAG BA . 30.76 -71.48 37.86
O7 NAG BA . 37.28 -71.25 37.56
C1 NAG BA . 33.35 -68.28 41.02
C2 NAG BA . 32.31 -68.40 42.13
C3 NAG BA . 32.02 -67.02 42.72
C4 NAG BA . 33.31 -66.34 43.16
C5 NAG BA . 34.32 -66.34 42.02
C6 NAG BA . 35.69 -65.83 42.44
C7 NAG BA . 30.41 -69.95 42.31
C8 NAG BA . 29.17 -70.48 41.66
N2 NAG BA . 31.08 -69.01 41.63
O3 NAG BA . 31.14 -67.17 43.83
O4 NAG BA . 33.04 -65.00 43.54
O5 NAG BA . 34.54 -67.68 41.53
O6 NAG BA . 35.68 -64.41 42.62
O7 NAG BA . 30.81 -70.37 43.40
C1 BMA BA . 33.31 -64.80 44.95
C2 BMA BA . 31.97 -64.42 45.64
C3 BMA BA . 32.18 -64.28 47.15
C4 BMA BA . 32.91 -65.51 47.71
C5 BMA BA . 34.21 -65.75 46.94
C6 BMA BA . 34.97 -66.97 47.43
O2 BMA BA . 31.00 -65.43 45.45
O3 BMA BA . 30.95 -64.09 47.82
O4 BMA BA . 33.21 -65.29 49.08
O5 BMA BA . 33.88 -65.95 45.56
O6 BMA BA . 34.25 -68.13 47.04
C1 NAG CA . -14.20 -3.16 -57.38
C2 NAG CA . -15.24 -4.19 -56.95
C3 NAG CA . -15.58 -4.01 -55.47
C4 NAG CA . -14.31 -4.07 -54.63
C5 NAG CA . -13.30 -3.03 -55.15
C6 NAG CA . -11.97 -3.10 -54.44
C7 NAG CA . -16.97 -5.09 -58.45
C8 NAG CA . -16.24 -6.39 -58.34
N2 NAG CA . -16.45 -4.07 -57.76
O3 NAG CA . -16.47 -5.05 -55.07
O4 NAG CA . -14.62 -3.80 -53.27
O5 NAG CA . -13.04 -3.27 -56.54
O6 NAG CA . -12.06 -2.57 -53.13
O7 NAG CA . -17.99 -4.97 -59.12
C1 NAG CA . -14.27 -4.93 -52.45
C2 NAG CA . -14.20 -4.46 -51.00
C3 NAG CA . -13.83 -5.63 -50.09
C4 NAG CA . -14.78 -6.80 -50.31
C5 NAG CA . -14.87 -7.15 -51.79
C6 NAG CA . -15.91 -8.21 -52.08
C7 NAG CA . -13.49 -2.30 -50.09
C8 NAG CA . -12.40 -1.27 -50.04
N2 NAG CA . -13.25 -3.37 -50.85
O3 NAG CA . -13.88 -5.20 -48.73
O4 NAG CA . -14.31 -7.94 -49.58
O5 NAG CA . -15.22 -6.01 -52.56
O6 NAG CA . -15.68 -9.40 -51.34
O7 NAG CA . -14.55 -2.17 -49.46
C1 BMA CA . -15.06 -8.13 -48.38
C2 BMA CA . -14.82 -9.60 -47.91
C3 BMA CA . -15.43 -9.83 -46.52
C4 BMA CA . -15.03 -8.72 -45.54
C5 BMA CA . -15.39 -7.36 -46.13
C6 BMA CA . -15.02 -6.20 -45.22
O2 BMA CA . -13.43 -9.87 -47.81
O3 BMA CA . -15.05 -11.09 -45.99
O4 BMA CA . -15.70 -8.89 -44.30
O5 BMA CA . -14.68 -7.19 -47.37
O6 BMA CA . -13.61 -6.21 -45.04
C1 NAG DA . -65.99 -28.95 -63.10
C2 NAG DA . -65.26 -28.87 -61.76
C3 NAG DA . -66.26 -28.90 -60.61
C4 NAG DA . -67.30 -27.80 -60.79
C5 NAG DA . -67.94 -27.90 -62.18
C6 NAG DA . -68.89 -26.76 -62.47
C7 NAG DA . -63.03 -29.75 -61.25
C8 NAG DA . -62.62 -28.33 -60.98
N2 NAG DA . -64.29 -29.95 -61.63
O3 NAG DA . -65.57 -28.73 -59.38
O4 NAG DA . -68.33 -27.92 -59.81
O5 NAG DA . -66.93 -27.88 -63.19
O6 NAG DA . -70.15 -26.96 -61.86
O7 NAG DA . -62.23 -30.68 -61.14
C1 NAG DA . -68.05 -27.01 -58.71
C2 NAG DA . -69.36 -26.49 -58.12
C3 NAG DA . -69.07 -25.56 -56.95
C4 NAG DA . -68.17 -26.25 -55.93
C5 NAG DA . -66.91 -26.81 -56.61
C6 NAG DA . -66.06 -27.64 -55.67
C7 NAG DA . -71.47 -26.05 -59.29
C8 NAG DA . -72.09 -27.05 -58.37
N2 NAG DA . -70.16 -25.82 -59.12
O3 NAG DA . -70.30 -25.19 -56.34
O4 NAG DA . -67.76 -25.31 -54.94
O5 NAG DA . -67.28 -27.66 -57.70
O6 NAG DA . -65.57 -26.87 -54.59
O7 NAG DA . -72.13 -25.46 -60.15
C1 BMA DA . -68.47 -25.55 -53.71
C2 BMA DA . -67.65 -24.90 -52.57
C3 BMA DA . -68.43 -24.93 -51.26
C4 BMA DA . -69.87 -24.43 -51.44
C5 BMA DA . -70.55 -25.20 -52.57
C6 BMA DA . -71.97 -24.73 -52.85
O2 BMA DA . -67.38 -23.53 -52.85
O3 BMA DA . -67.78 -24.17 -50.24
O4 BMA DA . -70.60 -24.59 -50.24
O5 BMA DA . -69.78 -25.01 -53.77
O6 BMA DA . -71.89 -23.49 -53.55
CA CA EA . 58.63 18.05 -32.54
CA CA FA . -61.48 -21.32 -13.70
CA CA GA . 28.49 -44.60 72.71
#